data_5L2O
#
_entry.id   5L2O
#
_cell.length_a   90.984
_cell.length_b   98.292
_cell.length_c   127.322
_cell.angle_alpha   80.550
_cell.angle_beta   86.230
_cell.angle_gamma   64.360
#
_symmetry.space_group_name_H-M   'P 1'
#
loop_
_entity.id
_entity.type
_entity.pdbx_description
1 polymer 'Retinal dehydrogenase 1'
2 non-polymer 7-(diethylamino)-4-methyl-2H-1-benzopyran-2-one
3 non-polymer 'YTTERBIUM (III) ION'
4 non-polymer 'CHLORIDE ION'
5 water water
#
_entity_poly.entity_id   1
_entity_poly.type   'polypeptide(L)'
_entity_poly.pdbx_seq_one_letter_code
;MSSSGTPDLPVLLTDLKIQYTKIFINNEWHDSVSGKKFPVFNPATEEELCQVEEGDKEDVDKAVKAARQAFQIGSPWRTM
DASERGRLLYKLADLIERDRLLLATMESMNGGKLYSNAYLNDLAGCIKTLRYCAGWADKIQGRTIPIDGNFFTYTRHEPI
GVCGQIIPWNFPLVMLIWKIGPALSCGNTVVVKPAEQTPLTALHVASLIKEAGFPPGVVNIVPGYGPTAGAAISSHMDID
KVAFTGSTEVGKLIKEAAGKSNLKRVTLELGGKSPCIVLADADLDNAVEFAHHGVFYHQGQCCIAASRIFVEESIYDEFV
RRSVERAKKYILGNPLTPGVTQGPQIDKEQYDKILDLIESGKKEGAKLECGGGPWGNKGYFVQPTVFSNVTDEMRIAKEE
IFGPVQQIMKFKSLDDVIKRANNTFYGLSAGVFTKDIDKAITISSALQAGTVWVNCYGVVSAQCPFGGFKMSGNGRELGE
YGFHEYTEVKTVTVKISQKNS
;
_entity_poly.pdbx_strand_id   A,B,C,D,E,F,G,H
#
loop_
_chem_comp.id
_chem_comp.type
_chem_comp.name
_chem_comp.formula
6ZW non-polymer 7-(diethylamino)-4-methyl-2H-1-benzopyran-2-one 'C14 H17 N O2'
CL non-polymer 'CHLORIDE ION' 'Cl -1'
YB non-polymer 'YTTERBIUM (III) ION' 'Yb 3'
#
# COMPACT_ATOMS: atom_id res chain seq x y z
N ASP A 8 -31.83 -13.17 24.57
CA ASP A 8 -31.86 -14.04 23.34
C ASP A 8 -30.49 -13.88 22.57
N LEU A 9 -30.43 -13.37 21.32
CA LEU A 9 -29.22 -13.58 20.52
C LEU A 9 -28.28 -12.39 20.58
N PRO A 10 -26.96 -12.51 20.25
CA PRO A 10 -26.23 -11.22 20.28
C PRO A 10 -26.66 -10.26 19.17
N VAL A 11 -26.47 -8.99 19.45
CA VAL A 11 -26.78 -7.93 18.51
C VAL A 11 -25.57 -7.02 18.38
N LEU A 12 -25.63 -6.22 17.34
CA LEU A 12 -24.62 -5.22 17.08
C LEU A 12 -24.83 -4.10 18.08
N LEU A 13 -23.76 -3.78 18.82
CA LEU A 13 -23.83 -2.82 19.92
C LEU A 13 -23.74 -1.38 19.44
N THR A 14 -23.18 -1.21 18.26
CA THR A 14 -23.07 0.09 17.61
C THR A 14 -24.01 0.17 16.40
N ASP A 15 -24.33 1.39 15.97
CA ASP A 15 -25.19 1.57 14.80
C ASP A 15 -24.46 1.11 13.54
N LEU A 16 -25.18 0.38 12.69
CA LEU A 16 -24.60 -0.09 11.44
C LEU A 16 -24.23 1.12 10.57
N LYS A 17 -22.96 1.21 10.18
CA LYS A 17 -22.54 2.22 9.24
C LYS A 17 -22.27 1.55 7.89
N ILE A 18 -22.93 2.02 6.86
CA ILE A 18 -22.70 1.50 5.52
C ILE A 18 -21.47 2.17 4.93
N GLN A 19 -20.49 1.34 4.61
CA GLN A 19 -19.20 1.77 4.12
C GLN A 19 -18.97 1.43 2.65
N TYR A 20 -19.37 0.22 2.22
CA TYR A 20 -19.03 -0.23 0.86
C TYR A 20 -20.21 -0.12 -0.07
N THR A 21 -20.07 0.75 -1.06
CA THR A 21 -21.16 1.08 -1.98
C THR A 21 -20.72 1.14 -3.46
N LYS A 22 -19.49 0.77 -3.75
CA LYS A 22 -18.96 0.93 -5.09
C LYS A 22 -18.77 -0.39 -5.80
N ILE A 23 -18.40 -0.29 -7.06
CA ILE A 23 -18.11 -1.43 -7.90
C ILE A 23 -16.72 -1.95 -7.52
N PHE A 24 -16.60 -3.27 -7.40
CA PHE A 24 -15.36 -3.91 -6.92
C PHE A 24 -14.72 -4.68 -8.08
N ILE A 25 -13.59 -4.16 -8.55
CA ILE A 25 -12.86 -4.75 -9.68
C ILE A 25 -11.36 -4.66 -9.38
N ASN A 26 -10.66 -5.78 -9.59
CA ASN A 26 -9.23 -5.84 -9.30
C ASN A 26 -8.87 -5.40 -7.87
N ASN A 27 -9.68 -5.83 -6.93
CA ASN A 27 -9.52 -5.51 -5.53
C ASN A 27 -9.48 -3.99 -5.24
N GLU A 28 -10.11 -3.23 -6.11
CA GLU A 28 -10.24 -1.80 -5.87
C GLU A 28 -11.68 -1.39 -6.05
N TRP A 29 -12.01 -0.24 -5.49
CA TRP A 29 -13.35 0.32 -5.56
C TRP A 29 -13.47 1.33 -6.69
N HIS A 30 -14.51 1.19 -7.49
CA HIS A 30 -14.66 2.00 -8.71
C HIS A 30 -16.02 2.67 -8.71
N ASP A 31 -16.05 3.92 -9.18
CA ASP A 31 -17.34 4.56 -9.49
C ASP A 31 -17.87 3.94 -10.77
N SER A 32 -19.17 4.01 -10.98
CA SER A 32 -19.74 3.59 -12.24
C SER A 32 -19.17 4.44 -13.35
N VAL A 33 -19.06 3.86 -14.54
CA VAL A 33 -18.56 4.60 -15.70
C VAL A 33 -19.46 5.81 -15.99
N SER A 34 -20.77 5.63 -15.90
CA SER A 34 -21.74 6.70 -16.18
C SER A 34 -21.79 7.75 -15.08
N GLY A 35 -21.36 7.41 -13.87
CA GLY A 35 -21.50 8.31 -12.71
C GLY A 35 -22.81 8.11 -11.99
N LYS A 36 -23.74 7.36 -12.59
CA LYS A 36 -25.01 7.13 -11.97
C LYS A 36 -24.94 6.20 -10.72
N LYS A 37 -25.87 6.45 -9.79
CA LYS A 37 -26.03 5.66 -8.60
C LYS A 37 -27.50 5.30 -8.44
N PHE A 38 -27.79 4.29 -7.63
CA PHE A 38 -29.16 3.92 -7.34
C PHE A 38 -29.40 3.76 -5.85
N PRO A 39 -30.63 4.05 -5.40
CA PRO A 39 -30.91 3.94 -4.00
C PRO A 39 -31.20 2.51 -3.57
N VAL A 40 -30.90 2.21 -2.32
CA VAL A 40 -31.18 0.94 -1.70
C VAL A 40 -32.01 1.21 -0.46
N PHE A 41 -33.04 0.42 -0.24
CA PHE A 41 -34.03 0.67 0.80
C PHE A 41 -34.12 -0.42 1.88
N ASN A 42 -34.66 -0.02 3.03
CA ASN A 42 -35.15 -0.91 4.06
C ASN A 42 -36.62 -1.21 3.79
N PRO A 43 -36.95 -2.47 3.45
CA PRO A 43 -38.33 -2.77 3.04
C PRO A 43 -39.33 -2.74 4.17
N ALA A 44 -38.88 -2.77 5.41
CA ALA A 44 -39.77 -2.68 6.57
C ALA A 44 -40.24 -1.22 6.80
N THR A 45 -39.40 -0.26 6.46
CA THR A 45 -39.65 1.12 6.80
C THR A 45 -39.78 2.03 5.58
N GLU A 46 -39.35 1.55 4.42
CA GLU A 46 -39.26 2.33 3.19
C GLU A 46 -38.21 3.43 3.24
N GLU A 47 -37.38 3.46 4.26
CA GLU A 47 -36.27 4.42 4.30
C GLU A 47 -35.13 4.05 3.37
N GLU A 48 -34.49 5.08 2.80
CA GLU A 48 -33.34 4.89 1.94
C GLU A 48 -32.11 4.68 2.83
N LEU A 49 -31.38 3.59 2.61
CA LEU A 49 -30.22 3.28 3.40
C LEU A 49 -28.96 3.95 2.86
N CYS A 50 -28.84 4.00 1.54
CA CYS A 50 -27.69 4.60 0.90
C CYS A 50 -27.88 4.56 -0.61
N GLN A 51 -26.90 5.07 -1.31
CA GLN A 51 -26.86 5.03 -2.76
C GLN A 51 -25.69 4.11 -3.13
N VAL A 52 -25.87 3.31 -4.16
CA VAL A 52 -24.86 2.40 -4.66
C VAL A 52 -24.53 2.72 -6.12
N GLU A 53 -23.27 2.55 -6.49
CA GLU A 53 -22.86 2.80 -7.88
C GLU A 53 -23.66 1.89 -8.82
N GLU A 54 -24.20 2.49 -9.88
CA GLU A 54 -25.04 1.74 -10.81
C GLU A 54 -24.22 1.18 -11.96
N GLY A 55 -23.81 -0.08 -11.83
CA GLY A 55 -23.10 -0.75 -12.90
C GLY A 55 -23.97 -1.07 -14.10
N ASP A 56 -23.37 -0.93 -15.27
CA ASP A 56 -24.04 -1.20 -16.55
C ASP A 56 -23.03 -1.93 -17.44
N LYS A 57 -23.33 -2.03 -18.72
CA LYS A 57 -22.51 -2.78 -19.65
C LYS A 57 -21.02 -2.44 -19.57
N GLU A 58 -20.72 -1.16 -19.48
CA GLU A 58 -19.33 -0.71 -19.51
C GLU A 58 -18.58 -1.17 -18.26
N ASP A 59 -19.27 -1.21 -17.14
CA ASP A 59 -18.68 -1.67 -15.88
C ASP A 59 -18.49 -3.19 -15.90
N VAL A 60 -19.49 -3.90 -16.41
CA VAL A 60 -19.36 -5.34 -16.66
C VAL A 60 -18.14 -5.65 -17.53
N ASP A 61 -17.94 -4.87 -18.60
CA ASP A 61 -16.79 -5.06 -19.49
C ASP A 61 -15.44 -4.91 -18.78
N LYS A 62 -15.34 -3.93 -17.90
CA LYS A 62 -14.13 -3.76 -17.10
C LYS A 62 -13.90 -4.98 -16.21
N ALA A 63 -14.96 -5.43 -15.58
CA ALA A 63 -14.89 -6.57 -14.63
C ALA A 63 -14.47 -7.83 -15.37
N VAL A 64 -15.02 -8.04 -16.56
CA VAL A 64 -14.70 -9.25 -17.34
C VAL A 64 -13.23 -9.24 -17.79
N LYS A 65 -12.73 -8.07 -18.23
CA LYS A 65 -11.31 -7.94 -18.54
C LYS A 65 -10.42 -8.28 -17.34
N ALA A 66 -10.80 -7.81 -16.16
CA ALA A 66 -10.05 -8.10 -14.95
C ALA A 66 -10.10 -9.60 -14.61
N ALA A 67 -11.27 -10.21 -14.73
CA ALA A 67 -11.42 -11.64 -14.47
C ALA A 67 -10.63 -12.50 -15.49
N ARG A 68 -10.66 -12.07 -16.77
CA ARG A 68 -9.92 -12.75 -17.83
C ARG A 68 -8.42 -12.71 -17.57
N GLN A 69 -7.92 -11.54 -17.20
CA GLN A 69 -6.49 -11.35 -16.94
C GLN A 69 -6.06 -12.22 -15.74
N ALA A 70 -6.89 -12.28 -14.71
CA ALA A 70 -6.57 -13.08 -13.52
C ALA A 70 -6.59 -14.62 -13.81
N PHE A 71 -7.31 -15.01 -14.87
CA PHE A 71 -7.40 -16.41 -15.30
C PHE A 71 -6.33 -16.86 -16.30
N GLN A 72 -5.48 -15.94 -16.75
CA GLN A 72 -4.44 -16.27 -17.71
C GLN A 72 -3.49 -17.35 -17.19
N ILE A 73 -3.15 -18.26 -18.10
CA ILE A 73 -2.10 -19.25 -17.87
C ILE A 73 -0.88 -18.54 -17.30
N GLY A 74 -0.28 -19.10 -16.25
CA GLY A 74 0.84 -18.46 -15.59
C GLY A 74 0.53 -17.42 -14.51
N SER A 75 -0.74 -17.05 -14.33
CA SER A 75 -1.11 -16.06 -13.32
C SER A 75 -1.08 -16.70 -11.93
N PRO A 76 -1.05 -15.88 -10.86
CA PRO A 76 -1.05 -16.41 -9.51
C PRO A 76 -2.23 -17.34 -9.24
N TRP A 77 -3.41 -16.95 -9.67
CA TRP A 77 -4.60 -17.77 -9.42
C TRP A 77 -4.55 -19.13 -10.15
N ARG A 78 -4.01 -19.17 -11.36
CA ARG A 78 -3.85 -20.42 -12.12
C ARG A 78 -2.70 -21.31 -11.64
N THR A 79 -1.67 -20.73 -11.06
CA THR A 79 -0.46 -21.47 -10.71
C THR A 79 -0.36 -21.82 -9.25
N MET A 80 -1.16 -21.18 -8.40
CA MET A 80 -1.10 -21.52 -6.99
C MET A 80 -1.63 -22.94 -6.75
N ASP A 81 -1.18 -23.54 -5.66
CA ASP A 81 -1.65 -24.84 -5.26
C ASP A 81 -3.17 -24.82 -5.10
N ALA A 82 -3.84 -25.89 -5.53
CA ALA A 82 -5.26 -26.06 -5.26
C ALA A 82 -5.55 -25.90 -3.75
N SER A 83 -4.69 -26.48 -2.90
CA SER A 83 -4.83 -26.36 -1.45
C SER A 83 -4.80 -24.92 -0.96
N GLU A 84 -4.08 -24.06 -1.67
CA GLU A 84 -4.03 -22.64 -1.33
C GLU A 84 -5.31 -21.88 -1.73
N ARG A 85 -5.94 -22.28 -2.83
CA ARG A 85 -7.27 -21.75 -3.14
C ARG A 85 -8.20 -22.08 -1.98
N GLY A 86 -8.10 -23.32 -1.52
CA GLY A 86 -8.88 -23.81 -0.37
C GLY A 86 -8.66 -22.96 0.87
N ARG A 87 -7.39 -22.75 1.18
CA ARG A 87 -7.00 -21.93 2.31
C ARG A 87 -7.56 -20.49 2.27
N LEU A 88 -7.54 -19.87 1.08
CA LEU A 88 -8.13 -18.55 0.88
C LEU A 88 -9.64 -18.56 1.16
N LEU A 89 -10.32 -19.57 0.69
CA LEU A 89 -11.76 -19.74 1.00
C LEU A 89 -12.01 -19.94 2.50
N TYR A 90 -11.20 -20.80 3.15
CA TYR A 90 -11.32 -20.98 4.61
CA TYR A 90 -11.26 -21.00 4.59
C TYR A 90 -11.10 -19.65 5.33
N LYS A 91 -10.13 -18.88 4.87
CA LYS A 91 -9.83 -17.61 5.51
C LYS A 91 -11.00 -16.65 5.35
N LEU A 92 -11.59 -16.66 4.17
CA LEU A 92 -12.76 -15.85 3.91
C LEU A 92 -13.90 -16.25 4.84
N ALA A 93 -14.10 -17.53 5.03
CA ALA A 93 -15.12 -17.98 6.00
C ALA A 93 -14.87 -17.42 7.40
N ASP A 94 -13.60 -17.46 7.84
CA ASP A 94 -13.21 -16.93 9.17
C ASP A 94 -13.54 -15.44 9.28
N LEU A 95 -13.33 -14.70 8.18
CA LEU A 95 -13.56 -13.27 8.19
C LEU A 95 -15.06 -12.96 8.27
N ILE A 96 -15.85 -13.76 7.59
CA ILE A 96 -17.31 -13.60 7.65
C ILE A 96 -17.81 -13.90 9.06
N GLU A 97 -17.25 -14.94 9.66
CA GLU A 97 -17.55 -15.29 11.03
C GLU A 97 -17.20 -14.11 11.96
N ARG A 98 -15.99 -13.54 11.79
CA ARG A 98 -15.62 -12.36 12.55
C ARG A 98 -16.68 -11.24 12.42
N ASP A 99 -17.17 -11.01 11.21
CA ASP A 99 -18.08 -9.92 10.94
C ASP A 99 -19.57 -10.36 10.95
N ARG A 100 -19.86 -11.42 11.68
CA ARG A 100 -21.16 -12.04 11.68
C ARG A 100 -22.29 -11.10 12.14
N LEU A 101 -22.04 -10.32 13.20
CA LEU A 101 -23.07 -9.40 13.74
C LEU A 101 -23.42 -8.31 12.75
N LEU A 102 -22.37 -7.71 12.22
CA LEU A 102 -22.47 -6.68 11.21
C LEU A 102 -23.26 -7.19 10.00
N LEU A 103 -22.82 -8.33 9.48
CA LEU A 103 -23.44 -8.90 8.26
C LEU A 103 -24.90 -9.33 8.49
N ALA A 104 -25.18 -9.97 9.62
CA ALA A 104 -26.56 -10.36 9.95
C ALA A 104 -27.49 -9.12 10.07
N THR A 105 -26.96 -8.07 10.69
CA THR A 105 -27.69 -6.82 10.88
C THR A 105 -27.96 -6.16 9.53
N MET A 106 -26.92 -6.08 8.71
CA MET A 106 -27.03 -5.52 7.36
C MET A 106 -28.00 -6.32 6.51
N GLU A 107 -27.90 -7.65 6.59
CA GLU A 107 -28.77 -8.53 5.80
C GLU A 107 -30.23 -8.35 6.22
N SER A 108 -30.45 -8.21 7.52
CA SER A 108 -31.80 -8.02 8.06
C SER A 108 -32.42 -6.69 7.61
N MET A 109 -31.63 -5.63 7.74
CA MET A 109 -32.05 -4.29 7.44
C MET A 109 -32.39 -4.11 5.96
N ASN A 110 -31.47 -4.57 5.11
CA ASN A 110 -31.59 -4.42 3.66
C ASN A 110 -32.58 -5.43 3.05
N GLY A 111 -32.62 -6.63 3.62
CA GLY A 111 -33.38 -7.74 2.99
C GLY A 111 -34.75 -8.00 3.58
N GLY A 112 -35.12 -7.26 4.62
CA GLY A 112 -36.41 -7.48 5.31
C GLY A 112 -36.47 -8.84 5.99
N LYS A 113 -35.33 -9.27 6.50
CA LYS A 113 -35.16 -10.62 6.97
C LYS A 113 -35.10 -10.60 8.48
N LEU A 114 -35.88 -11.47 9.12
CA LEU A 114 -35.86 -11.60 10.59
C LEU A 114 -34.43 -11.77 11.10
N TYR A 115 -34.05 -10.93 12.07
CA TYR A 115 -32.66 -10.89 12.50
C TYR A 115 -32.20 -12.25 13.03
N SER A 116 -33.03 -12.91 13.84
CA SER A 116 -32.65 -14.20 14.39
C SER A 116 -32.34 -15.22 13.30
N ASN A 117 -33.16 -15.25 12.26
CA ASN A 117 -32.89 -16.07 11.09
C ASN A 117 -31.60 -15.63 10.36
N ALA A 118 -31.42 -14.33 10.17
CA ALA A 118 -30.20 -13.82 9.52
C ALA A 118 -28.93 -14.28 10.25
N TYR A 119 -28.95 -14.13 11.57
CA TYR A 119 -27.81 -14.47 12.41
C TYR A 119 -27.59 -15.99 12.55
N LEU A 120 -28.65 -16.72 12.82
CA LEU A 120 -28.56 -18.15 13.11
C LEU A 120 -28.58 -19.05 11.89
N ASN A 121 -29.32 -18.66 10.86
CA ASN A 121 -29.44 -19.48 9.66
C ASN A 121 -28.60 -19.00 8.49
N ASP A 122 -28.85 -17.78 8.01
CA ASP A 122 -28.15 -17.27 6.84
C ASP A 122 -26.64 -17.20 7.06
N LEU A 123 -26.20 -16.56 8.15
CA LEU A 123 -24.76 -16.41 8.35
C LEU A 123 -24.08 -17.76 8.59
N ALA A 124 -24.71 -18.63 9.38
CA ALA A 124 -24.18 -19.95 9.64
C ALA A 124 -24.10 -20.76 8.36
N GLY A 125 -25.14 -20.65 7.53
CA GLY A 125 -25.15 -21.31 6.20
C GLY A 125 -24.03 -20.84 5.29
N CYS A 126 -23.80 -19.55 5.27
CA CYS A 126 -22.70 -18.95 4.53
C CYS A 126 -21.35 -19.49 4.93
N ILE A 127 -21.10 -19.43 6.22
CA ILE A 127 -19.80 -19.86 6.79
C ILE A 127 -19.59 -21.34 6.49
N LYS A 128 -20.59 -22.15 6.80
CA LYS A 128 -20.47 -23.59 6.60
C LYS A 128 -20.29 -23.96 5.14
N THR A 129 -21.04 -23.29 4.28
CA THR A 129 -20.95 -23.57 2.84
C THR A 129 -19.56 -23.24 2.29
N LEU A 130 -19.03 -22.11 2.70
CA LEU A 130 -17.67 -21.73 2.30
C LEU A 130 -16.63 -22.74 2.78
N ARG A 131 -16.77 -23.16 4.04
CA ARG A 131 -15.83 -24.14 4.56
C ARG A 131 -15.93 -25.48 3.82
N TYR A 132 -17.15 -25.88 3.48
CA TYR A 132 -17.36 -27.07 2.68
C TYR A 132 -16.64 -26.98 1.33
N CYS A 133 -16.88 -25.87 0.63
CA CYS A 133 -16.24 -25.61 -0.67
C CYS A 133 -14.72 -25.57 -0.59
N ALA A 134 -14.19 -24.96 0.46
CA ALA A 134 -12.75 -24.89 0.65
C ALA A 134 -12.11 -26.28 0.62
N GLY A 135 -12.78 -27.19 1.30
CA GLY A 135 -12.32 -28.58 1.42
C GLY A 135 -12.25 -29.30 0.10
N TRP A 136 -13.06 -28.90 -0.88
CA TRP A 136 -13.03 -29.55 -2.20
C TRP A 136 -11.88 -29.15 -3.11
N ALA A 137 -11.27 -27.99 -2.87
CA ALA A 137 -10.34 -27.39 -3.84
C ALA A 137 -9.23 -28.36 -4.30
N ASP A 138 -8.61 -29.05 -3.34
CA ASP A 138 -7.52 -29.98 -3.69
C ASP A 138 -7.96 -31.45 -3.77
N LYS A 139 -9.28 -31.65 -3.87
CA LYS A 139 -9.87 -32.97 -3.98
C LYS A 139 -10.68 -33.11 -5.27
N ILE A 140 -10.62 -32.10 -6.13
CA ILE A 140 -11.17 -32.18 -7.50
C ILE A 140 -10.16 -32.98 -8.31
N GLN A 141 -10.59 -34.10 -8.89
CA GLN A 141 -9.66 -35.01 -9.59
C GLN A 141 -10.19 -35.48 -10.93
N GLY A 142 -9.29 -35.67 -11.89
CA GLY A 142 -9.64 -36.32 -13.11
C GLY A 142 -9.48 -37.79 -13.02
N ARG A 143 -9.28 -38.40 -14.18
CA ARG A 143 -9.20 -39.84 -14.30
C ARG A 143 -7.99 -40.29 -15.12
N THR A 144 -7.54 -41.51 -14.90
CA THR A 144 -6.72 -42.22 -15.85
C THR A 144 -7.56 -43.35 -16.40
N ILE A 145 -7.49 -43.52 -17.71
CA ILE A 145 -8.48 -44.30 -18.45
C ILE A 145 -7.82 -45.39 -19.31
N PRO A 146 -8.26 -46.64 -19.18
CA PRO A 146 -7.61 -47.78 -19.90
C PRO A 146 -8.14 -47.93 -21.32
N ILE A 147 -7.98 -46.87 -22.10
CA ILE A 147 -8.41 -46.78 -23.49
C ILE A 147 -7.87 -47.94 -24.35
N ASP A 148 -8.65 -48.33 -25.35
CA ASP A 148 -8.17 -49.30 -26.36
C ASP A 148 -6.94 -48.75 -27.07
N GLY A 149 -6.01 -49.62 -27.43
CA GLY A 149 -4.80 -49.23 -28.12
C GLY A 149 -3.62 -48.85 -27.22
N ASN A 150 -2.49 -48.61 -27.85
CA ASN A 150 -1.27 -48.27 -27.14
C ASN A 150 -1.19 -46.77 -26.85
N PHE A 151 -1.97 -46.38 -25.83
CA PHE A 151 -2.11 -44.99 -25.42
C PHE A 151 -2.15 -44.89 -23.91
N PHE A 152 -1.67 -43.76 -23.41
CA PHE A 152 -1.92 -43.30 -22.05
C PHE A 152 -2.91 -42.16 -22.10
N THR A 153 -4.09 -42.35 -21.48
CA THR A 153 -5.14 -41.33 -21.48
C THR A 153 -5.46 -40.90 -20.07
N TYR A 154 -5.47 -39.58 -19.88
CA TYR A 154 -5.91 -38.98 -18.63
C TYR A 154 -6.78 -37.78 -18.89
N THR A 155 -7.52 -37.40 -17.87
CA THR A 155 -8.35 -36.20 -17.94
C THR A 155 -7.96 -35.19 -16.88
N ARG A 156 -8.13 -33.92 -17.23
CA ARG A 156 -7.98 -32.79 -16.32
C ARG A 156 -9.34 -32.16 -16.16
N HIS A 157 -9.69 -31.89 -14.92
CA HIS A 157 -10.92 -31.20 -14.62
C HIS A 157 -10.53 -29.75 -14.32
N GLU A 158 -10.39 -28.98 -15.40
CA GLU A 158 -9.90 -27.63 -15.34
C GLU A 158 -11.04 -26.69 -14.92
N PRO A 159 -10.71 -25.56 -14.34
CA PRO A 159 -11.73 -24.51 -14.27
C PRO A 159 -12.18 -24.08 -15.66
N ILE A 160 -13.39 -23.61 -15.75
CA ILE A 160 -13.97 -23.18 -17.04
C ILE A 160 -13.39 -21.85 -17.46
N GLY A 161 -13.32 -20.90 -16.54
CA GLY A 161 -12.78 -19.59 -16.85
C GLY A 161 -13.56 -18.51 -16.14
N VAL A 162 -14.03 -17.54 -16.92
CA VAL A 162 -14.74 -16.36 -16.36
C VAL A 162 -16.22 -16.72 -16.23
N CYS A 163 -16.69 -16.70 -14.98
CA CYS A 163 -18.05 -17.08 -14.67
C CYS A 163 -18.82 -15.85 -14.20
N GLY A 164 -19.90 -15.56 -14.90
CA GLY A 164 -20.79 -14.48 -14.55
C GLY A 164 -21.87 -15.07 -13.65
N GLN A 165 -22.10 -14.43 -12.50
CA GLN A 165 -22.98 -14.98 -11.49
C GLN A 165 -24.00 -13.95 -11.03
N ILE A 166 -25.26 -14.26 -11.26
CA ILE A 166 -26.38 -13.32 -10.99
C ILE A 166 -27.19 -13.87 -9.82
N ILE A 167 -27.23 -13.06 -8.75
CA ILE A 167 -27.65 -13.47 -7.39
C ILE A 167 -29.01 -12.83 -7.06
N PRO A 168 -29.92 -13.57 -6.39
CA PRO A 168 -31.23 -13.00 -6.07
C PRO A 168 -31.25 -12.25 -4.74
N TRP A 169 -32.39 -11.64 -4.44
CA TRP A 169 -32.56 -10.77 -3.28
C TRP A 169 -33.05 -11.50 -2.00
N ASN A 170 -33.52 -12.74 -2.16
CA ASN A 170 -34.15 -13.43 -1.02
C ASN A 170 -33.17 -14.00 -0.01
N PHE A 171 -32.03 -14.50 -0.50
CA PHE A 171 -30.94 -14.94 0.37
C PHE A 171 -29.60 -14.40 -0.16
N PRO A 172 -29.36 -13.08 0.02
CA PRO A 172 -28.28 -12.44 -0.76
C PRO A 172 -26.90 -12.99 -0.43
N LEU A 173 -26.66 -13.14 0.86
CA LEU A 173 -25.37 -13.63 1.35
C LEU A 173 -25.16 -15.13 1.07
N VAL A 174 -26.18 -15.92 1.43
CA VAL A 174 -26.13 -17.35 1.19
C VAL A 174 -25.95 -17.67 -0.29
N MET A 175 -26.74 -17.00 -1.14
CA MET A 175 -26.67 -17.23 -2.59
C MET A 175 -25.36 -16.76 -3.19
N LEU A 176 -24.82 -15.67 -2.64
CA LEU A 176 -23.48 -15.20 -3.06
C LEU A 176 -22.45 -16.33 -2.85
N ILE A 177 -22.46 -16.92 -1.66
CA ILE A 177 -21.52 -17.97 -1.31
C ILE A 177 -21.78 -19.25 -2.09
N TRP A 178 -23.05 -19.60 -2.26
CA TRP A 178 -23.43 -20.75 -3.08
C TRP A 178 -22.83 -20.73 -4.47
N LYS A 179 -22.67 -19.53 -5.01
CA LYS A 179 -22.08 -19.28 -6.33
C LYS A 179 -20.56 -19.21 -6.29
N ILE A 180 -20.02 -18.30 -5.47
CA ILE A 180 -18.56 -18.06 -5.54
C ILE A 180 -17.77 -19.17 -4.93
N GLY A 181 -18.33 -19.84 -3.92
CA GLY A 181 -17.65 -20.91 -3.25
C GLY A 181 -17.18 -22.02 -4.19
N PRO A 182 -18.11 -22.70 -4.87
CA PRO A 182 -17.71 -23.72 -5.81
C PRO A 182 -16.91 -23.18 -7.00
N ALA A 183 -17.28 -22.01 -7.51
CA ALA A 183 -16.57 -21.43 -8.68
C ALA A 183 -15.08 -21.25 -8.36
N LEU A 184 -14.81 -20.63 -7.23
CA LEU A 184 -13.43 -20.34 -6.82
C LEU A 184 -12.67 -21.57 -6.37
N SER A 185 -13.37 -22.48 -5.69
CA SER A 185 -12.75 -23.73 -5.27
C SER A 185 -12.19 -24.49 -6.50
N CYS A 186 -12.96 -24.46 -7.59
CA CYS A 186 -12.56 -25.10 -8.85
C CYS A 186 -11.51 -24.31 -9.66
N GLY A 187 -11.24 -23.05 -9.27
CA GLY A 187 -10.19 -22.25 -9.92
C GLY A 187 -10.64 -21.27 -10.97
N ASN A 188 -11.94 -21.04 -11.04
CA ASN A 188 -12.51 -20.03 -11.91
C ASN A 188 -12.28 -18.64 -11.37
N THR A 189 -12.51 -17.65 -12.22
CA THR A 189 -12.65 -16.25 -11.75
C THR A 189 -14.08 -15.83 -12.01
N VAL A 190 -14.56 -14.83 -11.28
CA VAL A 190 -15.97 -14.51 -11.29
C VAL A 190 -16.29 -13.02 -11.45
N VAL A 191 -17.43 -12.76 -12.12
CA VAL A 191 -18.04 -11.44 -12.16
C VAL A 191 -19.45 -11.60 -11.59
N VAL A 192 -19.68 -10.98 -10.43
CA VAL A 192 -20.91 -11.18 -9.69
C VAL A 192 -21.83 -9.97 -9.81
N LYS A 193 -23.10 -10.22 -10.08
CA LYS A 193 -24.08 -9.15 -10.12
C LYS A 193 -25.14 -9.44 -9.06
N PRO A 194 -25.01 -8.80 -7.89
CA PRO A 194 -26.04 -8.97 -6.88
C PRO A 194 -27.35 -8.31 -7.26
N ALA A 195 -28.42 -8.70 -6.57
CA ALA A 195 -29.73 -8.15 -6.87
C ALA A 195 -29.71 -6.64 -6.61
N GLU A 196 -30.42 -5.89 -7.44
CA GLU A 196 -30.59 -4.43 -7.24
C GLU A 196 -31.09 -4.08 -5.83
N GLN A 197 -32.01 -4.89 -5.31
CA GLN A 197 -32.59 -4.63 -3.99
C GLN A 197 -31.57 -4.78 -2.85
N THR A 198 -30.61 -5.69 -3.01
CA THR A 198 -29.76 -6.16 -1.90
C THR A 198 -28.26 -6.32 -2.23
N PRO A 199 -27.58 -5.23 -2.62
CA PRO A 199 -26.17 -5.34 -2.99
C PRO A 199 -25.23 -5.22 -1.80
N LEU A 200 -25.72 -4.76 -0.65
CA LEU A 200 -24.81 -4.29 0.39
C LEU A 200 -23.97 -5.38 1.05
N THR A 201 -24.56 -6.53 1.36
CA THR A 201 -23.78 -7.55 2.03
C THR A 201 -22.70 -8.13 1.12
N ALA A 202 -23.00 -8.24 -0.17
CA ALA A 202 -22.03 -8.67 -1.16
C ALA A 202 -20.81 -7.74 -1.22
N LEU A 203 -21.06 -6.44 -1.15
CA LEU A 203 -19.96 -5.46 -1.22
C LEU A 203 -19.13 -5.53 0.07
N HIS A 204 -19.75 -5.80 1.22
CA HIS A 204 -18.97 -6.01 2.40
C HIS A 204 -18.10 -7.26 2.25
N VAL A 205 -18.68 -8.33 1.70
CA VAL A 205 -17.88 -9.54 1.46
C VAL A 205 -16.69 -9.27 0.53
N ALA A 206 -16.89 -8.42 -0.48
CA ALA A 206 -15.79 -8.07 -1.34
C ALA A 206 -14.61 -7.45 -0.56
N SER A 207 -14.91 -6.61 0.43
CA SER A 207 -13.85 -6.07 1.29
C SER A 207 -13.08 -7.17 2.01
N LEU A 208 -13.78 -8.22 2.38
CA LEU A 208 -13.16 -9.37 3.03
C LEU A 208 -12.36 -10.25 2.08
N ILE A 209 -12.79 -10.31 0.81
CA ILE A 209 -12.08 -11.04 -0.21
C ILE A 209 -10.70 -10.41 -0.39
N LYS A 210 -10.68 -9.09 -0.44
CA LYS A 210 -9.40 -8.39 -0.48
C LYS A 210 -8.56 -8.64 0.77
N GLU A 211 -9.16 -8.48 1.93
CA GLU A 211 -8.48 -8.73 3.18
C GLU A 211 -7.90 -10.17 3.25
N ALA A 212 -8.66 -11.16 2.79
CA ALA A 212 -8.20 -12.56 2.82
C ALA A 212 -6.95 -12.81 1.97
N GLY A 213 -6.75 -11.99 0.95
CA GLY A 213 -5.59 -12.11 0.08
C GLY A 213 -5.84 -12.74 -1.30
N PHE A 214 -7.09 -12.79 -1.77
CA PHE A 214 -7.33 -13.29 -3.12
C PHE A 214 -6.63 -12.38 -4.14
N PRO A 215 -6.03 -12.96 -5.18
CA PRO A 215 -5.42 -12.11 -6.17
C PRO A 215 -6.43 -11.17 -6.85
N PRO A 216 -5.98 -9.97 -7.29
CA PRO A 216 -6.90 -9.05 -7.95
C PRO A 216 -7.51 -9.64 -9.20
N GLY A 217 -8.80 -9.39 -9.38
CA GLY A 217 -9.48 -9.85 -10.59
C GLY A 217 -10.14 -11.23 -10.44
N VAL A 218 -9.83 -11.94 -9.36
CA VAL A 218 -10.41 -13.27 -9.15
C VAL A 218 -11.89 -13.14 -8.82
N VAL A 219 -12.22 -12.15 -7.99
CA VAL A 219 -13.60 -11.81 -7.70
C VAL A 219 -13.88 -10.36 -7.99
N ASN A 220 -14.88 -10.11 -8.81
CA ASN A 220 -15.32 -8.77 -9.16
C ASN A 220 -16.82 -8.67 -8.96
N ILE A 221 -17.28 -7.56 -8.38
CA ILE A 221 -18.70 -7.39 -8.06
C ILE A 221 -19.24 -6.09 -8.66
N VAL A 222 -20.30 -6.23 -9.45
CA VAL A 222 -20.90 -5.12 -10.19
C VAL A 222 -22.37 -4.99 -9.84
N PRO A 223 -22.70 -4.10 -8.87
CA PRO A 223 -24.11 -3.86 -8.57
C PRO A 223 -24.77 -3.16 -9.73
N GLY A 224 -26.07 -3.36 -9.85
CA GLY A 224 -26.84 -2.79 -10.93
C GLY A 224 -28.13 -3.54 -11.20
N TYR A 225 -28.83 -3.11 -12.23
CA TYR A 225 -30.13 -3.70 -12.58
C TYR A 225 -29.98 -4.92 -13.48
N GLY A 226 -31.06 -5.72 -13.55
CA GLY A 226 -31.12 -6.94 -14.36
C GLY A 226 -30.99 -6.73 -15.85
N PRO A 227 -31.88 -5.90 -16.44
CA PRO A 227 -31.89 -5.69 -17.88
C PRO A 227 -30.68 -4.95 -18.42
N THR A 228 -29.86 -4.38 -17.53
CA THR A 228 -28.66 -3.65 -17.93
C THR A 228 -27.41 -4.51 -17.60
N ALA A 229 -27.02 -4.53 -16.35
CA ALA A 229 -25.82 -5.29 -15.94
C ALA A 229 -25.99 -6.81 -16.13
N GLY A 230 -27.16 -7.34 -15.78
CA GLY A 230 -27.42 -8.78 -15.88
C GLY A 230 -27.42 -9.24 -17.32
N ALA A 231 -28.11 -8.48 -18.16
CA ALA A 231 -28.12 -8.76 -19.61
C ALA A 231 -26.74 -8.66 -20.22
N ALA A 232 -25.95 -7.71 -19.76
CA ALA A 232 -24.58 -7.55 -20.29
C ALA A 232 -23.74 -8.80 -20.00
N ILE A 233 -23.94 -9.39 -18.82
CA ILE A 233 -23.25 -10.61 -18.42
C ILE A 233 -23.66 -11.76 -19.32
N SER A 234 -24.97 -11.89 -19.51
CA SER A 234 -25.49 -13.05 -20.20
C SER A 234 -25.13 -13.04 -21.71
N SER A 235 -24.94 -11.86 -22.29
CA SER A 235 -24.58 -11.77 -23.72
C SER A 235 -23.09 -11.49 -23.97
N HIS A 236 -22.28 -11.46 -22.92
CA HIS A 236 -20.88 -11.07 -23.07
C HIS A 236 -20.09 -12.13 -23.82
N MET A 237 -19.23 -11.69 -24.74
CA MET A 237 -18.55 -12.62 -25.66
C MET A 237 -17.30 -13.25 -25.01
N ASP A 238 -16.88 -12.73 -23.86
CA ASP A 238 -15.72 -13.28 -23.16
C ASP A 238 -16.01 -13.86 -21.76
N ILE A 239 -17.29 -14.10 -21.48
CA ILE A 239 -17.70 -14.81 -20.29
C ILE A 239 -17.98 -16.26 -20.67
N ASP A 240 -17.33 -17.19 -19.96
CA ASP A 240 -17.40 -18.61 -20.34
C ASP A 240 -18.63 -19.33 -19.83
N LYS A 241 -19.15 -18.81 -18.74
CA LYS A 241 -20.28 -19.44 -18.07
C LYS A 241 -21.09 -18.42 -17.32
N VAL A 242 -22.40 -18.58 -17.38
CA VAL A 242 -23.32 -17.80 -16.56
C VAL A 242 -24.12 -18.70 -15.62
N ALA A 243 -24.24 -18.27 -14.36
CA ALA A 243 -25.10 -18.90 -13.36
C ALA A 243 -26.10 -17.90 -12.86
N PHE A 244 -27.36 -18.31 -12.83
CA PHE A 244 -28.44 -17.40 -12.46
C PHE A 244 -29.41 -18.13 -11.57
N THR A 245 -29.82 -17.44 -10.50
CA THR A 245 -30.92 -17.84 -9.67
C THR A 245 -31.96 -16.71 -9.66
N GLY A 246 -33.19 -17.08 -9.96
CA GLY A 246 -34.28 -16.11 -10.07
C GLY A 246 -35.48 -16.70 -10.79
N SER A 247 -36.24 -15.85 -11.46
CA SER A 247 -37.50 -16.29 -12.04
C SER A 247 -37.28 -17.13 -13.31
N THR A 248 -38.20 -18.06 -13.53
CA THR A 248 -38.15 -18.89 -14.72
C THR A 248 -38.15 -18.03 -15.97
N GLU A 249 -38.95 -16.95 -15.98
CA GLU A 249 -39.03 -16.04 -17.14
C GLU A 249 -37.69 -15.42 -17.52
N VAL A 250 -36.93 -14.99 -16.51
CA VAL A 250 -35.62 -14.41 -16.80
C VAL A 250 -34.60 -15.51 -17.17
N GLY A 251 -34.72 -16.65 -16.52
CA GLY A 251 -33.94 -17.84 -16.86
C GLY A 251 -33.97 -18.17 -18.36
N LYS A 252 -35.17 -18.12 -18.94
CA LYS A 252 -35.34 -18.35 -20.38
C LYS A 252 -34.57 -17.34 -21.21
N LEU A 253 -34.60 -16.08 -20.80
CA LEU A 253 -33.90 -15.03 -21.52
C LEU A 253 -32.38 -15.17 -21.40
N ILE A 254 -31.90 -15.60 -20.24
CA ILE A 254 -30.46 -15.81 -20.05
C ILE A 254 -29.99 -16.90 -21.00
N LYS A 255 -30.73 -18.00 -21.02
CA LYS A 255 -30.36 -19.19 -21.83
C LYS A 255 -30.37 -18.84 -23.33
N GLU A 256 -31.39 -18.09 -23.73
CA GLU A 256 -31.46 -17.55 -25.09
C GLU A 256 -30.26 -16.65 -25.45
N ALA A 257 -29.92 -15.72 -24.57
CA ALA A 257 -28.78 -14.82 -24.81
C ALA A 257 -27.44 -15.57 -24.85
N ALA A 258 -27.31 -16.60 -24.02
CA ALA A 258 -26.15 -17.49 -24.06
C ALA A 258 -26.00 -18.14 -25.44
N GLY A 259 -27.10 -18.64 -25.97
CA GLY A 259 -27.10 -19.26 -27.30
C GLY A 259 -26.78 -18.28 -28.43
N LYS A 260 -27.32 -17.07 -28.34
CA LYS A 260 -27.14 -16.04 -29.36
C LYS A 260 -25.75 -15.43 -29.37
N SER A 261 -25.07 -15.47 -28.22
CA SER A 261 -23.80 -14.75 -28.10
C SER A 261 -22.62 -15.68 -28.37
N ASN A 262 -22.11 -16.34 -27.33
CA ASN A 262 -20.90 -17.16 -27.46
C ASN A 262 -21.06 -18.60 -26.97
N LEU A 263 -22.28 -19.07 -26.86
CA LEU A 263 -22.58 -20.43 -26.38
C LEU A 263 -21.99 -20.71 -24.99
N LYS A 264 -21.92 -19.69 -24.15
CA LYS A 264 -21.49 -19.84 -22.81
C LYS A 264 -22.31 -20.91 -22.08
N ARG A 265 -21.65 -21.61 -21.16
CA ARG A 265 -22.32 -22.64 -20.37
C ARG A 265 -23.31 -21.91 -19.44
N VAL A 266 -24.38 -22.61 -19.07
CA VAL A 266 -25.47 -22.02 -18.33
C VAL A 266 -25.93 -22.93 -17.20
N THR A 267 -26.02 -22.38 -15.99
CA THR A 267 -26.72 -23.08 -14.92
C THR A 267 -27.81 -22.15 -14.37
N LEU A 268 -28.98 -22.73 -14.14
CA LEU A 268 -30.17 -21.99 -13.75
C LEU A 268 -30.84 -22.65 -12.58
N GLU A 269 -31.22 -21.84 -11.59
CA GLU A 269 -32.02 -22.27 -10.46
C GLU A 269 -33.21 -21.33 -10.42
N LEU A 270 -34.38 -21.85 -10.70
CA LEU A 270 -35.49 -20.98 -11.05
C LEU A 270 -36.65 -21.15 -10.08
N GLY A 271 -37.85 -20.81 -10.51
CA GLY A 271 -38.99 -20.93 -9.62
C GLY A 271 -39.45 -22.35 -9.35
N GLY A 272 -40.45 -22.45 -8.50
CA GLY A 272 -41.16 -23.69 -8.31
C GLY A 272 -42.62 -23.50 -7.97
N LYS A 273 -43.31 -24.61 -7.95
CA LYS A 273 -44.65 -24.72 -7.37
C LYS A 273 -44.70 -26.08 -6.68
N SER A 274 -43.88 -26.18 -5.65
CA SER A 274 -43.53 -27.47 -5.07
C SER A 274 -44.69 -28.07 -4.26
N PRO A 275 -45.03 -29.34 -4.53
CA PRO A 275 -46.06 -30.00 -3.79
C PRO A 275 -45.61 -30.77 -2.59
N CYS A 276 -46.51 -30.91 -1.62
CA CYS A 276 -46.40 -31.88 -0.54
C CYS A 276 -47.55 -32.84 -0.64
N ILE A 277 -47.28 -34.10 -0.33
CA ILE A 277 -48.27 -35.14 -0.29
C ILE A 277 -48.28 -35.71 1.13
N VAL A 278 -49.41 -35.56 1.80
CA VAL A 278 -49.55 -35.97 3.20
C VAL A 278 -50.50 -37.13 3.24
N LEU A 279 -49.97 -38.31 3.54
CA LEU A 279 -50.75 -39.54 3.68
C LEU A 279 -51.45 -39.63 5.03
N ALA A 280 -52.50 -40.46 5.09
CA ALA A 280 -53.31 -40.64 6.30
C ALA A 280 -52.50 -41.15 7.48
N ASP A 281 -51.47 -41.93 7.22
CA ASP A 281 -50.65 -42.47 8.31
C ASP A 281 -49.57 -41.50 8.81
N ALA A 282 -49.49 -40.30 8.26
CA ALA A 282 -48.41 -39.36 8.64
C ALA A 282 -48.52 -38.93 10.08
N ASP A 283 -47.38 -38.68 10.70
CA ASP A 283 -47.33 -37.89 11.93
C ASP A 283 -47.88 -36.50 11.60
N LEU A 284 -49.10 -36.25 12.06
CA LEU A 284 -49.86 -35.11 11.59
C LEU A 284 -49.27 -33.79 12.02
N ASP A 285 -48.87 -33.69 13.29
CA ASP A 285 -48.25 -32.45 13.76
C ASP A 285 -46.95 -32.13 13.02
N ASN A 286 -46.15 -33.15 12.79
CA ASN A 286 -44.90 -32.97 12.09
C ASN A 286 -45.14 -32.48 10.67
N ALA A 287 -46.14 -33.07 10.01
CA ALA A 287 -46.49 -32.67 8.64
C ALA A 287 -47.01 -31.24 8.60
N VAL A 288 -47.89 -30.91 9.54
CA VAL A 288 -48.43 -29.54 9.63
C VAL A 288 -47.31 -28.53 9.81
N GLU A 289 -46.39 -28.88 10.70
CA GLU A 289 -45.34 -27.95 11.06
C GLU A 289 -44.35 -27.74 9.90
N PHE A 290 -43.95 -28.82 9.23
CA PHE A 290 -43.01 -28.68 8.13
C PHE A 290 -43.62 -28.06 6.91
N ALA A 291 -44.86 -28.40 6.60
CA ALA A 291 -45.55 -27.77 5.47
C ALA A 291 -45.73 -26.27 5.72
N HIS A 292 -46.07 -25.93 6.95
CA HIS A 292 -46.18 -24.54 7.36
C HIS A 292 -44.84 -23.77 7.16
N HIS A 293 -43.79 -24.28 7.78
CA HIS A 293 -42.45 -23.73 7.62
C HIS A 293 -42.10 -23.62 6.13
N GLY A 294 -42.44 -24.68 5.39
CA GLY A 294 -42.15 -24.78 3.98
C GLY A 294 -42.77 -23.68 3.13
N VAL A 295 -43.93 -23.21 3.53
CA VAL A 295 -44.58 -22.11 2.85
C VAL A 295 -44.20 -20.74 3.41
N PHE A 296 -44.15 -20.62 4.73
CA PHE A 296 -44.07 -19.30 5.38
C PHE A 296 -42.66 -18.79 5.73
N TYR A 297 -41.66 -19.65 5.67
CA TYR A 297 -40.29 -19.21 5.95
C TYR A 297 -39.93 -17.96 5.08
N HIS A 298 -39.29 -16.99 5.72
CA HIS A 298 -38.87 -15.75 5.06
C HIS A 298 -39.98 -15.13 4.21
N GLN A 299 -41.17 -15.06 4.82
CA GLN A 299 -42.34 -14.43 4.21
C GLN A 299 -42.71 -15.04 2.87
N GLY A 300 -42.50 -16.34 2.77
CA GLY A 300 -42.84 -17.10 1.56
C GLY A 300 -41.89 -16.90 0.39
N GLN A 301 -40.75 -16.24 0.63
CA GLN A 301 -39.88 -15.78 -0.46
C GLN A 301 -38.77 -16.78 -0.73
N CYS A 302 -39.17 -18.02 -0.98
CA CYS A 302 -38.25 -19.13 -1.21
C CYS A 302 -38.73 -19.81 -2.48
N CYS A 303 -37.78 -20.07 -3.37
CA CYS A 303 -38.03 -20.83 -4.60
CA CYS A 303 -38.08 -20.80 -4.60
C CYS A 303 -38.68 -22.18 -4.30
N ILE A 304 -38.26 -22.80 -3.20
CA ILE A 304 -38.79 -24.12 -2.80
C ILE A 304 -40.11 -24.10 -2.00
N ALA A 305 -40.75 -22.94 -1.91
CA ALA A 305 -41.95 -22.83 -1.08
C ALA A 305 -42.92 -24.00 -1.33
N ALA A 306 -43.42 -24.58 -0.25
CA ALA A 306 -44.37 -25.71 -0.29
C ALA A 306 -45.77 -25.23 -0.63
N SER A 307 -45.95 -24.84 -1.87
CA SER A 307 -47.10 -24.04 -2.28
C SER A 307 -48.31 -24.84 -2.79
N ARG A 308 -48.24 -26.15 -2.77
CA ARG A 308 -49.40 -27.00 -2.98
C ARG A 308 -49.31 -28.13 -1.98
N ILE A 309 -50.19 -28.12 -1.00
CA ILE A 309 -50.23 -29.19 -0.01
C ILE A 309 -51.43 -30.10 -0.24
N PHE A 310 -51.17 -31.32 -0.68
CA PHE A 310 -52.22 -32.31 -0.97
C PHE A 310 -52.35 -33.23 0.25
N VAL A 311 -53.54 -33.30 0.83
CA VAL A 311 -53.78 -34.03 2.06
C VAL A 311 -54.85 -35.08 1.88
N GLU A 312 -54.56 -36.31 2.30
CA GLU A 312 -55.51 -37.42 2.15
C GLU A 312 -56.83 -37.03 2.86
N GLU A 313 -57.93 -37.35 2.18
CA GLU A 313 -59.28 -36.96 2.63
C GLU A 313 -59.56 -37.11 4.11
N SER A 314 -59.22 -38.25 4.66
CA SER A 314 -59.63 -38.60 6.04
C SER A 314 -58.96 -37.72 7.08
N ILE A 315 -57.86 -37.05 6.72
CA ILE A 315 -57.17 -36.17 7.68
C ILE A 315 -57.19 -34.71 7.23
N TYR A 316 -57.84 -34.45 6.11
CA TYR A 316 -57.82 -33.12 5.47
C TYR A 316 -58.36 -32.00 6.37
N ASP A 317 -59.56 -32.20 6.93
CA ASP A 317 -60.17 -31.16 7.78
C ASP A 317 -59.31 -30.83 9.00
N GLU A 318 -58.80 -31.85 9.68
CA GLU A 318 -57.92 -31.65 10.81
C GLU A 318 -56.63 -30.96 10.38
N PHE A 319 -56.08 -31.37 9.24
CA PHE A 319 -54.84 -30.71 8.72
C PHE A 319 -55.08 -29.22 8.52
N VAL A 320 -56.18 -28.89 7.89
CA VAL A 320 -56.51 -27.49 7.64
C VAL A 320 -56.61 -26.74 8.95
N ARG A 321 -57.36 -27.30 9.88
CA ARG A 321 -57.61 -26.67 11.16
C ARG A 321 -56.30 -26.34 11.88
N ARG A 322 -55.42 -27.32 11.98
CA ARG A 322 -54.15 -27.09 12.65
C ARG A 322 -53.27 -26.11 11.88
N SER A 323 -53.34 -26.15 10.54
CA SER A 323 -52.59 -25.20 9.72
C SER A 323 -53.05 -23.76 9.96
N VAL A 324 -54.36 -23.58 10.07
CA VAL A 324 -54.93 -22.24 10.32
C VAL A 324 -54.52 -21.72 11.68
N GLU A 325 -54.62 -22.57 12.70
CA GLU A 325 -54.16 -22.20 14.04
C GLU A 325 -52.70 -21.74 14.01
N ARG A 326 -51.87 -22.48 13.30
CA ARG A 326 -50.44 -22.19 13.25
C ARG A 326 -50.19 -20.85 12.54
N ALA A 327 -50.97 -20.57 11.47
CA ALA A 327 -50.80 -19.34 10.70
C ALA A 327 -51.26 -18.04 11.38
N LYS A 328 -52.12 -18.15 12.39
CA LYS A 328 -52.66 -16.96 13.08
C LYS A 328 -51.77 -16.43 14.19
N LYS A 329 -50.63 -17.06 14.43
CA LYS A 329 -49.79 -16.68 15.58
C LYS A 329 -48.72 -15.64 15.30
N TYR A 330 -48.72 -15.02 14.12
CA TYR A 330 -47.57 -14.20 13.74
C TYR A 330 -47.70 -12.74 14.15
N ILE A 331 -46.57 -12.12 14.35
CA ILE A 331 -46.52 -10.70 14.69
C ILE A 331 -45.71 -10.02 13.60
N LEU A 332 -46.37 -9.14 12.87
CA LEU A 332 -45.75 -8.47 11.73
C LEU A 332 -45.09 -7.14 12.09
N GLY A 333 -43.90 -6.90 11.57
CA GLY A 333 -43.20 -5.67 11.87
C GLY A 333 -41.75 -5.64 11.43
N ASN A 334 -41.00 -4.73 12.05
CA ASN A 334 -39.61 -4.53 11.71
C ASN A 334 -38.80 -5.78 12.14
N PRO A 335 -38.08 -6.40 11.18
CA PRO A 335 -37.37 -7.63 11.49
C PRO A 335 -36.20 -7.49 12.46
N LEU A 336 -35.81 -6.27 12.77
CA LEU A 336 -34.80 -6.03 13.80
C LEU A 336 -35.43 -5.95 15.20
N THR A 337 -36.75 -5.93 15.28
CA THR A 337 -37.47 -5.73 16.56
C THR A 337 -37.72 -7.06 17.27
N PRO A 338 -37.20 -7.23 18.49
CA PRO A 338 -37.46 -8.47 19.24
C PRO A 338 -38.96 -8.67 19.40
N GLY A 339 -39.41 -9.88 19.19
CA GLY A 339 -40.84 -10.18 19.28
C GLY A 339 -41.55 -10.24 17.93
N VAL A 340 -41.01 -9.60 16.90
CA VAL A 340 -41.53 -9.71 15.55
C VAL A 340 -41.22 -11.11 14.99
N THR A 341 -42.22 -11.74 14.39
CA THR A 341 -42.03 -13.08 13.81
C THR A 341 -42.36 -13.19 12.33
N GLN A 342 -42.73 -12.06 11.72
CA GLN A 342 -42.86 -11.98 10.27
C GLN A 342 -42.47 -10.59 9.81
N GLY A 343 -41.51 -10.54 8.89
CA GLY A 343 -41.05 -9.29 8.28
C GLY A 343 -41.84 -8.92 7.04
N PRO A 344 -41.35 -7.93 6.30
CA PRO A 344 -41.99 -7.50 5.08
C PRO A 344 -41.55 -8.29 3.85
N GLN A 345 -42.31 -8.13 2.79
CA GLN A 345 -41.89 -8.55 1.46
C GLN A 345 -40.83 -7.59 0.99
N ILE A 346 -40.05 -8.01 0.00
CA ILE A 346 -38.83 -7.27 -0.39
C ILE A 346 -39.11 -5.88 -0.99
N ASP A 347 -40.17 -5.77 -1.75
CA ASP A 347 -40.47 -4.51 -2.43
C ASP A 347 -41.91 -4.45 -2.86
N LYS A 348 -42.28 -3.30 -3.40
CA LYS A 348 -43.68 -3.05 -3.80
C LYS A 348 -44.15 -3.94 -4.95
N GLU A 349 -43.27 -4.22 -5.90
CA GLU A 349 -43.64 -5.09 -7.04
C GLU A 349 -44.06 -6.50 -6.57
N GLN A 350 -43.29 -7.08 -5.65
CA GLN A 350 -43.62 -8.38 -5.08
C GLN A 350 -44.91 -8.33 -4.28
N TYR A 351 -44.98 -7.33 -3.41
CA TYR A 351 -46.17 -7.07 -2.58
C TYR A 351 -47.44 -7.02 -3.44
N ASP A 352 -47.41 -6.22 -4.49
CA ASP A 352 -48.54 -6.09 -5.40
C ASP A 352 -48.91 -7.41 -6.05
N LYS A 353 -47.92 -8.13 -6.54
CA LYS A 353 -48.14 -9.41 -7.18
C LYS A 353 -48.79 -10.42 -6.23
N ILE A 354 -48.31 -10.46 -4.99
CA ILE A 354 -48.89 -11.36 -3.99
C ILE A 354 -50.35 -11.02 -3.71
N LEU A 355 -50.63 -9.75 -3.48
CA LEU A 355 -52.02 -9.31 -3.20
C LEU A 355 -52.94 -9.62 -4.36
N ASP A 356 -52.46 -9.42 -5.56
CA ASP A 356 -53.20 -9.79 -6.73
C ASP A 356 -53.54 -11.27 -6.81
N LEU A 357 -52.58 -12.12 -6.46
CA LEU A 357 -52.84 -13.58 -6.49
C LEU A 357 -53.80 -14.00 -5.39
N ILE A 358 -53.69 -13.35 -4.23
CA ILE A 358 -54.66 -13.56 -3.14
C ILE A 358 -56.09 -13.19 -3.61
N GLU A 359 -56.21 -12.06 -4.32
CA GLU A 359 -57.50 -11.67 -4.91
C GLU A 359 -58.03 -12.72 -5.88
N SER A 360 -57.16 -13.27 -6.72
CA SER A 360 -57.59 -14.29 -7.67
C SER A 360 -58.12 -15.51 -6.94
N GLY A 361 -57.52 -15.83 -5.80
CA GLY A 361 -57.96 -16.98 -5.00
C GLY A 361 -59.37 -16.80 -4.48
N LYS A 362 -59.63 -15.64 -3.92
CA LYS A 362 -60.97 -15.28 -3.50
C LYS A 362 -61.94 -15.36 -4.67
N LYS A 363 -61.59 -14.70 -5.75
CA LYS A 363 -62.42 -14.66 -6.91
C LYS A 363 -62.73 -16.03 -7.54
N GLU A 364 -61.76 -16.92 -7.53
CA GLU A 364 -61.96 -18.22 -8.17
C GLU A 364 -62.58 -19.25 -7.25
N GLY A 365 -62.90 -18.86 -6.05
CA GLY A 365 -63.67 -19.73 -5.15
C GLY A 365 -62.88 -20.62 -4.19
N ALA A 366 -61.59 -20.35 -4.01
CA ALA A 366 -60.84 -21.00 -2.94
C ALA A 366 -61.41 -20.52 -1.61
N LYS A 367 -61.36 -21.34 -0.59
CA LYS A 367 -61.87 -20.93 0.71
C LYS A 367 -60.81 -20.21 1.55
N LEU A 368 -61.04 -18.94 1.83
CA LEU A 368 -60.10 -18.14 2.61
C LEU A 368 -60.27 -18.47 4.09
N GLU A 369 -59.26 -19.09 4.69
CA GLU A 369 -59.33 -19.54 6.07
C GLU A 369 -58.78 -18.52 7.04
N CYS A 370 -57.81 -17.72 6.59
CA CYS A 370 -57.29 -16.61 7.41
C CYS A 370 -56.43 -15.70 6.56
N GLY A 371 -56.15 -14.51 7.09
CA GLY A 371 -55.43 -13.47 6.38
C GLY A 371 -56.17 -12.95 5.16
N GLY A 372 -55.44 -12.74 4.08
CA GLY A 372 -56.03 -12.35 2.80
C GLY A 372 -55.91 -10.87 2.45
N GLY A 373 -55.06 -10.15 3.15
CA GLY A 373 -54.86 -8.75 2.81
C GLY A 373 -53.60 -8.18 3.39
N PRO A 374 -53.38 -6.88 3.16
CA PRO A 374 -52.18 -6.22 3.65
C PRO A 374 -52.27 -5.92 5.11
N TRP A 375 -51.16 -5.49 5.66
CA TRP A 375 -51.11 -5.11 7.04
C TRP A 375 -50.39 -3.78 7.04
N GLY A 376 -51.17 -2.74 7.33
CA GLY A 376 -50.62 -1.41 7.43
C GLY A 376 -50.22 -0.86 6.07
N ASN A 377 -49.70 0.35 6.06
CA ASN A 377 -49.23 1.05 4.86
C ASN A 377 -47.74 1.22 4.79
N LYS A 378 -47.07 0.97 5.89
CA LYS A 378 -45.68 1.30 6.00
C LYS A 378 -44.90 0.01 5.77
N GLY A 379 -44.08 -0.01 4.73
CA GLY A 379 -43.37 -1.22 4.35
C GLY A 379 -44.37 -2.16 3.72
N TYR A 380 -43.89 -3.33 3.34
CA TYR A 380 -44.67 -4.21 2.46
C TYR A 380 -45.05 -5.45 3.18
N PHE A 381 -46.07 -5.34 4.03
CA PHE A 381 -46.49 -6.44 4.87
C PHE A 381 -47.79 -7.07 4.40
N VAL A 382 -47.78 -8.41 4.33
CA VAL A 382 -48.93 -9.19 3.89
C VAL A 382 -49.30 -10.14 4.99
N GLN A 383 -50.57 -10.16 5.37
CA GLN A 383 -51.04 -11.08 6.38
C GLN A 383 -50.83 -12.54 5.93
N PRO A 384 -50.39 -13.39 6.85
CA PRO A 384 -50.22 -14.78 6.50
C PRO A 384 -51.59 -15.33 6.15
N THR A 385 -51.67 -15.95 5.00
CA THR A 385 -52.90 -16.30 4.38
C THR A 385 -52.94 -17.79 4.07
N VAL A 386 -54.05 -18.42 4.42
CA VAL A 386 -54.29 -19.83 4.14
C VAL A 386 -55.55 -19.95 3.31
N PHE A 387 -55.43 -20.66 2.18
CA PHE A 387 -56.58 -21.05 1.36
C PHE A 387 -56.77 -22.54 1.41
N SER A 388 -58.00 -22.99 1.63
CA SER A 388 -58.35 -24.39 1.51
C SER A 388 -59.29 -24.61 0.34
N ASN A 389 -59.60 -25.87 0.07
CA ASN A 389 -60.43 -26.27 -1.07
C ASN A 389 -59.90 -25.70 -2.38
N VAL A 390 -58.58 -25.70 -2.52
CA VAL A 390 -57.95 -25.18 -3.70
C VAL A 390 -58.02 -26.29 -4.77
N THR A 391 -58.26 -25.90 -6.00
CA THR A 391 -58.34 -26.87 -7.12
C THR A 391 -57.25 -26.54 -8.13
N ASP A 392 -56.89 -27.55 -8.91
CA ASP A 392 -55.68 -27.50 -9.75
C ASP A 392 -55.68 -26.41 -10.79
N GLU A 393 -56.85 -25.96 -11.21
CA GLU A 393 -56.96 -24.97 -12.28
C GLU A 393 -56.89 -23.53 -11.79
N MET A 394 -56.96 -23.31 -10.48
CA MET A 394 -56.87 -21.97 -9.93
C MET A 394 -55.48 -21.37 -10.11
N ARG A 395 -55.43 -20.06 -10.32
CA ARG A 395 -54.16 -19.34 -10.46
C ARG A 395 -53.24 -19.60 -9.25
N ILE A 396 -53.80 -19.55 -8.04
CA ILE A 396 -52.99 -19.80 -6.83
C ILE A 396 -52.41 -21.23 -6.76
N ALA A 397 -53.00 -22.15 -7.52
CA ALA A 397 -52.49 -23.53 -7.63
C ALA A 397 -51.43 -23.68 -8.73
N LYS A 398 -51.33 -22.71 -9.63
CA LYS A 398 -50.46 -22.83 -10.79
C LYS A 398 -49.26 -21.90 -10.73
N GLU A 399 -49.48 -20.68 -10.29
CA GLU A 399 -48.46 -19.64 -10.36
C GLU A 399 -47.69 -19.49 -9.08
N GLU A 400 -46.40 -19.25 -9.23
CA GLU A 400 -45.53 -19.05 -8.08
C GLU A 400 -45.93 -17.72 -7.44
N ILE A 401 -46.25 -17.76 -6.14
CA ILE A 401 -46.72 -16.57 -5.43
C ILE A 401 -45.58 -15.79 -4.79
N PHE A 402 -44.65 -16.50 -4.15
CA PHE A 402 -43.47 -15.87 -3.46
C PHE A 402 -43.89 -14.99 -2.29
N GLY A 403 -44.93 -15.42 -1.60
CA GLY A 403 -45.47 -14.69 -0.47
C GLY A 403 -46.06 -15.65 0.52
N PRO A 404 -46.55 -15.13 1.66
CA PRO A 404 -46.99 -16.01 2.74
C PRO A 404 -48.43 -16.42 2.48
N VAL A 405 -48.57 -17.31 1.52
CA VAL A 405 -49.85 -17.77 1.06
C VAL A 405 -49.78 -19.30 0.86
N GLN A 406 -50.54 -20.01 1.68
CA GLN A 406 -50.59 -21.47 1.71
C GLN A 406 -51.85 -22.01 1.04
N GLN A 407 -51.64 -23.00 0.17
CA GLN A 407 -52.72 -23.68 -0.54
C GLN A 407 -52.85 -25.09 -0.06
N ILE A 408 -54.07 -25.46 0.39
CA ILE A 408 -54.32 -26.80 0.86
C ILE A 408 -55.42 -27.44 0.04
N MET A 409 -55.17 -28.67 -0.37
CA MET A 409 -56.03 -29.45 -1.27
C MET A 409 -56.20 -30.84 -0.75
N LYS A 410 -57.26 -31.51 -1.15
CA LYS A 410 -57.51 -32.88 -0.74
C LYS A 410 -57.30 -33.86 -1.88
N PHE A 411 -57.03 -35.11 -1.53
CA PHE A 411 -57.01 -36.19 -2.52
C PHE A 411 -57.54 -37.43 -1.84
N LYS A 412 -57.96 -38.38 -2.65
CA LYS A 412 -58.29 -39.74 -2.17
C LYS A 412 -57.43 -40.80 -2.85
N SER A 413 -57.16 -40.63 -4.13
CA SER A 413 -56.33 -41.59 -4.85
C SER A 413 -54.87 -41.16 -4.87
N LEU A 414 -54.00 -41.99 -4.32
CA LEU A 414 -52.56 -41.77 -4.36
C LEU A 414 -52.01 -41.67 -5.80
N ASP A 415 -52.41 -42.60 -6.66
CA ASP A 415 -51.96 -42.56 -8.07
C ASP A 415 -52.34 -41.24 -8.72
N ASP A 416 -53.56 -40.81 -8.49
CA ASP A 416 -54.03 -39.57 -9.10
C ASP A 416 -53.30 -38.36 -8.53
N VAL A 417 -53.01 -38.36 -7.24
CA VAL A 417 -52.37 -37.16 -6.63
C VAL A 417 -50.89 -36.99 -7.05
N ILE A 418 -50.20 -38.10 -7.30
CA ILE A 418 -48.88 -38.08 -7.89
C ILE A 418 -48.93 -37.42 -9.27
N LYS A 419 -49.89 -37.80 -10.10
CA LYS A 419 -50.09 -37.15 -11.40
C LYS A 419 -50.35 -35.64 -11.25
N ARG A 420 -51.21 -35.29 -10.30
CA ARG A 420 -51.51 -33.87 -10.06
C ARG A 420 -50.24 -33.12 -9.58
N ALA A 421 -49.49 -33.75 -8.69
CA ALA A 421 -48.25 -33.14 -8.19
C ALA A 421 -47.27 -32.89 -9.33
N ASN A 422 -47.23 -33.82 -10.29
CA ASN A 422 -46.28 -33.75 -11.41
C ASN A 422 -46.77 -32.93 -12.59
N ASN A 423 -48.04 -32.56 -12.55
CA ASN A 423 -48.65 -31.83 -13.66
C ASN A 423 -48.38 -30.33 -13.60
N THR A 424 -47.14 -29.98 -13.92
CA THR A 424 -46.65 -28.62 -13.84
C THR A 424 -45.34 -28.58 -14.65
N PHE A 425 -45.00 -27.42 -15.16
CA PHE A 425 -43.71 -27.27 -15.82
C PHE A 425 -42.58 -27.10 -14.80
N TYR A 426 -42.95 -26.87 -13.54
CA TYR A 426 -41.98 -26.68 -12.46
C TYR A 426 -41.55 -28.07 -11.94
N GLY A 427 -40.52 -28.08 -11.11
CA GLY A 427 -39.99 -29.32 -10.56
C GLY A 427 -38.82 -29.16 -9.62
N LEU A 428 -38.88 -28.13 -8.77
CA LEU A 428 -37.76 -27.83 -7.94
C LEU A 428 -37.65 -28.80 -6.76
N SER A 429 -38.77 -29.02 -6.08
CA SER A 429 -38.78 -29.82 -4.89
C SER A 429 -40.17 -30.37 -4.60
N ALA A 430 -40.23 -31.20 -3.57
CA ALA A 430 -41.47 -31.77 -3.11
C ALA A 430 -41.27 -32.37 -1.72
N GLY A 431 -42.38 -32.62 -1.05
CA GLY A 431 -42.38 -33.24 0.24
C GLY A 431 -43.36 -34.41 0.30
N VAL A 432 -42.97 -35.42 1.04
CA VAL A 432 -43.78 -36.62 1.22
C VAL A 432 -43.85 -36.92 2.70
N PHE A 433 -45.06 -37.08 3.23
CA PHE A 433 -45.27 -37.31 4.64
C PHE A 433 -46.00 -38.61 4.83
N THR A 434 -45.30 -39.58 5.42
CA THR A 434 -45.82 -40.91 5.66
C THR A 434 -44.87 -41.63 6.63
N LYS A 435 -45.38 -42.61 7.36
CA LYS A 435 -44.52 -43.46 8.20
C LYS A 435 -44.11 -44.75 7.50
N ASP A 436 -44.75 -45.02 6.37
CA ASP A 436 -44.55 -46.26 5.63
C ASP A 436 -43.33 -46.23 4.68
N ILE A 437 -42.45 -47.20 4.88
CA ILE A 437 -41.22 -47.33 4.11
C ILE A 437 -41.47 -47.38 2.63
N ASP A 438 -42.37 -48.25 2.22
CA ASP A 438 -42.59 -48.50 0.80
C ASP A 438 -43.16 -47.27 0.11
N LYS A 439 -44.12 -46.63 0.75
CA LYS A 439 -44.70 -45.37 0.25
C LYS A 439 -43.65 -44.28 0.13
N ALA A 440 -42.82 -44.11 1.15
CA ALA A 440 -41.80 -43.08 1.15
C ALA A 440 -40.85 -43.25 -0.04
N ILE A 441 -40.41 -44.47 -0.27
CA ILE A 441 -39.48 -44.74 -1.36
C ILE A 441 -40.15 -44.62 -2.73
N THR A 442 -41.31 -45.26 -2.90
CA THR A 442 -41.93 -45.29 -4.23
C THR A 442 -42.52 -43.92 -4.64
N ILE A 443 -43.08 -43.17 -3.69
CA ILE A 443 -43.58 -41.84 -4.00
C ILE A 443 -42.42 -40.89 -4.34
N SER A 444 -41.37 -40.88 -3.51
CA SER A 444 -40.20 -40.02 -3.77
C SER A 444 -39.54 -40.32 -5.13
N SER A 445 -39.54 -41.60 -5.52
CA SER A 445 -39.03 -41.99 -6.84
C SER A 445 -39.90 -41.48 -7.99
N ALA A 446 -41.20 -41.43 -7.78
CA ALA A 446 -42.19 -41.04 -8.82
C ALA A 446 -42.35 -39.54 -9.00
N LEU A 447 -41.96 -38.75 -8.01
CA LEU A 447 -42.13 -37.32 -8.08
C LEU A 447 -41.05 -36.68 -8.96
N GLN A 448 -41.46 -35.78 -9.85
CA GLN A 448 -40.53 -35.13 -10.78
C GLN A 448 -40.02 -33.83 -10.14
N ALA A 449 -39.11 -34.01 -9.19
CA ALA A 449 -38.59 -32.92 -8.41
C ALA A 449 -37.16 -33.17 -8.05
N GLY A 450 -36.38 -32.10 -8.05
CA GLY A 450 -34.93 -32.18 -7.80
C GLY A 450 -34.52 -32.58 -6.39
N THR A 451 -35.24 -32.04 -5.39
CA THR A 451 -35.13 -32.52 -4.03
C THR A 451 -36.49 -33.02 -3.53
N VAL A 452 -36.52 -34.22 -2.98
CA VAL A 452 -37.73 -34.72 -2.30
C VAL A 452 -37.39 -34.93 -0.84
N TRP A 453 -38.13 -34.24 0.03
CA TRP A 453 -38.02 -34.40 1.45
C TRP A 453 -39.03 -35.40 1.96
N VAL A 454 -38.62 -36.23 2.89
CA VAL A 454 -39.53 -37.22 3.49
C VAL A 454 -39.66 -36.90 4.97
N ASN A 455 -40.90 -36.60 5.39
CA ASN A 455 -41.22 -36.22 6.77
C ASN A 455 -40.48 -35.00 7.24
N CYS A 456 -40.06 -34.17 6.31
CA CYS A 456 -39.50 -32.88 6.63
C CYS A 456 -39.71 -32.02 5.39
N TYR A 457 -39.21 -30.80 5.43
CA TYR A 457 -39.30 -29.90 4.31
C TYR A 457 -38.27 -28.80 4.43
N GLY A 458 -37.68 -28.41 3.32
CA GLY A 458 -36.76 -27.28 3.27
C GLY A 458 -35.40 -27.53 3.89
N VAL A 459 -35.00 -28.79 3.97
CA VAL A 459 -33.70 -29.15 4.56
C VAL A 459 -32.66 -29.11 3.44
N VAL A 460 -31.84 -28.05 3.48
CA VAL A 460 -30.84 -27.80 2.45
C VAL A 460 -29.48 -27.73 3.11
N SER A 461 -28.47 -28.29 2.48
CA SER A 461 -27.13 -28.34 3.06
C SER A 461 -26.08 -28.35 1.98
N ALA A 462 -24.88 -27.90 2.33
CA ALA A 462 -23.83 -27.75 1.33
C ALA A 462 -23.36 -29.10 0.77
N GLN A 463 -23.55 -30.14 1.58
CA GLN A 463 -23.18 -31.48 1.24
C GLN A 463 -24.03 -32.12 0.14
N CYS A 464 -25.22 -31.59 -0.11
CA CYS A 464 -26.10 -32.23 -1.10
C CYS A 464 -26.34 -31.37 -2.32
N PRO A 465 -26.41 -32.01 -3.48
CA PRO A 465 -26.75 -31.26 -4.66
C PRO A 465 -28.18 -30.75 -4.58
N PHE A 466 -28.37 -29.58 -5.18
CA PHE A 466 -29.66 -28.91 -5.18
C PHE A 466 -29.93 -28.31 -6.57
N GLY A 467 -31.13 -28.52 -7.08
CA GLY A 467 -31.54 -27.93 -8.34
C GLY A 467 -32.82 -28.51 -8.86
N GLY A 468 -33.26 -27.99 -10.00
CA GLY A 468 -34.59 -28.32 -10.50
C GLY A 468 -34.66 -29.36 -11.59
N PHE A 469 -35.78 -30.08 -11.61
CA PHE A 469 -36.26 -30.77 -12.80
C PHE A 469 -37.01 -29.77 -13.67
N LYS A 470 -37.17 -30.12 -14.94
CA LYS A 470 -37.99 -29.39 -15.89
C LYS A 470 -37.66 -27.89 -15.91
N MET A 471 -38.66 -27.02 -15.85
CA MET A 471 -38.39 -25.57 -15.98
C MET A 471 -38.01 -24.91 -14.66
N SER A 472 -37.77 -25.69 -13.61
CA SER A 472 -37.26 -25.14 -12.35
C SER A 472 -35.73 -25.03 -12.38
N GLY A 473 -35.08 -25.56 -13.40
CA GLY A 473 -33.64 -25.39 -13.48
C GLY A 473 -32.90 -26.20 -14.51
N ASN A 474 -31.63 -25.85 -14.69
CA ASN A 474 -30.65 -26.60 -15.47
C ASN A 474 -29.42 -26.76 -14.53
N GLY A 475 -29.01 -27.99 -14.27
CA GLY A 475 -27.81 -28.23 -13.48
C GLY A 475 -28.08 -28.26 -11.98
N ARG A 476 -27.02 -28.54 -11.23
CA ARG A 476 -27.11 -28.72 -9.80
C ARG A 476 -26.04 -27.90 -9.12
N GLU A 477 -26.38 -27.40 -7.96
CA GLU A 477 -25.46 -26.61 -7.14
C GLU A 477 -25.13 -27.37 -5.89
N LEU A 478 -23.87 -27.26 -5.51
CA LEU A 478 -23.32 -27.82 -4.27
C LEU A 478 -23.23 -29.34 -4.25
N GLY A 479 -22.79 -29.88 -3.12
CA GLY A 479 -22.45 -31.30 -3.04
C GLY A 479 -21.30 -31.60 -3.98
N GLU A 480 -20.92 -32.87 -4.05
CA GLU A 480 -19.92 -33.30 -5.03
C GLU A 480 -20.35 -32.98 -6.45
N TYR A 481 -21.62 -33.24 -6.75
CA TYR A 481 -22.12 -33.19 -8.12
C TYR A 481 -22.11 -31.79 -8.68
N GLY A 482 -22.42 -30.83 -7.83
CA GLY A 482 -22.47 -29.41 -8.20
C GLY A 482 -21.15 -28.85 -8.63
N PHE A 483 -20.07 -29.40 -8.09
CA PHE A 483 -18.73 -29.00 -8.52
C PHE A 483 -18.43 -29.25 -9.99
N HIS A 484 -19.06 -30.27 -10.57
CA HIS A 484 -18.85 -30.62 -11.98
C HIS A 484 -19.17 -29.48 -12.90
N GLU A 485 -20.16 -28.70 -12.54
CA GLU A 485 -20.60 -27.62 -13.39
C GLU A 485 -19.65 -26.41 -13.40
N TYR A 486 -18.63 -26.42 -12.55
CA TYR A 486 -17.63 -25.36 -12.57
C TYR A 486 -16.27 -25.87 -13.08
N THR A 487 -16.29 -27.04 -13.72
CA THR A 487 -15.10 -27.56 -14.39
C THR A 487 -15.39 -27.81 -15.87
N GLU A 488 -14.32 -27.72 -16.65
CA GLU A 488 -14.31 -28.09 -18.05
C GLU A 488 -13.34 -29.27 -18.18
N VAL A 489 -13.84 -30.36 -18.73
CA VAL A 489 -13.04 -31.58 -18.87
C VAL A 489 -12.16 -31.58 -20.13
N LYS A 490 -10.88 -31.81 -19.91
CA LYS A 490 -9.90 -32.00 -21.00
C LYS A 490 -9.36 -33.41 -20.98
N THR A 491 -9.47 -34.09 -22.11
CA THR A 491 -8.90 -35.41 -22.29
C THR A 491 -7.53 -35.25 -22.92
N VAL A 492 -6.53 -35.89 -22.34
CA VAL A 492 -5.18 -35.93 -22.93
C VAL A 492 -4.84 -37.38 -23.24
N THR A 493 -4.52 -37.65 -24.52
CA THR A 493 -4.24 -38.98 -24.99
C THR A 493 -2.87 -39.03 -25.66
N VAL A 494 -2.00 -39.83 -25.07
CA VAL A 494 -0.57 -39.83 -25.38
C VAL A 494 -0.21 -41.16 -26.02
N LYS A 495 0.42 -41.11 -27.19
CA LYS A 495 0.86 -42.33 -27.84
C LYS A 495 2.01 -42.91 -27.07
N ILE A 496 1.96 -44.21 -26.82
CA ILE A 496 3.09 -44.92 -26.22
C ILE A 496 3.43 -46.19 -27.01
N SER A 497 4.64 -46.67 -26.80
CA SER A 497 5.14 -47.82 -27.59
C SER A 497 4.43 -49.12 -27.20
N GLN A 498 4.19 -49.33 -25.93
CA GLN A 498 3.35 -50.46 -25.50
C GLN A 498 2.77 -50.21 -24.10
N LYS A 499 1.51 -50.56 -23.90
CA LYS A 499 0.87 -50.37 -22.61
C LYS A 499 0.89 -51.69 -21.86
N ASN A 500 0.87 -51.58 -20.56
CA ASN A 500 0.59 -52.69 -19.67
C ASN A 500 -0.48 -52.32 -18.68
N SER A 501 -1.33 -53.29 -18.39
CA SER A 501 -2.42 -53.08 -17.47
C SER A 501 -1.89 -52.55 -16.12
N ASP B 8 -8.51 -58.29 -43.17
CA ASP B 8 -9.45 -59.06 -44.04
C ASP B 8 -10.72 -58.26 -44.31
N LEU B 9 -11.14 -58.28 -45.58
CA LEU B 9 -12.28 -57.45 -46.03
C LEU B 9 -13.40 -58.17 -46.79
N PRO B 10 -14.30 -58.81 -46.03
CA PRO B 10 -15.46 -59.38 -46.67
C PRO B 10 -16.39 -58.30 -47.24
N VAL B 11 -17.13 -58.70 -48.26
CA VAL B 11 -18.04 -57.82 -48.95
C VAL B 11 -19.39 -58.48 -48.99
N LEU B 12 -20.40 -57.67 -49.31
CA LEU B 12 -21.75 -58.15 -49.47
C LEU B 12 -21.85 -58.86 -50.80
N LEU B 13 -22.30 -60.12 -50.76
CA LEU B 13 -22.31 -60.99 -51.94
C LEU B 13 -23.51 -60.73 -52.83
N THR B 14 -24.57 -60.17 -52.24
CA THR B 14 -25.82 -59.80 -52.94
C THR B 14 -25.86 -58.28 -53.10
N ASP B 15 -26.63 -57.80 -54.08
CA ASP B 15 -26.86 -56.37 -54.22
C ASP B 15 -27.68 -55.85 -53.03
N LEU B 16 -27.28 -54.70 -52.50
CA LEU B 16 -27.96 -54.08 -51.37
C LEU B 16 -29.38 -53.69 -51.77
N LYS B 17 -30.35 -54.19 -51.04
CA LYS B 17 -31.72 -53.80 -51.25
C LYS B 17 -32.16 -52.90 -50.12
N ILE B 18 -32.62 -51.71 -50.46
CA ILE B 18 -33.09 -50.77 -49.45
C ILE B 18 -34.51 -51.14 -49.09
N GLN B 19 -34.70 -51.45 -47.81
CA GLN B 19 -35.97 -51.91 -47.28
C GLN B 19 -36.63 -50.89 -46.33
N TYR B 20 -35.84 -50.22 -45.47
CA TYR B 20 -36.43 -49.34 -44.43
C TYR B 20 -36.29 -47.86 -44.80
N THR B 21 -37.43 -47.23 -45.05
CA THR B 21 -37.50 -45.87 -45.56
C THR B 21 -38.54 -45.00 -44.83
N LYS B 22 -39.18 -45.53 -43.80
CA LYS B 22 -40.24 -44.83 -43.15
C LYS B 22 -39.85 -44.30 -41.76
N ILE B 23 -40.77 -43.55 -41.18
CA ILE B 23 -40.65 -43.04 -39.83
C ILE B 23 -40.92 -44.16 -38.84
N PHE B 24 -40.08 -44.26 -37.81
CA PHE B 24 -40.13 -45.36 -36.85
C PHE B 24 -40.59 -44.84 -35.52
N ILE B 25 -41.82 -45.21 -35.15
CA ILE B 25 -42.44 -44.77 -33.90
C ILE B 25 -43.17 -45.96 -33.29
N ASN B 26 -42.96 -46.20 -32.00
CA ASN B 26 -43.61 -47.30 -31.30
C ASN B 26 -43.37 -48.67 -31.95
N ASN B 27 -42.13 -48.85 -32.39
CA ASN B 27 -41.70 -50.05 -33.07
C ASN B 27 -42.55 -50.38 -34.32
N GLU B 28 -43.13 -49.35 -34.94
CA GLU B 28 -43.88 -49.53 -36.19
C GLU B 28 -43.42 -48.50 -37.19
N TRP B 29 -43.69 -48.80 -38.46
CA TRP B 29 -43.28 -47.94 -39.56
C TRP B 29 -44.44 -47.05 -40.01
N HIS B 30 -44.19 -45.77 -40.14
CA HIS B 30 -45.22 -44.77 -40.39
C HIS B 30 -44.87 -43.96 -41.62
N ASP B 31 -45.88 -43.67 -42.43
CA ASP B 31 -45.72 -42.65 -43.48
C ASP B 31 -45.69 -41.29 -42.80
N SER B 32 -45.11 -40.31 -43.47
CA SER B 32 -45.14 -38.95 -42.98
C SER B 32 -46.58 -38.49 -42.92
N VAL B 33 -46.88 -37.61 -41.99
CA VAL B 33 -48.25 -37.08 -41.86
C VAL B 33 -48.67 -36.34 -43.14
N SER B 34 -47.74 -35.58 -43.71
CA SER B 34 -48.01 -34.83 -44.95
C SER B 34 -48.10 -35.71 -46.21
N GLY B 35 -47.50 -36.89 -46.17
CA GLY B 35 -47.39 -37.76 -47.33
C GLY B 35 -46.13 -37.51 -48.12
N LYS B 36 -45.44 -36.42 -47.82
CA LYS B 36 -44.23 -36.06 -48.57
C LYS B 36 -43.06 -37.02 -48.30
N LYS B 37 -42.20 -37.16 -49.31
CA LYS B 37 -41.00 -37.96 -49.23
C LYS B 37 -39.86 -37.15 -49.79
N PHE B 38 -38.64 -37.53 -49.45
CA PHE B 38 -37.47 -36.84 -49.99
C PHE B 38 -36.45 -37.84 -50.54
N PRO B 39 -35.68 -37.43 -51.55
CA PRO B 39 -34.75 -38.34 -52.17
C PRO B 39 -33.45 -38.41 -51.40
N VAL B 40 -32.82 -39.57 -51.46
CA VAL B 40 -31.52 -39.81 -50.85
C VAL B 40 -30.58 -40.29 -51.95
N PHE B 41 -29.35 -39.80 -51.96
CA PHE B 41 -28.41 -39.99 -53.06
C PHE B 41 -27.13 -40.73 -52.69
N ASN B 42 -26.50 -41.33 -53.71
CA ASN B 42 -25.13 -41.77 -53.65
C ASN B 42 -24.20 -40.64 -54.12
N PRO B 43 -23.39 -40.09 -53.20
CA PRO B 43 -22.58 -38.94 -53.58
C PRO B 43 -21.45 -39.22 -54.54
N ALA B 44 -21.09 -40.50 -54.72
CA ALA B 44 -20.04 -40.84 -55.69
C ALA B 44 -20.55 -40.82 -57.15
N THR B 45 -21.83 -41.11 -57.32
CA THR B 45 -22.43 -41.31 -58.64
C THR B 45 -23.55 -40.35 -58.96
N GLU B 46 -24.04 -39.64 -57.94
CA GLU B 46 -25.18 -38.74 -58.03
C GLU B 46 -26.50 -39.44 -58.27
N GLU B 47 -26.53 -40.75 -58.24
CA GLU B 47 -27.78 -41.47 -58.48
C GLU B 47 -28.66 -41.51 -57.21
N GLU B 48 -29.96 -41.48 -57.43
CA GLU B 48 -30.94 -41.51 -56.35
C GLU B 48 -31.07 -42.95 -55.86
N LEU B 49 -30.91 -43.17 -54.57
CA LEU B 49 -31.00 -44.52 -54.00
C LEU B 49 -32.43 -44.90 -53.69
N CYS B 50 -33.20 -43.96 -53.19
CA CYS B 50 -34.58 -44.23 -52.78
C CYS B 50 -35.21 -42.93 -52.32
N GLN B 51 -36.47 -43.04 -51.93
CA GLN B 51 -37.20 -41.91 -51.34
C GLN B 51 -37.49 -42.29 -49.88
N VAL B 52 -37.38 -41.32 -48.98
CA VAL B 52 -37.60 -41.55 -47.53
C VAL B 52 -38.71 -40.62 -47.05
N GLU B 53 -39.54 -41.10 -46.14
CA GLU B 53 -40.64 -40.31 -45.60
C GLU B 53 -40.10 -39.05 -44.97
N GLU B 54 -40.70 -37.91 -45.33
CA GLU B 54 -40.20 -36.62 -44.87
C GLU B 54 -40.92 -36.20 -43.59
N GLY B 55 -40.27 -36.47 -42.46
CA GLY B 55 -40.79 -36.08 -41.18
C GLY B 55 -40.71 -34.58 -40.97
N ASP B 56 -41.71 -34.06 -40.30
CA ASP B 56 -41.81 -32.62 -39.99
C ASP B 56 -42.38 -32.53 -38.57
N LYS B 57 -42.81 -31.34 -38.18
CA LYS B 57 -43.32 -31.09 -36.83
C LYS B 57 -44.34 -32.11 -36.34
N GLU B 58 -45.29 -32.45 -37.20
CA GLU B 58 -46.38 -33.33 -36.79
C GLU B 58 -45.87 -34.75 -36.49
N ASP B 59 -44.85 -35.18 -37.23
CA ASP B 59 -44.25 -36.49 -37.04
C ASP B 59 -43.43 -36.50 -35.77
N VAL B 60 -42.67 -35.44 -35.56
CA VAL B 60 -41.94 -35.24 -34.31
C VAL B 60 -42.90 -35.34 -33.12
N ASP B 61 -44.05 -34.69 -33.22
CA ASP B 61 -45.04 -34.70 -32.13
C ASP B 61 -45.50 -36.11 -31.79
N LYS B 62 -45.74 -36.92 -32.81
CA LYS B 62 -46.16 -38.32 -32.60
C LYS B 62 -45.03 -39.10 -31.90
N ALA B 63 -43.80 -38.89 -32.35
CA ALA B 63 -42.64 -39.56 -31.80
C ALA B 63 -42.45 -39.18 -30.32
N VAL B 64 -42.63 -37.90 -30.00
CA VAL B 64 -42.44 -37.43 -28.63
C VAL B 64 -43.52 -38.04 -27.72
N LYS B 65 -44.76 -38.09 -28.19
CA LYS B 65 -45.83 -38.73 -27.41
C LYS B 65 -45.53 -40.18 -27.12
N ALA B 66 -45.00 -40.88 -28.11
CA ALA B 66 -44.60 -42.27 -27.92
C ALA B 66 -43.46 -42.41 -26.89
N ALA B 67 -42.46 -41.56 -27.01
CA ALA B 67 -41.31 -41.58 -26.09
C ALA B 67 -41.73 -41.23 -24.67
N ARG B 68 -42.63 -40.25 -24.54
CA ARG B 68 -43.17 -39.86 -23.23
C ARG B 68 -43.91 -41.00 -22.58
N GLN B 69 -44.75 -41.69 -23.35
CA GLN B 69 -45.55 -42.79 -22.83
C GLN B 69 -44.62 -43.93 -22.36
N ALA B 70 -43.58 -44.20 -23.13
CA ALA B 70 -42.65 -45.27 -22.79
C ALA B 70 -41.78 -44.95 -21.53
N PHE B 71 -41.65 -43.66 -21.22
CA PHE B 71 -40.94 -43.19 -20.04
C PHE B 71 -41.79 -43.09 -18.77
N GLN B 72 -43.09 -43.36 -18.85
CA GLN B 72 -43.97 -43.21 -17.70
C GLN B 72 -43.60 -44.14 -16.57
N ILE B 73 -43.66 -43.60 -15.37
CA ILE B 73 -43.51 -44.38 -14.14
C ILE B 73 -44.38 -45.64 -14.25
N GLY B 74 -43.82 -46.80 -13.90
CA GLY B 74 -44.53 -48.05 -14.02
C GLY B 74 -44.47 -48.73 -15.39
N SER B 75 -43.90 -48.08 -16.39
CA SER B 75 -43.76 -48.68 -17.72
C SER B 75 -42.66 -49.75 -17.74
N PRO B 76 -42.67 -50.66 -18.73
CA PRO B 76 -41.62 -51.66 -18.84
C PRO B 76 -40.20 -51.06 -18.83
N TRP B 77 -40.01 -49.99 -19.56
CA TRP B 77 -38.67 -49.40 -19.66
C TRP B 77 -38.20 -48.79 -18.35
N ARG B 78 -39.12 -48.21 -17.59
CA ARG B 78 -38.77 -47.64 -16.27
C ARG B 78 -38.61 -48.69 -15.16
N THR B 79 -39.33 -49.80 -15.27
CA THR B 79 -39.36 -50.80 -14.19
C THR B 79 -38.41 -51.99 -14.40
N MET B 80 -37.93 -52.17 -15.62
CA MET B 80 -36.99 -53.28 -15.85
C MET B 80 -35.69 -53.03 -15.10
N ASP B 81 -34.99 -54.13 -14.82
CA ASP B 81 -33.67 -54.04 -14.22
C ASP B 81 -32.73 -53.20 -15.10
N ALA B 82 -31.89 -52.40 -14.47
CA ALA B 82 -30.83 -51.69 -15.19
C ALA B 82 -30.00 -52.69 -16.02
N SER B 83 -29.66 -53.83 -15.42
CA SER B 83 -28.88 -54.87 -16.11
C SER B 83 -29.57 -55.35 -17.40
N GLU B 84 -30.90 -55.30 -17.42
CA GLU B 84 -31.69 -55.70 -18.59
C GLU B 84 -31.63 -54.63 -19.71
N ARG B 85 -31.60 -53.34 -19.34
CA ARG B 85 -31.32 -52.29 -20.32
C ARG B 85 -29.98 -52.59 -20.96
N GLY B 86 -29.01 -52.93 -20.14
CA GLY B 86 -27.67 -53.29 -20.60
C GLY B 86 -27.69 -54.48 -21.56
N ARG B 87 -28.41 -55.53 -21.17
CA ARG B 87 -28.62 -56.74 -22.02
C ARG B 87 -29.22 -56.43 -23.38
N LEU B 88 -30.19 -55.51 -23.40
CA LEU B 88 -30.81 -55.09 -24.67
C LEU B 88 -29.82 -54.36 -25.57
N LEU B 89 -29.00 -53.51 -24.96
CA LEU B 89 -27.92 -52.84 -25.69
C LEU B 89 -26.87 -53.82 -26.22
N TYR B 90 -26.46 -54.78 -25.38
CA TYR B 90 -25.53 -55.84 -25.85
CA TYR B 90 -25.56 -55.86 -25.79
C TYR B 90 -26.13 -56.64 -27.01
N LYS B 91 -27.40 -56.99 -26.91
CA LYS B 91 -28.09 -57.72 -27.96
C LYS B 91 -28.11 -56.89 -29.26
N LEU B 92 -28.36 -55.59 -29.15
CA LEU B 92 -28.35 -54.69 -30.29
C LEU B 92 -26.97 -54.70 -30.92
N ALA B 93 -25.93 -54.67 -30.10
CA ALA B 93 -24.57 -54.75 -30.65
C ALA B 93 -24.34 -56.03 -31.44
N ASP B 94 -24.81 -57.15 -30.93
CA ASP B 94 -24.72 -58.43 -31.64
C ASP B 94 -25.44 -58.43 -33.00
N LEU B 95 -26.59 -57.76 -33.06
CA LEU B 95 -27.39 -57.70 -34.26
C LEU B 95 -26.71 -56.84 -35.31
N ILE B 96 -26.09 -55.75 -34.86
CA ILE B 96 -25.34 -54.90 -35.76
C ILE B 96 -24.13 -55.68 -36.31
N GLU B 97 -23.48 -56.44 -35.45
CA GLU B 97 -22.38 -57.31 -35.84
C GLU B 97 -22.86 -58.33 -36.89
N ARG B 98 -24.00 -58.97 -36.64
CA ARG B 98 -24.61 -59.87 -37.62
C ARG B 98 -24.82 -59.18 -38.99
N ASP B 99 -25.31 -57.95 -38.98
CA ASP B 99 -25.62 -57.20 -40.20
C ASP B 99 -24.49 -56.27 -40.63
N ARG B 100 -23.28 -56.61 -40.26
CA ARG B 100 -22.15 -55.70 -40.46
C ARG B 100 -21.89 -55.40 -41.96
N LEU B 101 -22.00 -56.42 -42.80
CA LEU B 101 -21.72 -56.27 -44.25
C LEU B 101 -22.71 -55.31 -44.89
N LEU B 102 -23.98 -55.57 -44.58
CA LEU B 102 -25.12 -54.81 -45.07
C LEU B 102 -25.00 -53.34 -44.66
N LEU B 103 -24.75 -53.14 -43.36
CA LEU B 103 -24.61 -51.81 -42.82
C LEU B 103 -23.40 -51.06 -43.38
N ALA B 104 -22.26 -51.72 -43.44
CA ALA B 104 -21.04 -51.07 -43.97
C ALA B 104 -21.26 -50.67 -45.43
N THR B 105 -21.94 -51.54 -46.18
CA THR B 105 -22.17 -51.32 -47.61
C THR B 105 -23.11 -50.12 -47.77
N MET B 106 -24.17 -50.12 -46.98
CA MET B 106 -25.19 -49.05 -47.00
C MET B 106 -24.55 -47.74 -46.57
N GLU B 107 -23.74 -47.79 -45.52
CA GLU B 107 -23.06 -46.57 -45.04
C GLU B 107 -22.14 -46.01 -46.12
N SER B 108 -21.46 -46.90 -46.81
CA SER B 108 -20.51 -46.50 -47.85
C SER B 108 -21.21 -45.86 -49.05
N MET B 109 -22.27 -46.53 -49.49
CA MET B 109 -23.04 -46.11 -50.64
C MET B 109 -23.72 -44.75 -50.42
N ASN B 110 -24.35 -44.61 -49.27
CA ASN B 110 -25.15 -43.41 -48.91
C ASN B 110 -24.27 -42.28 -48.42
N GLY B 111 -23.18 -42.62 -47.73
CA GLY B 111 -22.32 -41.58 -47.10
C GLY B 111 -21.09 -41.15 -47.87
N GLY B 112 -20.81 -41.80 -49.00
CA GLY B 112 -19.55 -41.54 -49.74
C GLY B 112 -18.31 -41.95 -48.97
N LYS B 113 -18.45 -43.01 -48.20
CA LYS B 113 -17.45 -43.40 -47.22
C LYS B 113 -16.72 -44.63 -47.71
N LEU B 114 -15.40 -44.58 -47.72
CA LEU B 114 -14.58 -45.73 -48.13
C LEU B 114 -15.06 -46.99 -47.43
N TYR B 115 -15.33 -48.03 -48.23
CA TYR B 115 -15.90 -49.26 -47.70
C TYR B 115 -15.02 -49.84 -46.60
N SER B 116 -13.70 -49.90 -46.84
CA SER B 116 -12.80 -50.52 -45.87
C SER B 116 -12.89 -49.80 -44.53
N ASN B 117 -12.95 -48.47 -44.55
CA ASN B 117 -13.15 -47.66 -43.34
C ASN B 117 -14.54 -47.88 -42.73
N ALA B 118 -15.57 -47.92 -43.56
CA ALA B 118 -16.92 -48.23 -43.07
C ALA B 118 -16.96 -49.56 -42.33
N TYR B 119 -16.37 -50.58 -42.92
CA TYR B 119 -16.41 -51.93 -42.36
C TYR B 119 -15.50 -52.08 -41.15
N LEU B 120 -14.25 -51.63 -41.28
CA LEU B 120 -13.23 -51.86 -40.28
C LEU B 120 -13.25 -50.84 -39.13
N ASN B 121 -13.63 -49.61 -39.43
CA ASN B 121 -13.62 -48.56 -38.42
C ASN B 121 -15.02 -48.20 -37.90
N ASP B 122 -15.89 -47.71 -38.76
CA ASP B 122 -17.20 -47.25 -38.34
C ASP B 122 -17.98 -48.37 -37.69
N LEU B 123 -18.10 -49.51 -38.35
CA LEU B 123 -18.94 -50.59 -37.82
C LEU B 123 -18.35 -51.15 -36.52
N ALA B 124 -17.03 -51.31 -36.48
CA ALA B 124 -16.35 -51.78 -35.27
C ALA B 124 -16.54 -50.77 -34.14
N GLY B 125 -16.43 -49.49 -34.45
CA GLY B 125 -16.64 -48.41 -33.46
C GLY B 125 -18.05 -48.41 -32.89
N CYS B 126 -19.04 -48.62 -33.77
CA CYS B 126 -20.42 -48.78 -33.36
C CYS B 126 -20.62 -49.90 -32.38
N ILE B 127 -20.14 -51.08 -32.77
CA ILE B 127 -20.31 -52.29 -31.98
C ILE B 127 -19.61 -52.13 -30.60
N LYS B 128 -18.38 -51.67 -30.61
CA LYS B 128 -17.63 -51.48 -29.38
C LYS B 128 -18.22 -50.41 -28.48
N THR B 129 -18.70 -49.32 -29.07
CA THR B 129 -19.33 -48.26 -28.28
C THR B 129 -20.58 -48.75 -27.59
N LEU B 130 -21.41 -49.51 -28.32
CA LEU B 130 -22.63 -50.05 -27.76
C LEU B 130 -22.32 -50.99 -26.63
N ARG B 131 -21.32 -51.86 -26.82
CA ARG B 131 -20.97 -52.78 -25.77
C ARG B 131 -20.43 -52.04 -24.52
N TYR B 132 -19.65 -50.99 -24.74
CA TYR B 132 -19.17 -50.15 -23.66
C TYR B 132 -20.35 -49.56 -22.87
N CYS B 133 -21.30 -48.95 -23.59
CA CYS B 133 -22.47 -48.36 -22.98
C CYS B 133 -23.32 -49.38 -22.22
N ALA B 134 -23.49 -50.56 -22.82
CA ALA B 134 -24.26 -51.65 -22.17
C ALA B 134 -23.72 -51.94 -20.76
N GLY B 135 -22.40 -51.96 -20.65
CA GLY B 135 -21.72 -52.23 -19.40
C GLY B 135 -21.94 -51.19 -18.33
N TRP B 136 -22.22 -49.94 -18.71
CA TRP B 136 -22.54 -48.92 -17.71
C TRP B 136 -23.94 -49.01 -17.07
N ALA B 137 -24.90 -49.66 -17.72
CA ALA B 137 -26.32 -49.53 -17.33
C ALA B 137 -26.54 -49.77 -15.83
N ASP B 138 -25.96 -50.82 -15.31
CA ASP B 138 -26.19 -51.19 -13.91
C ASP B 138 -25.06 -50.77 -13.01
N LYS B 139 -24.20 -49.87 -13.52
CA LYS B 139 -23.11 -49.28 -12.76
C LYS B 139 -23.24 -47.76 -12.61
N ILE B 140 -24.38 -47.21 -13.07
CA ILE B 140 -24.74 -45.82 -12.78
C ILE B 140 -25.23 -45.75 -11.34
N GLN B 141 -24.58 -44.97 -10.50
CA GLN B 141 -24.87 -44.95 -9.06
C GLN B 141 -24.96 -43.56 -8.51
N GLY B 142 -25.88 -43.36 -7.58
CA GLY B 142 -25.92 -42.15 -6.80
C GLY B 142 -25.04 -42.25 -5.56
N ARG B 143 -25.35 -41.42 -4.59
CA ARG B 143 -24.56 -41.27 -3.39
C ARG B 143 -25.41 -41.38 -2.14
N THR B 144 -24.77 -41.76 -1.03
CA THR B 144 -25.32 -41.50 0.31
C THR B 144 -24.41 -40.44 0.94
N ILE B 145 -25.04 -39.44 1.58
CA ILE B 145 -24.37 -38.22 1.91
C ILE B 145 -24.50 -37.86 3.39
N PRO B 146 -23.38 -37.61 4.07
CA PRO B 146 -23.41 -37.33 5.51
C PRO B 146 -23.73 -35.87 5.80
N ILE B 147 -24.92 -35.49 5.38
CA ILE B 147 -25.49 -34.16 5.60
C ILE B 147 -25.48 -33.74 7.10
N ASP B 148 -25.34 -32.45 7.34
CA ASP B 148 -25.56 -31.91 8.70
C ASP B 148 -26.99 -32.22 9.18
N GLY B 149 -27.15 -32.45 10.47
CA GLY B 149 -28.45 -32.66 11.07
C GLY B 149 -28.89 -34.13 11.08
N ASN B 150 -30.03 -34.39 11.72
CA ASN B 150 -30.55 -35.75 11.84
C ASN B 150 -31.38 -36.12 10.62
N PHE B 151 -30.66 -36.44 9.56
CA PHE B 151 -31.24 -36.79 8.27
C PHE B 151 -30.48 -37.93 7.61
N PHE B 152 -31.21 -38.73 6.83
CA PHE B 152 -30.64 -39.66 5.88
C PHE B 152 -30.81 -39.08 4.48
N THR B 153 -29.71 -38.78 3.81
CA THR B 153 -29.75 -38.21 2.46
C THR B 153 -29.08 -39.17 1.48
N TYR B 154 -29.80 -39.42 0.39
CA TYR B 154 -29.25 -40.12 -0.76
C TYR B 154 -29.66 -39.42 -2.06
N THR B 155 -28.96 -39.77 -3.12
CA THR B 155 -29.29 -39.29 -4.44
C THR B 155 -29.58 -40.43 -5.39
N ARG B 156 -30.43 -40.13 -6.36
CA ARG B 156 -30.77 -40.99 -7.46
C ARG B 156 -30.32 -40.31 -8.70
N HIS B 157 -29.61 -41.06 -9.55
CA HIS B 157 -29.19 -40.56 -10.84
C HIS B 157 -30.17 -41.14 -11.84
N GLU B 158 -31.31 -40.46 -11.96
CA GLU B 158 -32.41 -40.90 -12.79
C GLU B 158 -32.14 -40.56 -14.25
N PRO B 159 -32.77 -41.28 -15.16
CA PRO B 159 -32.80 -40.75 -16.51
C PRO B 159 -33.52 -39.40 -16.57
N ILE B 160 -33.17 -38.58 -17.53
CA ILE B 160 -33.78 -37.29 -17.69
C ILE B 160 -35.20 -37.41 -18.24
N GLY B 161 -35.37 -38.22 -19.25
CA GLY B 161 -36.70 -38.40 -19.88
C GLY B 161 -36.58 -38.52 -21.38
N VAL B 162 -37.31 -37.67 -22.09
CA VAL B 162 -37.35 -37.72 -23.56
C VAL B 162 -36.22 -36.87 -24.11
N CYS B 163 -35.29 -37.53 -24.80
CA CYS B 163 -34.14 -36.90 -25.35
C CYS B 163 -34.22 -36.84 -26.89
N GLY B 164 -34.18 -35.65 -27.43
CA GLY B 164 -34.17 -35.42 -28.86
C GLY B 164 -32.73 -35.40 -29.31
N GLN B 165 -32.40 -36.19 -30.32
CA GLN B 165 -31.05 -36.38 -30.72
C GLN B 165 -30.88 -36.16 -32.22
N ILE B 166 -30.05 -35.21 -32.57
CA ILE B 166 -29.91 -34.76 -33.97
C ILE B 166 -28.48 -35.11 -34.44
N ILE B 167 -28.42 -35.93 -35.46
CA ILE B 167 -27.21 -36.69 -35.88
C ILE B 167 -26.69 -36.11 -37.21
N PRO B 168 -25.36 -35.99 -37.36
CA PRO B 168 -24.82 -35.50 -38.63
C PRO B 168 -24.61 -36.59 -39.71
N TRP B 169 -24.18 -36.14 -40.90
CA TRP B 169 -24.04 -37.02 -42.08
C TRP B 169 -22.64 -37.60 -42.26
N ASN B 170 -21.66 -37.12 -41.51
CA ASN B 170 -20.29 -37.56 -41.69
C ASN B 170 -19.98 -38.94 -41.10
N PHE B 171 -20.56 -39.23 -39.94
CA PHE B 171 -20.44 -40.58 -39.31
C PHE B 171 -21.80 -41.05 -38.83
N PRO B 172 -22.69 -41.41 -39.78
CA PRO B 172 -24.10 -41.52 -39.42
C PRO B 172 -24.37 -42.60 -38.39
N LEU B 173 -23.77 -43.75 -38.59
CA LEU B 173 -23.93 -44.89 -37.71
C LEU B 173 -23.24 -44.69 -36.36
N VAL B 174 -21.98 -44.30 -36.41
CA VAL B 174 -21.18 -44.09 -35.20
C VAL B 174 -21.84 -43.00 -34.31
N MET B 175 -22.27 -41.91 -34.94
CA MET B 175 -22.92 -40.81 -34.20
C MET B 175 -24.29 -41.21 -33.66
N LEU B 176 -25.02 -42.03 -34.41
CA LEU B 176 -26.27 -42.59 -33.92
C LEU B 176 -26.02 -43.33 -32.59
N ILE B 177 -25.02 -44.22 -32.58
CA ILE B 177 -24.69 -45.02 -31.40
C ILE B 177 -24.14 -44.17 -30.27
N TRP B 178 -23.27 -43.23 -30.59
CA TRP B 178 -22.75 -42.26 -29.61
C TRP B 178 -23.81 -41.53 -28.84
N LYS B 179 -24.95 -41.29 -29.48
CA LYS B 179 -26.12 -40.66 -28.87
C LYS B 179 -27.01 -41.66 -28.12
N ILE B 180 -27.45 -42.71 -28.82
CA ILE B 180 -28.48 -43.57 -28.22
C ILE B 180 -27.90 -44.49 -27.15
N GLY B 181 -26.64 -44.87 -27.31
CA GLY B 181 -25.99 -45.79 -26.38
C GLY B 181 -26.04 -45.29 -24.95
N PRO B 182 -25.45 -44.11 -24.70
CA PRO B 182 -25.50 -43.57 -23.34
C PRO B 182 -26.94 -43.20 -22.88
N ALA B 183 -27.74 -42.64 -23.78
CA ALA B 183 -29.10 -42.22 -23.42
C ALA B 183 -29.90 -43.40 -22.92
N LEU B 184 -29.86 -44.50 -23.68
CA LEU B 184 -30.61 -45.69 -23.31
C LEU B 184 -30.02 -46.44 -22.13
N SER B 185 -28.70 -46.46 -22.04
CA SER B 185 -28.04 -47.09 -20.92
C SER B 185 -28.50 -46.45 -19.58
N CYS B 186 -28.66 -45.12 -19.60
CA CYS B 186 -29.14 -44.35 -18.46
C CYS B 186 -30.64 -44.44 -18.25
N GLY B 187 -31.39 -45.00 -19.21
CA GLY B 187 -32.83 -45.21 -19.01
C GLY B 187 -33.75 -44.19 -19.64
N ASN B 188 -33.20 -43.33 -20.49
CA ASN B 188 -33.98 -42.33 -21.23
C ASN B 188 -34.73 -42.98 -22.39
N THR B 189 -35.69 -42.24 -22.95
CA THR B 189 -36.25 -42.59 -24.23
C THR B 189 -35.81 -41.54 -25.21
N VAL B 190 -35.81 -41.88 -26.49
CA VAL B 190 -35.22 -40.97 -27.46
C VAL B 190 -36.10 -40.75 -28.71
N VAL B 191 -35.93 -39.57 -29.28
CA VAL B 191 -36.44 -39.21 -30.60
C VAL B 191 -35.26 -38.74 -31.43
N VAL B 192 -34.92 -39.51 -32.44
CA VAL B 192 -33.70 -39.32 -33.22
C VAL B 192 -34.02 -38.72 -34.58
N LYS B 193 -33.28 -37.69 -34.96
CA LYS B 193 -33.41 -37.09 -36.29
C LYS B 193 -32.09 -37.24 -37.03
N PRO B 194 -31.99 -38.25 -37.91
CA PRO B 194 -30.75 -38.41 -38.68
C PRO B 194 -30.61 -37.33 -39.72
N ALA B 195 -29.39 -37.16 -40.22
CA ALA B 195 -29.15 -36.14 -41.23
C ALA B 195 -29.99 -36.46 -42.48
N GLU B 196 -30.46 -35.42 -43.15
CA GLU B 196 -31.23 -35.55 -44.41
C GLU B 196 -30.46 -36.35 -45.48
N GLN B 197 -29.14 -36.17 -45.53
CA GLN B 197 -28.31 -36.86 -46.53
C GLN B 197 -28.22 -38.35 -46.27
N THR B 198 -28.28 -38.76 -45.00
CA THR B 198 -27.91 -40.12 -44.60
C THR B 198 -28.82 -40.75 -43.54
N PRO B 199 -30.11 -40.93 -43.85
CA PRO B 199 -31.00 -41.58 -42.92
C PRO B 199 -30.99 -43.09 -42.93
N LEU B 200 -30.43 -43.71 -43.94
CA LEU B 200 -30.75 -45.11 -44.21
C LEU B 200 -30.20 -46.09 -43.17
N THR B 201 -28.95 -45.92 -42.75
CA THR B 201 -28.39 -46.85 -41.79
C THR B 201 -29.13 -46.78 -40.45
N ALA B 202 -29.55 -45.57 -40.06
CA ALA B 202 -30.33 -45.38 -38.83
C ALA B 202 -31.64 -46.16 -38.88
N LEU B 203 -32.31 -46.12 -40.03
CA LEU B 203 -33.58 -46.84 -40.17
C LEU B 203 -33.36 -48.35 -40.13
N HIS B 204 -32.25 -48.83 -40.68
CA HIS B 204 -31.95 -50.25 -40.53
C HIS B 204 -31.72 -50.59 -39.07
N VAL B 205 -30.99 -49.73 -38.36
CA VAL B 205 -30.77 -49.96 -36.90
C VAL B 205 -32.07 -49.97 -36.13
N ALA B 206 -33.02 -49.14 -36.55
CA ALA B 206 -34.34 -49.19 -35.93
C ALA B 206 -34.98 -50.58 -36.04
N SER B 207 -34.88 -51.20 -37.22
CA SER B 207 -35.42 -52.58 -37.39
C SER B 207 -34.75 -53.52 -36.37
N LEU B 208 -33.48 -53.29 -36.08
CA LEU B 208 -32.74 -54.16 -35.13
C LEU B 208 -33.08 -53.86 -33.68
N ILE B 209 -33.44 -52.61 -33.41
CA ILE B 209 -33.94 -52.21 -32.10
C ILE B 209 -35.22 -52.99 -31.80
N LYS B 210 -36.11 -53.04 -32.78
CA LYS B 210 -37.34 -53.83 -32.60
C LYS B 210 -36.99 -55.33 -32.40
N GLU B 211 -36.16 -55.86 -33.27
CA GLU B 211 -35.76 -57.26 -33.18
C GLU B 211 -35.12 -57.59 -31.81
N ALA B 212 -34.29 -56.69 -31.29
CA ALA B 212 -33.64 -56.89 -29.99
C ALA B 212 -34.61 -57.01 -28.83
N GLY B 213 -35.77 -56.39 -28.97
CA GLY B 213 -36.82 -56.46 -27.94
C GLY B 213 -36.99 -55.20 -27.10
N PHE B 214 -36.48 -54.06 -27.55
CA PHE B 214 -36.72 -52.82 -26.82
C PHE B 214 -38.23 -52.53 -26.79
N PRO B 215 -38.72 -52.05 -25.66
CA PRO B 215 -40.16 -51.72 -25.63
C PRO B 215 -40.53 -50.63 -26.61
N PRO B 216 -41.77 -50.65 -27.12
CA PRO B 216 -42.18 -49.61 -28.08
C PRO B 216 -42.11 -48.20 -27.49
N GLY B 217 -41.61 -47.26 -28.28
CA GLY B 217 -41.53 -45.89 -27.88
C GLY B 217 -40.19 -45.50 -27.25
N VAL B 218 -39.36 -46.48 -26.94
CA VAL B 218 -38.06 -46.21 -26.29
C VAL B 218 -37.13 -45.53 -27.27
N VAL B 219 -37.15 -46.02 -28.51
CA VAL B 219 -36.43 -45.40 -29.60
C VAL B 219 -37.38 -45.09 -30.77
N ASN B 220 -37.39 -43.82 -31.19
CA ASN B 220 -38.18 -43.36 -32.32
C ASN B 220 -37.28 -42.60 -33.27
N ILE B 221 -37.45 -42.83 -34.57
CA ILE B 221 -36.58 -42.21 -35.56
C ILE B 221 -37.41 -41.47 -36.60
N VAL B 222 -37.12 -40.18 -36.75
CA VAL B 222 -37.85 -39.31 -37.65
C VAL B 222 -36.89 -38.66 -38.66
N PRO B 223 -36.75 -39.26 -39.86
CA PRO B 223 -36.00 -38.62 -40.92
C PRO B 223 -36.66 -37.33 -41.36
N GLY B 224 -35.85 -36.41 -41.86
CA GLY B 224 -36.33 -35.13 -42.33
C GLY B 224 -35.24 -34.07 -42.33
N TYR B 225 -35.65 -32.85 -42.66
CA TYR B 225 -34.71 -31.75 -42.75
C TYR B 225 -34.48 -31.05 -41.42
N GLY B 226 -33.40 -30.28 -41.35
CA GLY B 226 -32.99 -29.55 -40.15
C GLY B 226 -33.97 -28.50 -39.70
N PRO B 227 -34.30 -27.55 -40.60
CA PRO B 227 -35.16 -26.41 -40.22
C PRO B 227 -36.58 -26.78 -39.96
N THR B 228 -36.94 -28.02 -40.30
CA THR B 228 -38.30 -28.52 -40.05
C THR B 228 -38.31 -29.49 -38.87
N ALA B 229 -37.89 -30.72 -39.10
CA ALA B 229 -37.90 -31.74 -38.04
C ALA B 229 -36.93 -31.38 -36.91
N GLY B 230 -35.74 -30.90 -37.24
CA GLY B 230 -34.73 -30.58 -36.24
C GLY B 230 -35.17 -29.42 -35.36
N ALA B 231 -35.70 -28.38 -35.99
CA ALA B 231 -36.25 -27.25 -35.27
C ALA B 231 -37.44 -27.63 -34.41
N ALA B 232 -38.28 -28.53 -34.89
CA ALA B 232 -39.40 -29.01 -34.09
C ALA B 232 -38.93 -29.69 -32.80
N ILE B 233 -37.85 -30.44 -32.90
CA ILE B 233 -37.26 -31.12 -31.72
C ILE B 233 -36.75 -30.09 -30.72
N SER B 234 -36.02 -29.11 -31.23
CA SER B 234 -35.35 -28.17 -30.36
C SER B 234 -36.32 -27.23 -29.66
N SER B 235 -37.50 -26.98 -30.26
CA SER B 235 -38.49 -26.12 -29.62
C SER B 235 -39.67 -26.88 -28.96
N HIS B 236 -39.58 -28.20 -28.90
CA HIS B 236 -40.70 -28.98 -28.41
C HIS B 236 -40.87 -28.83 -26.91
N MET B 237 -42.12 -28.65 -26.47
CA MET B 237 -42.42 -28.36 -25.05
C MET B 237 -42.38 -29.59 -24.15
N ASP B 238 -42.34 -30.79 -24.75
CA ASP B 238 -42.29 -32.03 -23.96
C ASP B 238 -41.02 -32.90 -24.20
N ILE B 239 -40.01 -32.30 -24.80
CA ILE B 239 -38.71 -32.90 -24.88
C ILE B 239 -37.86 -32.34 -23.76
N ASP B 240 -37.26 -33.22 -22.97
CA ASP B 240 -36.47 -32.80 -21.78
C ASP B 240 -35.05 -32.40 -22.08
N LYS B 241 -34.53 -32.95 -23.14
CA LYS B 241 -33.15 -32.71 -23.50
C LYS B 241 -32.97 -32.81 -25.01
N VAL B 242 -32.13 -31.94 -25.54
CA VAL B 242 -31.66 -32.05 -26.92
C VAL B 242 -30.12 -32.20 -27.02
N ALA B 243 -29.70 -33.14 -27.86
CA ALA B 243 -28.29 -33.34 -28.17
C ALA B 243 -28.11 -33.16 -29.66
N PHE B 244 -27.12 -32.37 -30.04
CA PHE B 244 -26.89 -32.02 -31.42
C PHE B 244 -25.41 -32.02 -31.74
N THR B 245 -25.08 -32.65 -32.87
CA THR B 245 -23.75 -32.60 -33.44
C THR B 245 -23.89 -32.03 -34.85
N GLY B 246 -23.13 -30.98 -35.11
CA GLY B 246 -23.18 -30.30 -36.39
C GLY B 246 -22.47 -28.95 -36.32
N SER B 247 -22.92 -28.01 -37.12
CA SER B 247 -22.23 -26.74 -37.24
C SER B 247 -22.49 -25.82 -36.04
N THR B 248 -21.49 -25.00 -35.74
CA THR B 248 -21.59 -24.05 -34.64
C THR B 248 -22.77 -23.11 -34.82
N GLU B 249 -23.00 -22.66 -36.06
CA GLU B 249 -24.15 -21.81 -36.39
C GLU B 249 -25.50 -22.43 -36.00
N VAL B 250 -25.69 -23.72 -36.30
CA VAL B 250 -26.98 -24.37 -35.96
C VAL B 250 -27.05 -24.62 -34.44
N GLY B 251 -25.90 -24.98 -33.86
CA GLY B 251 -25.77 -25.14 -32.41
C GLY B 251 -26.32 -23.95 -31.64
N LYS B 252 -25.98 -22.75 -32.10
CA LYS B 252 -26.48 -21.52 -31.48
C LYS B 252 -27.99 -21.42 -31.55
N LEU B 253 -28.56 -21.80 -32.69
CA LEU B 253 -30.01 -21.75 -32.87
C LEU B 253 -30.72 -22.79 -31.99
N ILE B 254 -30.09 -23.94 -31.81
CA ILE B 254 -30.69 -24.99 -30.94
C ILE B 254 -30.75 -24.48 -29.49
N LYS B 255 -29.65 -23.91 -29.05
CA LYS B 255 -29.52 -23.44 -27.65
C LYS B 255 -30.51 -22.30 -27.40
N GLU B 256 -30.60 -21.40 -28.37
CA GLU B 256 -31.60 -20.35 -28.33
C GLU B 256 -33.04 -20.88 -28.25
N ALA B 257 -33.37 -21.85 -29.09
CA ALA B 257 -34.74 -22.43 -29.10
C ALA B 257 -35.04 -23.20 -27.79
N ALA B 258 -34.03 -23.86 -27.23
CA ALA B 258 -34.16 -24.51 -25.92
C ALA B 258 -34.54 -23.49 -24.85
N GLY B 259 -33.87 -22.36 -24.85
CA GLY B 259 -34.16 -21.29 -23.89
C GLY B 259 -35.55 -20.68 -24.07
N LYS B 260 -35.96 -20.47 -25.31
CA LYS B 260 -37.23 -19.87 -25.64
C LYS B 260 -38.42 -20.77 -25.36
N SER B 261 -38.20 -22.08 -25.42
CA SER B 261 -39.33 -23.03 -25.35
C SER B 261 -39.56 -23.50 -23.92
N ASN B 262 -38.84 -24.56 -23.51
CA ASN B 262 -39.08 -25.16 -22.19
C ASN B 262 -37.83 -25.37 -21.34
N LEU B 263 -36.76 -24.65 -21.66
CA LEU B 263 -35.49 -24.73 -20.93
C LEU B 263 -34.87 -26.14 -20.93
N LYS B 264 -35.15 -26.90 -21.98
CA LYS B 264 -34.61 -28.24 -22.12
C LYS B 264 -33.10 -28.24 -22.00
N ARG B 265 -32.55 -29.32 -21.45
CA ARG B 265 -31.11 -29.44 -21.32
C ARG B 265 -30.52 -29.56 -22.72
N VAL B 266 -29.29 -29.10 -22.87
CA VAL B 266 -28.65 -29.03 -24.16
C VAL B 266 -27.24 -29.59 -24.12
N THR B 267 -26.92 -30.51 -25.02
CA THR B 267 -25.51 -30.83 -25.27
C THR B 267 -25.22 -30.60 -26.73
N LEU B 268 -24.06 -30.01 -27.01
CA LEU B 268 -23.67 -29.63 -28.36
C LEU B 268 -22.23 -30.05 -28.63
N GLU B 269 -22.02 -30.62 -29.82
CA GLU B 269 -20.71 -30.96 -30.33
C GLU B 269 -20.64 -30.33 -31.70
N LEU B 270 -19.79 -29.33 -31.82
CA LEU B 270 -19.88 -28.43 -32.95
C LEU B 270 -18.60 -28.44 -33.77
N GLY B 271 -18.36 -27.39 -34.52
CA GLY B 271 -17.18 -27.38 -35.38
C GLY B 271 -15.87 -27.19 -34.61
N GLY B 272 -14.80 -27.20 -35.39
CA GLY B 272 -13.51 -26.84 -34.90
C GLY B 272 -12.62 -26.24 -35.94
N LYS B 273 -11.52 -25.73 -35.46
CA LYS B 273 -10.40 -25.33 -36.30
C LYS B 273 -9.15 -25.78 -35.55
N SER B 274 -9.04 -27.09 -35.40
CA SER B 274 -8.10 -27.70 -34.43
C SER B 274 -6.64 -27.56 -34.86
N PRO B 275 -5.77 -27.09 -33.94
CA PRO B 275 -4.39 -26.90 -34.31
C PRO B 275 -3.51 -28.06 -33.87
N CYS B 276 -2.42 -28.25 -34.60
CA CYS B 276 -1.32 -29.07 -34.18
C CYS B 276 -0.09 -28.20 -34.03
N ILE B 277 0.73 -28.54 -33.03
CA ILE B 277 1.97 -27.84 -32.77
C ILE B 277 3.07 -28.90 -32.83
N VAL B 278 3.97 -28.74 -33.81
CA VAL B 278 5.03 -29.70 -34.05
C VAL B 278 6.33 -29.04 -33.67
N LEU B 279 6.94 -29.54 -32.58
CA LEU B 279 8.22 -29.06 -32.10
C LEU B 279 9.40 -29.69 -32.86
N ALA B 280 10.56 -29.01 -32.80
CA ALA B 280 11.76 -29.41 -33.56
C ALA B 280 12.26 -30.78 -33.15
N ASP B 281 12.02 -31.17 -31.89
CA ASP B 281 12.44 -32.49 -31.42
C ASP B 281 11.47 -33.61 -31.75
N ALA B 282 10.39 -33.33 -32.46
CA ALA B 282 9.37 -34.38 -32.75
C ALA B 282 9.91 -35.45 -33.68
N ASP B 283 9.40 -36.66 -33.50
CA ASP B 283 9.53 -37.70 -34.50
C ASP B 283 8.80 -37.19 -35.75
N LEU B 284 9.57 -36.82 -36.76
CA LEU B 284 9.04 -36.07 -37.87
C LEU B 284 8.09 -36.89 -38.74
N ASP B 285 8.46 -38.11 -39.07
CA ASP B 285 7.57 -39.01 -39.84
C ASP B 285 6.26 -39.31 -39.13
N ASN B 286 6.32 -39.54 -37.84
CA ASN B 286 5.11 -39.77 -37.04
C ASN B 286 4.20 -38.52 -37.08
N ALA B 287 4.79 -37.34 -36.93
CA ALA B 287 4.01 -36.08 -36.92
C ALA B 287 3.40 -35.81 -38.28
N VAL B 288 4.17 -36.03 -39.34
CA VAL B 288 3.66 -35.89 -40.70
C VAL B 288 2.49 -36.84 -40.97
N GLU B 289 2.65 -38.07 -40.55
CA GLU B 289 1.65 -39.06 -40.79
C GLU B 289 0.34 -38.78 -40.01
N PHE B 290 0.45 -38.42 -38.74
CA PHE B 290 -0.76 -38.19 -37.94
C PHE B 290 -1.45 -36.91 -38.31
N ALA B 291 -0.68 -35.87 -38.62
CA ALA B 291 -1.28 -34.61 -39.06
C ALA B 291 -1.98 -34.78 -40.39
N HIS B 292 -1.37 -35.59 -41.25
CA HIS B 292 -1.99 -35.94 -42.53
C HIS B 292 -3.33 -36.68 -42.37
N HIS B 293 -3.29 -37.78 -41.63
CA HIS B 293 -4.50 -38.52 -41.25
C HIS B 293 -5.55 -37.58 -40.62
N GLY B 294 -5.07 -36.72 -39.72
CA GLY B 294 -5.91 -35.80 -39.01
C GLY B 294 -6.70 -34.86 -39.90
N VAL B 295 -6.11 -34.45 -41.02
CA VAL B 295 -6.79 -33.58 -41.95
C VAL B 295 -7.59 -34.34 -43.00
N PHE B 296 -7.01 -35.40 -43.52
CA PHE B 296 -7.57 -36.05 -44.72
C PHE B 296 -8.55 -37.22 -44.49
N TYR B 297 -8.59 -37.76 -43.26
CA TYR B 297 -9.52 -38.85 -42.97
C TYR B 297 -10.97 -38.51 -43.38
N HIS B 298 -11.64 -39.49 -44.01
CA HIS B 298 -12.99 -39.30 -44.54
C HIS B 298 -13.18 -37.99 -45.35
N GLN B 299 -12.25 -37.75 -46.26
CA GLN B 299 -12.29 -36.58 -47.16
C GLN B 299 -12.39 -35.26 -46.37
N GLY B 300 -11.73 -35.21 -45.22
CA GLY B 300 -11.66 -34.01 -44.42
C GLY B 300 -12.93 -33.67 -43.66
N GLN B 301 -13.86 -34.61 -43.62
CA GLN B 301 -15.21 -34.35 -43.13
C GLN B 301 -15.34 -34.78 -41.67
N CYS B 302 -14.46 -34.25 -40.84
CA CYS B 302 -14.42 -34.53 -39.40
C CYS B 302 -14.38 -33.20 -38.67
N CYS B 303 -15.21 -33.07 -37.65
CA CYS B 303 -15.23 -31.89 -36.75
CA CYS B 303 -15.21 -31.87 -36.81
C CYS B 303 -13.83 -31.64 -36.16
N ILE B 304 -13.12 -32.71 -35.87
CA ILE B 304 -11.76 -32.62 -35.30
C ILE B 304 -10.61 -32.46 -36.31
N ALA B 305 -10.92 -32.23 -37.57
CA ALA B 305 -9.87 -32.11 -38.59
C ALA B 305 -8.73 -31.22 -38.14
N ALA B 306 -7.51 -31.69 -38.34
CA ALA B 306 -6.29 -31.00 -37.96
C ALA B 306 -5.98 -29.92 -38.97
N SER B 307 -6.76 -28.84 -38.90
CA SER B 307 -6.80 -27.85 -39.95
C SER B 307 -5.87 -26.63 -39.80
N ARG B 308 -5.06 -26.61 -38.76
CA ARG B 308 -3.96 -25.66 -38.68
C ARG B 308 -2.77 -26.40 -38.12
N ILE B 309 -1.75 -26.62 -38.94
CA ILE B 309 -0.56 -27.31 -38.49
C ILE B 309 0.59 -26.33 -38.35
N PHE B 310 0.99 -26.07 -37.11
CA PHE B 310 2.06 -25.11 -36.83
C PHE B 310 3.34 -25.90 -36.64
N VAL B 311 4.36 -25.60 -37.43
CA VAL B 311 5.61 -26.35 -37.41
C VAL B 311 6.82 -25.45 -37.11
N GLU B 312 7.66 -25.87 -36.15
CA GLU B 312 8.82 -25.06 -35.74
C GLU B 312 9.69 -24.81 -36.99
N GLU B 313 10.16 -23.57 -37.11
CA GLU B 313 10.91 -23.09 -38.29
C GLU B 313 11.96 -24.03 -38.84
N SER B 314 12.80 -24.57 -37.96
CA SER B 314 13.94 -25.39 -38.39
C SER B 314 13.54 -26.69 -39.07
N ILE B 315 12.31 -27.15 -38.87
CA ILE B 315 11.84 -28.39 -39.52
C ILE B 315 10.68 -28.16 -40.50
N TYR B 316 10.29 -26.91 -40.65
CA TYR B 316 9.13 -26.54 -41.44
C TYR B 316 9.21 -26.99 -42.91
N ASP B 317 10.31 -26.65 -43.59
CA ASP B 317 10.43 -26.99 -45.02
C ASP B 317 10.38 -28.48 -45.27
N GLU B 318 11.10 -29.24 -44.45
CA GLU B 318 11.06 -30.70 -44.53
C GLU B 318 9.66 -31.25 -44.20
N PHE B 319 9.01 -30.68 -43.19
CA PHE B 319 7.62 -31.10 -42.87
C PHE B 319 6.70 -30.92 -44.08
N VAL B 320 6.78 -29.75 -44.70
CA VAL B 320 5.94 -29.47 -45.86
C VAL B 320 6.21 -30.48 -46.97
N ARG B 321 7.49 -30.67 -47.26
CA ARG B 321 7.87 -31.57 -48.32
C ARG B 321 7.30 -32.97 -48.13
N ARG B 322 7.47 -33.52 -46.93
CA ARG B 322 6.97 -34.85 -46.68
C ARG B 322 5.45 -34.89 -46.71
N SER B 323 4.82 -33.82 -46.24
CA SER B 323 3.36 -33.74 -46.26
C SER B 323 2.84 -33.78 -47.71
N VAL B 324 3.53 -33.05 -48.58
CA VAL B 324 3.10 -32.97 -49.99
C VAL B 324 3.25 -34.33 -50.64
N GLU B 325 4.37 -34.99 -50.42
CA GLU B 325 4.59 -36.35 -50.93
C GLU B 325 3.48 -37.30 -50.49
N ARG B 326 3.10 -37.19 -49.23
CA ARG B 326 2.04 -38.05 -48.69
C ARG B 326 0.69 -37.75 -49.34
N ALA B 327 0.40 -36.47 -49.59
CA ALA B 327 -0.91 -36.06 -50.15
C ALA B 327 -1.11 -36.43 -51.63
N LYS B 328 -0.02 -36.70 -52.35
CA LYS B 328 -0.12 -36.98 -53.80
C LYS B 328 -0.36 -38.47 -54.13
N LYS B 329 -0.49 -39.30 -53.12
CA LYS B 329 -0.64 -40.74 -53.35
C LYS B 329 -2.07 -41.29 -53.43
N TYR B 330 -3.08 -40.43 -53.51
CA TYR B 330 -4.45 -40.92 -53.39
C TYR B 330 -5.02 -41.36 -54.71
N ILE B 331 -5.99 -42.26 -54.64
CA ILE B 331 -6.78 -42.63 -55.80
C ILE B 331 -8.25 -42.30 -55.54
N LEU B 332 -8.78 -41.39 -56.35
CA LEU B 332 -10.14 -40.90 -56.15
C LEU B 332 -11.14 -41.74 -56.94
N GLY B 333 -12.27 -42.06 -56.32
CA GLY B 333 -13.31 -42.79 -57.03
C GLY B 333 -14.39 -43.32 -56.11
N ASN B 334 -15.12 -44.28 -56.64
CA ASN B 334 -16.26 -44.85 -55.95
C ASN B 334 -15.74 -45.58 -54.71
N PRO B 335 -16.26 -45.22 -53.52
CA PRO B 335 -15.74 -45.81 -52.30
C PRO B 335 -16.03 -47.30 -52.13
N LEU B 336 -16.89 -47.85 -52.97
CA LEU B 336 -17.12 -49.31 -52.99
C LEU B 336 -16.09 -50.04 -53.88
N THR B 337 -15.26 -49.29 -54.61
CA THR B 337 -14.31 -49.89 -55.56
C THR B 337 -12.98 -50.21 -54.86
N PRO B 338 -12.56 -51.49 -54.87
CA PRO B 338 -11.28 -51.84 -54.26
C PRO B 338 -10.15 -51.07 -54.91
N GLY B 339 -9.25 -50.56 -54.10
CA GLY B 339 -8.15 -49.74 -54.60
C GLY B 339 -8.36 -48.24 -54.46
N VAL B 340 -9.62 -47.81 -54.36
CA VAL B 340 -9.92 -46.37 -54.17
C VAL B 340 -9.52 -45.99 -52.75
N THR B 341 -8.80 -44.88 -52.60
CA THR B 341 -8.37 -44.43 -51.27
C THR B 341 -8.89 -43.05 -50.87
N GLN B 342 -9.70 -42.44 -51.74
CA GLN B 342 -10.42 -41.21 -51.42
C GLN B 342 -11.75 -41.17 -52.12
N GLY B 343 -12.81 -41.04 -51.33
CA GLY B 343 -14.18 -40.91 -51.85
C GLY B 343 -14.59 -39.46 -52.11
N PRO B 344 -15.87 -39.25 -52.37
CA PRO B 344 -16.41 -37.94 -52.65
C PRO B 344 -16.81 -37.21 -51.37
N GLN B 345 -17.00 -35.90 -51.52
CA GLN B 345 -17.66 -35.10 -50.51
C GLN B 345 -19.12 -35.46 -50.51
N ILE B 346 -19.82 -35.14 -49.43
CA ILE B 346 -21.18 -35.63 -49.21
C ILE B 346 -22.20 -35.12 -50.22
N ASP B 347 -22.07 -33.86 -50.60
CA ASP B 347 -23.07 -33.24 -51.48
C ASP B 347 -22.49 -32.00 -52.16
N LYS B 348 -23.28 -31.43 -53.06
CA LYS B 348 -22.85 -30.30 -53.85
C LYS B 348 -22.61 -29.05 -53.02
N GLU B 349 -23.43 -28.83 -52.01
CA GLU B 349 -23.25 -27.66 -51.13
C GLU B 349 -21.86 -27.66 -50.45
N GLN B 350 -21.47 -28.81 -49.90
CA GLN B 350 -20.16 -28.93 -49.26
C GLN B 350 -19.05 -28.76 -50.27
N TYR B 351 -19.18 -29.47 -51.38
CA TYR B 351 -18.23 -29.40 -52.49
C TYR B 351 -17.97 -27.95 -52.92
N ASP B 352 -19.04 -27.20 -53.16
CA ASP B 352 -18.94 -25.81 -53.53
C ASP B 352 -18.23 -24.97 -52.47
N LYS B 353 -18.62 -25.16 -51.21
CA LYS B 353 -18.01 -24.44 -50.10
C LYS B 353 -16.49 -24.69 -50.04
N ILE B 354 -16.10 -25.95 -50.19
CA ILE B 354 -14.69 -26.33 -50.14
C ILE B 354 -13.91 -25.65 -51.26
N LEU B 355 -14.43 -25.76 -52.47
CA LEU B 355 -13.78 -25.12 -53.64
C LEU B 355 -13.68 -23.60 -53.47
N ASP B 356 -14.73 -22.98 -52.95
CA ASP B 356 -14.69 -21.56 -52.59
C ASP B 356 -13.58 -21.21 -51.61
N LEU B 357 -13.40 -22.03 -50.58
CA LEU B 357 -12.32 -21.76 -49.60
C LEU B 357 -10.95 -22.00 -50.20
N ILE B 358 -10.83 -23.02 -51.04
CA ILE B 358 -9.58 -23.23 -51.78
C ILE B 358 -9.23 -22.01 -52.66
N GLU B 359 -10.24 -21.46 -53.34
CA GLU B 359 -10.07 -20.23 -54.15
C GLU B 359 -9.58 -19.06 -53.26
N SER B 360 -10.16 -18.91 -52.08
CA SER B 360 -9.76 -17.82 -51.19
C SER B 360 -8.28 -17.98 -50.80
N GLY B 361 -7.84 -19.23 -50.60
CA GLY B 361 -6.47 -19.50 -50.24
C GLY B 361 -5.52 -19.00 -51.31
N LYS B 362 -5.84 -19.36 -52.56
CA LYS B 362 -5.03 -18.90 -53.69
C LYS B 362 -5.02 -17.39 -53.75
N LYS B 363 -6.20 -16.81 -53.66
CA LYS B 363 -6.35 -15.39 -53.74
C LYS B 363 -5.64 -14.61 -52.63
N GLU B 364 -5.64 -15.14 -51.41
CA GLU B 364 -5.02 -14.45 -50.29
C GLU B 364 -3.53 -14.69 -50.17
N GLY B 365 -2.96 -15.46 -51.08
CA GLY B 365 -1.51 -15.63 -51.13
C GLY B 365 -0.91 -16.81 -50.39
N ALA B 366 -1.74 -17.77 -49.98
CA ALA B 366 -1.20 -19.04 -49.45
C ALA B 366 -0.48 -19.73 -50.58
N LYS B 367 0.55 -20.49 -50.28
CA LYS B 367 1.23 -21.23 -51.32
C LYS B 367 0.57 -22.59 -51.60
N LEU B 368 0.04 -22.78 -52.80
CA LEU B 368 -0.58 -24.03 -53.19
C LEU B 368 0.47 -25.07 -53.55
N GLU B 369 0.57 -26.14 -52.77
CA GLU B 369 1.63 -27.12 -52.95
C GLU B 369 1.17 -28.28 -53.80
N CYS B 370 -0.11 -28.60 -53.75
CA CYS B 370 -0.69 -29.66 -54.54
C CYS B 370 -2.20 -29.60 -54.46
N GLY B 371 -2.83 -30.26 -55.42
CA GLY B 371 -4.27 -30.23 -55.59
C GLY B 371 -4.82 -28.87 -55.96
N GLY B 372 -5.93 -28.49 -55.36
CA GLY B 372 -6.48 -27.15 -55.52
C GLY B 372 -7.66 -27.05 -56.46
N GLY B 373 -8.25 -28.17 -56.80
CA GLY B 373 -9.40 -28.14 -57.69
C GLY B 373 -10.19 -29.41 -57.64
N PRO B 374 -11.27 -29.45 -58.42
CA PRO B 374 -12.11 -30.63 -58.48
C PRO B 374 -11.48 -31.76 -59.28
N TRP B 375 -12.14 -32.90 -59.26
CA TRP B 375 -11.70 -34.08 -59.99
C TRP B 375 -12.90 -34.83 -60.55
N GLY B 376 -12.77 -35.29 -61.81
CA GLY B 376 -13.72 -36.23 -62.40
C GLY B 376 -14.98 -35.63 -62.98
N ASN B 377 -15.81 -36.51 -63.55
CA ASN B 377 -16.98 -36.13 -64.33
C ASN B 377 -18.30 -36.34 -63.62
N LYS B 378 -18.27 -37.12 -62.52
CA LYS B 378 -19.46 -37.41 -61.74
C LYS B 378 -19.13 -37.46 -60.26
N GLY B 379 -20.09 -37.07 -59.43
CA GLY B 379 -19.88 -37.05 -57.98
C GLY B 379 -19.04 -35.86 -57.56
N TYR B 380 -18.87 -35.70 -56.26
CA TYR B 380 -18.33 -34.49 -55.69
C TYR B 380 -16.93 -34.71 -55.17
N PHE B 381 -15.98 -34.77 -56.09
CA PHE B 381 -14.62 -35.07 -55.74
C PHE B 381 -13.78 -33.81 -55.74
N VAL B 382 -12.97 -33.66 -54.71
CA VAL B 382 -12.02 -32.59 -54.56
C VAL B 382 -10.62 -33.20 -54.42
N GLN B 383 -9.68 -32.71 -55.20
CA GLN B 383 -8.31 -33.14 -55.07
C GLN B 383 -7.78 -32.86 -53.68
N PRO B 384 -6.97 -33.80 -53.14
CA PRO B 384 -6.34 -33.51 -51.89
C PRO B 384 -5.40 -32.35 -52.05
N THR B 385 -5.54 -31.37 -51.18
CA THR B 385 -4.94 -30.08 -51.36
C THR B 385 -4.12 -29.71 -50.14
N VAL B 386 -2.91 -29.24 -50.38
CA VAL B 386 -2.04 -28.74 -49.34
C VAL B 386 -1.66 -27.28 -49.62
N PHE B 387 -1.86 -26.42 -48.62
CA PHE B 387 -1.37 -25.04 -48.64
C PHE B 387 -0.29 -24.86 -47.60
N SER B 388 0.82 -24.24 -47.99
CA SER B 388 1.86 -23.82 -47.07
C SER B 388 1.90 -22.29 -46.99
N ASN B 389 2.74 -21.79 -46.10
CA ASN B 389 2.88 -20.37 -45.83
C ASN B 389 1.53 -19.72 -45.53
N VAL B 390 0.72 -20.42 -44.75
CA VAL B 390 -0.57 -19.94 -44.40
C VAL B 390 -0.36 -18.97 -43.25
N THR B 391 -1.11 -17.88 -43.22
CA THR B 391 -1.03 -16.92 -42.13
C THR B 391 -2.39 -16.81 -41.42
N ASP B 392 -2.35 -16.35 -40.17
CA ASP B 392 -3.50 -16.44 -39.26
C ASP B 392 -4.74 -15.69 -39.71
N GLU B 393 -4.57 -14.67 -40.54
CA GLU B 393 -5.71 -13.87 -40.99
C GLU B 393 -6.41 -14.39 -42.25
N MET B 394 -5.82 -15.37 -42.91
CA MET B 394 -6.46 -15.97 -44.09
C MET B 394 -7.75 -16.70 -43.72
N ARG B 395 -8.72 -16.65 -44.62
CA ARG B 395 -9.97 -17.43 -44.45
C ARG B 395 -9.69 -18.91 -44.19
N ILE B 396 -8.77 -19.49 -44.93
CA ILE B 396 -8.47 -20.95 -44.77
C ILE B 396 -7.83 -21.26 -43.40
N ALA B 397 -7.30 -20.23 -42.74
CA ALA B 397 -6.80 -20.37 -41.36
C ALA B 397 -7.88 -20.16 -40.28
N LYS B 398 -9.02 -19.59 -40.66
CA LYS B 398 -10.06 -19.21 -39.70
C LYS B 398 -11.31 -20.03 -39.78
N GLU B 399 -11.72 -20.36 -41.00
CA GLU B 399 -12.99 -21.02 -41.23
C GLU B 399 -12.85 -22.52 -41.37
N GLU B 400 -13.83 -23.24 -40.82
CA GLU B 400 -13.87 -24.68 -40.90
C GLU B 400 -14.16 -25.07 -42.36
N ILE B 401 -13.29 -25.86 -42.97
CA ILE B 401 -13.39 -26.18 -44.40
C ILE B 401 -14.22 -27.44 -44.64
N PHE B 402 -13.96 -28.47 -43.84
CA PHE B 402 -14.68 -29.77 -43.93
C PHE B 402 -14.41 -30.46 -45.27
N GLY B 403 -13.18 -30.30 -45.74
CA GLY B 403 -12.73 -30.93 -46.99
C GLY B 403 -11.27 -31.30 -46.89
N PRO B 404 -10.75 -31.98 -47.92
CA PRO B 404 -9.39 -32.44 -47.88
C PRO B 404 -8.43 -31.33 -48.22
N VAL B 405 -8.29 -30.42 -47.26
CA VAL B 405 -7.48 -29.22 -47.43
C VAL B 405 -6.64 -29.02 -46.17
N GLN B 406 -5.34 -29.13 -46.33
CA GLN B 406 -4.38 -29.00 -45.25
C GLN B 406 -3.70 -27.66 -45.28
N GLN B 407 -3.64 -27.02 -44.09
CA GLN B 407 -2.92 -25.78 -43.89
C GLN B 407 -1.68 -26.00 -43.06
N ILE B 408 -0.53 -25.56 -43.58
CA ILE B 408 0.72 -25.64 -42.85
C ILE B 408 1.34 -24.26 -42.66
N MET B 409 1.76 -24.00 -41.43
CA MET B 409 2.26 -22.70 -40.97
C MET B 409 3.52 -22.88 -40.16
N LYS B 410 4.34 -21.84 -40.05
CA LYS B 410 5.58 -21.92 -39.29
C LYS B 410 5.48 -21.09 -38.01
N PHE B 411 6.29 -21.45 -37.02
CA PHE B 411 6.45 -20.60 -35.83
C PHE B 411 7.89 -20.69 -35.40
N LYS B 412 8.32 -19.72 -34.61
CA LYS B 412 9.62 -19.80 -33.93
C LYS B 412 9.43 -19.76 -32.42
N SER B 413 8.50 -18.96 -31.94
CA SER B 413 8.30 -18.81 -30.49
C SER B 413 7.17 -19.73 -30.00
N LEU B 414 7.51 -20.63 -29.10
CA LEU B 414 6.51 -21.53 -28.49
C LEU B 414 5.41 -20.77 -27.75
N ASP B 415 5.77 -19.78 -26.94
CA ASP B 415 4.77 -18.96 -26.25
C ASP B 415 3.82 -18.32 -27.23
N ASP B 416 4.35 -17.76 -28.31
CA ASP B 416 3.50 -17.12 -29.29
C ASP B 416 2.59 -18.11 -30.01
N VAL B 417 3.09 -19.30 -30.31
CA VAL B 417 2.30 -20.23 -31.12
C VAL B 417 1.14 -20.79 -30.32
N ILE B 418 1.32 -20.91 -29.01
CA ILE B 418 0.24 -21.33 -28.11
C ILE B 418 -0.87 -20.29 -28.17
N LYS B 419 -0.51 -19.01 -28.11
CA LYS B 419 -1.48 -17.93 -28.26
C LYS B 419 -2.21 -17.99 -29.59
N ARG B 420 -1.47 -18.23 -30.67
CA ARG B 420 -2.05 -18.35 -32.00
C ARG B 420 -2.98 -19.58 -32.08
N ALA B 421 -2.56 -20.69 -31.50
CA ALA B 421 -3.39 -21.90 -31.47
C ALA B 421 -4.71 -21.64 -30.73
N ASN B 422 -4.63 -20.88 -29.65
CA ASN B 422 -5.82 -20.58 -28.81
C ASN B 422 -6.67 -19.43 -29.33
N ASN B 423 -6.16 -18.69 -30.31
CA ASN B 423 -6.83 -17.47 -30.77
C ASN B 423 -7.91 -17.81 -31.78
N THR B 424 -9.00 -18.33 -31.27
CA THR B 424 -10.10 -18.80 -32.07
C THR B 424 -11.28 -18.96 -31.13
N PHE B 425 -12.49 -18.89 -31.65
CA PHE B 425 -13.67 -19.20 -30.82
C PHE B 425 -13.87 -20.70 -30.68
N TYR B 426 -13.17 -21.45 -31.52
CA TYR B 426 -13.28 -22.90 -31.53
C TYR B 426 -12.37 -23.50 -30.43
N GLY B 427 -12.52 -24.79 -30.16
CA GLY B 427 -11.73 -25.45 -29.12
C GLY B 427 -12.04 -26.91 -28.96
N LEU B 428 -12.23 -27.60 -30.09
CA LEU B 428 -12.63 -29.01 -30.02
C LEU B 428 -11.46 -29.92 -29.64
N SER B 429 -10.34 -29.73 -30.31
CA SER B 429 -9.19 -30.60 -30.13
C SER B 429 -7.90 -29.93 -30.58
N ALA B 430 -6.80 -30.61 -30.30
CA ALA B 430 -5.49 -30.15 -30.69
C ALA B 430 -4.52 -31.29 -30.63
N GLY B 431 -3.38 -31.10 -31.28
CA GLY B 431 -2.31 -32.07 -31.27
C GLY B 431 -0.98 -31.43 -30.91
N VAL B 432 -0.16 -32.18 -30.16
CA VAL B 432 1.14 -31.72 -29.74
C VAL B 432 2.13 -32.83 -30.10
N PHE B 433 3.22 -32.46 -30.80
CA PHE B 433 4.21 -33.42 -31.25
C PHE B 433 5.59 -33.04 -30.75
N THR B 434 6.10 -33.85 -29.82
CA THR B 434 7.35 -33.59 -29.14
C THR B 434 7.75 -34.87 -28.42
N LYS B 435 9.06 -35.06 -28.19
CA LYS B 435 9.54 -36.17 -27.37
C LYS B 435 9.76 -35.79 -25.91
N ASP B 436 9.69 -34.49 -25.62
CA ASP B 436 9.98 -33.95 -24.29
C ASP B 436 8.78 -33.96 -23.31
N ILE B 437 9.01 -34.58 -22.16
CA ILE B 437 7.96 -34.78 -21.16
C ILE B 437 7.35 -33.46 -20.72
N ASP B 438 8.23 -32.53 -20.37
CA ASP B 438 7.77 -31.28 -19.82
C ASP B 438 6.94 -30.50 -20.83
N LYS B 439 7.44 -30.43 -22.06
CA LYS B 439 6.71 -29.75 -23.14
C LYS B 439 5.34 -30.39 -23.39
N ALA B 440 5.28 -31.71 -23.43
CA ALA B 440 4.05 -32.41 -23.68
C ALA B 440 3.00 -32.05 -22.62
N ILE B 441 3.41 -32.04 -21.34
CA ILE B 441 2.50 -31.77 -20.25
C ILE B 441 2.10 -30.29 -20.20
N THR B 442 3.07 -29.40 -20.29
CA THR B 442 2.76 -27.97 -20.15
C THR B 442 2.01 -27.38 -21.38
N ILE B 443 2.33 -27.86 -22.57
CA ILE B 443 1.62 -27.40 -23.77
C ILE B 443 0.16 -27.91 -23.76
N SER B 444 -0.01 -29.21 -23.50
CA SER B 444 -1.34 -29.80 -23.45
C SER B 444 -2.24 -29.13 -22.36
N SER B 445 -1.65 -28.74 -21.23
CA SER B 445 -2.34 -27.97 -20.21
C SER B 445 -2.77 -26.57 -20.63
N ALA B 446 -1.94 -25.92 -21.45
CA ALA B 446 -2.17 -24.56 -21.90
C ALA B 446 -3.16 -24.43 -23.04
N LEU B 447 -3.35 -25.51 -23.79
CA LEU B 447 -4.20 -25.46 -24.98
C LEU B 447 -5.67 -25.47 -24.58
N GLN B 448 -6.46 -24.58 -25.17
CA GLN B 448 -7.88 -24.49 -24.86
C GLN B 448 -8.66 -25.42 -25.81
N ALA B 449 -8.57 -26.71 -25.52
CA ALA B 449 -9.16 -27.73 -26.38
C ALA B 449 -9.62 -28.91 -25.54
N GLY B 450 -10.72 -29.50 -25.97
CA GLY B 450 -11.36 -30.57 -25.20
C GLY B 450 -10.59 -31.86 -25.17
N THR B 451 -10.00 -32.21 -26.31
CA THR B 451 -9.09 -33.32 -26.38
C THR B 451 -7.76 -32.86 -26.93
N VAL B 452 -6.67 -33.20 -26.23
CA VAL B 452 -5.34 -32.90 -26.72
C VAL B 452 -4.62 -34.21 -26.91
N TRP B 453 -4.20 -34.48 -28.14
CA TRP B 453 -3.41 -35.66 -28.50
C TRP B 453 -1.93 -35.35 -28.47
N VAL B 454 -1.13 -36.26 -27.92
CA VAL B 454 0.29 -36.09 -27.85
C VAL B 454 0.96 -37.17 -28.69
N ASN B 455 1.70 -36.74 -29.72
CA ASN B 455 2.33 -37.65 -30.68
C ASN B 455 1.37 -38.58 -31.41
N CYS B 456 0.12 -38.17 -31.50
CA CYS B 456 -0.85 -38.87 -32.28
C CYS B 456 -1.92 -37.88 -32.62
N TYR B 457 -2.95 -38.32 -33.31
CA TYR B 457 -4.07 -37.44 -33.63
C TYR B 457 -5.30 -38.28 -33.96
N GLY B 458 -6.45 -37.79 -33.56
CA GLY B 458 -7.73 -38.40 -33.93
C GLY B 458 -8.05 -39.70 -33.24
N VAL B 459 -7.45 -39.92 -32.08
CA VAL B 459 -7.62 -41.16 -31.33
C VAL B 459 -8.81 -40.98 -30.42
N VAL B 460 -9.92 -41.59 -30.80
CA VAL B 460 -11.20 -41.42 -30.12
C VAL B 460 -11.67 -42.78 -29.69
N SER B 461 -12.20 -42.88 -28.48
CA SER B 461 -12.65 -44.15 -27.96
C SER B 461 -13.83 -43.94 -27.03
N ALA B 462 -14.63 -45.00 -26.88
CA ALA B 462 -15.83 -44.92 -26.07
C ALA B 462 -15.52 -44.70 -24.57
N GLN B 463 -14.34 -45.13 -24.18
CA GLN B 463 -13.86 -45.01 -22.82
C GLN B 463 -13.54 -43.59 -22.39
N CYS B 464 -13.31 -42.68 -23.32
CA CYS B 464 -12.90 -41.30 -22.93
C CYS B 464 -13.93 -40.26 -23.27
N PRO B 465 -14.11 -39.29 -22.37
CA PRO B 465 -14.97 -38.21 -22.71
C PRO B 465 -14.45 -37.38 -23.90
N PHE B 466 -15.39 -36.86 -24.67
CA PHE B 466 -15.10 -36.09 -25.88
C PHE B 466 -16.05 -34.89 -25.97
N GLY B 467 -15.50 -33.74 -26.29
CA GLY B 467 -16.32 -32.54 -26.48
C GLY B 467 -15.47 -31.30 -26.54
N GLY B 468 -16.11 -30.17 -26.77
CA GLY B 468 -15.40 -28.93 -27.04
C GLY B 468 -15.27 -27.95 -25.88
N PHE B 469 -14.19 -27.20 -25.92
CA PHE B 469 -14.11 -25.92 -25.22
C PHE B 469 -14.77 -24.83 -26.07
N LYS B 470 -15.12 -23.73 -25.41
CA LYS B 470 -15.63 -22.53 -26.08
C LYS B 470 -16.77 -22.84 -27.03
N MET B 471 -16.72 -22.35 -28.27
CA MET B 471 -17.84 -22.51 -29.18
C MET B 471 -17.80 -23.81 -29.98
N SER B 472 -16.90 -24.72 -29.62
CA SER B 472 -16.91 -26.07 -30.21
C SER B 472 -17.87 -27.00 -29.50
N GLY B 473 -18.45 -26.56 -28.39
CA GLY B 473 -19.40 -27.43 -27.71
C GLY B 473 -19.83 -27.03 -26.31
N ASN B 474 -20.87 -27.72 -25.85
CA ASN B 474 -21.35 -27.69 -24.44
C ASN B 474 -21.45 -29.14 -24.00
N GLY B 475 -20.76 -29.51 -22.92
CA GLY B 475 -20.87 -30.88 -22.39
C GLY B 475 -19.88 -31.84 -23.01
N ARG B 476 -19.92 -33.07 -22.51
CA ARG B 476 -19.06 -34.14 -22.98
C ARG B 476 -19.86 -35.37 -23.32
N GLU B 477 -19.36 -36.09 -24.31
CA GLU B 477 -19.96 -37.36 -24.70
C GLU B 477 -19.01 -38.50 -24.38
N LEU B 478 -19.60 -39.60 -23.92
CA LEU B 478 -18.92 -40.88 -23.66
C LEU B 478 -17.96 -40.84 -22.48
N GLY B 479 -17.30 -41.96 -22.23
CA GLY B 479 -16.55 -42.15 -21.02
C GLY B 479 -17.50 -42.12 -19.83
N GLU B 480 -16.96 -42.24 -18.63
CA GLU B 480 -17.74 -42.10 -17.40
C GLU B 480 -18.42 -40.74 -17.35
N TYR B 481 -17.68 -39.70 -17.71
CA TYR B 481 -18.15 -38.32 -17.53
C TYR B 481 -19.34 -37.99 -18.41
N GLY B 482 -19.34 -38.50 -19.63
CA GLY B 482 -20.41 -38.29 -20.59
C GLY B 482 -21.75 -38.82 -20.15
N PHE B 483 -21.72 -39.89 -19.37
CA PHE B 483 -22.97 -40.45 -18.84
C PHE B 483 -23.74 -39.49 -17.95
N HIS B 484 -23.04 -38.57 -17.27
CA HIS B 484 -23.67 -37.60 -16.40
C HIS B 484 -24.71 -36.78 -17.11
N GLU B 485 -24.45 -36.47 -18.35
CA GLU B 485 -25.31 -35.61 -19.11
C GLU B 485 -26.61 -36.28 -19.54
N TYR B 486 -26.75 -37.57 -19.31
CA TYR B 486 -28.00 -38.28 -19.57
C TYR B 486 -28.73 -38.69 -18.28
N THR B 487 -28.29 -38.12 -17.15
CA THR B 487 -28.98 -38.32 -15.89
C THR B 487 -29.41 -36.99 -15.31
N GLU B 488 -30.46 -37.06 -14.52
CA GLU B 488 -30.99 -35.96 -13.74
C GLU B 488 -30.90 -36.38 -12.27
N VAL B 489 -30.21 -35.58 -11.47
CA VAL B 489 -29.96 -35.91 -10.11
C VAL B 489 -31.13 -35.50 -9.22
N LYS B 490 -31.63 -36.47 -8.45
CA LYS B 490 -32.64 -36.24 -7.41
C LYS B 490 -32.04 -36.51 -6.01
N THR B 491 -32.14 -35.52 -5.13
CA THR B 491 -31.71 -35.65 -3.77
C THR B 491 -32.94 -36.01 -2.94
N VAL B 492 -32.82 -37.09 -2.16
CA VAL B 492 -33.87 -37.47 -1.24
C VAL B 492 -33.32 -37.37 0.19
N THR B 493 -34.01 -36.58 1.00
CA THR B 493 -33.58 -36.29 2.35
C THR B 493 -34.70 -36.64 3.33
N VAL B 494 -34.38 -37.58 4.21
CA VAL B 494 -35.36 -38.23 5.08
C VAL B 494 -35.04 -37.85 6.53
N LYS B 495 -36.04 -37.33 7.22
CA LYS B 495 -35.87 -37.04 8.64
C LYS B 495 -35.76 -38.31 9.43
N ILE B 496 -34.78 -38.38 10.32
CA ILE B 496 -34.64 -39.52 11.22
C ILE B 496 -34.45 -39.05 12.67
N SER B 497 -34.71 -39.93 13.61
CA SER B 497 -34.66 -39.57 15.03
C SER B 497 -33.24 -39.30 15.49
N GLN B 498 -32.29 -40.11 15.04
CA GLN B 498 -30.87 -39.83 15.32
C GLN B 498 -29.98 -40.52 14.28
N LYS B 499 -28.96 -39.82 13.82
CA LYS B 499 -28.01 -40.40 12.89
C LYS B 499 -26.75 -40.84 13.63
N ASN B 500 -26.10 -41.84 13.07
CA ASN B 500 -24.77 -42.24 13.50
C ASN B 500 -23.87 -42.41 12.29
N SER B 501 -22.63 -42.02 12.46
CA SER B 501 -21.63 -42.09 11.40
C SER B 501 -21.54 -43.54 10.88
N LEU C 9 13.95 -18.24 9.74
CA LEU C 9 13.73 -19.45 10.57
C LEU C 9 13.63 -18.98 11.99
N PRO C 10 12.39 -18.74 12.44
CA PRO C 10 12.27 -18.37 13.83
C PRO C 10 12.65 -19.54 14.74
N VAL C 11 13.05 -19.20 15.95
CA VAL C 11 13.45 -20.16 16.93
C VAL C 11 12.69 -19.89 18.21
N LEU C 12 12.72 -20.88 19.09
CA LEU C 12 12.10 -20.77 20.39
C LEU C 12 12.99 -19.88 21.24
N LEU C 13 12.41 -18.82 21.79
CA LEU C 13 13.18 -17.80 22.52
C LEU C 13 13.49 -18.21 23.95
N THR C 14 12.68 -19.12 24.46
CA THR C 14 12.82 -19.67 25.80
C THR C 14 13.28 -21.13 25.74
N ASP C 15 13.84 -21.64 26.84
CA ASP C 15 14.25 -23.05 26.90
C ASP C 15 13.03 -23.97 26.89
N LEU C 16 13.10 -25.03 26.11
CA LEU C 16 12.02 -26.01 26.02
C LEU C 16 11.82 -26.68 27.37
N LYS C 17 10.63 -26.60 27.92
CA LYS C 17 10.33 -27.33 29.15
C LYS C 17 9.42 -28.50 28.81
N ILE C 18 9.86 -29.71 29.16
CA ILE C 18 9.06 -30.88 28.91
C ILE C 18 7.98 -30.97 29.99
N GLN C 19 6.73 -30.97 29.55
CA GLN C 19 5.58 -30.97 30.44
C GLN C 19 4.77 -32.27 30.38
N TYR C 20 4.59 -32.83 29.18
CA TYR C 20 3.70 -33.99 29.04
C TYR C 20 4.51 -35.26 28.89
N THR C 21 4.38 -36.13 29.89
CA THR C 21 5.13 -37.37 29.96
C THR C 21 4.28 -38.61 30.32
N LYS C 22 2.97 -38.45 30.40
CA LYS C 22 2.10 -39.52 30.86
C LYS C 22 1.24 -40.15 29.76
N ILE C 23 0.56 -41.22 30.12
CA ILE C 23 -0.38 -41.90 29.24
C ILE C 23 -1.66 -41.07 29.15
N PHE C 24 -2.18 -40.91 27.95
CA PHE C 24 -3.33 -40.02 27.67
C PHE C 24 -4.51 -40.89 27.31
N ILE C 25 -5.46 -40.99 28.23
CA ILE C 25 -6.69 -41.76 28.04
C ILE C 25 -7.87 -40.94 28.54
N ASN C 26 -8.94 -40.87 27.74
CA ASN C 26 -10.15 -40.11 28.11
C ASN C 26 -9.85 -38.69 28.46
N ASN C 27 -8.96 -38.09 27.69
CA ASN C 27 -8.54 -36.72 27.87
C ASN C 27 -7.99 -36.43 29.26
N GLU C 28 -7.43 -37.46 29.89
CA GLU C 28 -6.78 -37.33 31.19
C GLU C 28 -5.43 -37.95 31.13
N TRP C 29 -4.55 -37.51 32.04
CA TRP C 29 -3.20 -38.02 32.11
C TRP C 29 -3.10 -39.11 33.17
N HIS C 30 -2.53 -40.25 32.81
CA HIS C 30 -2.50 -41.41 33.67
C HIS C 30 -1.07 -41.84 33.88
N ASP C 31 -0.76 -42.27 35.11
CA ASP C 31 0.47 -43.04 35.34
C ASP C 31 0.31 -44.43 34.75
N SER C 32 1.41 -45.07 34.46
CA SER C 32 1.37 -46.46 33.99
C SER C 32 0.78 -47.31 35.09
N VAL C 33 0.08 -48.37 34.73
CA VAL C 33 -0.47 -49.28 35.72
C VAL C 33 0.62 -49.88 36.61
N SER C 34 1.73 -50.30 35.99
CA SER C 34 2.85 -50.90 36.70
C SER C 34 3.63 -49.88 37.57
N GLY C 35 3.56 -48.59 37.25
CA GLY C 35 4.34 -47.57 37.92
C GLY C 35 5.67 -47.33 37.22
N LYS C 36 6.03 -48.20 36.29
CA LYS C 36 7.31 -48.07 35.60
C LYS C 36 7.34 -46.89 34.63
N LYS C 37 8.53 -46.34 34.46
CA LYS C 37 8.80 -45.26 33.51
C LYS C 37 10.00 -45.64 32.67
N PHE C 38 10.17 -45.00 31.51
CA PHE C 38 11.36 -45.21 30.69
C PHE C 38 12.01 -43.90 30.28
N PRO C 39 13.34 -43.91 30.13
CA PRO C 39 14.03 -42.71 29.75
C PRO C 39 13.95 -42.42 28.25
N VAL C 40 13.96 -41.15 27.93
CA VAL C 40 13.96 -40.64 26.58
C VAL C 40 15.20 -39.75 26.42
N PHE C 41 15.88 -39.86 25.29
CA PHE C 41 17.22 -39.26 25.11
C PHE C 41 17.29 -38.30 23.93
N ASN C 42 18.28 -37.42 24.01
CA ASN C 42 18.70 -36.59 22.87
C ASN C 42 19.79 -37.38 22.15
N PRO C 43 19.51 -37.85 20.92
CA PRO C 43 20.53 -38.65 20.22
C PRO C 43 21.81 -37.91 19.79
N ALA C 44 21.79 -36.58 19.78
CA ALA C 44 22.96 -35.81 19.41
C ALA C 44 23.97 -35.74 20.57
N THR C 45 23.45 -35.78 21.79
CA THR C 45 24.25 -35.54 23.00
C THR C 45 24.29 -36.72 23.95
N GLU C 46 23.39 -37.67 23.75
CA GLU C 46 23.18 -38.83 24.64
C GLU C 46 22.64 -38.46 26.01
N GLU C 47 22.25 -37.21 26.22
CA GLU C 47 21.69 -36.81 27.49
C GLU C 47 20.20 -37.26 27.62
N GLU C 48 19.82 -37.61 28.84
CA GLU C 48 18.44 -38.00 29.15
C GLU C 48 17.58 -36.76 29.24
N LEU C 49 16.51 -36.70 28.47
CA LEU C 49 15.62 -35.53 28.47
C LEU C 49 14.57 -35.61 29.60
N CYS C 50 14.06 -36.79 29.84
CA CYS C 50 13.01 -37.00 30.84
C CYS C 50 12.72 -38.49 30.96
N GLN C 51 11.80 -38.81 31.83
CA GLN C 51 11.23 -40.12 31.96
C GLN C 51 9.75 -40.07 31.55
N VAL C 52 9.29 -41.12 30.87
CA VAL C 52 7.93 -41.18 30.37
C VAL C 52 7.27 -42.43 30.93
N GLU C 53 5.97 -42.34 31.21
CA GLU C 53 5.24 -43.50 31.72
C GLU C 53 5.33 -44.66 30.73
N GLU C 54 5.66 -45.85 31.24
CA GLU C 54 5.85 -46.99 30.39
C GLU C 54 4.56 -47.80 30.26
N GLY C 55 3.84 -47.58 29.17
CA GLY C 55 2.61 -48.30 28.93
C GLY C 55 2.91 -49.73 28.53
N ASP C 56 2.02 -50.62 28.94
CA ASP C 56 2.08 -52.05 28.64
C ASP C 56 0.65 -52.52 28.36
N LYS C 57 0.45 -53.82 28.38
CA LYS C 57 -0.85 -54.43 28.08
C LYS C 57 -2.01 -53.84 28.86
N GLU C 58 -1.80 -53.64 30.15
CA GLU C 58 -2.87 -53.17 31.02
C GLU C 58 -3.29 -51.72 30.63
N ASP C 59 -2.32 -50.92 30.24
CA ASP C 59 -2.58 -49.54 29.84
C ASP C 59 -3.27 -49.50 28.46
N VAL C 60 -2.81 -50.34 27.57
CA VAL C 60 -3.50 -50.55 26.29
C VAL C 60 -4.98 -50.93 26.52
N ASP C 61 -5.22 -51.85 27.44
CA ASP C 61 -6.60 -52.29 27.74
C ASP C 61 -7.50 -51.15 28.21
N LYS C 62 -6.95 -50.28 29.03
CA LYS C 62 -7.70 -49.10 29.49
C LYS C 62 -8.02 -48.19 28.29
N ALA C 63 -7.03 -48.01 27.43
CA ALA C 63 -7.17 -47.09 26.28
C ALA C 63 -8.22 -47.63 25.33
N VAL C 64 -8.21 -48.94 25.12
CA VAL C 64 -9.14 -49.55 24.21
C VAL C 64 -10.59 -49.42 24.75
N LYS C 65 -10.75 -49.63 26.06
CA LYS C 65 -12.07 -49.45 26.66
C LYS C 65 -12.59 -48.04 26.50
N ALA C 66 -11.70 -47.07 26.67
CA ALA C 66 -12.06 -45.68 26.46
C ALA C 66 -12.44 -45.41 24.99
N ALA C 67 -11.66 -45.95 24.07
CA ALA C 67 -11.93 -45.77 22.65
C ALA C 67 -13.25 -46.43 22.22
N ARG C 68 -13.51 -47.61 22.78
CA ARG C 68 -14.72 -48.37 22.50
C ARG C 68 -15.94 -47.59 22.99
N GLN C 69 -15.86 -47.07 24.20
CA GLN C 69 -16.96 -46.31 24.77
C GLN C 69 -17.26 -45.05 23.93
N ALA C 70 -16.22 -44.37 23.48
CA ALA C 70 -16.39 -43.17 22.67
C ALA C 70 -16.99 -43.45 21.28
N PHE C 71 -16.84 -44.68 20.83
CA PHE C 71 -17.37 -45.12 19.55
C PHE C 71 -18.83 -45.64 19.60
N GLN C 72 -19.40 -45.76 20.78
CA GLN C 72 -20.74 -46.34 20.94
C GLN C 72 -21.79 -45.53 20.19
N ILE C 73 -22.68 -46.26 19.53
CA ILE C 73 -23.85 -45.69 18.92
C ILE C 73 -24.47 -44.72 19.90
N GLY C 74 -24.80 -43.54 19.44
CA GLY C 74 -25.41 -42.53 20.30
C GLY C 74 -24.45 -41.61 21.03
N SER C 75 -23.15 -41.91 20.97
CA SER C 75 -22.14 -41.06 21.61
C SER C 75 -21.96 -39.75 20.84
N PRO C 76 -21.36 -38.73 21.49
CA PRO C 76 -21.07 -37.50 20.80
C PRO C 76 -20.26 -37.69 19.50
N TRP C 77 -19.25 -38.54 19.53
CA TRP C 77 -18.40 -38.72 18.36
C TRP C 77 -19.10 -39.40 17.21
N ARG C 78 -20.02 -40.33 17.51
CA ARG C 78 -20.79 -40.98 16.48
C ARG C 78 -21.93 -40.12 15.90
N THR C 79 -22.47 -39.23 16.72
CA THR C 79 -23.69 -38.50 16.35
C THR C 79 -23.42 -37.12 15.82
N MET C 80 -22.24 -36.59 16.09
CA MET C 80 -21.96 -35.24 15.62
C MET C 80 -21.91 -35.21 14.09
N ASP C 81 -22.16 -34.04 13.54
CA ASP C 81 -22.07 -33.83 12.11
C ASP C 81 -20.66 -34.20 11.61
N ALA C 82 -20.60 -34.84 10.44
CA ALA C 82 -19.32 -35.12 9.82
C ALA C 82 -18.52 -33.82 9.65
N SER C 83 -19.20 -32.73 9.27
CA SER C 83 -18.55 -31.41 9.13
C SER C 83 -17.92 -30.94 10.44
N GLU C 84 -18.50 -31.33 11.57
CA GLU C 84 -17.95 -30.96 12.90
C GLU C 84 -16.68 -31.79 13.25
N ARG C 85 -16.62 -33.05 12.82
CA ARG C 85 -15.37 -33.83 12.94
C ARG C 85 -14.27 -33.06 12.16
N GLY C 86 -14.64 -32.62 10.97
CA GLY C 86 -13.76 -31.82 10.14
C GLY C 86 -13.29 -30.55 10.82
N ARG C 87 -14.23 -29.82 11.39
CA ARG C 87 -13.91 -28.62 12.16
C ARG C 87 -12.92 -28.84 13.33
N LEU C 88 -13.13 -29.93 14.06
CA LEU C 88 -12.22 -30.29 15.14
C LEU C 88 -10.80 -30.53 14.63
N LEU C 89 -10.70 -31.23 13.50
CA LEU C 89 -9.39 -31.46 12.85
C LEU C 89 -8.75 -30.17 12.36
N TYR C 90 -9.54 -29.28 11.76
CA TYR C 90 -9.03 -27.94 11.39
CA TYR C 90 -9.10 -27.95 11.39
C TYR C 90 -8.55 -27.16 12.61
N LYS C 91 -9.31 -27.23 13.70
CA LYS C 91 -8.92 -26.55 14.92
C LYS C 91 -7.58 -27.10 15.45
N LEU C 92 -7.44 -28.42 15.39
CA LEU C 92 -6.21 -29.06 15.85
C LEU C 92 -5.06 -28.54 15.00
N ALA C 93 -5.27 -28.42 13.68
CA ALA C 93 -4.21 -27.91 12.81
C ALA C 93 -3.78 -26.48 13.22
N ASP C 94 -4.77 -25.63 13.54
CA ASP C 94 -4.51 -24.28 14.05
C ASP C 94 -3.68 -24.25 15.34
N LEU C 95 -3.95 -25.18 16.23
CA LEU C 95 -3.26 -25.28 17.51
C LEU C 95 -1.82 -25.75 17.34
N ILE C 96 -1.62 -26.68 16.43
CA ILE C 96 -0.26 -27.13 16.09
C ILE C 96 0.53 -25.97 15.46
N GLU C 97 -0.14 -25.20 14.60
CA GLU C 97 0.47 -24.02 14.01
C GLU C 97 0.84 -23.00 15.10
N ARG C 98 -0.07 -22.73 16.03
CA ARG C 98 0.27 -21.89 17.19
C ARG C 98 1.52 -22.37 17.95
N ASP C 99 1.63 -23.68 18.15
CA ASP C 99 2.74 -24.26 18.92
C ASP C 99 3.89 -24.77 18.04
N ARG C 100 4.03 -24.19 16.85
CA ARG C 100 4.95 -24.69 15.86
C ARG C 100 6.41 -24.67 16.33
N LEU C 101 6.81 -23.59 17.00
CA LEU C 101 8.21 -23.42 17.47
C LEU C 101 8.57 -24.47 18.51
N LEU C 102 7.68 -24.63 19.47
CA LEU C 102 7.79 -25.57 20.54
C LEU C 102 7.90 -26.99 19.99
N LEU C 103 6.95 -27.33 19.11
CA LEU C 103 6.91 -28.68 18.53
C LEU C 103 8.13 -29.00 17.64
N ALA C 104 8.51 -28.04 16.81
CA ALA C 104 9.70 -28.21 15.97
C ALA C 104 10.96 -28.41 16.83
N THR C 105 11.05 -27.64 17.89
CA THR C 105 12.21 -27.71 18.79
C THR C 105 12.27 -29.07 19.48
N MET C 106 11.11 -29.48 20.00
CA MET C 106 10.99 -30.76 20.69
C MET C 106 11.28 -31.90 19.73
N GLU C 107 10.73 -31.82 18.52
CA GLU C 107 10.94 -32.84 17.53
C GLU C 107 12.44 -32.97 17.19
N SER C 108 13.09 -31.83 17.05
CA SER C 108 14.52 -31.79 16.74
C SER C 108 15.39 -32.39 17.85
N MET C 109 15.10 -31.97 19.07
CA MET C 109 15.85 -32.40 20.26
C MET C 109 15.74 -33.89 20.53
N ASN C 110 14.51 -34.39 20.47
CA ASN C 110 14.22 -35.78 20.76
C ASN C 110 14.53 -36.71 19.58
N GLY C 111 14.30 -36.22 18.36
CA GLY C 111 14.42 -37.05 17.17
C GLY C 111 15.75 -37.01 16.41
N GLY C 112 16.65 -36.13 16.84
CA GLY C 112 17.92 -35.93 16.13
C GLY C 112 17.69 -35.34 14.75
N LYS C 113 16.67 -34.50 14.64
CA LYS C 113 16.22 -34.00 13.38
C LYS C 113 16.64 -32.56 13.21
N LEU C 114 17.24 -32.24 12.09
CA LEU C 114 17.64 -30.85 11.77
C LEU C 114 16.48 -29.90 12.01
N TYR C 115 16.73 -28.87 12.81
CA TYR C 115 15.69 -27.95 13.22
C TYR C 115 14.98 -27.30 12.01
N SER C 116 15.75 -26.84 11.03
CA SER C 116 15.17 -26.19 9.87
C SER C 116 14.19 -27.10 9.14
N ASN C 117 14.54 -28.37 9.02
CA ASN C 117 13.66 -29.38 8.43
C ASN C 117 12.45 -29.64 9.34
N ALA C 118 12.68 -29.73 10.63
CA ALA C 118 11.58 -29.91 11.58
C ALA C 118 10.55 -28.79 11.47
N TYR C 119 11.05 -27.55 11.42
CA TYR C 119 10.18 -26.38 11.38
C TYR C 119 9.53 -26.20 10.00
N LEU C 120 10.33 -26.25 8.94
CA LEU C 120 9.86 -25.96 7.59
C LEU C 120 9.16 -27.13 6.92
N ASN C 121 9.60 -28.36 7.19
CA ASN C 121 9.04 -29.50 6.49
C ASN C 121 8.08 -30.29 7.36
N ASP C 122 8.55 -30.85 8.47
CA ASP C 122 7.73 -31.72 9.31
C ASP C 122 6.50 -30.98 9.82
N LEU C 123 6.67 -29.81 10.44
CA LEU C 123 5.55 -29.12 11.02
C LEU C 123 4.58 -28.66 9.93
N ALA C 124 5.10 -28.13 8.84
CA ALA C 124 4.25 -27.72 7.73
C ALA C 124 3.47 -28.91 7.13
N GLY C 125 4.14 -30.04 6.98
CA GLY C 125 3.51 -31.28 6.50
C GLY C 125 2.38 -31.74 7.42
N CYS C 126 2.62 -31.62 8.73
CA CYS C 126 1.62 -31.93 9.73
C CYS C 126 0.37 -31.10 9.59
N ILE C 127 0.59 -29.79 9.54
CA ILE C 127 -0.50 -28.82 9.48
C ILE C 127 -1.30 -29.00 8.19
N LYS C 128 -0.61 -29.07 7.08
CA LYS C 128 -1.27 -29.26 5.78
C LYS C 128 -2.03 -30.58 5.69
N THR C 129 -1.44 -31.65 6.22
CA THR C 129 -2.08 -32.97 6.16
C THR C 129 -3.37 -32.97 6.97
N LEU C 130 -3.32 -32.38 8.15
CA LEU C 130 -4.50 -32.29 8.99
C LEU C 130 -5.59 -31.49 8.31
N ARG C 131 -5.23 -30.36 7.71
CA ARG C 131 -6.21 -29.54 7.00
C ARG C 131 -6.82 -30.27 5.79
N TYR C 132 -5.99 -31.03 5.10
CA TYR C 132 -6.49 -31.88 4.02
C TYR C 132 -7.53 -32.89 4.52
N CYS C 133 -7.18 -33.60 5.57
CA CYS C 133 -8.07 -34.63 6.14
C CYS C 133 -9.36 -34.05 6.66
N ALA C 134 -9.26 -32.89 7.29
CA ALA C 134 -10.44 -32.18 7.78
C ALA C 134 -11.47 -31.99 6.67
N GLY C 135 -10.99 -31.57 5.52
CA GLY C 135 -11.85 -31.35 4.34
C GLY C 135 -12.55 -32.59 3.82
N TRP C 136 -12.02 -33.79 4.06
CA TRP C 136 -12.73 -35.02 3.64
C TRP C 136 -13.91 -35.46 4.51
N ALA C 137 -13.96 -35.02 5.76
CA ALA C 137 -14.88 -35.59 6.73
C ALA C 137 -16.33 -35.66 6.23
N ASP C 138 -16.82 -34.58 5.65
CA ASP C 138 -18.22 -34.54 5.19
C ASP C 138 -18.36 -34.84 3.70
N LYS C 139 -17.30 -35.37 3.10
CA LYS C 139 -17.29 -35.73 1.69
C LYS C 139 -17.10 -37.22 1.49
N ILE C 140 -17.06 -37.97 2.59
CA ILE C 140 -17.01 -39.45 2.51
C ILE C 140 -18.43 -39.88 2.17
N GLN C 141 -18.64 -40.57 1.07
CA GLN C 141 -19.99 -40.91 0.64
C GLN C 141 -20.14 -42.38 0.19
N GLY C 142 -21.30 -42.96 0.44
CA GLY C 142 -21.60 -44.24 -0.09
C GLY C 142 -22.29 -44.12 -1.43
N ARG C 143 -23.02 -45.17 -1.79
CA ARG C 143 -23.61 -45.28 -3.11
C ARG C 143 -25.09 -45.68 -3.01
N THR C 144 -25.84 -45.31 -4.05
CA THR C 144 -27.15 -45.91 -4.29
C THR C 144 -26.98 -46.76 -5.53
N ILE C 145 -27.52 -47.97 -5.49
CA ILE C 145 -27.16 -49.02 -6.43
C ILE C 145 -28.39 -49.62 -7.11
N PRO C 146 -28.41 -49.64 -8.46
CA PRO C 146 -29.57 -50.16 -9.22
C PRO C 146 -29.59 -51.67 -9.33
N ILE C 147 -29.65 -52.31 -8.17
CA ILE C 147 -29.70 -53.78 -8.03
C ILE C 147 -30.86 -54.40 -8.82
N ASP C 148 -30.64 -55.62 -9.29
CA ASP C 148 -31.72 -56.40 -9.90
C ASP C 148 -32.84 -56.64 -8.89
N GLY C 149 -34.07 -56.69 -9.38
CA GLY C 149 -35.24 -56.92 -8.53
C GLY C 149 -35.86 -55.65 -7.93
N ASN C 150 -36.97 -55.84 -7.26
CA ASN C 150 -37.69 -54.73 -6.62
C ASN C 150 -37.13 -54.42 -5.22
N PHE C 151 -36.01 -53.72 -5.24
CA PHE C 151 -35.27 -53.37 -4.05
C PHE C 151 -34.72 -51.97 -4.18
N PHE C 152 -34.57 -51.31 -3.05
CA PHE C 152 -33.76 -50.12 -2.91
C PHE C 152 -32.49 -50.51 -2.14
N THR C 153 -31.32 -50.37 -2.79
CA THR C 153 -30.05 -50.67 -2.16
C THR C 153 -29.16 -49.43 -2.06
N TYR C 154 -28.62 -49.24 -0.87
CA TYR C 154 -27.61 -48.21 -0.62
C TYR C 154 -26.49 -48.71 0.27
N THR C 155 -25.38 -47.99 0.26
CA THR C 155 -24.25 -48.33 1.13
C THR C 155 -23.89 -47.17 2.02
N ARG C 156 -23.41 -47.54 3.21
CA ARG C 156 -22.88 -46.62 4.18
C ARG C 156 -21.39 -46.91 4.31
N HIS C 157 -20.57 -45.88 4.25
CA HIS C 157 -19.16 -46.00 4.49
C HIS C 157 -18.91 -45.56 5.92
N GLU C 158 -19.11 -46.50 6.83
CA GLU C 158 -19.04 -46.26 8.26
C GLU C 158 -17.58 -46.22 8.71
N PRO C 159 -17.30 -45.55 9.82
CA PRO C 159 -16.03 -45.81 10.45
C PRO C 159 -15.92 -47.29 10.88
N ILE C 160 -14.70 -47.79 10.94
CA ILE C 160 -14.46 -49.18 11.31
C ILE C 160 -14.63 -49.36 12.82
N GLY C 161 -14.10 -48.43 13.61
CA GLY C 161 -14.24 -48.53 15.07
C GLY C 161 -12.95 -48.13 15.74
N VAL C 162 -12.45 -49.01 16.61
CA VAL C 162 -11.23 -48.73 17.38
C VAL C 162 -10.00 -49.14 16.57
N CYS C 163 -9.19 -48.13 16.24
CA CYS C 163 -8.03 -48.31 15.42
C CYS C 163 -6.76 -48.13 16.26
N GLY C 164 -5.94 -49.19 16.32
CA GLY C 164 -4.67 -49.15 16.99
C GLY C 164 -3.64 -48.66 15.97
N GLN C 165 -2.86 -47.68 16.35
CA GLN C 165 -1.94 -47.03 15.42
C GLN C 165 -0.54 -46.97 16.02
N ILE C 166 0.39 -47.66 15.37
CA ILE C 166 1.76 -47.76 15.87
C ILE C 166 2.68 -46.94 14.97
N ILE C 167 3.37 -45.98 15.58
CA ILE C 167 4.07 -44.85 14.87
C ILE C 167 5.58 -45.03 14.99
N PRO C 168 6.34 -44.71 13.92
CA PRO C 168 7.80 -44.85 14.02
C PRO C 168 8.51 -43.61 14.56
N TRP C 169 9.81 -43.73 14.75
CA TRP C 169 10.67 -42.68 15.36
C TRP C 169 11.28 -41.71 14.37
N ASN C 170 11.22 -42.04 13.09
CA ASN C 170 11.87 -41.18 12.07
C ASN C 170 11.11 -39.88 11.72
N PHE C 171 9.80 -39.97 11.67
CA PHE C 171 8.94 -38.78 11.47
C PHE C 171 7.78 -38.82 12.47
N PRO C 172 8.08 -38.58 13.76
CA PRO C 172 7.09 -38.86 14.81
C PRO C 172 5.81 -38.05 14.66
N LEU C 173 5.94 -36.77 14.42
CA LEU C 173 4.81 -35.88 14.29
C LEU C 173 4.02 -36.09 13.00
N VAL C 174 4.73 -36.10 11.88
CA VAL C 174 4.12 -36.30 10.58
C VAL C 174 3.37 -37.64 10.55
N MET C 175 4.02 -38.69 11.05
CA MET C 175 3.42 -40.02 11.03
C MET C 175 2.23 -40.13 11.96
N LEU C 176 2.33 -39.44 13.10
CA LEU C 176 1.18 -39.32 13.99
C LEU C 176 -0.04 -38.76 13.21
N ILE C 177 0.15 -37.67 12.50
CA ILE C 177 -0.93 -37.01 11.76
C ILE C 177 -1.40 -37.83 10.59
N TRP C 178 -0.46 -38.44 9.87
CA TRP C 178 -0.78 -39.37 8.78
C TRP C 178 -1.72 -40.49 9.17
N LYS C 179 -1.63 -40.90 10.42
CA LYS C 179 -2.51 -41.93 11.00
C LYS C 179 -3.82 -41.35 11.53
N ILE C 180 -3.72 -40.40 12.46
CA ILE C 180 -4.93 -39.96 13.16
C ILE C 180 -5.82 -39.10 12.26
N GLY C 181 -5.22 -38.36 11.36
CA GLY C 181 -5.98 -37.50 10.46
C GLY C 181 -7.09 -38.22 9.69
N PRO C 182 -6.73 -39.20 8.90
CA PRO C 182 -7.74 -39.97 8.15
C PRO C 182 -8.65 -40.81 9.04
N ALA C 183 -8.08 -41.39 10.09
CA ALA C 183 -8.88 -42.21 11.02
C ALA C 183 -10.00 -41.40 11.65
N LEU C 184 -9.66 -40.24 12.16
CA LEU C 184 -10.62 -39.38 12.81
C LEU C 184 -11.58 -38.73 11.80
N SER C 185 -11.06 -38.33 10.64
CA SER C 185 -11.93 -37.73 9.61
C SER C 185 -13.07 -38.68 9.25
N CYS C 186 -12.76 -39.98 9.20
CA CYS C 186 -13.73 -41.04 8.90
C CYS C 186 -14.63 -41.40 10.05
N GLY C 187 -14.32 -40.91 11.26
CA GLY C 187 -15.16 -41.16 12.43
C GLY C 187 -14.74 -42.28 13.36
N ASN C 188 -13.52 -42.79 13.19
CA ASN C 188 -12.96 -43.82 14.07
C ASN C 188 -12.52 -43.23 15.39
N THR C 189 -12.25 -44.09 16.37
CA THR C 189 -11.52 -43.71 17.57
C THR C 189 -10.19 -44.45 17.55
N VAL C 190 -9.17 -43.87 18.20
CA VAL C 190 -7.83 -44.40 18.05
C VAL C 190 -7.10 -44.64 19.37
N VAL C 191 -6.25 -45.66 19.34
CA VAL C 191 -5.26 -45.91 20.39
C VAL C 191 -3.88 -45.88 19.73
N VAL C 192 -3.09 -44.86 20.07
CA VAL C 192 -1.83 -44.57 19.41
C VAL C 192 -0.64 -44.99 20.28
N LYS C 193 0.29 -45.74 19.70
CA LYS C 193 1.50 -46.10 20.39
C LYS C 193 2.70 -45.48 19.64
N PRO C 194 3.21 -44.35 20.15
CA PRO C 194 4.38 -43.75 19.52
C PRO C 194 5.63 -44.57 19.78
N ALA C 195 6.66 -44.26 19.02
CA ALA C 195 7.91 -45.00 19.15
C ALA C 195 8.52 -44.74 20.52
N GLU C 196 9.16 -45.78 21.08
CA GLU C 196 9.86 -45.66 22.40
C GLU C 196 10.86 -44.52 22.40
N GLN C 197 11.55 -44.33 21.28
CA GLN C 197 12.58 -43.27 21.18
C GLN C 197 12.00 -41.86 21.20
N THR C 198 10.79 -41.70 20.68
CA THR C 198 10.23 -40.38 20.39
C THR C 198 8.74 -40.20 20.75
N PRO C 199 8.39 -40.32 22.04
CA PRO C 199 6.98 -40.13 22.46
C PRO C 199 6.57 -38.69 22.73
N LEU C 200 7.53 -37.78 22.85
CA LEU C 200 7.24 -36.47 23.45
C LEU C 200 6.34 -35.56 22.60
N THR C 201 6.61 -35.45 21.30
CA THR C 201 5.77 -34.58 20.49
C THR C 201 4.30 -35.08 20.42
N ALA C 202 4.12 -36.39 20.37
CA ALA C 202 2.78 -36.98 20.37
C ALA C 202 2.01 -36.59 21.64
N LEU C 203 2.70 -36.63 22.78
CA LEU C 203 2.05 -36.27 24.06
C LEU C 203 1.72 -34.78 24.09
N HIS C 204 2.56 -33.92 23.53
CA HIS C 204 2.14 -32.54 23.41
C HIS C 204 0.89 -32.41 22.50
N VAL C 205 0.86 -33.13 21.38
CA VAL C 205 -0.31 -33.08 20.50
C VAL C 205 -1.57 -33.55 21.23
N ALA C 206 -1.43 -34.54 22.09
CA ALA C 206 -2.57 -34.97 22.89
C ALA C 206 -3.15 -33.84 23.72
N SER C 207 -2.28 -32.99 24.31
CA SER C 207 -2.77 -31.83 25.06
C SER C 207 -3.61 -30.94 24.17
N LEU C 208 -3.21 -30.82 22.90
CA LEU C 208 -3.92 -29.98 21.94
C LEU C 208 -5.24 -30.62 21.49
N ILE C 209 -5.27 -31.94 21.43
CA ILE C 209 -6.48 -32.68 21.10
C ILE C 209 -7.55 -32.37 22.15
N LYS C 210 -7.15 -32.39 23.42
CA LYS C 210 -8.04 -31.98 24.46
C LYS C 210 -8.49 -30.51 24.29
N GLU C 211 -7.51 -29.60 24.16
CA GLU C 211 -7.81 -28.20 23.99
C GLU C 211 -8.76 -27.96 22.79
N ALA C 212 -8.56 -28.68 21.68
CA ALA C 212 -9.43 -28.51 20.50
C ALA C 212 -10.89 -28.89 20.74
N GLY C 213 -11.12 -29.79 21.68
CA GLY C 213 -12.47 -30.16 22.05
C GLY C 213 -12.92 -31.50 21.55
N PHE C 214 -11.99 -32.39 21.18
CA PHE C 214 -12.38 -33.76 20.84
C PHE C 214 -12.98 -34.46 22.08
N PRO C 215 -14.07 -35.20 21.89
CA PRO C 215 -14.64 -35.88 23.05
C PRO C 215 -13.64 -36.85 23.68
N PRO C 216 -13.77 -37.09 24.99
CA PRO C 216 -12.89 -38.06 25.66
C PRO C 216 -12.96 -39.49 25.09
N GLY C 217 -11.79 -40.09 24.89
CA GLY C 217 -11.73 -41.46 24.39
C GLY C 217 -11.58 -41.56 22.88
N VAL C 218 -11.75 -40.45 22.17
CA VAL C 218 -11.63 -40.43 20.70
C VAL C 218 -10.17 -40.63 20.27
N VAL C 219 -9.26 -39.97 20.99
CA VAL C 219 -7.83 -40.19 20.85
C VAL C 219 -7.16 -40.52 22.19
N ASN C 220 -6.45 -41.64 22.19
CA ASN C 220 -5.73 -42.12 23.38
C ASN C 220 -4.31 -42.42 22.96
N ILE C 221 -3.35 -42.00 23.78
CA ILE C 221 -1.93 -42.22 23.47
C ILE C 221 -1.22 -42.96 24.58
N VAL C 222 -0.63 -44.10 24.22
CA VAL C 222 0.05 -44.99 25.14
C VAL C 222 1.52 -45.17 24.77
N PRO C 223 2.42 -44.39 25.37
CA PRO C 223 3.85 -44.62 25.14
C PRO C 223 4.29 -45.95 25.71
N GLY C 224 5.36 -46.50 25.16
CA GLY C 224 5.92 -47.76 25.62
C GLY C 224 6.72 -48.45 24.53
N TYR C 225 7.15 -49.67 24.84
CA TYR C 225 7.95 -50.46 23.90
C TYR C 225 7.09 -51.26 22.91
N GLY C 226 7.75 -51.70 21.84
CA GLY C 226 7.12 -52.49 20.76
C GLY C 226 6.59 -53.84 21.19
N PRO C 227 7.45 -54.67 21.81
CA PRO C 227 7.05 -56.03 22.16
C PRO C 227 6.05 -56.13 23.32
N THR C 228 5.82 -55.01 24.00
CA THR C 228 4.88 -54.94 25.09
C THR C 228 3.62 -54.22 24.67
N ALA C 229 3.67 -52.89 24.62
CA ALA C 229 2.49 -52.10 24.22
C ALA C 229 2.05 -52.34 22.76
N GLY C 230 3.01 -52.40 21.85
CA GLY C 230 2.71 -52.63 20.42
C GLY C 230 2.09 -53.99 20.19
N ALA C 231 2.67 -55.02 20.82
CA ALA C 231 2.13 -56.38 20.73
C ALA C 231 0.77 -56.50 21.35
N ALA C 232 0.55 -55.80 22.45
CA ALA C 232 -0.78 -55.79 23.06
C ALA C 232 -1.86 -55.21 22.11
N ILE C 233 -1.50 -54.19 21.35
CA ILE C 233 -2.42 -53.58 20.37
C ILE C 233 -2.73 -54.57 19.27
N SER C 234 -1.70 -55.25 18.77
CA SER C 234 -1.87 -56.08 17.63
C SER C 234 -2.66 -57.36 17.94
N SER C 235 -2.64 -57.80 19.21
CA SER C 235 -3.36 -59.01 19.59
C SER C 235 -4.65 -58.73 20.38
N HIS C 236 -5.02 -57.47 20.51
CA HIS C 236 -6.17 -57.12 21.30
C HIS C 236 -7.46 -57.58 20.66
N MET C 237 -8.35 -58.16 21.45
CA MET C 237 -9.59 -58.75 20.93
C MET C 237 -10.68 -57.71 20.61
N ASP C 238 -10.51 -56.49 21.08
CA ASP C 238 -11.51 -55.43 20.86
C ASP C 238 -10.99 -54.21 20.04
N ILE C 239 -9.84 -54.39 19.39
CA ILE C 239 -9.35 -53.45 18.43
C ILE C 239 -9.75 -53.93 17.05
N ASP C 240 -10.43 -53.08 16.30
CA ASP C 240 -10.98 -53.46 14.99
C ASP C 240 -9.95 -53.40 13.85
N LYS C 241 -8.96 -52.54 14.01
CA LYS C 241 -7.96 -52.33 12.98
C LYS C 241 -6.65 -51.91 13.61
N VAL C 242 -5.54 -52.42 13.03
CA VAL C 242 -4.21 -51.95 13.37
C VAL C 242 -3.48 -51.37 12.14
N ALA C 243 -2.86 -50.23 12.34
CA ALA C 243 -2.00 -49.58 11.30
C ALA C 243 -0.63 -49.45 11.90
N PHE C 244 0.36 -49.86 11.12
CA PHE C 244 1.73 -49.89 11.59
C PHE C 244 2.63 -49.38 10.47
N THR C 245 3.55 -48.48 10.85
CA THR C 245 4.69 -48.11 10.02
C THR C 245 5.96 -48.47 10.77
N GLY C 246 6.84 -49.21 10.09
CA GLY C 246 8.09 -49.63 10.66
C GLY C 246 8.74 -50.72 9.82
N SER C 247 9.51 -51.58 10.47
CA SER C 247 10.27 -52.58 9.73
C SER C 247 9.40 -53.72 9.20
N THR C 248 9.80 -54.27 8.08
CA THR C 248 9.09 -55.37 7.45
C THR C 248 8.98 -56.53 8.45
N GLU C 249 10.05 -56.79 9.19
CA GLU C 249 10.08 -57.89 10.17
C GLU C 249 8.97 -57.78 11.24
N VAL C 250 8.77 -56.58 11.75
CA VAL C 250 7.72 -56.37 12.75
C VAL C 250 6.33 -56.38 12.08
N GLY C 251 6.25 -55.84 10.88
CA GLY C 251 5.04 -55.90 10.04
C GLY C 251 4.49 -57.32 9.93
N LYS C 252 5.39 -58.27 9.67
CA LYS C 252 5.00 -59.67 9.59
C LYS C 252 4.40 -60.17 10.90
N LEU C 253 4.98 -59.77 12.03
CA LEU C 253 4.49 -60.18 13.34
C LEU C 253 3.14 -59.57 13.66
N ILE C 254 2.93 -58.34 13.21
CA ILE C 254 1.65 -57.66 13.44
C ILE C 254 0.54 -58.42 12.69
N LYS C 255 0.82 -58.72 11.43
CA LYS C 255 -0.16 -59.37 10.57
C LYS C 255 -0.49 -60.77 11.11
N GLU C 256 0.54 -61.48 11.54
CA GLU C 256 0.36 -62.77 12.20
C GLU C 256 -0.50 -62.71 13.47
N ALA C 257 -0.23 -61.72 14.33
CA ALA C 257 -1.01 -61.54 15.57
C ALA C 257 -2.47 -61.12 15.29
N ALA C 258 -2.67 -60.31 14.24
CA ALA C 258 -4.01 -59.98 13.78
C ALA C 258 -4.80 -61.22 13.40
N GLY C 259 -4.18 -62.11 12.64
CA GLY C 259 -4.81 -63.36 12.23
C GLY C 259 -5.12 -64.28 13.41
N LYS C 260 -4.20 -64.37 14.36
CA LYS C 260 -4.35 -65.23 15.50
C LYS C 260 -5.41 -64.78 16.51
N SER C 261 -5.65 -63.47 16.55
CA SER C 261 -6.46 -62.89 17.61
C SER C 261 -7.90 -62.75 17.17
N ASN C 262 -8.23 -61.62 16.53
CA ASN C 262 -9.62 -61.34 16.15
C ASN C 262 -9.81 -60.91 14.69
N LEU C 263 -8.83 -61.23 13.83
CA LEU C 263 -8.90 -60.95 12.39
C LEU C 263 -9.06 -59.45 12.11
N LYS C 264 -8.53 -58.64 13.01
CA LYS C 264 -8.55 -57.19 12.84
C LYS C 264 -7.96 -56.82 11.47
N ARG C 265 -8.49 -55.74 10.90
CA ARG C 265 -7.98 -55.22 9.65
C ARG C 265 -6.58 -54.70 9.87
N VAL C 266 -5.77 -54.75 8.83
CA VAL C 266 -4.35 -54.43 8.95
C VAL C 266 -3.91 -53.52 7.79
N THR C 267 -3.28 -52.39 8.11
CA THR C 267 -2.53 -51.67 7.09
C THR C 267 -1.09 -51.53 7.57
N LEU C 268 -0.17 -51.69 6.62
CA LEU C 268 1.26 -51.75 6.91
C LEU C 268 2.00 -50.88 5.92
N GLU C 269 2.94 -50.09 6.45
CA GLU C 269 3.88 -49.32 5.62
C GLU C 269 5.24 -49.70 6.14
N LEU C 270 6.02 -50.39 5.34
CA LEU C 270 7.18 -51.06 5.84
C LEU C 270 8.47 -50.55 5.19
N GLY C 271 9.51 -51.35 5.18
CA GLY C 271 10.74 -50.92 4.58
C GLY C 271 10.72 -50.84 3.06
N GLY C 272 11.85 -50.40 2.55
CA GLY C 272 12.09 -50.48 1.15
C GLY C 272 13.56 -50.64 0.82
N LYS C 273 13.77 -50.90 -0.46
CA LYS C 273 15.09 -50.81 -1.06
C LYS C 273 14.88 -50.20 -2.43
N SER C 274 14.42 -48.97 -2.40
CA SER C 274 13.84 -48.32 -3.57
C SER C 274 14.91 -47.97 -4.63
N PRO C 275 14.68 -48.35 -5.89
CA PRO C 275 15.61 -48.08 -6.94
C PRO C 275 15.31 -46.81 -7.72
N CYS C 276 16.36 -46.22 -8.24
CA CYS C 276 16.27 -45.19 -9.27
C CYS C 276 16.92 -45.72 -10.52
N ILE C 277 16.33 -45.36 -11.66
CA ILE C 277 16.87 -45.69 -12.97
C ILE C 277 17.13 -44.37 -13.70
N VAL C 278 18.40 -44.11 -13.96
CA VAL C 278 18.83 -42.86 -14.58
C VAL C 278 19.30 -43.14 -16.00
N LEU C 279 18.53 -42.65 -16.99
CA LEU C 279 18.83 -42.87 -18.39
C LEU C 279 19.83 -41.84 -18.90
N ALA C 280 20.48 -42.16 -20.02
CA ALA C 280 21.54 -41.33 -20.61
C ALA C 280 21.02 -39.95 -21.02
N ASP C 281 19.75 -39.84 -21.39
CA ASP C 281 19.20 -38.55 -21.75
C ASP C 281 18.71 -37.68 -20.56
N ALA C 282 18.89 -38.14 -19.33
CA ALA C 282 18.40 -37.40 -18.17
C ALA C 282 19.10 -36.07 -18.00
N ASP C 283 18.38 -35.10 -17.43
CA ASP C 283 19.00 -33.91 -16.85
C ASP C 283 19.88 -34.37 -15.67
N LEU C 284 21.19 -34.37 -15.90
CA LEU C 284 22.10 -35.09 -15.03
C LEU C 284 22.18 -34.45 -13.65
N ASP C 285 22.32 -33.12 -13.59
CA ASP C 285 22.34 -32.43 -12.32
C ASP C 285 21.05 -32.62 -11.49
N ASN C 286 19.92 -32.61 -12.18
CA ASN C 286 18.64 -32.83 -11.52
C ASN C 286 18.60 -34.25 -10.93
N ALA C 287 19.06 -35.23 -11.69
CA ALA C 287 19.08 -36.61 -11.24
C ALA C 287 20.01 -36.81 -10.06
N VAL C 288 21.20 -36.24 -10.14
CA VAL C 288 22.17 -36.31 -9.06
C VAL C 288 21.62 -35.69 -7.78
N GLU C 289 20.98 -34.55 -7.94
CA GLU C 289 20.48 -33.83 -6.80
C GLU C 289 19.31 -34.57 -6.11
N PHE C 290 18.40 -35.09 -6.90
CA PHE C 290 17.24 -35.78 -6.31
C PHE C 290 17.61 -37.12 -5.74
N ALA C 291 18.51 -37.84 -6.39
CA ALA C 291 18.96 -39.14 -5.89
C ALA C 291 19.71 -38.94 -4.57
N HIS C 292 20.49 -37.86 -4.52
CA HIS C 292 21.21 -37.50 -3.33
C HIS C 292 20.27 -37.20 -2.14
N HIS C 293 19.35 -36.26 -2.36
CA HIS C 293 18.29 -35.95 -1.41
C HIS C 293 17.54 -37.25 -1.00
N GLY C 294 17.25 -38.06 -2.00
CA GLY C 294 16.51 -39.29 -1.80
C GLY C 294 17.16 -40.23 -0.83
N VAL C 295 18.49 -40.27 -0.82
CA VAL C 295 19.18 -41.19 0.07
C VAL C 295 19.60 -40.52 1.38
N PHE C 296 19.99 -39.25 1.34
CA PHE C 296 20.58 -38.60 2.53
C PHE C 296 19.61 -37.79 3.45
N TYR C 297 18.40 -37.51 2.98
CA TYR C 297 17.44 -36.78 3.80
C TYR C 297 17.24 -37.44 5.19
N HIS C 298 17.23 -36.61 6.22
CA HIS C 298 17.12 -37.08 7.60
C HIS C 298 18.08 -38.24 7.91
N GLN C 299 19.34 -38.06 7.54
CA GLN C 299 20.42 -39.03 7.83
C GLN C 299 20.06 -40.42 7.30
N GLY C 300 19.38 -40.45 6.16
CA GLY C 300 19.07 -41.70 5.48
C GLY C 300 17.93 -42.49 6.15
N GLN C 301 17.23 -41.85 7.09
CA GLN C 301 16.26 -42.57 7.94
C GLN C 301 14.86 -42.45 7.39
N CYS C 302 14.69 -42.82 6.14
CA CYS C 302 13.41 -42.76 5.43
C CYS C 302 13.17 -44.11 4.80
N CYS C 303 11.95 -44.62 4.97
CA CYS C 303 11.51 -45.88 4.34
CA CYS C 303 11.57 -45.89 4.36
C CYS C 303 11.73 -45.83 2.83
N ILE C 304 11.49 -44.66 2.24
CA ILE C 304 11.61 -44.47 0.78
C ILE C 304 13.04 -44.19 0.28
N ALA C 305 14.04 -44.31 1.15
CA ALA C 305 15.41 -43.95 0.76
C ALA C 305 15.77 -44.56 -0.62
N ALA C 306 16.34 -43.72 -1.49
CA ALA C 306 16.74 -44.10 -2.84
C ALA C 306 18.06 -44.89 -2.78
N SER C 307 17.96 -46.13 -2.34
CA SER C 307 19.11 -46.90 -1.90
C SER C 307 19.72 -47.82 -2.94
N ARG C 308 19.19 -47.80 -4.15
CA ARG C 308 19.85 -48.43 -5.29
C ARG C 308 19.70 -47.51 -6.48
N ILE C 309 20.80 -46.89 -6.88
CA ILE C 309 20.76 -45.97 -8.02
C ILE C 309 21.42 -46.61 -9.25
N PHE C 310 20.62 -46.95 -10.26
CA PHE C 310 21.10 -47.63 -11.44
C PHE C 310 21.28 -46.55 -12.50
N VAL C 311 22.51 -46.45 -13.01
CA VAL C 311 22.83 -45.39 -13.97
C VAL C 311 23.33 -45.98 -15.29
N GLU C 312 22.80 -45.49 -16.41
CA GLU C 312 23.20 -45.98 -17.74
C GLU C 312 24.73 -45.77 -17.92
N GLU C 313 25.38 -46.80 -18.47
CA GLU C 313 26.85 -46.89 -18.56
C GLU C 313 27.53 -45.63 -19.01
N SER C 314 27.02 -45.03 -20.07
CA SER C 314 27.66 -43.88 -20.69
C SER C 314 27.73 -42.64 -19.79
N ILE C 315 26.89 -42.56 -18.76
CA ILE C 315 26.88 -41.40 -17.86
C ILE C 315 27.21 -41.77 -16.42
N TYR C 316 27.49 -43.05 -16.22
CA TYR C 316 27.77 -43.62 -14.89
C TYR C 316 28.92 -42.94 -14.16
N ASP C 317 30.08 -42.85 -14.82
CA ASP C 317 31.25 -42.26 -14.15
C ASP C 317 30.99 -40.84 -13.72
N GLU C 318 30.39 -40.06 -14.61
CA GLU C 318 30.08 -38.66 -14.29
C GLU C 318 29.05 -38.58 -13.16
N PHE C 319 28.04 -39.44 -13.22
CA PHE C 319 27.03 -39.48 -12.14
C PHE C 319 27.70 -39.71 -10.77
N VAL C 320 28.59 -40.68 -10.73
CA VAL C 320 29.31 -40.99 -9.48
C VAL C 320 30.12 -39.81 -9.00
N ARG C 321 30.88 -39.20 -9.93
CA ARG C 321 31.71 -38.03 -9.62
C ARG C 321 30.90 -36.92 -8.96
N ARG C 322 29.81 -36.56 -9.61
CA ARG C 322 28.99 -35.46 -9.10
C ARG C 322 28.34 -35.84 -7.78
N SER C 323 27.98 -37.11 -7.64
CA SER C 323 27.37 -37.58 -6.39
C SER C 323 28.35 -37.46 -5.22
N VAL C 324 29.59 -37.83 -5.48
CA VAL C 324 30.65 -37.78 -4.45
C VAL C 324 30.88 -36.33 -4.03
N GLU C 325 31.00 -35.43 -5.01
CA GLU C 325 31.18 -33.99 -4.70
C GLU C 325 30.05 -33.45 -3.82
N ARG C 326 28.84 -33.86 -4.15
CA ARG C 326 27.65 -33.44 -3.38
C ARG C 326 27.70 -34.00 -1.93
N ALA C 327 28.16 -35.24 -1.77
CA ALA C 327 28.17 -35.89 -0.44
C ALA C 327 29.23 -35.34 0.55
N LYS C 328 30.25 -34.67 0.02
CA LYS C 328 31.37 -34.21 0.84
C LYS C 328 31.15 -32.84 1.45
N LYS C 329 29.98 -32.25 1.23
CA LYS C 329 29.72 -30.89 1.70
C LYS C 329 29.01 -30.76 3.07
N TYR C 330 28.87 -31.83 3.83
CA TYR C 330 28.04 -31.76 5.03
C TYR C 330 28.78 -31.28 6.27
N ILE C 331 28.05 -30.70 7.21
CA ILE C 331 28.56 -30.38 8.53
C ILE C 331 27.77 -31.15 9.59
N LEU C 332 28.44 -32.04 10.29
CA LEU C 332 27.79 -32.92 11.25
C LEU C 332 27.77 -32.28 12.65
N GLY C 333 26.66 -32.42 13.35
CA GLY C 333 26.58 -31.93 14.70
C GLY C 333 25.17 -31.89 15.26
N ASN C 334 25.00 -31.09 16.31
CA ASN C 334 23.75 -30.95 17.00
C ASN C 334 22.74 -30.32 16.06
N PRO C 335 21.58 -30.98 15.86
CA PRO C 335 20.62 -30.48 14.88
C PRO C 335 19.90 -29.19 15.28
N LEU C 336 20.06 -28.76 16.53
CA LEU C 336 19.63 -27.42 16.94
C LEU C 336 20.65 -26.32 16.65
N THR C 337 21.86 -26.70 16.25
CA THR C 337 22.93 -25.73 16.02
C THR C 337 22.85 -25.14 14.62
N PRO C 338 22.72 -23.81 14.52
CA PRO C 338 22.71 -23.21 13.19
C PRO C 338 23.99 -23.54 12.43
N GLY C 339 23.86 -23.89 11.16
CA GLY C 339 25.03 -24.26 10.36
C GLY C 339 25.21 -25.76 10.18
N VAL C 340 24.65 -26.55 11.10
CA VAL C 340 24.72 -28.01 10.99
C VAL C 340 23.78 -28.47 9.88
N THR C 341 24.27 -29.37 9.02
CA THR C 341 23.47 -29.89 7.91
C THR C 341 23.28 -31.41 7.91
N GLN C 342 23.83 -32.08 8.91
CA GLN C 342 23.58 -33.48 9.15
C GLN C 342 23.59 -33.78 10.65
N GLY C 343 22.48 -34.35 11.13
CA GLY C 343 22.32 -34.73 12.52
C GLY C 343 22.76 -36.15 12.78
N PRO C 344 22.42 -36.68 13.96
CA PRO C 344 22.79 -38.02 14.34
C PRO C 344 21.76 -39.03 13.90
N GLN C 345 22.15 -40.28 13.92
CA GLN C 345 21.21 -41.41 13.84
C GLN C 345 20.46 -41.49 15.18
N ILE C 346 19.32 -42.17 15.16
CA ILE C 346 18.37 -42.08 16.28
C ILE C 346 18.91 -42.70 17.56
N ASP C 347 19.64 -43.80 17.42
CA ASP C 347 20.10 -44.53 18.59
C ASP C 347 21.27 -45.43 18.25
N LYS C 348 21.82 -46.06 19.27
CA LYS C 348 22.98 -46.90 19.12
C LYS C 348 22.71 -48.14 18.28
N GLU C 349 21.53 -48.75 18.42
CA GLU C 349 21.19 -49.96 17.63
C GLU C 349 21.24 -49.67 16.13
N GLN C 350 20.65 -48.55 15.71
CA GLN C 350 20.70 -48.14 14.30
C GLN C 350 22.12 -47.82 13.82
N TYR C 351 22.80 -47.03 14.63
CA TYR C 351 24.20 -46.66 14.38
C TYR C 351 25.08 -47.88 14.14
N ASP C 352 24.97 -48.87 15.03
CA ASP C 352 25.71 -50.11 14.91
C ASP C 352 25.37 -50.88 13.64
N LYS C 353 24.08 -51.01 13.37
CA LYS C 353 23.61 -51.68 12.17
C LYS C 353 24.15 -51.01 10.90
N ILE C 354 24.13 -49.69 10.87
CA ILE C 354 24.62 -48.94 9.69
C ILE C 354 26.11 -49.20 9.50
N LEU C 355 26.89 -49.08 10.57
CA LEU C 355 28.34 -49.27 10.49
C LEU C 355 28.69 -50.68 10.06
N ASP C 356 27.95 -51.64 10.56
CA ASP C 356 28.09 -53.03 10.13
C ASP C 356 27.81 -53.25 8.64
N LEU C 357 26.77 -52.61 8.11
CA LEU C 357 26.50 -52.71 6.67
C LEU C 357 27.58 -52.00 5.84
N ILE C 358 28.06 -50.87 6.31
CA ILE C 358 29.18 -50.17 5.65
C ILE C 358 30.43 -51.08 5.60
N GLU C 359 30.70 -51.78 6.71
CA GLU C 359 31.79 -52.78 6.72
C GLU C 359 31.57 -53.89 5.70
N SER C 360 30.34 -54.39 5.59
CA SER C 360 30.04 -55.45 4.62
C SER C 360 30.31 -54.96 3.19
N GLY C 361 30.00 -53.70 2.93
CA GLY C 361 30.26 -53.12 1.63
C GLY C 361 31.75 -53.14 1.27
N LYS C 362 32.57 -52.68 2.20
CA LYS C 362 34.03 -52.73 2.03
C LYS C 362 34.49 -54.18 1.80
N LYS C 363 34.05 -55.08 2.67
CA LYS C 363 34.42 -56.49 2.62
C LYS C 363 34.01 -57.18 1.32
N GLU C 364 32.83 -56.83 0.81
CA GLU C 364 32.33 -57.49 -0.39
C GLU C 364 32.82 -56.84 -1.70
N GLY C 365 33.63 -55.81 -1.60
CA GLY C 365 34.30 -55.24 -2.78
C GLY C 365 33.62 -54.06 -3.46
N ALA C 366 32.63 -53.45 -2.81
CA ALA C 366 32.05 -52.22 -3.33
C ALA C 366 33.13 -51.16 -3.24
N LYS C 367 33.10 -50.19 -4.14
CA LYS C 367 34.10 -49.15 -4.10
C LYS C 367 33.69 -48.00 -3.20
N LEU C 368 34.44 -47.78 -2.13
CA LEU C 368 34.16 -46.72 -1.20
C LEU C 368 34.66 -45.39 -1.77
N GLU C 369 33.73 -44.48 -2.05
CA GLU C 369 34.06 -43.22 -2.71
C GLU C 369 34.29 -42.11 -1.71
N CYS C 370 33.59 -42.19 -0.58
CA CYS C 370 33.78 -41.24 0.51
C CYS C 370 33.11 -41.75 1.78
N GLY C 371 33.46 -41.14 2.90
CA GLY C 371 32.94 -41.49 4.21
C GLY C 371 33.38 -42.88 4.62
N GLY C 372 32.47 -43.64 5.22
CA GLY C 372 32.74 -45.04 5.55
C GLY C 372 33.07 -45.29 7.02
N GLY C 373 32.80 -44.33 7.89
CA GLY C 373 32.99 -44.55 9.32
C GLY C 373 32.24 -43.55 10.18
N PRO C 374 32.40 -43.67 11.51
CA PRO C 374 31.73 -42.81 12.46
C PRO C 374 32.39 -41.48 12.54
N TRP C 375 31.75 -40.57 13.25
CA TRP C 375 32.23 -39.21 13.42
C TRP C 375 31.95 -38.75 14.84
N GLY C 376 32.91 -38.08 15.46
CA GLY C 376 32.69 -37.36 16.73
C GLY C 376 32.76 -38.20 18.00
N ASN C 377 32.66 -37.52 19.13
CA ASN C 377 32.91 -38.09 20.46
C ASN C 377 31.65 -38.37 21.26
N LYS C 378 30.53 -37.81 20.82
CA LYS C 378 29.25 -37.97 21.47
C LYS C 378 28.14 -38.07 20.44
N GLY C 379 27.12 -38.84 20.76
CA GLY C 379 25.99 -39.02 19.85
C GLY C 379 26.34 -40.00 18.74
N TYR C 380 25.36 -40.29 17.90
CA TYR C 380 25.47 -41.40 16.94
C TYR C 380 25.60 -40.88 15.52
N PHE C 381 26.80 -40.40 15.19
CA PHE C 381 27.03 -39.75 13.90
C PHE C 381 27.79 -40.67 12.96
N VAL C 382 27.30 -40.74 11.73
CA VAL C 382 27.92 -41.53 10.69
C VAL C 382 28.27 -40.60 9.53
N GLN C 383 29.50 -40.69 9.04
CA GLN C 383 29.91 -39.92 7.88
C GLN C 383 29.04 -40.27 6.67
N PRO C 384 28.64 -39.26 5.88
CA PRO C 384 27.94 -39.56 4.66
C PRO C 384 28.83 -40.38 3.77
N THR C 385 28.27 -41.49 3.29
CA THR C 385 29.04 -42.54 2.65
C THR C 385 28.47 -42.86 1.29
N VAL C 386 29.34 -42.93 0.30
CA VAL C 386 28.96 -43.32 -1.06
C VAL C 386 29.76 -44.55 -1.45
N PHE C 387 29.04 -45.56 -1.93
CA PHE C 387 29.64 -46.72 -2.60
C PHE C 387 29.29 -46.76 -4.06
N SER C 388 30.29 -47.00 -4.90
CA SER C 388 30.05 -47.27 -6.33
C SER C 388 30.39 -48.71 -6.66
N ASN C 389 30.17 -49.07 -7.92
CA ASN C 389 30.42 -50.43 -8.41
C ASN C 389 29.74 -51.47 -7.51
N VAL C 390 28.53 -51.14 -7.07
CA VAL C 390 27.76 -52.03 -6.22
C VAL C 390 27.12 -53.08 -7.11
N THR C 391 27.08 -54.32 -6.67
CA THR C 391 26.45 -55.40 -7.44
C THR C 391 25.29 -55.98 -6.65
N ASP C 392 24.38 -56.63 -7.36
CA ASP C 392 23.04 -56.98 -6.83
C ASP C 392 23.07 -57.95 -5.66
N GLU C 393 24.14 -58.74 -5.55
CA GLU C 393 24.24 -59.74 -4.49
C GLU C 393 24.87 -59.23 -3.20
N MET C 394 25.42 -58.02 -3.21
CA MET C 394 25.98 -57.44 -1.99
C MET C 394 24.89 -57.12 -0.95
N ARG C 395 25.25 -57.28 0.31
CA ARG C 395 24.35 -56.94 1.41
C ARG C 395 23.84 -55.51 1.30
N ILE C 396 24.72 -54.56 0.97
CA ILE C 396 24.30 -53.16 0.84
C ILE C 396 23.33 -52.91 -0.32
N ALA C 397 23.27 -53.82 -1.27
CA ALA C 397 22.30 -53.78 -2.37
C ALA C 397 20.97 -54.45 -2.04
N LYS C 398 20.93 -55.23 -0.95
CA LYS C 398 19.74 -56.04 -0.63
C LYS C 398 19.04 -55.56 0.62
N GLU C 399 19.81 -55.18 1.63
CA GLU C 399 19.26 -54.87 2.92
C GLU C 399 19.04 -53.37 3.10
N GLU C 400 17.94 -53.06 3.77
CA GLU C 400 17.61 -51.70 4.09
C GLU C 400 18.62 -51.19 5.13
N ILE C 401 19.32 -50.10 4.82
CA ILE C 401 20.40 -49.61 5.69
C ILE C 401 19.88 -48.61 6.71
N PHE C 402 19.04 -47.67 6.25
CA PHE C 402 18.44 -46.64 7.12
C PHE C 402 19.53 -45.71 7.69
N GLY C 403 20.53 -45.43 6.86
CA GLY C 403 21.60 -44.53 7.19
C GLY C 403 22.09 -43.80 5.97
N PRO C 404 23.06 -42.89 6.15
CA PRO C 404 23.46 -42.01 5.05
C PRO C 404 24.49 -42.73 4.20
N VAL C 405 24.00 -43.73 3.47
CA VAL C 405 24.82 -44.61 2.68
C VAL C 405 24.16 -44.77 1.31
N GLN C 406 24.84 -44.27 0.29
CA GLN C 406 24.34 -44.28 -1.10
C GLN C 406 25.03 -45.37 -1.94
N GLN C 407 24.24 -46.16 -2.65
CA GLN C 407 24.71 -47.21 -3.56
C GLN C 407 24.47 -46.82 -4.99
N ILE C 408 25.55 -46.81 -5.78
CA ILE C 408 25.47 -46.50 -7.20
C ILE C 408 25.98 -47.68 -8.03
N MET C 409 25.19 -48.01 -9.04
CA MET C 409 25.38 -49.18 -9.92
C MET C 409 25.18 -48.80 -11.36
N LYS C 410 25.73 -49.59 -12.27
CA LYS C 410 25.61 -49.30 -13.70
C LYS C 410 24.70 -50.30 -14.40
N PHE C 411 24.13 -49.91 -15.53
CA PHE C 411 23.43 -50.84 -16.41
C PHE C 411 23.68 -50.43 -17.83
N LYS C 412 23.47 -51.37 -18.76
CA LYS C 412 23.46 -51.07 -20.19
C LYS C 412 22.10 -51.40 -20.81
N SER C 413 21.51 -52.51 -20.40
CA SER C 413 20.23 -52.91 -20.94
C SER C 413 19.06 -52.42 -20.07
N LEU C 414 18.18 -51.62 -20.66
CA LEU C 414 17.00 -51.13 -19.95
C LEU C 414 16.10 -52.28 -19.49
N ASP C 415 15.82 -53.24 -20.37
CA ASP C 415 15.00 -54.40 -20.02
C ASP C 415 15.58 -55.15 -18.82
N ASP C 416 16.89 -55.35 -18.83
CA ASP C 416 17.53 -56.02 -17.73
C ASP C 416 17.47 -55.20 -16.42
N VAL C 417 17.63 -53.88 -16.50
CA VAL C 417 17.73 -53.10 -15.26
C VAL C 417 16.35 -53.01 -14.59
N ILE C 418 15.29 -53.02 -15.40
CA ILE C 418 13.93 -53.09 -14.85
C ILE C 418 13.76 -54.37 -14.05
N LYS C 419 14.21 -55.49 -14.59
CA LYS C 419 14.21 -56.75 -13.85
C LYS C 419 15.01 -56.71 -12.57
N ARG C 420 16.19 -56.11 -12.64
CA ARG C 420 16.99 -55.93 -11.45
C ARG C 420 16.30 -55.01 -10.41
N ALA C 421 15.72 -53.91 -10.88
CA ALA C 421 15.03 -52.98 -10.00
C ALA C 421 13.87 -53.71 -9.29
N ASN C 422 13.19 -54.59 -10.02
CA ASN C 422 12.06 -55.33 -9.50
C ASN C 422 12.42 -56.59 -8.69
N ASN C 423 13.68 -57.00 -8.75
CA ASN C 423 14.11 -58.25 -8.11
C ASN C 423 14.41 -58.06 -6.64
N THR C 424 13.34 -57.93 -5.88
CA THR C 424 13.42 -57.64 -4.45
C THR C 424 12.03 -57.95 -3.89
N PHE C 425 11.98 -58.28 -2.61
CA PHE C 425 10.68 -58.45 -1.95
C PHE C 425 10.08 -57.09 -1.58
N TYR C 426 10.87 -56.03 -1.69
CA TYR C 426 10.44 -54.70 -1.36
C TYR C 426 9.75 -54.06 -2.60
N GLY C 427 9.11 -52.92 -2.40
CA GLY C 427 8.39 -52.25 -3.49
C GLY C 427 7.69 -50.97 -3.06
N LEU C 428 8.37 -50.19 -2.23
CA LEU C 428 7.77 -48.98 -1.68
C LEU C 428 7.71 -47.83 -2.70
N SER C 429 8.82 -47.61 -3.37
CA SER C 429 8.93 -46.51 -4.31
C SER C 429 10.07 -46.73 -5.28
N ALA C 430 10.16 -45.84 -6.24
CA ALA C 430 11.20 -45.86 -7.24
C ALA C 430 11.26 -44.50 -7.90
N GLY C 431 12.36 -44.27 -8.58
CA GLY C 431 12.56 -43.07 -9.35
C GLY C 431 13.04 -43.36 -10.76
N VAL C 432 12.57 -42.55 -11.70
CA VAL C 432 12.90 -42.70 -13.11
C VAL C 432 13.35 -41.32 -13.61
N PHE C 433 14.54 -41.26 -14.17
CA PHE C 433 15.10 -40.01 -14.66
C PHE C 433 15.36 -40.09 -16.17
N THR C 434 14.59 -39.32 -16.92
CA THR C 434 14.66 -39.30 -18.40
C THR C 434 13.90 -38.09 -18.88
N LYS C 435 14.22 -37.59 -20.07
CA LYS C 435 13.43 -36.53 -20.72
C LYS C 435 12.38 -37.07 -21.69
N ASP C 436 12.50 -38.34 -22.00
CA ASP C 436 11.65 -39.00 -23.00
C ASP C 436 10.29 -39.44 -22.45
N ILE C 437 9.25 -39.00 -23.12
CA ILE C 437 7.88 -39.30 -22.75
C ILE C 437 7.63 -40.77 -22.65
N ASP C 438 7.96 -41.47 -23.72
CA ASP C 438 7.63 -42.88 -23.83
C ASP C 438 8.34 -43.71 -22.77
N LYS C 439 9.61 -43.42 -22.57
CA LYS C 439 10.39 -44.07 -21.51
C LYS C 439 9.80 -43.80 -20.13
N ALA C 440 9.45 -42.56 -19.87
CA ALA C 440 8.90 -42.18 -18.57
C ALA C 440 7.64 -43.00 -18.26
N ILE C 441 6.75 -43.10 -19.24
CA ILE C 441 5.47 -43.78 -19.04
C ILE C 441 5.67 -45.30 -18.95
N THR C 442 6.43 -45.88 -19.87
CA THR C 442 6.55 -47.34 -19.90
C THR C 442 7.41 -47.89 -18.76
N ILE C 443 8.44 -47.16 -18.36
CA ILE C 443 9.27 -47.59 -17.23
C ILE C 443 8.48 -47.48 -15.89
N SER C 444 7.84 -46.34 -15.67
CA SER C 444 7.01 -46.18 -14.48
C SER C 444 5.90 -47.25 -14.38
N SER C 445 5.30 -47.61 -15.51
CA SER C 445 4.30 -48.68 -15.55
C SER C 445 4.85 -50.04 -15.20
N ALA C 446 6.10 -50.30 -15.58
CA ALA C 446 6.74 -51.62 -15.39
C ALA C 446 7.37 -51.83 -14.00
N LEU C 447 7.60 -50.76 -13.28
CA LEU C 447 8.21 -50.87 -11.96
C LEU C 447 7.18 -51.34 -10.93
N GLN C 448 7.58 -52.29 -10.09
CA GLN C 448 6.72 -52.81 -9.04
C GLN C 448 6.93 -51.99 -7.76
N ALA C 449 6.38 -50.78 -7.76
CA ALA C 449 6.56 -49.83 -6.66
C ALA C 449 5.33 -48.97 -6.52
N GLY C 450 5.00 -48.66 -5.26
CA GLY C 450 3.79 -47.95 -4.92
C GLY C 450 3.76 -46.50 -5.38
N THR C 451 4.89 -45.81 -5.28
CA THR C 451 5.03 -44.50 -5.84
C THR C 451 6.24 -44.49 -6.77
N VAL C 452 6.04 -43.99 -8.00
CA VAL C 452 7.12 -43.82 -8.94
C VAL C 452 7.25 -42.33 -9.24
N TRP C 453 8.41 -41.77 -8.91
CA TRP C 453 8.71 -40.39 -9.22
C TRP C 453 9.43 -40.30 -10.56
N VAL C 454 9.05 -39.31 -11.37
CA VAL C 454 9.70 -39.06 -12.64
C VAL C 454 10.41 -37.71 -12.57
N ASN C 455 11.73 -37.75 -12.72
CA ASN C 455 12.57 -36.56 -12.66
C ASN C 455 12.50 -35.83 -11.34
N CYS C 456 12.13 -36.56 -10.31
CA CYS C 456 12.20 -36.05 -8.97
C CYS C 456 12.28 -37.26 -8.05
N TYR C 457 12.28 -37.02 -6.76
CA TYR C 457 12.31 -38.08 -5.78
C TYR C 457 11.81 -37.57 -4.45
N GLY C 458 11.05 -38.41 -3.75
CA GLY C 458 10.64 -38.10 -2.39
C GLY C 458 9.59 -37.02 -2.27
N VAL C 459 8.80 -36.87 -3.31
CA VAL C 459 7.76 -35.89 -3.34
C VAL C 459 6.50 -36.54 -2.81
N VAL C 460 6.18 -36.18 -1.57
CA VAL C 460 5.05 -36.80 -0.87
C VAL C 460 4.08 -35.69 -0.50
N SER C 461 2.80 -35.95 -0.66
CA SER C 461 1.78 -34.96 -0.34
C SER C 461 0.51 -35.64 0.15
N ALA C 462 -0.29 -34.88 0.89
CA ALA C 462 -1.47 -35.45 1.52
C ALA C 462 -2.53 -35.82 0.47
N GLN C 463 -2.44 -35.14 -0.67
CA GLN C 463 -3.36 -35.36 -1.78
C GLN C 463 -3.18 -36.70 -2.50
N CYS C 464 -2.03 -37.36 -2.35
CA CYS C 464 -1.79 -38.62 -3.09
C CYS C 464 -1.66 -39.82 -2.21
N PRO C 465 -2.18 -40.94 -2.69
CA PRO C 465 -2.01 -42.16 -1.92
C PRO C 465 -0.54 -42.60 -1.92
N PHE C 466 -0.16 -43.21 -0.81
CA PHE C 466 1.17 -43.64 -0.57
C PHE C 466 1.15 -45.01 0.13
N GLY C 467 2.04 -45.90 -0.32
CA GLY C 467 2.16 -47.23 0.24
C GLY C 467 2.90 -48.17 -0.66
N GLY C 468 3.14 -49.39 -0.17
CA GLY C 468 4.01 -50.31 -0.84
C GLY C 468 3.36 -51.38 -1.69
N PHE C 469 4.10 -51.81 -2.73
CA PHE C 469 3.88 -53.10 -3.34
C PHE C 469 4.62 -54.16 -2.51
N LYS C 470 4.23 -55.42 -2.73
CA LYS C 470 4.89 -56.57 -2.15
C LYS C 470 5.11 -56.40 -0.63
N MET C 471 6.32 -56.66 -0.13
CA MET C 471 6.53 -56.69 1.32
C MET C 471 6.84 -55.34 1.87
N SER C 472 6.71 -54.29 1.07
CA SER C 472 6.85 -52.92 1.56
C SER C 472 5.53 -52.40 2.14
N GLY C 473 4.46 -53.15 2.01
CA GLY C 473 3.21 -52.72 2.62
C GLY C 473 1.96 -53.44 2.21
N ASN C 474 0.90 -53.15 2.95
CA ASN C 474 -0.48 -53.57 2.65
C ASN C 474 -1.30 -52.30 2.75
N GLY C 475 -2.03 -51.95 1.71
CA GLY C 475 -2.89 -50.78 1.73
C GLY C 475 -2.19 -49.46 1.39
N ARG C 476 -2.97 -48.38 1.38
CA ARG C 476 -2.49 -47.07 1.06
C ARG C 476 -2.88 -46.07 2.13
N GLU C 477 -2.04 -45.07 2.32
CA GLU C 477 -2.36 -43.97 3.19
C GLU C 477 -2.53 -42.69 2.37
N LEU C 478 -3.48 -41.88 2.83
CA LEU C 478 -3.76 -40.54 2.32
C LEU C 478 -4.35 -40.51 0.93
N GLY C 479 -4.56 -39.29 0.41
CA GLY C 479 -5.31 -39.11 -0.82
C GLY C 479 -6.74 -39.60 -0.61
N GLU C 480 -7.53 -39.56 -1.67
CA GLU C 480 -8.88 -40.14 -1.64
C GLU C 480 -8.83 -41.63 -1.30
N TYR C 481 -7.88 -42.34 -1.90
CA TYR C 481 -7.86 -43.82 -1.84
C TYR C 481 -7.55 -44.32 -0.44
N GLY C 482 -6.69 -43.60 0.26
CA GLY C 482 -6.30 -43.93 1.63
C GLY C 482 -7.43 -43.88 2.63
N PHE C 483 -8.40 -43.01 2.37
CA PHE C 483 -9.57 -42.91 3.24
C PHE C 483 -10.41 -44.20 3.28
N HIS C 484 -10.38 -44.98 2.20
CA HIS C 484 -11.13 -46.24 2.15
C HIS C 484 -10.75 -47.19 3.25
N GLU C 485 -9.48 -47.19 3.61
CA GLU C 485 -8.97 -48.14 4.58
C GLU C 485 -9.40 -47.80 6.03
N TYR C 486 -10.04 -46.64 6.23
CA TYR C 486 -10.56 -46.28 7.53
C TYR C 486 -12.10 -46.30 7.56
N THR C 487 -12.69 -46.95 6.57
CA THR C 487 -14.13 -47.17 6.54
C THR C 487 -14.44 -48.65 6.38
N GLU C 488 -15.63 -49.01 6.86
CA GLU C 488 -16.20 -50.33 6.73
C GLU C 488 -17.52 -50.15 5.96
N VAL C 489 -17.66 -50.85 4.87
CA VAL C 489 -18.80 -50.72 3.99
C VAL C 489 -19.97 -51.62 4.43
N LYS C 490 -21.12 -51.00 4.60
CA LYS C 490 -22.39 -51.69 4.92
C LYS C 490 -23.36 -51.48 3.77
N THR C 491 -23.88 -52.60 3.25
CA THR C 491 -24.89 -52.59 2.22
C THR C 491 -26.25 -52.73 2.89
N VAL C 492 -27.17 -51.84 2.56
CA VAL C 492 -28.56 -51.91 3.07
C VAL C 492 -29.49 -52.10 1.88
N THR C 493 -30.25 -53.20 1.91
CA THR C 493 -31.11 -53.59 0.82
C THR C 493 -32.54 -53.72 1.35
N VAL C 494 -33.41 -52.87 0.81
CA VAL C 494 -34.76 -52.69 1.28
C VAL C 494 -35.76 -53.23 0.22
N LYS C 495 -36.66 -54.09 0.63
CA LYS C 495 -37.70 -54.57 -0.27
C LYS C 495 -38.71 -53.46 -0.54
N ILE C 496 -39.05 -53.26 -1.81
CA ILE C 496 -40.06 -52.29 -2.18
C ILE C 496 -41.07 -52.94 -3.13
N SER C 497 -42.26 -52.35 -3.22
CA SER C 497 -43.31 -52.90 -4.06
C SER C 497 -42.98 -52.80 -5.54
N GLN C 498 -42.42 -51.69 -5.98
CA GLN C 498 -41.96 -51.59 -7.38
C GLN C 498 -40.93 -50.50 -7.54
N LYS C 499 -39.88 -50.77 -8.29
CA LYS C 499 -38.84 -49.78 -8.51
C LYS C 499 -39.03 -49.11 -9.86
N ASN C 500 -38.53 -47.89 -9.96
CA ASN C 500 -38.39 -47.21 -11.23
C ASN C 500 -36.99 -46.66 -11.39
N SER C 501 -36.48 -46.65 -12.62
CA SER C 501 -35.14 -46.14 -12.89
C SER C 501 -35.02 -44.67 -12.45
N LEU D 9 -38.67 -75.77 -16.31
CA LEU D 9 -37.36 -76.20 -15.78
C LEU D 9 -36.87 -77.27 -16.71
N PRO D 10 -36.08 -76.87 -17.71
CA PRO D 10 -35.49 -77.89 -18.55
C PRO D 10 -34.49 -78.72 -17.78
N VAL D 11 -34.31 -79.94 -18.26
CA VAL D 11 -33.40 -80.88 -17.64
C VAL D 11 -32.45 -81.38 -18.69
N LEU D 12 -31.38 -82.01 -18.23
CA LEU D 12 -30.44 -82.70 -19.11
C LEU D 12 -31.07 -83.99 -19.62
N LEU D 13 -31.10 -84.13 -20.95
CA LEU D 13 -31.81 -85.24 -21.60
C LEU D 13 -30.98 -86.51 -21.63
N THR D 14 -29.68 -86.34 -21.53
CA THR D 14 -28.72 -87.43 -21.53
C THR D 14 -28.08 -87.56 -20.13
N ASP D 15 -27.51 -88.72 -19.83
CA ASP D 15 -26.85 -88.95 -18.55
C ASP D 15 -25.57 -88.13 -18.47
N LEU D 16 -25.35 -87.49 -17.34
CA LEU D 16 -24.17 -86.68 -17.12
C LEU D 16 -22.91 -87.57 -17.18
N LYS D 17 -22.00 -87.25 -18.06
CA LYS D 17 -20.72 -87.94 -18.10
C LYS D 17 -19.64 -87.02 -17.55
N ILE D 18 -18.93 -87.48 -16.53
CA ILE D 18 -17.84 -86.70 -15.97
C ILE D 18 -16.60 -86.88 -16.81
N GLN D 19 -16.09 -85.77 -17.31
CA GLN D 19 -14.96 -85.75 -18.21
C GLN D 19 -13.73 -85.11 -17.60
N TYR D 20 -13.89 -83.99 -16.86
CA TYR D 20 -12.73 -83.21 -16.39
C TYR D 20 -12.47 -83.48 -14.92
N THR D 21 -11.33 -84.10 -14.67
CA THR D 21 -10.96 -84.54 -13.33
C THR D 21 -9.51 -84.19 -12.94
N LYS D 22 -8.81 -83.44 -13.77
CA LYS D 22 -7.39 -83.21 -13.55
C LYS D 22 -7.08 -81.79 -13.15
N ILE D 23 -5.82 -81.55 -12.87
CA ILE D 23 -5.31 -80.24 -12.55
C ILE D 23 -5.17 -79.43 -13.85
N PHE D 24 -5.63 -78.17 -13.82
CA PHE D 24 -5.65 -77.33 -15.00
C PHE D 24 -4.63 -76.21 -14.86
N ILE D 25 -3.56 -76.30 -15.65
CA ILE D 25 -2.46 -75.32 -15.63
C ILE D 25 -2.05 -75.02 -17.07
N ASN D 26 -1.89 -73.74 -17.40
CA ASN D 26 -1.49 -73.31 -18.76
C ASN D 26 -2.40 -73.83 -19.85
N ASN D 27 -3.70 -73.84 -19.56
CA ASN D 27 -4.72 -74.37 -20.44
C ASN D 27 -4.50 -75.83 -20.83
N GLU D 28 -3.84 -76.60 -19.97
CA GLU D 28 -3.66 -78.04 -20.22
C GLU D 28 -3.98 -78.82 -18.95
N TRP D 29 -4.22 -80.12 -19.12
CA TRP D 29 -4.58 -81.00 -18.01
C TRP D 29 -3.37 -81.71 -17.49
N HIS D 30 -3.23 -81.79 -16.18
CA HIS D 30 -2.07 -82.43 -15.53
C HIS D 30 -2.52 -83.44 -14.45
N ASP D 31 -1.83 -84.57 -14.35
CA ASP D 31 -1.98 -85.46 -13.22
C ASP D 31 -1.28 -84.79 -12.03
N SER D 32 -1.65 -85.18 -10.81
CA SER D 32 -0.98 -84.72 -9.63
C SER D 32 0.46 -85.18 -9.64
N VAL D 33 1.36 -84.37 -9.09
CA VAL D 33 2.77 -84.73 -9.04
C VAL D 33 2.96 -86.07 -8.28
N SER D 34 2.24 -86.27 -7.19
CA SER D 34 2.34 -87.49 -6.37
C SER D 34 1.69 -88.72 -7.02
N GLY D 35 0.77 -88.49 -7.95
CA GLY D 35 0.01 -89.55 -8.58
C GLY D 35 -1.26 -89.84 -7.82
N LYS D 36 -1.40 -89.28 -6.63
CA LYS D 36 -2.57 -89.54 -5.81
C LYS D 36 -3.84 -88.88 -6.38
N LYS D 37 -4.96 -89.53 -6.14
CA LYS D 37 -6.27 -89.04 -6.51
C LYS D 37 -7.18 -89.10 -5.27
N PHE D 38 -8.30 -88.39 -5.29
CA PHE D 38 -9.28 -88.49 -4.23
C PHE D 38 -10.68 -88.69 -4.80
N PRO D 39 -11.53 -89.42 -4.03
CA PRO D 39 -12.88 -89.65 -4.48
C PRO D 39 -13.79 -88.48 -4.23
N VAL D 40 -14.76 -88.32 -5.11
CA VAL D 40 -15.77 -87.31 -5.01
C VAL D 40 -17.13 -88.00 -5.02
N PHE D 41 -18.05 -87.56 -4.18
CA PHE D 41 -19.31 -88.30 -3.90
C PHE D 41 -20.57 -87.52 -4.20
N ASN D 42 -21.65 -88.25 -4.43
CA ASN D 42 -23.01 -87.71 -4.43
C ASN D 42 -23.55 -87.80 -3.00
N PRO D 43 -23.77 -86.65 -2.33
CA PRO D 43 -24.11 -86.70 -0.93
C PRO D 43 -25.52 -87.21 -0.67
N ALA D 44 -26.36 -87.28 -1.70
CA ALA D 44 -27.73 -87.81 -1.56
C ALA D 44 -27.75 -89.34 -1.54
N THR D 45 -26.80 -89.95 -2.22
CA THR D 45 -26.79 -91.41 -2.43
C THR D 45 -25.55 -92.10 -1.85
N GLU D 46 -24.55 -91.31 -1.49
CA GLU D 46 -23.25 -91.81 -1.04
C GLU D 46 -22.45 -92.52 -2.10
N GLU D 47 -22.90 -92.51 -3.35
CA GLU D 47 -22.09 -93.14 -4.39
C GLU D 47 -20.93 -92.25 -4.87
N GLU D 48 -19.86 -92.92 -5.25
CA GLU D 48 -18.65 -92.27 -5.71
C GLU D 48 -18.88 -91.90 -7.14
N LEU D 49 -18.69 -90.62 -7.46
CA LEU D 49 -18.91 -90.15 -8.83
C LEU D 49 -17.69 -90.36 -9.70
N CYS D 50 -16.51 -90.13 -9.13
CA CYS D 50 -15.25 -90.23 -9.88
C CYS D 50 -14.10 -90.02 -8.91
N GLN D 51 -12.91 -90.11 -9.45
CA GLN D 51 -11.69 -89.77 -8.73
C GLN D 51 -11.09 -88.52 -9.39
N VAL D 52 -10.54 -87.62 -8.58
CA VAL D 52 -9.98 -86.37 -9.04
C VAL D 52 -8.54 -86.29 -8.60
N GLU D 53 -7.67 -85.70 -9.44
CA GLU D 53 -6.25 -85.58 -9.10
C GLU D 53 -6.11 -84.77 -7.81
N GLU D 54 -5.30 -85.27 -6.90
CA GLU D 54 -5.11 -84.66 -5.61
C GLU D 54 -3.92 -83.68 -5.62
N GLY D 55 -4.20 -82.39 -5.81
CA GLY D 55 -3.16 -81.38 -5.84
C GLY D 55 -2.64 -81.15 -4.45
N ASP D 56 -1.34 -80.88 -4.39
CA ASP D 56 -0.65 -80.58 -3.15
C ASP D 56 0.33 -79.44 -3.46
N LYS D 57 1.27 -79.23 -2.55
CA LYS D 57 2.20 -78.11 -2.67
C LYS D 57 2.90 -78.02 -4.04
N GLU D 58 3.32 -79.17 -4.54
CA GLU D 58 4.11 -79.21 -5.78
C GLU D 58 3.27 -78.79 -6.97
N ASP D 59 1.99 -79.14 -6.94
CA ASP D 59 1.05 -78.80 -7.99
C ASP D 59 0.72 -77.27 -7.91
N VAL D 60 0.52 -76.79 -6.69
CA VAL D 60 0.36 -75.35 -6.46
C VAL D 60 1.56 -74.58 -7.04
N ASP D 61 2.77 -75.07 -6.79
CA ASP D 61 3.99 -74.42 -7.29
C ASP D 61 3.99 -74.29 -8.81
N LYS D 62 3.59 -75.36 -9.49
CA LYS D 62 3.50 -75.32 -10.96
C LYS D 62 2.50 -74.28 -11.43
N ALA D 63 1.34 -74.27 -10.76
CA ALA D 63 0.28 -73.31 -11.11
C ALA D 63 0.74 -71.87 -10.90
N VAL D 64 1.42 -71.59 -9.79
CA VAL D 64 1.87 -70.26 -9.49
C VAL D 64 2.90 -69.80 -10.53
N LYS D 65 3.80 -70.69 -10.93
CA LYS D 65 4.78 -70.34 -11.96
C LYS D 65 4.07 -69.97 -13.25
N ALA D 66 3.04 -70.73 -13.58
CA ALA D 66 2.28 -70.46 -14.79
C ALA D 66 1.56 -69.09 -14.69
N ALA D 67 0.93 -68.85 -13.56
CA ALA D 67 0.23 -67.58 -13.34
C ALA D 67 1.21 -66.38 -13.36
N ARG D 68 2.39 -66.57 -12.78
CA ARG D 68 3.42 -65.52 -12.74
C ARG D 68 3.87 -65.15 -14.15
N GLN D 69 4.13 -66.18 -14.95
CA GLN D 69 4.59 -65.99 -16.32
C GLN D 69 3.52 -65.25 -17.15
N ALA D 70 2.25 -65.62 -16.96
CA ALA D 70 1.16 -64.97 -17.70
C ALA D 70 0.94 -63.50 -17.30
N PHE D 71 1.40 -63.15 -16.10
CA PHE D 71 1.32 -61.80 -15.56
C PHE D 71 2.51 -60.90 -15.92
N GLN D 72 3.54 -61.45 -16.56
CA GLN D 72 4.73 -60.67 -16.91
C GLN D 72 4.42 -59.48 -17.82
N ILE D 73 5.07 -58.38 -17.51
CA ILE D 73 5.04 -57.19 -18.36
C ILE D 73 5.31 -57.63 -19.79
N GLY D 74 4.52 -57.13 -20.72
CA GLY D 74 4.68 -57.50 -22.13
C GLY D 74 3.93 -58.75 -22.57
N SER D 75 3.31 -59.48 -21.64
CA SER D 75 2.58 -60.70 -21.97
C SER D 75 1.24 -60.34 -22.61
N PRO D 76 0.63 -61.28 -23.35
CA PRO D 76 -0.70 -61.02 -23.91
C PRO D 76 -1.73 -60.52 -22.89
N TRP D 77 -1.76 -61.12 -21.70
CA TRP D 77 -2.76 -60.73 -20.72
C TRP D 77 -2.54 -59.32 -20.20
N ARG D 78 -1.27 -58.90 -20.08
CA ARG D 78 -0.94 -57.55 -19.60
C ARG D 78 -1.12 -56.48 -20.67
N THR D 79 -0.95 -56.85 -21.93
CA THR D 79 -0.90 -55.86 -23.03
C THR D 79 -2.19 -55.75 -23.79
N MET D 80 -3.09 -56.73 -23.62
CA MET D 80 -4.35 -56.66 -24.33
C MET D 80 -5.19 -55.52 -23.77
N ASP D 81 -6.09 -55.02 -24.61
CA ASP D 81 -7.03 -53.99 -24.20
C ASP D 81 -7.84 -54.47 -23.00
N ALA D 82 -8.11 -53.56 -22.07
CA ALA D 82 -9.00 -53.85 -20.97
C ALA D 82 -10.35 -54.34 -21.51
N SER D 83 -10.84 -53.70 -22.57
CA SER D 83 -12.11 -54.11 -23.20
C SER D 83 -12.10 -55.57 -23.70
N GLU D 84 -10.94 -56.07 -24.09
CA GLU D 84 -10.78 -57.43 -24.54
C GLU D 84 -10.80 -58.44 -23.35
N ARG D 85 -10.24 -58.05 -22.19
CA ARG D 85 -10.41 -58.85 -20.97
C ARG D 85 -11.92 -58.99 -20.71
N GLY D 86 -12.62 -57.88 -20.84
CA GLY D 86 -14.08 -57.86 -20.71
C GLY D 86 -14.78 -58.80 -21.68
N ARG D 87 -14.40 -58.71 -22.96
CA ARG D 87 -14.91 -59.58 -24.04
C ARG D 87 -14.73 -61.07 -23.71
N LEU D 88 -13.56 -61.41 -23.17
CA LEU D 88 -13.27 -62.79 -22.79
C LEU D 88 -14.23 -63.27 -21.68
N LEU D 89 -14.45 -62.41 -20.70
CA LEU D 89 -15.37 -62.72 -19.61
C LEU D 89 -16.80 -62.84 -20.11
N TYR D 90 -17.22 -61.94 -20.99
CA TYR D 90 -18.57 -62.07 -21.62
CA TYR D 90 -18.53 -62.03 -21.64
C TYR D 90 -18.69 -63.37 -22.40
N LYS D 91 -17.66 -63.74 -23.14
CA LYS D 91 -17.66 -64.98 -23.88
C LYS D 91 -17.78 -66.20 -22.93
N LEU D 92 -17.04 -66.16 -21.83
CA LEU D 92 -17.12 -67.21 -20.83
C LEU D 92 -18.53 -67.32 -20.28
N ALA D 93 -19.17 -66.18 -20.02
CA ALA D 93 -20.56 -66.20 -19.59
C ALA D 93 -21.48 -66.91 -20.60
N ASP D 94 -21.31 -66.57 -21.88
CA ASP D 94 -22.10 -67.23 -22.97
C ASP D 94 -21.88 -68.75 -23.01
N LEU D 95 -20.65 -69.19 -22.76
CA LEU D 95 -20.33 -70.61 -22.76
C LEU D 95 -20.98 -71.34 -21.56
N ILE D 96 -20.99 -70.69 -20.40
CA ILE D 96 -21.63 -71.24 -19.21
C ILE D 96 -23.14 -71.32 -19.44
N GLU D 97 -23.69 -70.28 -20.09
CA GLU D 97 -25.09 -70.30 -20.51
C GLU D 97 -25.37 -71.48 -21.46
N ARG D 98 -24.53 -71.67 -22.47
CA ARG D 98 -24.65 -72.81 -23.37
C ARG D 98 -24.66 -74.14 -22.60
N ASP D 99 -23.79 -74.28 -21.60
CA ASP D 99 -23.67 -75.52 -20.84
C ASP D 99 -24.46 -75.50 -19.52
N ARG D 100 -25.53 -74.71 -19.48
CA ARG D 100 -26.25 -74.47 -18.24
C ARG D 100 -26.88 -75.75 -17.65
N LEU D 101 -27.42 -76.60 -18.53
CA LEU D 101 -28.09 -77.84 -18.07
C LEU D 101 -27.10 -78.79 -17.45
N LEU D 102 -26.00 -78.98 -18.16
CA LEU D 102 -24.92 -79.83 -17.73
C LEU D 102 -24.37 -79.35 -16.38
N LEU D 103 -24.06 -78.08 -16.31
CA LEU D 103 -23.48 -77.50 -15.08
C LEU D 103 -24.45 -77.55 -13.88
N ALA D 104 -25.73 -77.21 -14.11
CA ALA D 104 -26.71 -77.28 -13.03
C ALA D 104 -26.87 -78.71 -12.54
N THR D 105 -26.86 -79.65 -13.47
CA THR D 105 -27.00 -81.09 -13.13
C THR D 105 -25.81 -81.56 -12.31
N MET D 106 -24.62 -81.23 -12.79
CA MET D 106 -23.39 -81.60 -12.12
C MET D 106 -23.35 -80.95 -10.75
N GLU D 107 -23.74 -79.68 -10.66
CA GLU D 107 -23.71 -78.95 -9.40
C GLU D 107 -24.67 -79.60 -8.39
N SER D 108 -25.83 -80.00 -8.87
CA SER D 108 -26.85 -80.66 -8.05
C SER D 108 -26.37 -82.00 -7.52
N MET D 109 -25.82 -82.80 -8.43
CA MET D 109 -25.40 -84.14 -8.09
C MET D 109 -24.24 -84.18 -7.12
N ASN D 110 -23.23 -83.35 -7.38
CA ASN D 110 -22.03 -83.31 -6.58
C ASN D 110 -22.25 -82.54 -5.28
N GLY D 111 -23.05 -81.49 -5.34
CA GLY D 111 -23.20 -80.58 -4.22
C GLY D 111 -24.40 -80.82 -3.31
N GLY D 112 -25.25 -81.80 -3.66
CA GLY D 112 -26.47 -82.07 -2.88
C GLY D 112 -27.45 -80.91 -2.95
N LYS D 113 -27.45 -80.23 -4.07
CA LYS D 113 -28.16 -78.96 -4.24
C LYS D 113 -29.38 -79.18 -5.08
N LEU D 114 -30.52 -78.71 -4.59
CA LEU D 114 -31.79 -78.84 -5.32
C LEU D 114 -31.60 -78.37 -6.76
N TYR D 115 -31.99 -79.22 -7.70
CA TYR D 115 -31.78 -78.93 -9.11
C TYR D 115 -32.41 -77.60 -9.53
N SER D 116 -33.65 -77.35 -9.11
CA SER D 116 -34.34 -76.10 -9.50
C SER D 116 -33.58 -74.87 -9.05
N ASN D 117 -33.07 -74.92 -7.84
CA ASN D 117 -32.18 -73.84 -7.35
C ASN D 117 -30.86 -73.78 -8.11
N ALA D 118 -30.23 -74.92 -8.37
CA ALA D 118 -28.99 -74.94 -9.19
C ALA D 118 -29.18 -74.29 -10.55
N TYR D 119 -30.27 -74.65 -11.22
CA TYR D 119 -30.54 -74.13 -12.55
C TYR D 119 -30.98 -72.67 -12.54
N LEU D 120 -31.94 -72.34 -11.69
CA LEU D 120 -32.57 -71.03 -11.70
C LEU D 120 -31.80 -69.98 -10.92
N ASN D 121 -31.13 -70.37 -9.85
CA ASN D 121 -30.43 -69.41 -8.99
C ASN D 121 -28.93 -69.43 -9.19
N ASP D 122 -28.29 -70.56 -8.92
CA ASP D 122 -26.82 -70.64 -9.02
C ASP D 122 -26.30 -70.34 -10.43
N LEU D 123 -26.82 -71.03 -11.45
CA LEU D 123 -26.34 -70.80 -12.79
C LEU D 123 -26.63 -69.38 -13.28
N ALA D 124 -27.83 -68.89 -13.00
CA ALA D 124 -28.21 -67.51 -13.40
C ALA D 124 -27.30 -66.50 -12.72
N GLY D 125 -27.04 -66.73 -11.44
CA GLY D 125 -26.16 -65.87 -10.66
C GLY D 125 -24.77 -65.82 -11.25
N CYS D 126 -24.28 -66.98 -11.62
CA CYS D 126 -22.98 -67.14 -12.28
CA CYS D 126 -23.00 -67.13 -12.23
C CYS D 126 -22.87 -66.35 -13.55
N ILE D 127 -23.83 -66.56 -14.41
CA ILE D 127 -23.84 -65.88 -15.73
C ILE D 127 -23.95 -64.37 -15.54
N LYS D 128 -24.89 -63.92 -14.73
CA LYS D 128 -25.09 -62.48 -14.49
C LYS D 128 -23.86 -61.85 -13.86
N THR D 129 -23.24 -62.54 -12.91
CA THR D 129 -22.09 -61.98 -12.20
C THR D 129 -20.93 -61.80 -13.18
N LEU D 130 -20.70 -62.80 -14.03
CA LEU D 130 -19.66 -62.72 -15.02
C LEU D 130 -19.90 -61.56 -15.98
N ARG D 131 -21.12 -61.42 -16.45
CA ARG D 131 -21.45 -60.31 -17.33
C ARG D 131 -21.30 -58.93 -16.66
N TYR D 132 -21.67 -58.84 -15.38
CA TYR D 132 -21.42 -57.64 -14.61
C TYR D 132 -19.93 -57.31 -14.56
N CYS D 133 -19.10 -58.30 -14.22
CA CYS D 133 -17.66 -58.11 -14.11
C CYS D 133 -17.03 -57.73 -15.43
N ALA D 134 -17.50 -58.35 -16.51
CA ALA D 134 -17.00 -58.05 -17.82
C ALA D 134 -17.13 -56.57 -18.15
N GLY D 135 -18.26 -56.00 -17.78
CA GLY D 135 -18.54 -54.59 -17.99
C GLY D 135 -17.60 -53.65 -17.26
N TRP D 136 -17.03 -54.09 -16.14
CA TRP D 136 -16.11 -53.21 -15.39
C TRP D 136 -14.72 -53.07 -16.01
N ALA D 137 -14.30 -54.05 -16.82
CA ALA D 137 -12.89 -54.20 -17.18
C ALA D 137 -12.27 -52.91 -17.74
N ASP D 138 -12.99 -52.24 -18.62
CA ASP D 138 -12.49 -50.99 -19.22
C ASP D 138 -13.08 -49.73 -18.58
N LYS D 139 -13.64 -49.89 -17.39
CA LYS D 139 -14.15 -48.78 -16.59
C LYS D 139 -13.44 -48.64 -15.25
N ILE D 140 -12.41 -49.43 -15.04
CA ILE D 140 -11.54 -49.31 -13.86
C ILE D 140 -10.60 -48.13 -14.17
N GLN D 141 -10.63 -47.10 -13.35
CA GLN D 141 -9.88 -45.88 -13.61
C GLN D 141 -9.11 -45.38 -12.39
N GLY D 142 -7.96 -44.78 -12.62
CA GLY D 142 -7.27 -44.05 -11.60
C GLY D 142 -7.68 -42.59 -11.60
N ARG D 143 -6.79 -41.76 -11.06
CA ARG D 143 -7.09 -40.35 -10.82
C ARG D 143 -5.96 -39.48 -11.35
N THR D 144 -6.29 -38.21 -11.61
CA THR D 144 -5.30 -37.15 -11.74
C THR D 144 -5.50 -36.23 -10.56
N ILE D 145 -4.39 -35.84 -9.92
CA ILE D 145 -4.45 -35.27 -8.57
C ILE D 145 -3.74 -33.90 -8.50
N PRO D 146 -4.41 -32.87 -7.99
CA PRO D 146 -3.83 -31.50 -7.96
C PRO D 146 -2.91 -31.30 -6.76
N ILE D 147 -1.87 -32.12 -6.71
CA ILE D 147 -0.85 -32.10 -5.66
C ILE D 147 -0.23 -30.69 -5.50
N ASP D 148 0.19 -30.38 -4.29
CA ASP D 148 0.99 -29.19 -4.03
C ASP D 148 2.29 -29.26 -4.84
N GLY D 149 2.76 -28.11 -5.27
CA GLY D 149 4.04 -28.01 -6.01
C GLY D 149 3.90 -28.17 -7.52
N ASN D 150 5.01 -27.95 -8.23
CA ASN D 150 5.03 -28.05 -9.68
C ASN D 150 5.24 -29.50 -10.12
N PHE D 151 4.16 -30.26 -10.07
CA PHE D 151 4.15 -31.68 -10.36
C PHE D 151 2.86 -32.06 -11.06
N PHE D 152 2.96 -33.06 -11.92
CA PHE D 152 1.81 -33.77 -12.49
C PHE D 152 1.73 -35.13 -11.80
N THR D 153 0.63 -35.38 -11.08
CA THR D 153 0.46 -36.64 -10.36
C THR D 153 -0.77 -37.36 -10.89
N TYR D 154 -0.59 -38.64 -11.20
CA TYR D 154 -1.67 -39.55 -11.54
C TYR D 154 -1.51 -40.88 -10.87
N THR D 155 -2.61 -41.64 -10.82
CA THR D 155 -2.58 -42.98 -10.29
C THR D 155 -3.05 -43.99 -11.32
N ARG D 156 -2.45 -45.18 -11.20
CA ARG D 156 -2.81 -46.34 -11.99
C ARG D 156 -3.39 -47.33 -11.00
N HIS D 157 -4.54 -47.88 -11.36
CA HIS D 157 -5.14 -48.96 -10.60
C HIS D 157 -4.79 -50.26 -11.30
N GLU D 158 -3.59 -50.74 -11.03
CA GLU D 158 -3.02 -51.91 -11.67
C GLU D 158 -3.60 -53.21 -11.06
N PRO D 159 -3.62 -54.31 -11.82
CA PRO D 159 -3.83 -55.57 -11.16
C PRO D 159 -2.74 -55.85 -10.12
N ILE D 160 -3.09 -56.61 -9.09
CA ILE D 160 -2.15 -56.97 -8.02
C ILE D 160 -1.12 -57.99 -8.52
N GLY D 161 -1.58 -58.99 -9.24
CA GLY D 161 -0.68 -60.03 -9.72
C GLY D 161 -1.32 -61.41 -9.61
N VAL D 162 -0.60 -62.32 -8.97
CA VAL D 162 -1.05 -63.71 -8.83
C VAL D 162 -1.94 -63.83 -7.58
N CYS D 163 -3.19 -64.20 -7.80
CA CYS D 163 -4.15 -64.28 -6.74
C CYS D 163 -4.53 -65.73 -6.51
N GLY D 164 -4.31 -66.19 -5.30
CA GLY D 164 -4.72 -67.51 -4.89
C GLY D 164 -6.13 -67.41 -4.35
N GLN D 165 -7.01 -68.26 -4.85
CA GLN D 165 -8.42 -68.18 -4.53
C GLN D 165 -8.95 -69.53 -4.04
N ILE D 166 -9.42 -69.56 -2.79
CA ILE D 166 -9.89 -70.80 -2.17
C ILE D 166 -11.41 -70.72 -1.97
N ILE D 167 -12.10 -71.69 -2.58
CA ILE D 167 -13.53 -71.68 -2.85
C ILE D 167 -14.24 -72.74 -1.98
N PRO D 168 -15.41 -72.41 -1.42
CA PRO D 168 -16.11 -73.40 -0.58
C PRO D 168 -17.01 -74.34 -1.35
N TRP D 169 -17.59 -75.30 -0.63
CA TRP D 169 -18.41 -76.39 -1.21
C TRP D 169 -19.90 -76.09 -1.30
N ASN D 170 -20.35 -75.03 -0.64
CA ASN D 170 -21.78 -74.74 -0.59
C ASN D 170 -22.35 -74.08 -1.85
N PHE D 171 -21.58 -73.17 -2.45
CA PHE D 171 -21.95 -72.57 -3.75
C PHE D 171 -20.72 -72.63 -4.68
N PRO D 172 -20.37 -73.82 -5.17
CA PRO D 172 -19.08 -74.00 -5.84
C PRO D 172 -18.91 -73.15 -7.09
N LEU D 173 -19.93 -73.15 -7.94
CA LEU D 173 -19.90 -72.39 -9.16
C LEU D 173 -20.02 -70.88 -8.96
N VAL D 174 -21.00 -70.47 -8.16
CA VAL D 174 -21.21 -69.06 -7.88
C VAL D 174 -19.94 -68.45 -7.25
N MET D 175 -19.38 -69.15 -6.27
CA MET D 175 -18.22 -68.65 -5.56
C MET D 175 -17.00 -68.62 -6.45
N LEU D 176 -16.88 -69.60 -7.33
CA LEU D 176 -15.82 -69.58 -8.33
C LEU D 176 -15.88 -68.27 -9.13
N ILE D 177 -17.06 -67.93 -9.61
CA ILE D 177 -17.26 -66.74 -10.43
C ILE D 177 -17.10 -65.46 -9.63
N TRP D 178 -17.60 -65.46 -8.40
CA TRP D 178 -17.42 -64.34 -7.49
C TRP D 178 -15.96 -63.97 -7.28
N LYS D 179 -15.10 -64.97 -7.31
CA LYS D 179 -13.66 -64.79 -7.22
C LYS D 179 -13.01 -64.42 -8.56
N ILE D 180 -13.18 -65.27 -9.57
CA ILE D 180 -12.39 -65.08 -10.81
C ILE D 180 -12.90 -63.90 -11.63
N GLY D 181 -14.18 -63.60 -11.54
CA GLY D 181 -14.76 -62.51 -12.30
C GLY D 181 -14.09 -61.16 -12.05
N PRO D 182 -14.11 -60.68 -10.81
CA PRO D 182 -13.42 -59.44 -10.48
C PRO D 182 -11.91 -59.50 -10.64
N ALA D 183 -11.30 -60.63 -10.26
CA ALA D 183 -9.85 -60.77 -10.38
C ALA D 183 -9.38 -60.58 -11.83
N LEU D 184 -10.03 -61.29 -12.72
CA LEU D 184 -9.69 -61.24 -14.14
C LEU D 184 -10.09 -59.94 -14.80
N SER D 185 -11.23 -59.40 -14.42
CA SER D 185 -11.68 -58.12 -14.96
C SER D 185 -10.62 -57.02 -14.70
N CYS D 186 -10.01 -57.10 -13.53
CA CYS D 186 -8.95 -56.18 -13.12
C CYS D 186 -7.58 -56.51 -13.71
N GLY D 187 -7.43 -57.67 -14.35
CA GLY D 187 -6.20 -58.02 -15.03
C GLY D 187 -5.21 -58.88 -14.25
N ASN D 188 -5.67 -59.46 -13.14
CA ASN D 188 -4.87 -60.43 -12.38
C ASN D 188 -4.83 -61.79 -13.05
N THR D 189 -3.91 -62.64 -12.60
CA THR D 189 -3.96 -64.04 -12.95
C THR D 189 -4.28 -64.81 -11.66
N VAL D 190 -4.83 -66.01 -11.79
CA VAL D 190 -5.35 -66.71 -10.62
C VAL D 190 -4.92 -68.17 -10.53
N VAL D 191 -4.81 -68.63 -9.28
CA VAL D 191 -4.64 -70.02 -8.93
C VAL D 191 -5.79 -70.37 -8.00
N VAL D 192 -6.69 -71.21 -8.48
CA VAL D 192 -7.94 -71.52 -7.80
C VAL D 192 -7.89 -72.90 -7.12
N LYS D 193 -8.27 -72.98 -5.85
CA LYS D 193 -8.38 -74.25 -5.16
C LYS D 193 -9.83 -74.50 -4.75
N PRO D 194 -10.57 -75.30 -5.54
CA PRO D 194 -11.96 -75.58 -5.20
C PRO D 194 -12.03 -76.49 -4.00
N ALA D 195 -13.20 -76.55 -3.38
CA ALA D 195 -13.37 -77.40 -2.21
C ALA D 195 -13.17 -78.87 -2.59
N GLU D 196 -12.57 -79.63 -1.67
CA GLU D 196 -12.36 -81.08 -1.84
C GLU D 196 -13.68 -81.81 -2.19
N GLN D 197 -14.77 -81.37 -1.59
CA GLN D 197 -16.06 -82.02 -1.84
C GLN D 197 -16.62 -81.78 -3.24
N THR D 198 -16.31 -80.63 -3.82
CA THR D 198 -16.99 -80.14 -5.03
C THR D 198 -16.09 -79.52 -6.10
N PRO D 199 -15.12 -80.28 -6.62
CA PRO D 199 -14.23 -79.72 -7.63
C PRO D 199 -14.78 -79.75 -9.05
N LEU D 200 -15.85 -80.52 -9.29
CA LEU D 200 -16.17 -80.90 -10.68
C LEU D 200 -16.65 -79.74 -11.56
N THR D 201 -17.52 -78.88 -11.04
CA THR D 201 -18.04 -77.82 -11.86
C THR D 201 -16.93 -76.82 -12.22
N ALA D 202 -16.02 -76.57 -11.29
CA ALA D 202 -14.89 -75.70 -11.55
C ALA D 202 -14.03 -76.24 -12.70
N LEU D 203 -13.80 -77.55 -12.70
CA LEU D 203 -12.99 -78.16 -13.77
C LEU D 203 -13.70 -78.09 -15.10
N HIS D 204 -15.02 -78.22 -15.12
CA HIS D 204 -15.75 -77.99 -16.37
C HIS D 204 -15.59 -76.52 -16.82
N VAL D 205 -15.68 -75.58 -15.89
CA VAL D 205 -15.49 -74.18 -16.25
C VAL D 205 -14.10 -73.94 -16.83
N ALA D 206 -13.10 -74.62 -16.28
CA ALA D 206 -11.74 -74.50 -16.82
C ALA D 206 -11.70 -74.87 -18.30
N SER D 207 -12.42 -75.93 -18.71
CA SER D 207 -12.52 -76.31 -20.13
C SER D 207 -13.11 -75.16 -20.97
N LEU D 208 -14.04 -74.42 -20.39
CA LEU D 208 -14.66 -73.28 -21.06
C LEU D 208 -13.74 -72.05 -21.12
N ILE D 209 -12.88 -71.91 -20.13
CA ILE D 209 -11.89 -70.81 -20.09
C ILE D 209 -10.95 -70.97 -21.25
N LYS D 210 -10.52 -72.20 -21.46
CA LYS D 210 -9.71 -72.50 -22.62
C LYS D 210 -10.49 -72.21 -23.92
N GLU D 211 -11.69 -72.74 -24.02
CA GLU D 211 -12.51 -72.55 -25.22
C GLU D 211 -12.72 -71.04 -25.51
N ALA D 212 -12.96 -70.24 -24.47
CA ALA D 212 -13.19 -68.82 -24.63
C ALA D 212 -11.99 -68.06 -25.21
N GLY D 213 -10.78 -68.59 -25.00
CA GLY D 213 -9.59 -67.99 -25.56
C GLY D 213 -8.71 -67.25 -24.57
N PHE D 214 -8.88 -67.48 -23.27
CA PHE D 214 -7.99 -66.85 -22.30
C PHE D 214 -6.57 -67.33 -22.54
N PRO D 215 -5.59 -66.42 -22.43
CA PRO D 215 -4.23 -66.89 -22.56
C PRO D 215 -3.85 -67.95 -21.49
N PRO D 216 -2.92 -68.87 -21.84
CA PRO D 216 -2.50 -69.88 -20.87
C PRO D 216 -1.86 -69.28 -19.62
N GLY D 217 -2.23 -69.83 -18.46
CA GLY D 217 -1.68 -69.39 -17.21
C GLY D 217 -2.49 -68.31 -16.51
N VAL D 218 -3.46 -67.72 -17.21
CA VAL D 218 -4.30 -66.67 -16.64
C VAL D 218 -5.23 -67.26 -15.58
N VAL D 219 -5.80 -68.41 -15.88
CA VAL D 219 -6.55 -69.22 -14.87
C VAL D 219 -6.00 -70.62 -14.72
N ASN D 220 -5.66 -70.97 -13.49
CA ASN D 220 -5.19 -72.30 -13.15
C ASN D 220 -6.03 -72.86 -12.02
N ILE D 221 -6.38 -74.14 -12.10
CA ILE D 221 -7.23 -74.77 -11.08
C ILE D 221 -6.60 -76.03 -10.51
N VAL D 222 -6.41 -76.02 -9.19
CA VAL D 222 -5.75 -77.10 -8.49
C VAL D 222 -6.69 -77.72 -7.42
N PRO D 223 -7.37 -78.82 -7.75
CA PRO D 223 -8.19 -79.52 -6.73
C PRO D 223 -7.30 -80.14 -5.68
N GLY D 224 -7.85 -80.33 -4.50
CA GLY D 224 -7.13 -80.92 -3.38
C GLY D 224 -7.72 -80.51 -2.05
N TYR D 225 -7.03 -80.91 -0.98
CA TYR D 225 -7.47 -80.64 0.38
C TYR D 225 -7.03 -79.28 0.88
N GLY D 226 -7.69 -78.81 1.92
CA GLY D 226 -7.38 -77.52 2.58
C GLY D 226 -5.99 -77.43 3.19
N PRO D 227 -5.65 -78.36 4.10
CA PRO D 227 -4.38 -78.29 4.81
C PRO D 227 -3.16 -78.53 3.95
N THR D 228 -3.37 -79.02 2.75
CA THR D 228 -2.30 -79.30 1.82
C THR D 228 -2.24 -78.23 0.72
N ALA D 229 -3.10 -78.34 -0.28
CA ALA D 229 -3.15 -77.37 -1.36
C ALA D 229 -3.52 -75.93 -0.88
N GLY D 230 -4.50 -75.82 0.00
CA GLY D 230 -4.95 -74.51 0.49
C GLY D 230 -3.87 -73.83 1.30
N ALA D 231 -3.25 -74.59 2.20
CA ALA D 231 -2.13 -74.07 2.98
C ALA D 231 -0.96 -73.67 2.10
N ALA D 232 -0.70 -74.45 1.07
CA ALA D 232 0.41 -74.12 0.16
C ALA D 232 0.17 -72.75 -0.52
N ILE D 233 -1.06 -72.48 -0.90
CA ILE D 233 -1.45 -71.20 -1.48
C ILE D 233 -1.21 -70.08 -0.49
N SER D 234 -1.63 -70.29 0.74
CA SER D 234 -1.62 -69.22 1.71
C SER D 234 -0.20 -68.87 2.18
N SER D 235 0.72 -69.83 2.09
CA SER D 235 2.10 -69.58 2.52
C SER D 235 3.07 -69.38 1.36
N HIS D 236 2.56 -69.36 0.12
CA HIS D 236 3.40 -69.30 -1.05
C HIS D 236 4.09 -67.93 -1.17
N MET D 237 5.38 -67.94 -1.46
CA MET D 237 6.17 -66.72 -1.46
C MET D 237 6.03 -65.90 -2.73
N ASP D 238 5.41 -66.48 -3.77
CA ASP D 238 5.17 -65.75 -5.03
C ASP D 238 3.68 -65.53 -5.39
N ILE D 239 2.81 -65.73 -4.42
CA ILE D 239 1.40 -65.36 -4.56
C ILE D 239 1.19 -64.01 -3.91
N ASP D 240 0.64 -63.08 -4.66
CA ASP D 240 0.51 -61.67 -4.17
C ASP D 240 -0.70 -61.43 -3.29
N LYS D 241 -1.72 -62.24 -3.49
CA LYS D 241 -2.96 -62.09 -2.76
C LYS D 241 -3.65 -63.41 -2.60
N VAL D 242 -4.23 -63.62 -1.42
CA VAL D 242 -5.12 -64.77 -1.19
C VAL D 242 -6.54 -64.33 -0.81
N ALA D 243 -7.52 -64.97 -1.44
CA ALA D 243 -8.93 -64.78 -1.14
C ALA D 243 -9.49 -66.10 -0.71
N PHE D 244 -10.21 -66.10 0.39
CA PHE D 244 -10.76 -67.32 0.97
C PHE D 244 -12.17 -67.08 1.45
N THR D 245 -13.04 -68.02 1.14
CA THR D 245 -14.38 -68.10 1.72
C THR D 245 -14.49 -69.45 2.41
N GLY D 246 -14.89 -69.40 3.67
CA GLY D 246 -15.04 -70.62 4.48
C GLY D 246 -15.18 -70.30 5.94
N SER D 247 -14.72 -71.20 6.79
CA SER D 247 -14.90 -71.01 8.21
C SER D 247 -13.96 -69.94 8.79
N THR D 248 -14.44 -69.28 9.84
CA THR D 248 -13.65 -68.29 10.52
C THR D 248 -12.36 -68.89 11.04
N GLU D 249 -12.42 -70.11 11.56
CA GLU D 249 -11.22 -70.80 12.06
C GLU D 249 -10.09 -70.94 11.00
N VAL D 250 -10.46 -71.30 9.79
CA VAL D 250 -9.47 -71.44 8.73
C VAL D 250 -9.01 -70.05 8.24
N GLY D 251 -9.96 -69.13 8.17
CA GLY D 251 -9.67 -67.72 7.90
C GLY D 251 -8.51 -67.17 8.76
N LYS D 252 -8.55 -67.46 10.04
CA LYS D 252 -7.48 -67.05 10.97
C LYS D 252 -6.13 -67.64 10.60
N LEU D 253 -6.14 -68.90 10.20
CA LEU D 253 -4.90 -69.57 9.79
C LEU D 253 -4.36 -69.03 8.47
N ILE D 254 -5.25 -68.64 7.57
CA ILE D 254 -4.83 -68.06 6.28
C ILE D 254 -4.13 -66.72 6.54
N LYS D 255 -4.76 -65.89 7.37
CA LYS D 255 -4.24 -64.57 7.67
C LYS D 255 -2.89 -64.65 8.37
N GLU D 256 -2.82 -65.56 9.33
CA GLU D 256 -1.54 -65.85 9.99
C GLU D 256 -0.43 -66.30 9.00
N ALA D 257 -0.74 -67.25 8.13
CA ALA D 257 0.24 -67.73 7.14
C ALA D 257 0.66 -66.63 6.16
N ALA D 258 -0.28 -65.76 5.78
CA ALA D 258 0.02 -64.59 4.96
C ALA D 258 1.07 -63.71 5.63
N GLY D 259 0.88 -63.46 6.91
CA GLY D 259 1.79 -62.62 7.65
C GLY D 259 3.17 -63.26 7.78
N LYS D 260 3.20 -64.55 8.02
CA LYS D 260 4.44 -65.28 8.23
C LYS D 260 5.28 -65.44 6.95
N SER D 261 4.61 -65.45 5.80
CA SER D 261 5.28 -65.80 4.57
C SER D 261 5.78 -64.54 3.85
N ASN D 262 4.92 -63.94 3.02
CA ASN D 262 5.32 -62.80 2.20
C ASN D 262 4.41 -61.57 2.29
N LEU D 263 3.62 -61.51 3.34
CA LEU D 263 2.70 -60.37 3.60
C LEU D 263 1.71 -60.18 2.46
N LYS D 264 1.34 -61.26 1.81
CA LYS D 264 0.36 -61.22 0.76
C LYS D 264 -0.95 -60.56 1.24
N ARG D 265 -1.63 -59.86 0.33
CA ARG D 265 -2.91 -59.24 0.64
C ARG D 265 -3.92 -60.36 0.89
N VAL D 266 -4.90 -60.06 1.73
CA VAL D 266 -5.85 -61.07 2.21
C VAL D 266 -7.25 -60.56 2.13
N THR D 267 -8.14 -61.29 1.48
CA THR D 267 -9.56 -61.02 1.66
C THR D 267 -10.22 -62.30 2.15
N LEU D 268 -11.14 -62.14 3.09
CA LEU D 268 -11.76 -63.24 3.77
C LEU D 268 -13.26 -63.01 3.85
N GLU D 269 -14.02 -64.05 3.53
CA GLU D 269 -15.49 -64.08 3.73
C GLU D 269 -15.78 -65.32 4.55
N LEU D 270 -16.17 -65.11 5.80
CA LEU D 270 -16.14 -66.18 6.76
C LEU D 270 -17.54 -66.49 7.28
N GLY D 271 -17.62 -67.07 8.45
CA GLY D 271 -18.92 -67.46 8.95
C GLY D 271 -19.76 -66.29 9.41
N GLY D 272 -20.95 -66.64 9.85
CA GLY D 272 -21.79 -65.73 10.56
C GLY D 272 -22.67 -66.40 11.59
N LYS D 273 -23.32 -65.56 12.35
CA LYS D 273 -24.41 -65.93 13.20
C LYS D 273 -25.41 -64.78 13.08
N SER D 274 -25.93 -64.64 11.88
CA SER D 274 -26.65 -63.44 11.50
C SER D 274 -28.04 -63.35 12.16
N PRO D 275 -28.32 -62.20 12.80
CA PRO D 275 -29.61 -62.00 13.45
C PRO D 275 -30.65 -61.34 12.59
N CYS D 276 -31.90 -61.67 12.88
CA CYS D 276 -33.05 -60.92 12.40
C CYS D 276 -33.77 -60.32 13.59
N ILE D 277 -34.30 -59.10 13.39
CA ILE D 277 -35.05 -58.40 14.41
C ILE D 277 -36.42 -58.12 13.79
N VAL D 278 -37.45 -58.72 14.40
CA VAL D 278 -38.80 -58.62 13.89
C VAL D 278 -39.61 -57.80 14.88
N LEU D 279 -39.96 -56.59 14.47
CA LEU D 279 -40.77 -55.67 15.28
C LEU D 279 -42.26 -56.04 15.22
N ALA D 280 -43.01 -55.57 16.23
CA ALA D 280 -44.45 -55.85 16.36
C ALA D 280 -45.27 -55.32 15.17
N ASP D 281 -44.80 -54.23 14.54
CA ASP D 281 -45.52 -53.70 13.37
C ASP D 281 -45.18 -54.36 12.04
N ALA D 282 -44.34 -55.41 12.05
CA ALA D 282 -43.93 -56.04 10.81
C ALA D 282 -45.09 -56.73 10.12
N ASP D 283 -45.03 -56.78 8.80
CA ASP D 283 -45.83 -57.72 8.03
C ASP D 283 -45.37 -59.13 8.45
N LEU D 284 -46.23 -59.81 9.22
CA LEU D 284 -45.84 -61.03 9.90
C LEU D 284 -45.55 -62.17 8.95
N ASP D 285 -46.43 -62.40 7.99
CA ASP D 285 -46.22 -63.45 7.01
C ASP D 285 -44.95 -63.24 6.18
N ASN D 286 -44.69 -61.99 5.78
CA ASN D 286 -43.47 -61.68 5.03
C ASN D 286 -42.23 -61.97 5.88
N ALA D 287 -42.27 -61.58 7.13
CA ALA D 287 -41.14 -61.83 8.04
C ALA D 287 -40.93 -63.34 8.26
N VAL D 288 -42.02 -64.07 8.49
CA VAL D 288 -41.93 -65.52 8.70
C VAL D 288 -41.32 -66.18 7.49
N GLU D 289 -41.79 -65.78 6.32
CA GLU D 289 -41.33 -66.39 5.06
C GLU D 289 -39.84 -66.08 4.79
N PHE D 290 -39.42 -64.83 4.98
CA PHE D 290 -38.02 -64.47 4.68
C PHE D 290 -37.04 -65.02 5.72
N ALA D 291 -37.44 -65.02 6.99
CA ALA D 291 -36.60 -65.60 8.04
C ALA D 291 -36.46 -67.11 7.83
N HIS D 292 -37.56 -67.73 7.42
CA HIS D 292 -37.57 -69.15 7.09
C HIS D 292 -36.60 -69.48 5.91
N HIS D 293 -36.82 -68.83 4.78
CA HIS D 293 -35.90 -68.89 3.65
C HIS D 293 -34.45 -68.62 4.09
N GLY D 294 -34.28 -67.61 4.93
CA GLY D 294 -32.98 -67.18 5.39
C GLY D 294 -32.21 -68.26 6.14
N VAL D 295 -32.91 -69.11 6.87
CA VAL D 295 -32.23 -70.16 7.61
C VAL D 295 -32.19 -71.48 6.83
N PHE D 296 -33.26 -71.81 6.09
CA PHE D 296 -33.37 -73.14 5.47
C PHE D 296 -32.84 -73.26 4.03
N TYR D 297 -32.59 -72.16 3.36
CA TYR D 297 -32.09 -72.21 1.97
C TYR D 297 -30.82 -73.10 1.88
N HIS D 298 -30.80 -73.95 0.87
CA HIS D 298 -29.74 -74.92 0.68
C HIS D 298 -29.35 -75.68 1.95
N GLN D 299 -30.37 -76.21 2.62
CA GLN D 299 -30.19 -77.04 3.82
C GLN D 299 -29.41 -76.34 4.91
N GLY D 300 -29.59 -75.03 4.96
CA GLY D 300 -28.94 -74.21 5.97
C GLY D 300 -27.46 -73.90 5.72
N GLN D 301 -26.97 -74.24 4.53
CA GLN D 301 -25.52 -74.25 4.28
C GLN D 301 -25.06 -72.94 3.65
N CYS D 302 -25.39 -71.83 4.31
CA CYS D 302 -25.12 -70.48 3.82
C CYS D 302 -24.46 -69.74 4.95
N CYS D 303 -23.37 -69.06 4.63
CA CYS D 303 -22.66 -68.20 5.58
CA CYS D 303 -22.68 -68.24 5.61
C CYS D 303 -23.61 -67.17 6.18
N ILE D 304 -24.54 -66.68 5.37
CA ILE D 304 -25.49 -65.65 5.80
C ILE D 304 -26.75 -66.20 6.51
N ALA D 305 -26.78 -67.49 6.82
CA ALA D 305 -28.00 -68.08 7.42
C ALA D 305 -28.56 -67.19 8.55
N ALA D 306 -29.87 -66.98 8.53
CA ALA D 306 -30.58 -66.20 9.54
C ALA D 306 -30.76 -67.04 10.82
N SER D 307 -29.68 -67.20 11.56
CA SER D 307 -29.59 -68.18 12.60
C SER D 307 -29.93 -67.69 14.01
N ARG D 308 -30.28 -66.44 14.16
CA ARG D 308 -30.84 -65.93 15.40
C ARG D 308 -31.98 -65.00 15.03
N ILE D 309 -33.21 -65.44 15.30
CA ILE D 309 -34.39 -64.61 14.96
C ILE D 309 -35.03 -64.06 16.23
N PHE D 310 -34.89 -62.76 16.42
CA PHE D 310 -35.37 -62.09 17.62
C PHE D 310 -36.72 -61.48 17.29
N VAL D 311 -37.75 -61.86 18.04
CA VAL D 311 -39.13 -61.44 17.75
C VAL D 311 -39.77 -60.73 18.94
N GLU D 312 -40.37 -59.57 18.69
CA GLU D 312 -40.96 -58.77 19.75
C GLU D 312 -42.03 -59.65 20.47
N GLU D 313 -42.03 -59.57 21.80
CA GLU D 313 -42.86 -60.39 22.66
C GLU D 313 -44.29 -60.58 22.21
N SER D 314 -44.95 -59.49 21.85
CA SER D 314 -46.39 -59.50 21.55
C SER D 314 -46.74 -60.32 20.32
N ILE D 315 -45.77 -60.57 19.43
CA ILE D 315 -46.02 -61.39 18.24
C ILE D 315 -45.22 -62.69 18.22
N TYR D 316 -44.48 -62.93 19.30
CA TYR D 316 -43.52 -64.07 19.36
C TYR D 316 -44.21 -65.42 19.21
N ASP D 317 -45.25 -65.67 19.99
CA ASP D 317 -45.93 -66.98 19.94
C ASP D 317 -46.51 -67.27 18.56
N GLU D 318 -47.16 -66.28 17.97
CA GLU D 318 -47.67 -66.42 16.61
C GLU D 318 -46.53 -66.63 15.58
N PHE D 319 -45.45 -65.86 15.73
CA PHE D 319 -44.29 -66.06 14.83
C PHE D 319 -43.77 -67.50 14.89
N VAL D 320 -43.62 -68.02 16.10
CA VAL D 320 -43.14 -69.39 16.29
C VAL D 320 -44.08 -70.39 15.64
N ARG D 321 -45.38 -70.23 15.93
CA ARG D 321 -46.38 -71.09 15.38
C ARG D 321 -46.32 -71.14 13.87
N ARG D 322 -46.30 -69.98 13.23
CA ARG D 322 -46.26 -69.96 11.76
C ARG D 322 -44.95 -70.52 11.22
N SER D 323 -43.86 -70.27 11.94
CA SER D 323 -42.55 -70.79 11.52
C SER D 323 -42.52 -72.32 11.56
N VAL D 324 -43.13 -72.88 12.60
CA VAL D 324 -43.20 -74.33 12.76
C VAL D 324 -44.03 -74.94 11.63
N GLU D 325 -45.20 -74.37 11.37
CA GLU D 325 -46.04 -74.83 10.26
C GLU D 325 -45.29 -74.81 8.93
N ARG D 326 -44.55 -73.74 8.67
CA ARG D 326 -43.76 -73.61 7.45
C ARG D 326 -42.65 -74.68 7.39
N ALA D 327 -42.00 -74.98 8.52
CA ALA D 327 -40.89 -75.94 8.55
C ALA D 327 -41.30 -77.42 8.37
N LYS D 328 -42.58 -77.74 8.61
CA LYS D 328 -43.06 -79.12 8.53
C LYS D 328 -43.52 -79.54 7.14
N LYS D 329 -43.39 -78.67 6.15
CA LYS D 329 -43.86 -78.96 4.79
C LYS D 329 -42.81 -79.50 3.81
N TYR D 330 -41.64 -79.88 4.29
CA TYR D 330 -40.59 -80.26 3.36
C TYR D 330 -40.69 -81.71 2.93
N ILE D 331 -40.16 -82.00 1.76
CA ILE D 331 -39.96 -83.36 1.30
C ILE D 331 -38.48 -83.61 1.08
N LEU D 332 -37.93 -84.55 1.85
CA LEU D 332 -36.50 -84.80 1.82
C LEU D 332 -36.21 -85.87 0.78
N GLY D 333 -35.15 -85.70 0.03
CA GLY D 333 -34.71 -86.74 -0.88
C GLY D 333 -33.67 -86.26 -1.89
N ASN D 334 -33.56 -87.00 -2.98
CA ASN D 334 -32.55 -86.73 -4.00
C ASN D 334 -32.86 -85.40 -4.67
N PRO D 335 -31.90 -84.45 -4.65
CA PRO D 335 -32.16 -83.13 -5.18
C PRO D 335 -32.36 -83.07 -6.71
N LEU D 336 -32.09 -84.16 -7.42
CA LEU D 336 -32.47 -84.27 -8.83
C LEU D 336 -33.92 -84.71 -9.02
N THR D 337 -34.61 -85.10 -7.95
CA THR D 337 -35.96 -85.66 -8.06
C THR D 337 -37.00 -84.54 -7.98
N PRO D 338 -37.81 -84.36 -9.03
CA PRO D 338 -38.87 -83.35 -8.97
C PRO D 338 -39.79 -83.60 -7.79
N GLY D 339 -40.15 -82.53 -7.09
CA GLY D 339 -40.98 -82.66 -5.90
C GLY D 339 -40.21 -82.67 -4.59
N VAL D 340 -38.93 -83.01 -4.62
CA VAL D 340 -38.09 -82.92 -3.44
C VAL D 340 -37.82 -81.45 -3.16
N THR D 341 -37.95 -81.06 -1.90
CA THR D 341 -37.74 -79.67 -1.53
C THR D 341 -36.67 -79.46 -0.45
N GLN D 342 -36.02 -80.55 -0.02
CA GLN D 342 -34.85 -80.46 0.81
C GLN D 342 -33.90 -81.60 0.47
N GLY D 343 -32.67 -81.22 0.12
CA GLY D 343 -31.60 -82.16 -0.16
C GLY D 343 -30.81 -82.56 1.08
N PRO D 344 -29.69 -83.26 0.88
CA PRO D 344 -28.80 -83.65 1.95
C PRO D 344 -27.79 -82.59 2.32
N GLN D 345 -27.17 -82.80 3.47
CA GLN D 345 -25.97 -82.04 3.85
C GLN D 345 -24.81 -82.56 3.04
N ILE D 346 -23.75 -81.77 2.96
CA ILE D 346 -22.67 -82.05 1.98
C ILE D 346 -21.89 -83.32 2.26
N ASP D 347 -21.69 -83.60 3.53
CA ASP D 347 -20.89 -84.77 3.89
C ASP D 347 -21.12 -85.17 5.33
N LYS D 348 -20.47 -86.26 5.73
CA LYS D 348 -20.69 -86.84 7.05
C LYS D 348 -20.17 -85.95 8.16
N GLU D 349 -19.05 -85.26 7.95
CA GLU D 349 -18.51 -84.36 8.96
C GLU D 349 -19.50 -83.22 9.33
N GLN D 350 -20.10 -82.60 8.32
CA GLN D 350 -21.10 -81.55 8.55
C GLN D 350 -22.34 -82.10 9.24
N TYR D 351 -22.82 -83.21 8.70
CA TYR D 351 -23.97 -83.94 9.24
C TYR D 351 -23.78 -84.19 10.73
N ASP D 352 -22.63 -84.75 11.09
CA ASP D 352 -22.31 -85.04 12.48
C ASP D 352 -22.28 -83.77 13.34
N LYS D 353 -21.63 -82.73 12.86
CA LYS D 353 -21.57 -81.46 13.56
C LYS D 353 -22.97 -80.88 13.81
N ILE D 354 -23.82 -80.94 12.79
CA ILE D 354 -25.20 -80.39 12.91
C ILE D 354 -25.98 -81.17 13.95
N LEU D 355 -25.89 -82.50 13.88
CA LEU D 355 -26.62 -83.37 14.86
C LEU D 355 -26.13 -83.15 16.27
N ASP D 356 -24.82 -82.98 16.43
CA ASP D 356 -24.27 -82.60 17.70
C ASP D 356 -24.78 -81.27 18.25
N LEU D 357 -24.90 -80.25 17.40
CA LEU D 357 -25.42 -78.96 17.85
C LEU D 357 -26.90 -79.05 18.21
N ILE D 358 -27.65 -79.80 17.41
CA ILE D 358 -29.07 -80.07 17.74
C ILE D 358 -29.18 -80.73 19.12
N GLU D 359 -28.30 -81.69 19.39
CA GLU D 359 -28.26 -82.33 20.71
C GLU D 359 -27.95 -81.32 21.82
N SER D 360 -27.02 -80.41 21.58
CA SER D 360 -26.70 -79.41 22.60
C SER D 360 -27.92 -78.54 22.90
N GLY D 361 -28.69 -78.24 21.87
CA GLY D 361 -29.90 -77.43 22.06
C GLY D 361 -30.88 -78.11 23.00
N LYS D 362 -31.13 -79.39 22.75
CA LYS D 362 -31.98 -80.17 23.64
C LYS D 362 -31.41 -80.18 25.07
N LYS D 363 -30.12 -80.48 25.19
CA LYS D 363 -29.43 -80.55 26.48
C LYS D 363 -29.44 -79.24 27.25
N GLU D 364 -29.32 -78.13 26.54
CA GLU D 364 -29.28 -76.82 27.21
C GLU D 364 -30.64 -76.18 27.44
N GLY D 365 -31.71 -76.88 27.09
CA GLY D 365 -33.07 -76.42 27.44
C GLY D 365 -33.78 -75.53 26.44
N ALA D 366 -33.28 -75.42 25.22
CA ALA D 366 -34.06 -74.83 24.16
C ALA D 366 -35.31 -75.69 23.91
N LYS D 367 -36.40 -75.07 23.47
CA LYS D 367 -37.60 -75.85 23.18
C LYS D 367 -37.62 -76.36 21.76
N LEU D 368 -37.59 -77.68 21.60
CA LEU D 368 -37.66 -78.31 20.29
C LEU D 368 -39.07 -78.33 19.75
N GLU D 369 -39.32 -77.61 18.66
CA GLU D 369 -40.67 -77.41 18.14
C GLU D 369 -40.98 -78.38 17.00
N CYS D 370 -39.95 -78.78 16.27
CA CYS D 370 -40.09 -79.81 15.25
C CYS D 370 -38.73 -80.27 14.80
N GLY D 371 -38.71 -81.42 14.13
CA GLY D 371 -37.50 -82.07 13.69
C GLY D 371 -36.62 -82.54 14.84
N GLY D 372 -35.31 -82.34 14.71
CA GLY D 372 -34.39 -82.67 15.80
C GLY D 372 -33.63 -83.98 15.65
N GLY D 373 -33.62 -84.54 14.45
CA GLY D 373 -32.83 -85.74 14.21
C GLY D 373 -32.58 -85.99 12.74
N PRO D 374 -31.89 -87.08 12.45
CA PRO D 374 -31.64 -87.47 11.08
C PRO D 374 -32.86 -88.02 10.39
N TRP D 375 -32.73 -88.22 9.08
CA TRP D 375 -33.78 -88.82 8.28
C TRP D 375 -33.16 -89.80 7.31
N GLY D 376 -33.80 -90.96 7.15
CA GLY D 376 -33.52 -91.85 6.02
C GLY D 376 -32.36 -92.80 6.24
N ASN D 377 -32.16 -93.67 5.24
CA ASN D 377 -31.21 -94.79 5.31
C ASN D 377 -29.92 -94.55 4.51
N LYS D 378 -29.93 -93.56 3.64
CA LYS D 378 -28.77 -93.28 2.79
C LYS D 378 -28.64 -91.73 2.61
N GLY D 379 -27.41 -91.28 2.52
CA GLY D 379 -27.10 -89.86 2.37
C GLY D 379 -27.22 -89.15 3.71
N TYR D 380 -26.91 -87.87 3.73
CA TYR D 380 -26.78 -87.11 4.97
C TYR D 380 -27.93 -86.14 5.15
N PHE D 381 -29.08 -86.67 5.54
CA PHE D 381 -30.30 -85.86 5.66
C PHE D 381 -30.56 -85.55 7.10
N VAL D 382 -30.86 -84.28 7.36
CA VAL D 382 -31.25 -83.82 8.68
C VAL D 382 -32.67 -83.24 8.58
N GLN D 383 -33.54 -83.66 9.47
CA GLN D 383 -34.89 -83.08 9.54
C GLN D 383 -34.84 -81.59 9.81
N PRO D 384 -35.69 -80.82 9.11
CA PRO D 384 -35.73 -79.39 9.39
C PRO D 384 -36.16 -79.20 10.82
N THR D 385 -35.39 -78.38 11.54
CA THR D 385 -35.48 -78.32 12.98
C THR D 385 -35.68 -76.89 13.42
N VAL D 386 -36.64 -76.68 14.30
CA VAL D 386 -36.94 -75.37 14.87
C VAL D 386 -36.82 -75.45 16.37
N PHE D 387 -36.01 -74.55 16.94
CA PHE D 387 -35.93 -74.34 18.39
C PHE D 387 -36.49 -72.99 18.76
N SER D 388 -37.32 -72.96 19.81
CA SER D 388 -37.81 -71.72 20.38
C SER D 388 -37.24 -71.55 21.79
N ASN D 389 -37.53 -70.40 22.37
CA ASN D 389 -37.04 -70.05 23.71
C ASN D 389 -35.54 -70.22 23.81
N VAL D 390 -34.85 -69.82 22.75
CA VAL D 390 -33.41 -69.92 22.73
C VAL D 390 -32.86 -68.73 23.49
N THR D 391 -31.82 -68.95 24.27
CA THR D 391 -31.18 -67.88 25.03
C THR D 391 -29.73 -67.69 24.56
N ASP D 392 -29.21 -66.51 24.83
CA ASP D 392 -27.96 -66.04 24.18
C ASP D 392 -26.72 -66.86 24.51
N GLU D 393 -26.74 -67.55 25.65
CA GLU D 393 -25.60 -68.35 26.09
C GLU D 393 -25.58 -69.78 25.55
N MET D 394 -26.66 -70.22 24.93
CA MET D 394 -26.70 -71.57 24.36
C MET D 394 -25.74 -71.71 23.18
N ARG D 395 -25.16 -72.90 23.02
CA ARG D 395 -24.29 -73.21 21.89
C ARG D 395 -25.00 -72.91 20.56
N ILE D 396 -26.26 -73.29 20.44
CA ILE D 396 -27.01 -73.03 19.20
C ILE D 396 -27.24 -71.55 18.89
N ALA D 397 -27.13 -70.71 19.89
CA ALA D 397 -27.21 -69.25 19.74
C ALA D 397 -25.86 -68.60 19.44
N LYS D 398 -24.77 -69.33 19.66
CA LYS D 398 -23.43 -68.77 19.51
C LYS D 398 -22.67 -69.33 18.34
N GLU D 399 -22.80 -70.62 18.09
CA GLU D 399 -22.00 -71.28 17.08
C GLU D 399 -22.74 -71.41 15.74
N GLU D 400 -21.97 -71.26 14.67
CA GLU D 400 -22.50 -71.43 13.33
C GLU D 400 -22.83 -72.89 13.11
N ILE D 401 -24.07 -73.18 12.76
CA ILE D 401 -24.52 -74.57 12.65
C ILE D 401 -24.33 -75.12 11.24
N PHE D 402 -24.70 -74.33 10.24
CA PHE D 402 -24.59 -74.69 8.83
C PHE D 402 -25.48 -75.87 8.48
N GLY D 403 -26.65 -75.88 9.09
CA GLY D 403 -27.66 -76.91 8.86
C GLY D 403 -29.04 -76.33 8.98
N PRO D 404 -30.09 -77.14 8.69
CA PRO D 404 -31.45 -76.65 8.71
C PRO D 404 -32.01 -76.59 10.13
N VAL D 405 -31.50 -75.62 10.86
CA VAL D 405 -31.78 -75.47 12.27
C VAL D 405 -32.03 -74.00 12.55
N GLN D 406 -33.27 -73.70 12.89
CA GLN D 406 -33.74 -72.34 13.16
C GLN D 406 -33.85 -72.07 14.64
N GLN D 407 -33.31 -70.93 15.07
CA GLN D 407 -33.41 -70.46 16.44
C GLN D 407 -34.31 -69.25 16.52
N ILE D 408 -35.30 -69.33 17.39
CA ILE D 408 -36.22 -68.21 17.63
C ILE D 408 -36.19 -67.78 19.09
N MET D 409 -36.08 -66.48 19.27
CA MET D 409 -35.92 -65.83 20.56
C MET D 409 -36.86 -64.66 20.68
N LYS D 410 -37.19 -64.28 21.91
CA LYS D 410 -38.05 -63.12 22.12
C LYS D 410 -37.26 -61.91 22.62
N PHE D 411 -37.79 -60.72 22.42
CA PHE D 411 -37.29 -59.53 23.09
C PHE D 411 -38.45 -58.63 23.44
N LYS D 412 -38.23 -57.72 24.38
CA LYS D 412 -39.19 -56.64 24.66
C LYS D 412 -38.57 -55.26 24.43
N SER D 413 -37.30 -55.11 24.78
CA SER D 413 -36.60 -53.83 24.59
C SER D 413 -35.81 -53.80 23.29
N LEU D 414 -36.15 -52.86 22.42
CA LEU D 414 -35.40 -52.66 21.17
C LEU D 414 -33.93 -52.33 21.39
N ASP D 415 -33.64 -51.41 22.32
CA ASP D 415 -32.25 -51.09 22.66
C ASP D 415 -31.48 -52.33 23.08
N ASP D 416 -32.09 -53.14 23.94
CA ASP D 416 -31.42 -54.32 24.42
C ASP D 416 -31.21 -55.35 23.30
N VAL D 417 -32.17 -55.49 22.40
CA VAL D 417 -32.06 -56.55 21.39
C VAL D 417 -30.98 -56.20 20.35
N ILE D 418 -30.80 -54.92 20.08
CA ILE D 418 -29.71 -54.47 19.23
C ILE D 418 -28.38 -54.88 19.86
N LYS D 419 -28.21 -54.65 21.14
CA LYS D 419 -27.00 -55.09 21.85
C LYS D 419 -26.81 -56.58 21.77
N ARG D 420 -27.88 -57.33 21.96
CA ARG D 420 -27.81 -58.76 21.83
C ARG D 420 -27.44 -59.20 20.40
N ALA D 421 -28.07 -58.59 19.41
CA ALA D 421 -27.78 -58.89 18.01
C ALA D 421 -26.29 -58.62 17.71
N ASN D 422 -25.74 -57.56 18.29
CA ASN D 422 -24.35 -57.18 18.07
C ASN D 422 -23.34 -57.93 18.96
N ASN D 423 -23.82 -58.66 19.96
CA ASN D 423 -22.95 -59.27 20.92
C ASN D 423 -22.41 -60.61 20.44
N THR D 424 -21.52 -60.54 19.49
CA THR D 424 -20.99 -61.71 18.79
C THR D 424 -19.72 -61.24 18.09
N PHE D 425 -18.81 -62.17 17.83
CA PHE D 425 -17.63 -61.83 17.07
C PHE D 425 -17.94 -61.81 15.57
N TYR D 426 -19.10 -62.35 15.21
CA TYR D 426 -19.51 -62.43 13.82
C TYR D 426 -20.20 -61.10 13.43
N GLY D 427 -20.45 -60.93 12.14
CA GLY D 427 -21.02 -59.69 11.64
C GLY D 427 -21.22 -59.69 10.14
N LEU D 428 -21.67 -60.81 9.60
CA LEU D 428 -21.83 -60.93 8.16
C LEU D 428 -23.04 -60.18 7.62
N SER D 429 -24.17 -60.41 8.25
CA SER D 429 -25.43 -59.89 7.78
C SER D 429 -26.45 -59.84 8.88
N ALA D 430 -27.58 -59.24 8.57
CA ALA D 430 -28.68 -59.14 9.49
C ALA D 430 -29.93 -58.77 8.73
N GLY D 431 -31.05 -58.97 9.40
CA GLY D 431 -32.35 -58.62 8.83
C GLY D 431 -33.17 -57.81 9.82
N VAL D 432 -33.93 -56.88 9.27
CA VAL D 432 -34.78 -56.00 10.08
C VAL D 432 -36.16 -56.01 9.44
N PHE D 433 -37.18 -56.33 10.23
CA PHE D 433 -38.55 -56.42 9.75
C PHE D 433 -39.45 -55.43 10.50
N THR D 434 -39.91 -54.44 9.76
CA THR D 434 -40.73 -53.35 10.30
C THR D 434 -41.32 -52.58 9.14
N LYS D 435 -42.45 -51.92 9.36
CA LYS D 435 -43.02 -51.02 8.35
C LYS D 435 -42.59 -49.56 8.53
N ASP D 436 -41.98 -49.28 9.67
CA ASP D 436 -41.63 -47.91 10.07
C ASP D 436 -40.31 -47.43 9.51
N ILE D 437 -40.36 -46.28 8.84
CA ILE D 437 -39.20 -45.70 8.18
C ILE D 437 -38.05 -45.46 9.17
N ASP D 438 -38.36 -44.80 10.27
CA ASP D 438 -37.35 -44.40 11.19
C ASP D 438 -36.65 -45.61 11.81
N LYS D 439 -37.45 -46.58 12.22
CA LYS D 439 -36.92 -47.80 12.78
C LYS D 439 -36.00 -48.53 11.76
N ALA D 440 -36.46 -48.63 10.52
CA ALA D 440 -35.71 -49.32 9.49
C ALA D 440 -34.32 -48.69 9.32
N ILE D 441 -34.29 -47.37 9.28
CA ILE D 441 -33.03 -46.66 9.06
C ILE D 441 -32.13 -46.71 10.29
N THR D 442 -32.68 -46.42 11.47
CA THR D 442 -31.84 -46.34 12.65
C THR D 442 -31.35 -47.71 13.12
N ILE D 443 -32.18 -48.76 12.96
CA ILE D 443 -31.79 -50.09 13.37
C ILE D 443 -30.68 -50.61 12.42
N SER D 444 -30.92 -50.48 11.11
CA SER D 444 -29.95 -50.91 10.12
C SER D 444 -28.59 -50.20 10.32
N SER D 445 -28.62 -48.93 10.70
CA SER D 445 -27.39 -48.16 11.02
C SER D 445 -26.65 -48.65 12.25
N ALA D 446 -27.41 -49.14 13.25
CA ALA D 446 -26.86 -49.60 14.51
C ALA D 446 -26.33 -51.03 14.51
N LEU D 447 -26.78 -51.83 13.54
CA LEU D 447 -26.35 -53.22 13.46
C LEU D 447 -24.92 -53.35 12.90
N GLN D 448 -24.09 -54.14 13.57
CA GLN D 448 -22.71 -54.35 13.14
C GLN D 448 -22.64 -55.52 12.17
N ALA D 449 -23.10 -55.27 10.94
CA ALA D 449 -23.26 -56.31 9.91
C ALA D 449 -23.03 -55.73 8.56
N GLY D 450 -22.37 -56.52 7.72
CA GLY D 450 -21.93 -56.07 6.38
C GLY D 450 -23.06 -55.83 5.38
N THR D 451 -24.06 -56.69 5.41
CA THR D 451 -25.30 -56.44 4.70
C THR D 451 -26.48 -56.47 5.66
N VAL D 452 -27.32 -55.44 5.60
CA VAL D 452 -28.56 -55.42 6.39
C VAL D 452 -29.74 -55.37 5.42
N TRP D 453 -30.59 -56.40 5.48
CA TRP D 453 -31.82 -56.49 4.70
C TRP D 453 -33.02 -55.95 5.49
N VAL D 454 -33.88 -55.21 4.81
CA VAL D 454 -35.07 -54.62 5.43
C VAL D 454 -36.29 -55.21 4.76
N ASN D 455 -37.10 -55.94 5.54
CA ASN D 455 -38.27 -56.63 5.06
C ASN D 455 -37.99 -57.64 3.96
N CYS D 456 -36.76 -58.15 3.93
CA CYS D 456 -36.41 -59.24 3.10
C CYS D 456 -35.19 -59.90 3.76
N TYR D 457 -34.65 -60.90 3.11
CA TYR D 457 -33.46 -61.58 3.62
C TYR D 457 -32.79 -62.35 2.47
N GLY D 458 -31.46 -62.36 2.49
CA GLY D 458 -30.69 -63.17 1.56
C GLY D 458 -30.68 -62.65 0.12
N VAL D 459 -30.91 -61.35 -0.05
CA VAL D 459 -30.98 -60.74 -1.37
C VAL D 459 -29.55 -60.28 -1.71
N VAL D 460 -28.90 -61.03 -2.59
CA VAL D 460 -27.51 -60.79 -2.95
C VAL D 460 -27.44 -60.55 -4.45
N SER D 461 -26.60 -59.60 -4.86
CA SER D 461 -26.48 -59.27 -6.27
C SER D 461 -25.07 -58.80 -6.60
N ALA D 462 -24.70 -58.95 -7.86
CA ALA D 462 -23.33 -58.63 -8.29
C ALA D 462 -23.06 -57.12 -8.21
N GLN D 463 -24.13 -56.35 -8.27
CA GLN D 463 -24.06 -54.88 -8.20
C GLN D 463 -23.71 -54.33 -6.80
N CYS D 464 -23.90 -55.11 -5.74
CA CYS D 464 -23.64 -54.61 -4.39
C CYS D 464 -22.46 -55.27 -3.71
N PRO D 465 -21.72 -54.49 -2.94
CA PRO D 465 -20.64 -55.10 -2.20
C PRO D 465 -21.21 -56.02 -1.13
N PHE D 466 -20.45 -57.07 -0.86
CA PHE D 466 -20.81 -58.05 0.13
C PHE D 466 -19.58 -58.45 0.95
N GLY D 467 -19.77 -58.60 2.26
CA GLY D 467 -18.68 -59.02 3.15
C GLY D 467 -19.01 -58.74 4.61
N GLY D 468 -18.10 -59.15 5.48
CA GLY D 468 -18.37 -59.13 6.89
C GLY D 468 -17.77 -58.02 7.69
N PHE D 469 -18.48 -57.63 8.73
CA PHE D 469 -17.89 -56.91 9.84
C PHE D 469 -17.17 -57.93 10.75
N LYS D 470 -16.25 -57.41 11.57
CA LYS D 470 -15.60 -58.16 12.63
C LYS D 470 -15.03 -59.46 12.12
N MET D 471 -15.27 -60.59 12.79
CA MET D 471 -14.63 -61.85 12.41
C MET D 471 -15.37 -62.60 11.31
N SER D 472 -16.39 -61.99 10.73
CA SER D 472 -17.04 -62.56 9.55
C SER D 472 -16.31 -62.24 8.24
N GLY D 473 -15.31 -61.38 8.30
CA GLY D 473 -14.57 -61.07 7.10
C GLY D 473 -13.63 -59.93 7.11
N ASN D 474 -12.79 -59.87 6.09
CA ASN D 474 -11.87 -58.74 5.80
C ASN D 474 -12.16 -58.39 4.33
N GLY D 475 -12.57 -57.16 4.03
CA GLY D 475 -12.77 -56.73 2.68
C GLY D 475 -14.17 -57.02 2.16
N ARG D 476 -14.41 -56.59 0.93
CA ARG D 476 -15.69 -56.73 0.30
C ARG D 476 -15.54 -57.35 -1.08
N GLU D 477 -16.56 -58.09 -1.48
CA GLU D 477 -16.60 -58.68 -2.80
C GLU D 477 -17.74 -58.08 -3.59
N LEU D 478 -17.46 -57.88 -4.86
CA LEU D 478 -18.41 -57.41 -5.86
C LEU D 478 -18.84 -55.97 -5.70
N GLY D 479 -19.73 -55.52 -6.58
CA GLY D 479 -20.09 -54.12 -6.67
C GLY D 479 -18.87 -53.34 -7.14
N GLU D 480 -19.02 -52.02 -7.23
CA GLU D 480 -17.86 -51.15 -7.48
C GLU D 480 -16.75 -51.30 -6.44
N TYR D 481 -17.15 -51.36 -5.18
CA TYR D 481 -16.21 -51.35 -4.07
C TYR D 481 -15.32 -52.59 -4.02
N GLY D 482 -15.90 -53.74 -4.31
CA GLY D 482 -15.19 -55.00 -4.33
C GLY D 482 -14.05 -55.05 -5.33
N PHE D 483 -14.19 -54.33 -6.42
CA PHE D 483 -13.13 -54.28 -7.42
C PHE D 483 -11.83 -53.69 -6.89
N HIS D 484 -11.91 -52.79 -5.91
CA HIS D 484 -10.73 -52.20 -5.29
C HIS D 484 -9.77 -53.23 -4.78
N GLU D 485 -10.29 -54.32 -4.24
CA GLU D 485 -9.47 -55.30 -3.59
C GLU D 485 -8.68 -56.16 -4.57
N TYR D 486 -8.95 -56.01 -5.87
CA TYR D 486 -8.17 -56.72 -6.88
C TYR D 486 -7.26 -55.79 -7.67
N THR D 487 -7.06 -54.58 -7.13
CA THR D 487 -6.14 -53.62 -7.73
C THR D 487 -5.10 -53.19 -6.69
N GLU D 488 -3.94 -52.82 -7.20
CA GLU D 488 -2.86 -52.26 -6.46
C GLU D 488 -2.63 -50.85 -7.01
N VAL D 489 -2.70 -49.86 -6.14
CA VAL D 489 -2.60 -48.48 -6.58
C VAL D 489 -1.14 -48.02 -6.69
N LYS D 490 -0.80 -47.47 -7.86
CA LYS D 490 0.50 -46.87 -8.09
C LYS D 490 0.34 -45.36 -8.36
N THR D 491 1.06 -44.56 -7.57
CA THR D 491 1.07 -43.14 -7.74
C THR D 491 2.29 -42.78 -8.59
N VAL D 492 2.08 -42.00 -9.63
CA VAL D 492 3.16 -41.50 -10.48
C VAL D 492 3.18 -39.99 -10.41
N THR D 493 4.32 -39.46 -9.99
CA THR D 493 4.47 -38.04 -9.75
C THR D 493 5.65 -37.52 -10.57
N VAL D 494 5.32 -36.61 -11.48
CA VAL D 494 6.22 -36.15 -12.51
C VAL D 494 6.56 -34.69 -12.28
N LYS D 495 7.85 -34.37 -12.21
CA LYS D 495 8.25 -32.97 -12.07
C LYS D 495 7.95 -32.23 -13.35
N ILE D 496 7.36 -31.06 -13.23
CA ILE D 496 7.15 -30.18 -14.37
C ILE D 496 7.65 -28.75 -14.07
N SER D 497 7.90 -27.98 -15.12
CA SER D 497 8.44 -26.63 -14.97
C SER D 497 7.41 -25.69 -14.35
N GLN D 498 6.14 -25.77 -14.75
CA GLN D 498 5.10 -24.99 -14.08
C GLN D 498 3.73 -25.61 -14.29
N LYS D 499 2.92 -25.67 -13.25
CA LYS D 499 1.58 -26.24 -13.38
C LYS D 499 0.57 -25.11 -13.52
N ASN D 500 -0.53 -25.43 -14.17
CA ASN D 500 -1.71 -24.59 -14.19
C ASN D 500 -2.96 -25.42 -13.86
N SER D 501 -3.89 -24.82 -13.12
CA SER D 501 -5.12 -25.48 -12.75
C SER D 501 -5.86 -25.96 -14.01
N LEU E 9 -23.04 27.43 8.63
CA LEU E 9 -23.09 28.87 8.29
C LEU E 9 -24.12 29.48 9.18
N PRO E 10 -23.66 30.01 10.32
CA PRO E 10 -24.66 30.70 11.15
C PRO E 10 -25.14 31.96 10.47
N VAL E 11 -26.35 32.35 10.82
CA VAL E 11 -26.95 33.53 10.28
C VAL E 11 -27.38 34.43 11.42
N LEU E 12 -27.64 35.69 11.08
CA LEU E 12 -28.20 36.63 12.04
C LEU E 12 -29.67 36.26 12.22
N LEU E 13 -30.08 36.04 13.45
CA LEU E 13 -31.45 35.54 13.76
C LEU E 13 -32.47 36.64 13.93
N THR E 14 -31.97 37.85 14.02
CA THR E 14 -32.83 39.04 14.00
C THR E 14 -32.56 39.88 12.79
N ASP E 15 -33.47 40.81 12.50
CA ASP E 15 -33.30 41.75 11.40
C ASP E 15 -32.19 42.78 11.72
N LEU E 16 -31.33 43.00 10.74
CA LEU E 16 -30.23 43.96 10.89
C LEU E 16 -30.77 45.37 11.09
N LYS E 17 -30.36 46.01 12.16
CA LYS E 17 -30.72 47.41 12.36
C LYS E 17 -29.49 48.25 12.08
N ILE E 18 -29.62 49.20 11.17
CA ILE E 18 -28.55 50.15 10.89
C ILE E 18 -28.56 51.25 11.94
N GLN E 19 -27.44 51.36 12.63
CA GLN E 19 -27.27 52.30 13.74
C GLN E 19 -26.27 53.42 13.44
N TYR E 20 -25.15 53.09 12.78
CA TYR E 20 -24.10 54.07 12.58
C TYR E 20 -24.09 54.64 11.17
N THR E 21 -24.37 55.94 11.07
CA THR E 21 -24.54 56.61 9.76
C THR E 21 -23.83 57.97 9.67
N LYS E 22 -23.08 58.33 10.68
CA LYS E 22 -22.48 59.65 10.74
C LYS E 22 -20.98 59.64 10.53
N ILE E 23 -20.43 60.84 10.45
CA ILE E 23 -19.01 61.03 10.29
C ILE E 23 -18.38 60.77 11.67
N PHE E 24 -17.26 60.04 11.67
CA PHE E 24 -16.56 59.66 12.91
C PHE E 24 -15.24 60.42 13.01
N ILE E 25 -15.18 61.36 13.96
CA ILE E 25 -13.99 62.18 14.21
C ILE E 25 -13.80 62.34 15.71
N ASN E 26 -12.58 62.09 16.18
CA ASN E 26 -12.26 62.17 17.62
C ASN E 26 -13.13 61.28 18.50
N ASN E 27 -13.40 60.09 17.99
CA ASN E 27 -14.27 59.12 18.64
C ASN E 27 -15.70 59.63 18.93
N GLU E 28 -16.15 60.58 18.15
CA GLU E 28 -17.51 61.08 18.29
C GLU E 28 -18.17 61.09 16.93
N TRP E 29 -19.49 61.12 16.95
CA TRP E 29 -20.29 61.09 15.76
C TRP E 29 -20.73 62.52 15.35
N HIS E 30 -20.52 62.87 14.09
CA HIS E 30 -20.72 64.23 13.63
C HIS E 30 -21.66 64.22 12.47
N ASP E 31 -22.53 65.22 12.41
CA ASP E 31 -23.25 65.49 11.20
C ASP E 31 -22.27 66.10 10.20
N SER E 32 -22.60 66.00 8.93
CA SER E 32 -21.84 66.74 7.91
C SER E 32 -21.94 68.24 8.18
N VAL E 33 -20.91 68.97 7.81
CA VAL E 33 -20.91 70.41 7.95
C VAL E 33 -22.06 71.06 7.18
N SER E 34 -22.30 70.58 5.97
CA SER E 34 -23.38 71.12 5.13
C SER E 34 -24.79 70.71 5.60
N GLY E 35 -24.89 69.63 6.37
CA GLY E 35 -26.16 69.05 6.74
C GLY E 35 -26.63 67.99 5.76
N LYS E 36 -26.01 67.92 4.60
CA LYS E 36 -26.45 67.01 3.56
C LYS E 36 -26.18 65.55 3.92
N LYS E 37 -27.04 64.67 3.39
CA LYS E 37 -26.92 63.24 3.56
C LYS E 37 -27.07 62.59 2.21
N PHE E 38 -26.59 61.36 2.07
CA PHE E 38 -26.77 60.61 0.81
C PHE E 38 -27.34 59.23 1.08
N PRO E 39 -28.13 58.72 0.14
CA PRO E 39 -28.73 57.41 0.33
C PRO E 39 -27.75 56.30 0.03
N VAL E 40 -27.94 55.18 0.70
CA VAL E 40 -27.16 53.97 0.50
C VAL E 40 -28.15 52.86 0.19
N PHE E 41 -27.83 52.03 -0.78
CA PHE E 41 -28.78 51.07 -1.33
C PHE E 41 -28.35 49.62 -1.17
N ASN E 42 -29.33 48.73 -1.21
CA ASN E 42 -29.14 47.31 -1.45
C ASN E 42 -29.14 47.08 -2.95
N PRO E 43 -27.99 46.71 -3.53
CA PRO E 43 -27.95 46.50 -4.99
C PRO E 43 -28.76 45.34 -5.53
N ALA E 44 -29.17 44.40 -4.67
CA ALA E 44 -29.97 43.25 -5.11
C ALA E 44 -31.44 43.66 -5.31
N THR E 45 -31.89 44.62 -4.52
CA THR E 45 -33.30 44.99 -4.46
C THR E 45 -33.57 46.42 -4.89
N GLU E 46 -32.52 47.24 -4.97
CA GLU E 46 -32.62 48.68 -5.22
C GLU E 46 -33.31 49.46 -4.10
N GLU E 47 -33.58 48.83 -2.97
CA GLU E 47 -34.18 49.55 -1.86
C GLU E 47 -33.12 50.36 -1.08
N GLU E 48 -33.56 51.48 -0.56
CA GLU E 48 -32.72 52.36 0.20
C GLU E 48 -32.59 51.80 1.60
N LEU E 49 -31.37 51.62 2.07
CA LEU E 49 -31.12 51.08 3.41
C LEU E 49 -31.12 52.15 4.49
N CYS E 50 -30.55 53.30 4.18
CA CYS E 50 -30.49 54.41 5.09
C CYS E 50 -29.87 55.60 4.40
N GLN E 51 -29.73 56.68 5.15
CA GLN E 51 -29.08 57.87 4.68
C GLN E 51 -27.84 58.04 5.52
N VAL E 52 -26.75 58.45 4.90
CA VAL E 52 -25.47 58.63 5.56
C VAL E 52 -25.01 60.07 5.40
N GLU E 53 -24.37 60.61 6.43
CA GLU E 53 -23.87 61.99 6.37
C GLU E 53 -22.92 62.13 5.20
N GLU E 54 -23.10 63.18 4.41
CA GLU E 54 -22.30 63.39 3.23
C GLU E 54 -21.11 64.26 3.52
N GLY E 55 -19.97 63.62 3.77
CA GLY E 55 -18.73 64.34 4.02
C GLY E 55 -18.19 64.98 2.75
N ASP E 56 -17.62 66.16 2.91
CA ASP E 56 -17.02 66.91 1.81
C ASP E 56 -15.73 67.52 2.36
N LYS E 57 -15.17 68.45 1.61
CA LYS E 57 -13.89 69.07 1.99
C LYS E 57 -13.82 69.53 3.44
N GLU E 58 -14.88 70.19 3.91
CA GLU E 58 -14.89 70.77 5.25
C GLU E 58 -14.83 69.68 6.34
N ASP E 59 -15.49 68.56 6.07
CA ASP E 59 -15.47 67.43 6.98
C ASP E 59 -14.09 66.75 6.97
N VAL E 60 -13.54 66.58 5.78
CA VAL E 60 -12.16 66.10 5.64
C VAL E 60 -11.20 66.99 6.46
N ASP E 61 -11.34 68.31 6.35
CA ASP E 61 -10.46 69.24 7.08
C ASP E 61 -10.56 69.05 8.60
N LYS E 62 -11.76 68.82 9.11
CA LYS E 62 -11.94 68.51 10.54
C LYS E 62 -11.26 67.20 10.95
N ALA E 63 -11.42 66.19 10.11
CA ALA E 63 -10.82 64.87 10.35
C ALA E 63 -9.30 64.95 10.33
N VAL E 64 -8.74 65.72 9.41
CA VAL E 64 -7.29 65.87 9.31
C VAL E 64 -6.74 66.59 10.53
N LYS E 65 -7.43 67.63 10.98
CA LYS E 65 -7.00 68.33 12.20
C LYS E 65 -7.00 67.39 13.43
N ALA E 66 -8.03 66.55 13.52
CA ALA E 66 -8.10 65.58 14.60
C ALA E 66 -6.96 64.55 14.50
N ALA E 67 -6.72 64.05 13.30
CA ALA E 67 -5.62 63.11 13.07
C ALA E 67 -4.24 63.73 13.35
N ARG E 68 -4.05 64.99 12.95
CA ARG E 68 -2.81 65.71 13.19
C ARG E 68 -2.57 65.90 14.68
N GLN E 69 -3.61 66.31 15.39
CA GLN E 69 -3.51 66.51 16.84
C GLN E 69 -3.14 65.19 17.57
N ALA E 70 -3.76 64.09 17.15
CA ALA E 70 -3.51 62.78 17.78
C ALA E 70 -2.09 62.25 17.49
N PHE E 71 -1.49 62.75 16.41
CA PHE E 71 -0.11 62.41 16.03
C PHE E 71 0.98 63.27 16.66
N GLN E 72 0.61 64.30 17.41
CA GLN E 72 1.60 65.22 17.98
C GLN E 72 2.54 64.51 18.92
N ILE E 73 3.79 64.92 18.83
CA ILE E 73 4.81 64.48 19.77
C ILE E 73 4.29 64.67 21.19
N GLY E 74 4.44 63.67 22.04
CA GLY E 74 3.91 63.72 23.40
C GLY E 74 2.47 63.27 23.58
N SER E 75 1.75 63.01 22.48
CA SER E 75 0.37 62.52 22.60
C SER E 75 0.32 61.05 23.07
N PRO E 76 -0.85 60.58 23.56
CA PRO E 76 -1.00 59.20 23.93
C PRO E 76 -0.65 58.20 22.82
N TRP E 77 -1.08 58.47 21.61
CA TRP E 77 -0.76 57.56 20.51
C TRP E 77 0.72 57.48 20.16
N ARG E 78 1.43 58.61 20.26
CA ARG E 78 2.86 58.64 19.99
C ARG E 78 3.72 58.08 21.13
N THR E 79 3.25 58.21 22.37
CA THR E 79 4.03 57.82 23.54
C THR E 79 3.72 56.45 24.08
N MET E 80 2.60 55.87 23.69
CA MET E 80 2.27 54.52 24.19
C MET E 80 3.24 53.49 23.62
N ASP E 81 3.40 52.40 24.34
CA ASP E 81 4.24 51.31 23.93
C ASP E 81 3.78 50.80 22.57
N ALA E 82 4.73 50.44 21.72
CA ALA E 82 4.38 49.82 20.46
C ALA E 82 3.51 48.57 20.71
N SER E 83 3.85 47.80 21.75
CA SER E 83 3.09 46.58 22.10
C SER E 83 1.65 46.89 22.45
N GLU E 84 1.41 48.09 22.99
CA GLU E 84 0.06 48.53 23.29
C GLU E 84 -0.76 48.91 22.03
N ARG E 85 -0.12 49.49 21.03
CA ARG E 85 -0.77 49.68 19.71
C ARG E 85 -1.23 48.32 19.20
N GLY E 86 -0.35 47.33 19.35
CA GLY E 86 -0.62 45.96 18.96
C GLY E 86 -1.84 45.41 19.68
N ARG E 87 -1.83 45.58 21.00
CA ARG E 87 -2.92 45.13 21.84
C ARG E 87 -4.28 45.72 21.44
N LEU E 88 -4.28 47.01 21.12
CA LEU E 88 -5.48 47.67 20.66
C LEU E 88 -5.99 47.06 19.37
N LEU E 89 -5.08 46.78 18.45
CA LEU E 89 -5.46 46.09 17.21
C LEU E 89 -6.00 44.70 17.45
N TYR E 90 -5.35 43.93 18.33
CA TYR E 90 -5.85 42.59 18.67
CA TYR E 90 -5.81 42.63 18.73
C TYR E 90 -7.26 42.70 19.27
N LYS E 91 -7.46 43.65 20.16
CA LYS E 91 -8.75 43.84 20.77
C LYS E 91 -9.80 44.15 19.71
N LEU E 92 -9.43 45.00 18.76
CA LEU E 92 -10.34 45.34 17.67
C LEU E 92 -10.71 44.09 16.89
N ALA E 93 -9.72 43.22 16.61
CA ALA E 93 -10.02 41.98 15.93
C ALA E 93 -11.05 41.16 16.72
N ASP E 94 -10.88 41.08 18.06
CA ASP E 94 -11.81 40.31 18.91
C ASP E 94 -13.23 40.85 18.84
N LEU E 95 -13.34 42.17 18.75
CA LEU E 95 -14.64 42.83 18.67
C LEU E 95 -15.31 42.56 17.33
N ILE E 96 -14.52 42.58 16.26
CA ILE E 96 -15.04 42.25 14.93
C ILE E 96 -15.51 40.79 14.89
N GLU E 97 -14.74 39.91 15.52
CA GLU E 97 -15.14 38.52 15.66
C GLU E 97 -16.45 38.41 16.44
N ARG E 98 -16.56 39.12 17.57
CA ARG E 98 -17.83 39.16 18.32
C ARG E 98 -19.00 39.57 17.43
N ASP E 99 -18.78 40.57 16.58
CA ASP E 99 -19.83 41.11 15.71
C ASP E 99 -19.81 40.55 14.31
N ARG E 100 -19.33 39.32 14.18
CA ARG E 100 -19.15 38.73 12.87
C ARG E 100 -20.44 38.53 12.07
N LEU E 101 -21.51 38.08 12.73
CA LEU E 101 -22.79 37.83 12.04
C LEU E 101 -23.35 39.13 11.50
N LEU E 102 -23.37 40.12 12.36
CA LEU E 102 -23.89 41.45 12.07
C LEU E 102 -23.13 42.05 10.90
N LEU E 103 -21.80 42.04 11.01
CA LEU E 103 -20.94 42.62 9.95
C LEU E 103 -21.04 41.88 8.61
N ALA E 104 -21.06 40.54 8.66
CA ALA E 104 -21.22 39.76 7.42
C ALA E 104 -22.58 40.07 6.75
N THR E 105 -23.60 40.21 7.59
CA THR E 105 -24.95 40.47 7.08
C THR E 105 -25.02 41.84 6.44
N MET E 106 -24.46 42.81 7.15
CA MET E 106 -24.40 44.19 6.66
C MET E 106 -23.58 44.29 5.38
N GLU E 107 -22.46 43.59 5.35
CA GLU E 107 -21.60 43.59 4.17
C GLU E 107 -22.31 42.99 2.97
N SER E 108 -23.04 41.92 3.22
CA SER E 108 -23.83 41.27 2.18
C SER E 108 -24.93 42.16 1.61
N MET E 109 -25.69 42.75 2.51
CA MET E 109 -26.86 43.55 2.16
C MET E 109 -26.47 44.82 1.37
N ASN E 110 -25.45 45.49 1.87
CA ASN E 110 -24.98 46.75 1.27
C ASN E 110 -24.10 46.53 0.04
N GLY E 111 -23.32 45.45 0.05
CA GLY E 111 -22.33 45.22 -1.00
C GLY E 111 -22.73 44.27 -2.10
N GLY E 112 -23.93 43.69 -2.01
CA GLY E 112 -24.36 42.71 -2.99
C GLY E 112 -23.50 41.46 -2.96
N LYS E 113 -22.99 41.12 -1.79
CA LYS E 113 -22.00 40.09 -1.62
C LYS E 113 -22.63 38.85 -1.03
N LEU E 114 -22.40 37.71 -1.64
CA LEU E 114 -22.94 36.44 -1.13
C LEU E 114 -22.65 36.29 0.33
N TYR E 115 -23.68 36.00 1.10
CA TYR E 115 -23.53 35.94 2.53
C TYR E 115 -22.42 34.93 2.97
N SER E 116 -22.43 33.74 2.38
CA SER E 116 -21.47 32.70 2.75
C SER E 116 -20.04 33.18 2.58
N ASN E 117 -19.80 33.86 1.47
CA ASN E 117 -18.50 34.48 1.24
C ASN E 117 -18.21 35.60 2.22
N ALA E 118 -19.21 36.45 2.49
CA ALA E 118 -19.04 37.52 3.47
C ALA E 118 -18.64 36.99 4.83
N TYR E 119 -19.32 35.94 5.26
CA TYR E 119 -19.08 35.37 6.58
C TYR E 119 -17.80 34.55 6.64
N LEU E 120 -17.60 33.67 5.67
CA LEU E 120 -16.49 32.73 5.70
C LEU E 120 -15.18 33.31 5.17
N ASN E 121 -15.25 34.20 4.19
CA ASN E 121 -14.04 34.75 3.57
C ASN E 121 -13.71 36.16 4.03
N ASP E 122 -14.60 37.11 3.78
CA ASP E 122 -14.34 38.52 4.10
C ASP E 122 -14.11 38.75 5.58
N LEU E 123 -15.03 38.25 6.43
CA LEU E 123 -14.88 38.49 7.87
C LEU E 123 -13.65 37.77 8.45
N ALA E 124 -13.43 36.54 8.03
CA ALA E 124 -12.25 35.77 8.47
C ALA E 124 -10.96 36.46 8.03
N GLY E 125 -10.94 36.93 6.78
CA GLY E 125 -9.80 37.71 6.26
C GLY E 125 -9.52 38.97 7.07
N CYS E 126 -10.60 39.69 7.41
CA CYS E 126 -10.51 40.88 8.26
CA CYS E 126 -10.55 40.87 8.25
C CYS E 126 -9.89 40.61 9.60
N ILE E 127 -10.44 39.63 10.28
CA ILE E 127 -9.96 39.27 11.63
C ILE E 127 -8.49 38.82 11.58
N LYS E 128 -8.16 37.91 10.66
CA LYS E 128 -6.79 37.38 10.55
C LYS E 128 -5.80 38.47 10.17
N THR E 129 -6.22 39.37 9.28
CA THR E 129 -5.34 40.45 8.84
C THR E 129 -5.01 41.40 9.99
N LEU E 130 -6.04 41.75 10.75
CA LEU E 130 -5.83 42.59 11.93
C LEU E 130 -4.91 41.94 12.94
N ARG E 131 -5.12 40.65 13.21
CA ARG E 131 -4.27 39.96 14.15
C ARG E 131 -2.83 39.86 13.66
N TYR E 132 -2.66 39.67 12.37
CA TYR E 132 -1.33 39.70 11.76
C TYR E 132 -0.67 41.04 12.01
N CYS E 133 -1.36 42.11 11.67
CA CYS E 133 -0.82 43.48 11.83
C CYS E 133 -0.51 43.84 13.27
N ALA E 134 -1.36 43.41 14.19
CA ALA E 134 -1.14 43.62 15.61
C ALA E 134 0.23 43.10 16.03
N GLY E 135 0.56 41.91 15.55
CA GLY E 135 1.82 41.27 15.86
C GLY E 135 3.05 42.01 15.37
N TRP E 136 2.92 42.81 14.32
CA TRP E 136 4.06 43.61 13.83
C TRP E 136 4.43 44.84 14.69
N ALA E 137 3.49 45.36 15.49
CA ALA E 137 3.62 46.71 16.07
C ALA E 137 4.94 46.89 16.82
N ASP E 138 5.29 45.92 17.66
CA ASP E 138 6.52 46.03 18.44
C ASP E 138 7.71 45.28 17.83
N LYS E 139 7.56 44.91 16.55
CA LYS E 139 8.63 44.22 15.80
C LYS E 139 9.11 45.07 14.60
N ILE E 140 8.60 46.29 14.49
CA ILE E 140 9.13 47.26 13.50
C ILE E 140 10.42 47.81 14.09
N GLN E 141 11.54 47.61 13.39
CA GLN E 141 12.83 48.01 13.91
C GLN E 141 13.68 48.77 12.90
N GLY E 142 14.47 49.71 13.38
CA GLY E 142 15.48 50.34 12.55
C GLY E 142 16.79 49.59 12.64
N ARG E 143 17.88 50.31 12.33
CA ARG E 143 19.18 49.72 12.23
C ARG E 143 20.22 50.51 13.02
N THR E 144 21.29 49.82 13.38
CA THR E 144 22.55 50.50 13.76
C THR E 144 23.55 50.19 12.66
N ILE E 145 24.28 51.21 12.24
CA ILE E 145 25.00 51.20 10.98
C ILE E 145 26.48 51.56 11.19
N PRO E 146 27.40 50.71 10.71
CA PRO E 146 28.84 50.95 10.88
C PRO E 146 29.42 51.95 9.87
N ILE E 147 28.88 53.16 9.90
CA ILE E 147 29.30 54.27 9.03
C ILE E 147 30.80 54.55 9.12
N ASP E 148 31.39 54.99 8.00
CA ASP E 148 32.77 55.51 8.01
C ASP E 148 32.89 56.67 8.98
N GLY E 149 34.05 56.78 9.64
CA GLY E 149 34.31 57.88 10.57
C GLY E 149 33.87 57.61 12.02
N ASN E 150 34.23 58.54 12.90
CA ASN E 150 33.96 58.40 14.34
C ASN E 150 32.56 58.91 14.65
N PHE E 151 31.58 58.07 14.30
CA PHE E 151 30.19 58.37 14.45
C PHE E 151 29.44 57.16 14.91
N PHE E 152 28.37 57.42 15.65
CA PHE E 152 27.35 56.42 15.97
C PHE E 152 26.10 56.74 15.14
N THR E 153 25.71 55.85 14.24
CA THR E 153 24.58 56.08 13.36
C THR E 153 23.53 55.01 13.59
N TYR E 154 22.30 55.48 13.76
CA TYR E 154 21.14 54.60 13.82
C TYR E 154 20.00 55.18 13.01
N THR E 155 19.02 54.33 12.73
CA THR E 155 17.79 54.77 12.10
C THR E 155 16.58 54.46 12.92
N ARG E 156 15.59 55.33 12.77
CA ARG E 156 14.27 55.17 13.34
C ARG E 156 13.32 54.97 12.21
N HIS E 157 12.49 53.95 12.32
CA HIS E 157 11.42 53.72 11.35
C HIS E 157 10.14 54.28 11.97
N GLU E 158 9.98 55.58 11.82
CA GLU E 158 8.89 56.32 12.44
C GLU E 158 7.61 56.17 11.63
N PRO E 159 6.44 56.34 12.26
CA PRO E 159 5.26 56.50 11.47
C PRO E 159 5.38 57.77 10.60
N ILE E 160 4.69 57.76 9.47
CA ILE E 160 4.74 58.89 8.53
C ILE E 160 3.92 60.05 9.07
N GLY E 161 2.73 59.77 9.58
CA GLY E 161 1.89 60.81 10.11
C GLY E 161 0.45 60.57 9.78
N VAL E 162 -0.17 61.60 9.19
CA VAL E 162 -1.58 61.51 8.82
C VAL E 162 -1.70 60.84 7.46
N CYS E 163 -2.38 59.70 7.46
CA CYS E 163 -2.57 58.93 6.24
C CYS E 163 -4.02 58.98 5.82
N GLY E 164 -4.27 59.46 4.60
CA GLY E 164 -5.58 59.45 4.00
C GLY E 164 -5.75 58.15 3.24
N GLN E 165 -6.86 57.47 3.50
CA GLN E 165 -7.07 56.14 2.97
C GLN E 165 -8.42 55.99 2.28
N ILE E 166 -8.39 55.74 0.98
CA ILE E 166 -9.59 55.70 0.16
C ILE E 166 -9.86 54.27 -0.28
N ILE E 167 -11.03 53.79 0.11
CA ILE E 167 -11.38 52.34 0.16
C ILE E 167 -12.42 52.05 -0.91
N PRO E 168 -12.29 50.90 -1.63
CA PRO E 168 -13.28 50.60 -2.67
C PRO E 168 -14.51 49.86 -2.15
N TRP E 169 -15.48 49.68 -3.05
CA TRP E 169 -16.79 49.12 -2.71
C TRP E 169 -16.86 47.60 -2.84
N ASN E 170 -15.87 47.00 -3.50
CA ASN E 170 -15.92 45.55 -3.76
C ASN E 170 -15.59 44.66 -2.55
N PHE E 171 -14.63 45.08 -1.73
CA PHE E 171 -14.32 44.41 -0.46
C PHE E 171 -14.20 45.47 0.64
N PRO E 172 -15.34 46.07 1.04
CA PRO E 172 -15.30 47.23 1.92
C PRO E 172 -14.61 46.99 3.27
N LEU E 173 -14.97 45.90 3.91
CA LEU E 173 -14.39 45.58 5.22
C LEU E 173 -12.95 45.10 5.16
N VAL E 174 -12.67 44.16 4.26
CA VAL E 174 -11.33 43.63 4.08
C VAL E 174 -10.37 44.75 3.71
N MET E 175 -10.79 45.59 2.78
CA MET E 175 -9.92 46.71 2.33
C MET E 175 -9.73 47.77 3.40
N LEU E 176 -10.76 47.99 4.19
CA LEU E 176 -10.63 48.87 5.34
C LEU E 176 -9.48 48.38 6.23
N ILE E 177 -9.51 47.10 6.56
CA ILE E 177 -8.50 46.51 7.47
C ILE E 177 -7.13 46.48 6.82
N TRP E 178 -7.10 46.13 5.54
CA TRP E 178 -5.85 46.13 4.78
C TRP E 178 -5.09 47.46 4.85
N LYS E 179 -5.86 48.53 4.95
CA LYS E 179 -5.34 49.89 5.07
C LYS E 179 -5.04 50.27 6.52
N ILE E 180 -6.03 50.20 7.41
CA ILE E 180 -5.82 50.73 8.77
C ILE E 180 -4.91 49.84 9.61
N GLY E 181 -4.95 48.54 9.34
CA GLY E 181 -4.13 47.59 10.11
C GLY E 181 -2.64 47.95 10.12
N PRO E 182 -2.03 48.00 8.95
CA PRO E 182 -0.62 48.36 8.88
C PRO E 182 -0.35 49.80 9.28
N ALA E 183 -1.23 50.73 8.87
CA ALA E 183 -1.04 52.14 9.20
C ALA E 183 -0.95 52.36 10.71
N LEU E 184 -1.92 51.77 11.42
CA LEU E 184 -1.98 51.91 12.88
C LEU E 184 -0.92 51.12 13.59
N SER E 185 -0.61 49.94 13.06
CA SER E 185 0.44 49.13 13.67
C SER E 185 1.76 49.91 13.71
N CYS E 186 2.02 50.64 12.64
CA CYS E 186 3.23 51.49 12.50
C CYS E 186 3.16 52.78 13.28
N GLY E 187 1.98 53.14 13.79
CA GLY E 187 1.84 54.33 14.63
C GLY E 187 1.33 55.58 13.96
N ASN E 188 0.80 55.43 12.74
CA ASN E 188 0.20 56.53 12.01
C ASN E 188 -1.20 56.83 12.55
N THR E 189 -1.75 57.98 12.16
CA THR E 189 -3.16 58.26 12.36
C THR E 189 -3.78 58.32 10.99
N VAL E 190 -5.08 58.05 10.90
CA VAL E 190 -5.72 57.89 9.61
C VAL E 190 -7.00 58.70 9.44
N VAL E 191 -7.24 59.09 8.19
CA VAL E 191 -8.51 59.64 7.74
C VAL E 191 -9.01 58.75 6.61
N VAL E 192 -10.08 58.01 6.87
CA VAL E 192 -10.60 56.99 5.97
C VAL E 192 -11.81 57.49 5.20
N LYS E 193 -11.81 57.29 3.89
CA LYS E 193 -12.97 57.60 3.08
C LYS E 193 -13.47 56.33 2.42
N PRO E 194 -14.52 55.72 2.99
CA PRO E 194 -15.07 54.53 2.39
C PRO E 194 -15.84 54.86 1.11
N ALA E 195 -16.05 53.84 0.29
CA ALA E 195 -16.70 54.07 -1.00
C ALA E 195 -18.12 54.58 -0.72
N GLU E 196 -18.60 55.48 -1.59
CA GLU E 196 -19.99 56.00 -1.49
C GLU E 196 -21.03 54.91 -1.44
N GLN E 197 -20.80 53.86 -2.23
CA GLN E 197 -21.74 52.74 -2.28
C GLN E 197 -21.83 51.97 -0.97
N THR E 198 -20.72 51.91 -0.24
CA THR E 198 -20.58 50.96 0.89
C THR E 198 -19.90 51.51 2.16
N PRO E 199 -20.48 52.52 2.81
CA PRO E 199 -19.88 53.09 3.99
C PRO E 199 -20.24 52.37 5.29
N LEU E 200 -21.26 51.52 5.27
CA LEU E 200 -21.89 51.10 6.53
C LEU E 200 -21.01 50.21 7.41
N THR E 201 -20.34 49.22 6.82
CA THR E 201 -19.51 48.33 7.66
C THR E 201 -18.35 49.09 8.29
N ALA E 202 -17.77 50.03 7.56
CA ALA E 202 -16.72 50.88 8.10
C ALA E 202 -17.17 51.68 9.31
N LEU E 203 -18.39 52.24 9.24
CA LEU E 203 -18.90 53.01 10.37
C LEU E 203 -19.17 52.11 11.58
N HIS E 204 -19.62 50.88 11.35
CA HIS E 204 -19.76 49.97 12.46
C HIS E 204 -18.37 49.71 13.08
N VAL E 205 -17.36 49.53 12.23
CA VAL E 205 -16.01 49.27 12.74
C VAL E 205 -15.49 50.49 13.56
N ALA E 206 -15.86 51.69 13.13
CA ALA E 206 -15.52 52.87 13.92
C ALA E 206 -16.09 52.80 15.35
N SER E 207 -17.32 52.32 15.51
CA SER E 207 -17.89 52.12 16.87
C SER E 207 -17.02 51.17 17.69
N LEU E 208 -16.46 50.15 17.03
CA LEU E 208 -15.62 49.18 17.71
C LEU E 208 -14.25 49.74 18.03
N ILE E 209 -13.77 50.64 17.20
CA ILE E 209 -12.50 51.34 17.45
C ILE E 209 -12.61 52.11 18.74
N LYS E 210 -13.71 52.82 18.91
CA LYS E 210 -13.95 53.53 20.13
C LYS E 210 -14.04 52.53 21.32
N GLU E 211 -14.88 51.51 21.17
CA GLU E 211 -15.03 50.50 22.22
C GLU E 211 -13.67 49.89 22.62
N ALA E 212 -12.81 49.62 21.64
CA ALA E 212 -11.49 49.00 21.91
C ALA E 212 -10.58 49.89 22.74
N GLY E 213 -10.80 51.19 22.67
CA GLY E 213 -10.03 52.16 23.46
C GLY E 213 -8.99 52.95 22.70
N PHE E 214 -9.05 53.00 21.39
CA PHE E 214 -8.07 53.83 20.65
C PHE E 214 -8.21 55.28 21.06
N PRO E 215 -7.11 56.02 21.19
CA PRO E 215 -7.27 57.44 21.52
C PRO E 215 -8.02 58.22 20.44
N PRO E 216 -8.70 59.31 20.84
CA PRO E 216 -9.49 60.07 19.86
C PRO E 216 -8.61 60.70 18.79
N GLY E 217 -9.07 60.65 17.56
CA GLY E 217 -8.33 61.23 16.44
C GLY E 217 -7.39 60.27 15.72
N VAL E 218 -7.16 59.09 16.30
CA VAL E 218 -6.26 58.12 15.69
C VAL E 218 -6.89 57.51 14.45
N VAL E 219 -8.17 57.20 14.54
CA VAL E 219 -8.97 56.81 13.36
C VAL E 219 -10.19 57.73 13.18
N ASN E 220 -10.30 58.29 11.98
CA ASN E 220 -11.41 59.15 11.60
C ASN E 220 -11.98 58.63 10.30
N ILE E 221 -13.32 58.56 10.21
CA ILE E 221 -13.98 58.04 9.02
C ILE E 221 -14.98 59.05 8.45
N VAL E 222 -14.77 59.39 7.17
CA VAL E 222 -15.56 60.44 6.49
C VAL E 222 -16.22 59.87 5.23
N PRO E 223 -17.46 59.43 5.36
CA PRO E 223 -18.19 58.97 4.17
C PRO E 223 -18.43 60.14 3.23
N GLY E 224 -18.57 59.82 1.96
CA GLY E 224 -18.86 60.82 0.95
C GLY E 224 -18.42 60.35 -0.42
N TYR E 225 -18.54 61.25 -1.39
CA TYR E 225 -18.22 60.92 -2.77
C TYR E 225 -16.73 61.06 -3.08
N GLY E 226 -16.32 60.44 -4.18
CA GLY E 226 -14.95 60.49 -4.67
C GLY E 226 -14.42 61.87 -5.04
N PRO E 227 -15.12 62.56 -5.97
CA PRO E 227 -14.67 63.87 -6.46
C PRO E 227 -14.73 65.00 -5.43
N THR E 228 -15.40 64.76 -4.31
CA THR E 228 -15.51 65.73 -3.24
C THR E 228 -14.59 65.34 -2.06
N ALA E 229 -15.02 64.39 -1.24
CA ALA E 229 -14.24 63.94 -0.10
C ALA E 229 -12.90 63.28 -0.49
N GLY E 230 -12.93 62.42 -1.50
CA GLY E 230 -11.69 61.74 -1.98
C GLY E 230 -10.67 62.72 -2.54
N ALA E 231 -11.15 63.64 -3.38
CA ALA E 231 -10.28 64.68 -3.95
C ALA E 231 -9.74 65.60 -2.87
N ALA E 232 -10.56 65.91 -1.88
CA ALA E 232 -10.10 66.73 -0.75
C ALA E 232 -8.92 66.06 -0.01
N ILE E 233 -9.00 64.74 0.14
CA ILE E 233 -7.91 63.97 0.78
C ILE E 233 -6.64 64.04 -0.05
N SER E 234 -6.78 63.81 -1.34
CA SER E 234 -5.61 63.69 -2.20
C SER E 234 -4.89 65.02 -2.41
N SER E 235 -5.60 66.14 -2.29
CA SER E 235 -4.95 67.45 -2.45
C SER E 235 -4.70 68.19 -1.12
N HIS E 236 -4.98 67.53 0.01
CA HIS E 236 -4.84 68.20 1.32
C HIS E 236 -3.38 68.49 1.64
N MET E 237 -3.11 69.68 2.14
CA MET E 237 -1.75 70.13 2.41
C MET E 237 -1.17 69.58 3.72
N ASP E 238 -2.01 69.02 4.57
CA ASP E 238 -1.56 68.46 5.84
C ASP E 238 -1.76 66.93 6.00
N ILE E 239 -2.02 66.26 4.88
CA ILE E 239 -2.02 64.81 4.82
C ILE E 239 -0.68 64.35 4.28
N ASP E 240 0.00 63.48 5.01
CA ASP E 240 1.36 63.07 4.68
C ASP E 240 1.42 61.98 3.63
N LYS E 241 0.38 61.19 3.58
CA LYS E 241 0.33 60.03 2.70
C LYS E 241 -1.09 59.72 2.31
N VAL E 242 -1.27 59.34 1.04
CA VAL E 242 -2.54 58.81 0.57
C VAL E 242 -2.38 57.39 0.05
N ALA E 243 -3.33 56.53 0.42
CA ALA E 243 -3.43 55.18 -0.10
C ALA E 243 -4.78 55.01 -0.75
N PHE E 244 -4.78 54.46 -1.95
CA PHE E 244 -5.98 54.35 -2.74
C PHE E 244 -6.02 53.01 -3.43
N THR E 245 -7.18 52.39 -3.37
CA THR E 245 -7.47 51.21 -4.16
C THR E 245 -8.70 51.52 -4.99
N GLY E 246 -8.59 51.27 -6.28
CA GLY E 246 -9.67 51.54 -7.21
C GLY E 246 -9.22 51.51 -8.65
N SER E 247 -9.87 52.28 -9.49
CA SER E 247 -9.53 52.25 -10.91
C SER E 247 -8.19 52.95 -11.23
N THR E 248 -7.53 52.46 -12.26
CA THR E 248 -6.28 53.04 -12.71
C THR E 248 -6.47 54.51 -13.06
N GLU E 249 -7.58 54.84 -13.72
CA GLU E 249 -7.90 56.22 -14.10
C GLU E 249 -7.92 57.20 -12.90
N VAL E 250 -8.54 56.79 -11.80
CA VAL E 250 -8.58 57.63 -10.61
C VAL E 250 -7.20 57.65 -9.94
N GLY E 251 -6.52 56.51 -9.94
CA GLY E 251 -5.15 56.39 -9.43
C GLY E 251 -4.23 57.45 -10.01
N LYS E 252 -4.32 57.65 -11.33
CA LYS E 252 -3.53 58.68 -12.02
C LYS E 252 -3.85 60.09 -11.50
N LEU E 253 -5.12 60.37 -11.26
CA LEU E 253 -5.53 61.66 -10.72
C LEU E 253 -5.08 61.87 -9.27
N ILE E 254 -5.04 60.82 -8.48
CA ILE E 254 -4.60 60.92 -7.09
C ILE E 254 -3.12 61.29 -7.10
N LYS E 255 -2.35 60.58 -7.93
CA LYS E 255 -0.90 60.75 -7.98
C LYS E 255 -0.57 62.17 -8.46
N GLU E 256 -1.31 62.61 -9.48
CA GLU E 256 -1.19 63.98 -9.97
C GLU E 256 -1.49 65.02 -8.88
N ALA E 257 -2.57 64.83 -8.15
CA ALA E 257 -2.97 65.78 -7.07
C ALA E 257 -1.95 65.78 -5.91
N ALA E 258 -1.38 64.62 -5.63
CA ALA E 258 -0.30 64.50 -4.63
C ALA E 258 0.91 65.35 -5.02
N GLY E 259 1.32 65.24 -6.29
CA GLY E 259 2.41 66.05 -6.83
C GLY E 259 2.14 67.55 -6.83
N LYS E 260 0.93 67.94 -7.19
CA LYS E 260 0.53 69.35 -7.24
C LYS E 260 0.39 70.02 -5.88
N SER E 261 0.09 69.23 -4.85
CA SER E 261 -0.26 69.80 -3.54
C SER E 261 0.96 69.85 -2.65
N ASN E 262 1.22 68.78 -1.92
CA ASN E 262 2.29 68.78 -0.93
C ASN E 262 3.26 67.59 -1.03
N LEU E 263 3.29 66.95 -2.19
CA LEU E 263 4.21 65.82 -2.47
C LEU E 263 4.00 64.69 -1.50
N LYS E 264 2.76 64.53 -1.03
CA LYS E 264 2.41 63.45 -0.13
C LYS E 264 2.82 62.12 -0.77
N ARG E 265 3.20 61.17 0.08
CA ARG E 265 3.54 59.84 -0.36
C ARG E 265 2.27 59.19 -0.86
N VAL E 266 2.44 58.30 -1.82
CA VAL E 266 1.33 57.68 -2.51
C VAL E 266 1.51 56.17 -2.59
N THR E 267 0.49 55.41 -2.20
CA THR E 267 0.42 54.01 -2.61
C THR E 267 -0.88 53.78 -3.34
N LEU E 268 -0.80 52.97 -4.39
CA LEU E 268 -1.94 52.71 -5.27
C LEU E 268 -2.05 51.21 -5.56
N GLU E 269 -3.26 50.71 -5.48
CA GLU E 269 -3.60 49.36 -5.90
C GLU E 269 -4.76 49.50 -6.89
N LEU E 270 -4.51 49.20 -8.14
CA LEU E 270 -5.39 49.62 -9.21
C LEU E 270 -5.95 48.44 -9.99
N GLY E 271 -6.37 48.67 -11.21
CA GLY E 271 -6.92 47.61 -11.98
C GLY E 271 -5.94 46.56 -12.44
N GLY E 272 -6.49 45.54 -13.06
CA GLY E 272 -5.70 44.59 -13.79
C GLY E 272 -6.40 44.02 -15.01
N LYS E 273 -5.63 43.28 -15.79
CA LYS E 273 -6.16 42.43 -16.84
C LYS E 273 -5.32 41.16 -16.78
N SER E 274 -5.46 40.49 -15.64
CA SER E 274 -4.52 39.44 -15.23
C SER E 274 -4.65 38.16 -16.09
N PRO E 275 -3.52 37.64 -16.61
CA PRO E 275 -3.57 36.47 -17.47
C PRO E 275 -3.29 35.20 -16.72
N CYS E 276 -3.88 34.12 -17.22
CA CYS E 276 -3.49 32.79 -16.86
C CYS E 276 -2.90 32.11 -18.08
N ILE E 277 -1.90 31.27 -17.84
CA ILE E 277 -1.29 30.46 -18.86
C ILE E 277 -1.42 29.03 -18.45
N VAL E 278 -2.15 28.26 -19.24
CA VAL E 278 -2.45 26.89 -18.95
C VAL E 278 -1.71 26.02 -19.96
N LEU E 279 -0.69 25.31 -19.48
CA LEU E 279 0.12 24.40 -20.32
C LEU E 279 -0.59 23.08 -20.53
N ALA E 280 -0.18 22.36 -21.57
CA ALA E 280 -0.79 21.04 -21.93
C ALA E 280 -0.63 19.99 -20.84
N ASP E 281 0.44 20.09 -20.05
CA ASP E 281 0.65 19.13 -18.97
C ASP E 281 -0.10 19.46 -17.68
N ALA E 282 -0.90 20.53 -17.67
CA ALA E 282 -1.58 20.94 -16.45
C ALA E 282 -2.62 19.91 -16.02
N ASP E 283 -2.82 19.82 -14.71
CA ASP E 283 -4.03 19.22 -14.17
C ASP E 283 -5.21 20.06 -14.66
N LEU E 284 -5.94 19.51 -15.62
CA LEU E 284 -6.93 20.28 -16.34
C LEU E 284 -8.11 20.73 -15.46
N ASP E 285 -8.66 19.83 -14.68
CA ASP E 285 -9.77 20.17 -13.79
C ASP E 285 -9.39 21.24 -12.77
N ASN E 286 -8.19 21.13 -12.23
CA ASN E 286 -7.69 22.13 -11.28
C ASN E 286 -7.58 23.49 -11.96
N ALA E 287 -7.04 23.51 -13.17
CA ALA E 287 -6.88 24.75 -13.90
C ALA E 287 -8.26 25.37 -14.25
N VAL E 288 -9.19 24.55 -14.72
CA VAL E 288 -10.56 25.02 -15.04
C VAL E 288 -11.23 25.63 -13.80
N GLU E 289 -11.09 24.93 -12.67
CA GLU E 289 -11.73 25.32 -11.39
C GLU E 289 -11.12 26.66 -10.90
N PHE E 290 -9.80 26.77 -10.89
CA PHE E 290 -9.17 27.99 -10.38
C PHE E 290 -9.37 29.19 -11.33
N ALA E 291 -9.31 28.98 -12.63
CA ALA E 291 -9.50 30.07 -13.59
C ALA E 291 -10.94 30.56 -13.51
N HIS E 292 -11.86 29.62 -13.36
CA HIS E 292 -13.27 29.95 -13.17
C HIS E 292 -13.52 30.82 -11.90
N HIS E 293 -13.06 30.32 -10.76
CA HIS E 293 -13.07 31.07 -9.51
C HIS E 293 -12.40 32.44 -9.69
N GLY E 294 -11.27 32.43 -10.40
CA GLY E 294 -10.50 33.64 -10.60
C GLY E 294 -11.26 34.75 -11.31
N VAL E 295 -12.14 34.37 -12.23
CA VAL E 295 -12.87 35.37 -12.99
C VAL E 295 -14.24 35.67 -12.35
N PHE E 296 -14.90 34.65 -11.82
CA PHE E 296 -16.30 34.82 -11.37
C PHE E 296 -16.51 35.18 -9.89
N TYR E 297 -15.49 35.02 -9.05
CA TYR E 297 -15.61 35.36 -7.67
C TYR E 297 -16.17 36.79 -7.48
N HIS E 298 -17.11 36.91 -6.55
CA HIS E 298 -17.80 38.16 -6.26
C HIS E 298 -18.26 38.90 -7.57
N GLN E 299 -18.91 38.13 -8.44
CA GLN E 299 -19.50 38.67 -9.66
C GLN E 299 -18.49 39.37 -10.54
N GLY E 300 -17.28 38.85 -10.51
CA GLY E 300 -16.18 39.39 -11.31
C GLY E 300 -15.59 40.70 -10.82
N GLN E 301 -15.94 41.11 -9.60
CA GLN E 301 -15.63 42.47 -9.12
C GLN E 301 -14.35 42.46 -8.29
N CYS E 302 -13.29 41.93 -8.88
CA CYS E 302 -12.00 41.82 -8.19
C CYS E 302 -10.98 42.39 -9.14
N CYS E 303 -10.11 43.22 -8.59
CA CYS E 303 -8.98 43.78 -9.32
CA CYS E 303 -9.01 43.77 -9.36
C CYS E 303 -8.12 42.67 -9.97
N ILE E 304 -7.96 41.55 -9.25
CA ILE E 304 -7.15 40.41 -9.73
C ILE E 304 -7.89 39.43 -10.67
N ALA E 305 -9.09 39.77 -11.10
CA ALA E 305 -9.87 38.86 -11.96
C ALA E 305 -9.02 38.25 -13.09
N ALA E 306 -9.13 36.93 -13.24
CA ALA E 306 -8.39 36.17 -14.23
C ALA E 306 -9.04 36.35 -15.61
N SER E 307 -8.85 37.53 -16.18
CA SER E 307 -9.64 38.00 -17.31
C SER E 307 -9.05 37.72 -18.69
N ARG E 308 -7.92 37.02 -18.74
CA ARG E 308 -7.41 36.50 -20.00
C ARG E 308 -6.86 35.14 -19.69
N ILE E 309 -7.52 34.10 -20.18
CA ILE E 309 -7.03 32.74 -19.97
C ILE E 309 -6.47 32.17 -21.26
N PHE E 310 -5.16 31.99 -21.28
CA PHE E 310 -4.48 31.49 -22.45
C PHE E 310 -4.28 30.01 -22.26
N VAL E 311 -4.77 29.21 -23.20
CA VAL E 311 -4.74 27.75 -23.06
C VAL E 311 -4.03 27.08 -24.27
N GLU E 312 -3.09 26.19 -23.99
CA GLU E 312 -2.31 25.54 -25.05
C GLU E 312 -3.31 24.83 -26.01
N GLU E 313 -3.06 24.96 -27.32
CA GLU E 313 -3.98 24.47 -28.40
C GLU E 313 -4.50 23.09 -28.19
N SER E 314 -3.66 22.14 -27.81
CA SER E 314 -4.06 20.74 -27.71
C SER E 314 -5.14 20.47 -26.62
N ILE E 315 -5.28 21.36 -25.65
CA ILE E 315 -6.26 21.17 -24.59
C ILE E 315 -7.32 22.27 -24.58
N TYR E 316 -7.24 23.18 -25.54
CA TYR E 316 -8.08 24.38 -25.60
C TYR E 316 -9.56 24.05 -25.67
N ASP E 317 -9.94 23.21 -26.63
CA ASP E 317 -11.37 22.89 -26.81
C ASP E 317 -11.98 22.25 -25.57
N GLU E 318 -11.26 21.30 -24.98
CA GLU E 318 -11.71 20.67 -23.74
C GLU E 318 -11.77 21.68 -22.57
N PHE E 319 -10.78 22.55 -22.48
CA PHE E 319 -10.80 23.62 -21.45
C PHE E 319 -12.06 24.47 -21.57
N VAL E 320 -12.35 24.91 -22.78
CA VAL E 320 -13.52 25.74 -23.04
C VAL E 320 -14.80 25.00 -22.64
N ARG E 321 -14.91 23.76 -23.09
CA ARG E 321 -16.08 22.95 -22.80
C ARG E 321 -16.33 22.84 -21.29
N ARG E 322 -15.30 22.48 -20.54
CA ARG E 322 -15.45 22.33 -19.09
C ARG E 322 -15.76 23.67 -18.44
N SER E 323 -15.16 24.74 -18.96
CA SER E 323 -15.41 26.08 -18.41
C SER E 323 -16.87 26.49 -18.59
N VAL E 324 -17.42 26.18 -19.76
CA VAL E 324 -18.80 26.54 -20.08
C VAL E 324 -19.75 25.76 -19.17
N GLU E 325 -19.52 24.46 -19.03
CA GLU E 325 -20.32 23.65 -18.10
C GLU E 325 -20.32 24.25 -16.70
N ARG E 326 -19.15 24.66 -16.24
CA ARG E 326 -19.01 25.22 -14.91
C ARG E 326 -19.80 26.54 -14.77
N ALA E 327 -19.75 27.38 -15.82
CA ALA E 327 -20.41 28.70 -15.80
C ALA E 327 -21.95 28.66 -15.85
N LYS E 328 -22.52 27.55 -16.29
CA LYS E 328 -23.99 27.43 -16.43
C LYS E 328 -24.71 26.97 -15.15
N LYS E 329 -23.97 26.76 -14.07
CA LYS E 329 -24.57 26.22 -12.85
C LYS E 329 -25.03 27.24 -11.81
N TYR E 330 -25.07 28.51 -12.16
CA TYR E 330 -25.30 29.51 -11.13
C TYR E 330 -26.76 29.78 -10.89
N ILE E 331 -27.07 30.24 -9.68
CA ILE E 331 -28.41 30.73 -9.35
C ILE E 331 -28.33 32.18 -8.91
N LEU E 332 -28.95 33.05 -9.68
CA LEU E 332 -28.84 34.49 -9.46
C LEU E 332 -29.93 34.94 -8.53
N GLY E 333 -29.60 35.81 -7.59
CA GLY E 333 -30.61 36.40 -6.74
C GLY E 333 -30.04 37.17 -5.56
N ASN E 334 -30.87 37.32 -4.55
CA ASN E 334 -30.52 38.06 -3.36
C ASN E 334 -29.44 37.32 -2.57
N PRO E 335 -28.33 38.00 -2.27
CA PRO E 335 -27.17 37.28 -1.73
C PRO E 335 -27.37 36.82 -0.30
N LEU E 336 -28.45 37.28 0.33
CA LEU E 336 -28.86 36.76 1.64
C LEU E 336 -29.73 35.52 1.55
N THR E 337 -30.18 35.16 0.35
CA THR E 337 -31.09 34.02 0.18
C THR E 337 -30.31 32.70 0.07
N PRO E 338 -30.58 31.74 0.98
CA PRO E 338 -29.91 30.44 0.89
C PRO E 338 -30.17 29.77 -0.46
N GLY E 339 -29.14 29.21 -1.07
CA GLY E 339 -29.25 28.65 -2.40
C GLY E 339 -28.78 29.54 -3.55
N VAL E 340 -28.76 30.86 -3.33
CA VAL E 340 -28.23 31.81 -4.35
C VAL E 340 -26.72 31.68 -4.43
N THR E 341 -26.20 31.61 -5.63
CA THR E 341 -24.73 31.46 -5.81
C THR E 341 -24.10 32.58 -6.67
N GLN E 342 -24.91 33.53 -7.10
CA GLN E 342 -24.39 34.74 -7.75
C GLN E 342 -25.28 35.93 -7.41
N GLY E 343 -24.67 36.97 -6.86
CA GLY E 343 -25.36 38.19 -6.50
C GLY E 343 -25.32 39.22 -7.61
N PRO E 344 -25.74 40.45 -7.31
CA PRO E 344 -25.76 41.54 -8.29
C PRO E 344 -24.44 42.27 -8.40
N GLN E 345 -24.32 43.04 -9.44
CA GLN E 345 -23.25 44.02 -9.56
C GLN E 345 -23.59 45.19 -8.63
N ILE E 346 -22.59 45.99 -8.30
CA ILE E 346 -22.73 46.95 -7.21
C ILE E 346 -23.75 48.05 -7.52
N ASP E 347 -23.78 48.47 -8.77
CA ASP E 347 -24.62 49.61 -9.15
C ASP E 347 -24.86 49.66 -10.63
N LYS E 348 -25.70 50.60 -11.03
CA LYS E 348 -26.09 50.73 -12.45
C LYS E 348 -24.93 51.12 -13.37
N GLU E 349 -24.02 51.97 -12.90
CA GLU E 349 -22.87 52.37 -13.72
C GLU E 349 -22.00 51.17 -14.11
N GLN E 350 -21.69 50.30 -13.13
CA GLN E 350 -20.91 49.09 -13.40
C GLN E 350 -21.66 48.15 -14.33
N TYR E 351 -22.91 47.94 -14.00
CA TYR E 351 -23.81 47.08 -14.79
C TYR E 351 -23.78 47.53 -16.27
N ASP E 352 -23.97 48.82 -16.51
CA ASP E 352 -24.01 49.38 -17.87
C ASP E 352 -22.70 49.16 -18.59
N LYS E 353 -21.61 49.46 -17.89
CA LYS E 353 -20.28 49.25 -18.46
C LYS E 353 -20.02 47.77 -18.87
N ILE E 354 -20.43 46.85 -18.00
CA ILE E 354 -20.22 45.42 -18.27
C ILE E 354 -21.01 45.01 -19.51
N LEU E 355 -22.27 45.41 -19.56
CA LEU E 355 -23.12 45.05 -20.70
C LEU E 355 -22.56 45.63 -21.99
N ASP E 356 -22.07 46.86 -21.92
CA ASP E 356 -21.39 47.50 -23.07
C ASP E 356 -20.17 46.70 -23.59
N LEU E 357 -19.38 46.18 -22.66
CA LEU E 357 -18.23 45.37 -23.05
C LEU E 357 -18.65 44.04 -23.63
N ILE E 358 -19.69 43.43 -23.06
CA ILE E 358 -20.23 42.19 -23.60
C ILE E 358 -20.70 42.41 -25.03
N GLU E 359 -21.40 43.53 -25.28
CA GLU E 359 -21.85 43.90 -26.63
C GLU E 359 -20.62 44.03 -27.58
N SER E 360 -19.54 44.66 -27.12
CA SER E 360 -18.33 44.81 -27.97
C SER E 360 -17.75 43.43 -28.33
N GLY E 361 -17.82 42.49 -27.40
CA GLY E 361 -17.32 41.13 -27.65
C GLY E 361 -18.09 40.45 -28.78
N LYS E 362 -19.41 40.53 -28.70
CA LYS E 362 -20.25 40.02 -29.77
C LYS E 362 -19.92 40.70 -31.10
N LYS E 363 -19.89 42.05 -31.08
CA LYS E 363 -19.61 42.83 -32.29
C LYS E 363 -18.26 42.55 -32.93
N GLU E 364 -17.25 42.33 -32.10
CA GLU E 364 -15.89 42.12 -32.61
C GLU E 364 -15.59 40.66 -32.96
N GLY E 365 -16.56 39.77 -32.79
CA GLY E 365 -16.42 38.41 -33.30
C GLY E 365 -15.91 37.37 -32.31
N ALA E 366 -15.88 37.69 -31.02
CA ALA E 366 -15.60 36.68 -30.00
C ALA E 366 -16.75 35.70 -30.02
N LYS E 367 -16.49 34.44 -29.69
CA LYS E 367 -17.54 33.45 -29.69
C LYS E 367 -18.23 33.40 -28.34
N LEU E 368 -19.52 33.77 -28.31
CA LEU E 368 -20.31 33.73 -27.11
C LEU E 368 -20.73 32.30 -26.78
N GLU E 369 -20.23 31.77 -25.68
CA GLU E 369 -20.46 30.37 -25.32
C GLU E 369 -21.65 30.22 -24.39
N CYS E 370 -21.88 31.23 -23.56
CA CYS E 370 -23.02 31.24 -22.65
C CYS E 370 -23.20 32.62 -22.06
N GLY E 371 -24.38 32.86 -21.50
CA GLY E 371 -24.77 34.15 -20.96
C GLY E 371 -24.88 35.25 -22.00
N GLY E 372 -24.39 36.44 -21.66
CA GLY E 372 -24.30 37.53 -22.64
C GLY E 372 -25.38 38.59 -22.50
N GLY E 373 -26.09 38.60 -21.39
CA GLY E 373 -27.09 39.63 -21.16
C GLY E 373 -27.49 39.76 -19.71
N PRO E 374 -28.42 40.69 -19.42
CA PRO E 374 -28.90 40.90 -18.08
C PRO E 374 -29.87 39.84 -17.61
N TRP E 375 -30.20 39.90 -16.34
CA TRP E 375 -31.10 38.94 -15.72
C TRP E 375 -32.00 39.66 -14.72
N GLY E 376 -33.28 39.32 -14.73
CA GLY E 376 -34.20 39.72 -13.66
C GLY E 376 -34.76 41.12 -13.76
N ASN E 377 -35.68 41.42 -12.84
CA ASN E 377 -36.53 42.63 -12.90
C ASN E 377 -36.10 43.68 -11.91
N LYS E 378 -35.26 43.29 -10.97
CA LYS E 378 -34.88 44.13 -9.86
C LYS E 378 -33.39 43.93 -9.60
N GLY E 379 -32.67 45.00 -9.32
CA GLY E 379 -31.23 44.91 -9.04
C GLY E 379 -30.39 44.76 -10.31
N TYR E 380 -29.09 44.69 -10.16
CA TYR E 380 -28.14 44.76 -11.29
C TYR E 380 -27.48 43.43 -11.57
N PHE E 381 -28.20 42.53 -12.21
CA PHE E 381 -27.71 41.17 -12.42
C PHE E 381 -27.30 40.99 -13.85
N VAL E 382 -26.13 40.38 -14.01
CA VAL E 382 -25.60 40.03 -15.31
C VAL E 382 -25.39 38.52 -15.36
N GLN E 383 -25.88 37.89 -16.42
CA GLN E 383 -25.66 36.46 -16.60
C GLN E 383 -24.15 36.16 -16.67
N PRO E 384 -23.71 35.07 -16.02
CA PRO E 384 -22.33 34.66 -16.19
C PRO E 384 -22.08 34.36 -17.65
N THR E 385 -21.04 34.98 -18.18
CA THR E 385 -20.80 35.00 -19.59
C THR E 385 -19.39 34.46 -19.88
N VAL E 386 -19.30 33.59 -20.87
CA VAL E 386 -18.03 33.05 -21.34
C VAL E 386 -17.89 33.38 -22.82
N PHE E 387 -16.76 34.00 -23.17
CA PHE E 387 -16.35 34.18 -24.56
C PHE E 387 -15.14 33.30 -24.84
N SER E 388 -15.20 32.58 -25.97
CA SER E 388 -14.01 31.87 -26.50
C SER E 388 -13.55 32.51 -27.81
N ASN E 389 -12.43 32.00 -28.33
CA ASN E 389 -11.81 32.55 -29.54
C ASN E 389 -11.62 34.05 -29.44
N VAL E 390 -11.20 34.49 -28.26
CA VAL E 390 -10.90 35.88 -28.04
C VAL E 390 -9.51 36.17 -28.61
N THR E 391 -9.35 37.32 -29.23
CA THR E 391 -8.05 37.73 -29.77
C THR E 391 -7.58 39.02 -29.06
N ASP E 392 -6.27 39.24 -29.10
CA ASP E 392 -5.62 40.24 -28.26
C ASP E 392 -6.06 41.67 -28.51
N GLU E 393 -6.56 41.96 -29.72
CA GLU E 393 -6.98 43.32 -30.07
C GLU E 393 -8.43 43.66 -29.69
N MET E 394 -9.21 42.67 -29.29
CA MET E 394 -10.60 42.93 -28.85
C MET E 394 -10.63 43.74 -27.56
N ARG E 395 -11.66 44.60 -27.45
CA ARG E 395 -11.88 45.38 -26.24
C ARG E 395 -11.95 44.48 -25.00
N ILE E 396 -12.66 43.35 -25.10
CA ILE E 396 -12.79 42.44 -23.96
C ILE E 396 -11.46 41.78 -23.53
N ALA E 397 -10.48 41.80 -24.44
CA ALA E 397 -9.11 41.32 -24.12
C ALA E 397 -8.22 42.42 -23.55
N LYS E 398 -8.63 43.67 -23.66
CA LYS E 398 -7.75 44.79 -23.28
C LYS E 398 -8.27 45.52 -22.06
N GLU E 399 -9.57 45.72 -21.98
CA GLU E 399 -10.15 46.54 -20.93
C GLU E 399 -10.63 45.72 -19.73
N GLU E 400 -10.44 46.28 -18.54
CA GLU E 400 -10.91 45.67 -17.33
C GLU E 400 -12.44 45.72 -17.31
N ILE E 401 -13.08 44.57 -17.17
CA ILE E 401 -14.53 44.48 -17.26
C ILE E 401 -15.21 44.64 -15.90
N PHE E 402 -14.67 43.98 -14.89
CA PHE E 402 -15.20 44.01 -13.51
C PHE E 402 -16.60 43.43 -13.43
N GLY E 403 -16.82 42.39 -14.22
CA GLY E 403 -18.06 41.65 -14.24
C GLY E 403 -17.82 40.20 -14.54
N PRO E 404 -18.88 39.39 -14.51
CA PRO E 404 -18.75 37.93 -14.63
C PRO E 404 -18.64 37.54 -16.10
N VAL E 405 -17.50 37.89 -16.67
CA VAL E 405 -17.23 37.73 -18.09
C VAL E 405 -15.82 37.15 -18.26
N GLN E 406 -15.78 35.92 -18.74
CA GLN E 406 -14.55 35.12 -18.88
C GLN E 406 -14.11 35.08 -20.34
N GLN E 407 -12.83 35.38 -20.56
CA GLN E 407 -12.23 35.35 -21.88
C GLN E 407 -11.28 34.16 -21.96
N ILE E 408 -11.49 33.32 -22.98
CA ILE E 408 -10.60 32.19 -23.22
C ILE E 408 -9.99 32.28 -24.61
N MET E 409 -8.67 32.07 -24.63
CA MET E 409 -7.82 32.22 -25.84
C MET E 409 -6.91 31.04 -25.97
N LYS E 410 -6.44 30.80 -27.19
CA LYS E 410 -5.48 29.70 -27.42
C LYS E 410 -4.06 30.22 -27.66
N PHE E 411 -3.06 29.39 -27.39
CA PHE E 411 -1.70 29.65 -27.85
C PHE E 411 -1.07 28.35 -28.28
N LYS E 412 -0.02 28.45 -29.09
CA LYS E 412 0.84 27.28 -29.40
C LYS E 412 2.29 27.49 -28.95
N SER E 413 2.78 28.71 -29.08
CA SER E 413 4.13 29.04 -28.65
C SER E 413 4.18 29.63 -27.22
N LEU E 414 4.91 28.97 -26.33
CA LEU E 414 5.11 29.48 -24.98
C LEU E 414 5.80 30.84 -24.95
N ASP E 415 6.88 30.99 -25.71
CA ASP E 415 7.57 32.29 -25.78
C ASP E 415 6.61 33.39 -26.20
N ASP E 416 5.80 33.11 -27.21
CA ASP E 416 4.89 34.12 -27.72
C ASP E 416 3.78 34.45 -26.71
N VAL E 417 3.28 33.45 -26.00
CA VAL E 417 2.17 33.70 -25.08
C VAL E 417 2.63 34.50 -23.84
N ILE E 418 3.88 34.31 -23.42
CA ILE E 418 4.46 35.17 -22.36
C ILE E 418 4.49 36.61 -22.81
N LYS E 419 4.93 36.87 -24.02
CA LYS E 419 4.86 38.23 -24.59
C LYS E 419 3.44 38.77 -24.61
N ARG E 420 2.50 37.95 -25.04
CA ARG E 420 1.09 38.36 -25.09
C ARG E 420 0.56 38.65 -23.68
N ALA E 421 0.87 37.77 -22.73
CA ALA E 421 0.49 37.98 -21.35
C ALA E 421 1.06 39.30 -20.78
N ASN E 422 2.28 39.64 -21.16
CA ASN E 422 2.95 40.87 -20.69
C ASN E 422 2.59 42.12 -21.47
N ASN E 423 1.92 41.95 -22.61
CA ASN E 423 1.63 43.07 -23.50
C ASN E 423 0.40 43.83 -23.05
N THR E 424 0.57 44.57 -21.99
CA THR E 424 -0.51 45.31 -21.35
C THR E 424 0.15 46.33 -20.42
N PHE E 425 -0.55 47.42 -20.14
CA PHE E 425 -0.07 48.38 -19.15
C PHE E 425 -0.35 47.90 -17.73
N TYR E 426 -1.19 46.87 -17.61
CA TYR E 426 -1.54 46.32 -16.32
C TYR E 426 -0.46 45.31 -15.88
N GLY E 427 -0.54 44.87 -14.62
CA GLY E 427 0.44 43.93 -14.10
C GLY E 427 0.20 43.57 -12.67
N LEU E 428 -1.07 43.33 -12.33
CA LEU E 428 -1.42 43.04 -10.94
C LEU E 428 -1.08 41.63 -10.53
N SER E 429 -1.49 40.67 -11.36
CA SER E 429 -1.34 39.27 -11.04
C SER E 429 -1.37 38.42 -12.27
N ALA E 430 -1.08 37.15 -12.06
CA ALA E 430 -1.11 36.18 -13.13
C ALA E 430 -1.13 34.79 -12.55
N GLY E 431 -1.50 33.85 -13.39
CA GLY E 431 -1.56 32.45 -13.00
C GLY E 431 -0.83 31.58 -14.01
N VAL E 432 -0.18 30.54 -13.49
CA VAL E 432 0.56 29.59 -14.31
C VAL E 432 0.15 28.17 -13.90
N PHE E 433 -0.28 27.36 -14.87
CA PHE E 433 -0.77 26.03 -14.63
C PHE E 433 0.04 25.02 -15.41
N THR E 434 0.80 24.22 -14.65
CA THR E 434 1.73 23.25 -15.19
C THR E 434 2.19 22.34 -14.05
N LYS E 435 2.57 21.12 -14.38
CA LYS E 435 3.17 20.21 -13.38
C LYS E 435 4.70 20.26 -13.37
N ASP E 436 5.27 20.94 -14.36
CA ASP E 436 6.72 20.98 -14.56
C ASP E 436 7.45 22.08 -13.76
N ILE E 437 8.46 21.65 -13.00
CA ILE E 437 9.19 22.52 -12.10
C ILE E 437 9.84 23.67 -12.82
N ASP E 438 10.57 23.34 -13.88
CA ASP E 438 11.31 24.35 -14.61
C ASP E 438 10.39 25.39 -15.23
N LYS E 439 9.31 24.93 -15.84
CA LYS E 439 8.32 25.83 -16.45
C LYS E 439 7.73 26.76 -15.39
N ALA E 440 7.38 26.19 -14.25
CA ALA E 440 6.71 26.96 -13.18
C ALA E 440 7.62 28.11 -12.72
N ILE E 441 8.90 27.81 -12.53
CA ILE E 441 9.84 28.79 -12.06
C ILE E 441 10.19 29.82 -13.14
N THR E 442 10.47 29.38 -14.36
CA THR E 442 10.92 30.31 -15.38
C THR E 442 9.77 31.18 -15.92
N ILE E 443 8.57 30.61 -16.04
CA ILE E 443 7.43 31.39 -16.49
C ILE E 443 7.11 32.45 -15.43
N SER E 444 7.02 32.03 -14.16
CA SER E 444 6.65 32.96 -13.08
C SER E 444 7.67 34.12 -12.99
N SER E 445 8.95 33.82 -13.26
CA SER E 445 10.01 34.82 -13.29
C SER E 445 9.86 35.81 -14.44
N ALA E 446 9.38 35.33 -15.59
CA ALA E 446 9.23 36.14 -16.80
C ALA E 446 7.98 37.02 -16.84
N LEU E 447 6.97 36.68 -16.03
CA LEU E 447 5.71 37.41 -16.07
C LEU E 447 5.86 38.73 -15.31
N GLN E 448 5.35 39.81 -15.91
CA GLN E 448 5.42 41.13 -15.28
C GLN E 448 4.17 41.38 -14.44
N ALA E 449 4.13 40.73 -13.29
CA ALA E 449 2.97 40.74 -12.43
C ALA E 449 3.40 40.66 -10.99
N GLY E 450 2.69 41.37 -10.13
CA GLY E 450 3.03 41.49 -8.72
C GLY E 450 2.86 40.23 -7.92
N THR E 451 1.80 39.49 -8.19
CA THR E 451 1.65 38.15 -7.64
C THR E 451 1.48 37.15 -8.77
N VAL E 452 2.25 36.07 -8.73
CA VAL E 452 2.07 34.97 -9.69
C VAL E 452 1.70 33.74 -8.89
N TRP E 453 0.52 33.20 -9.20
CA TRP E 453 0.07 31.93 -8.64
C TRP E 453 0.43 30.75 -9.54
N VAL E 454 0.87 29.65 -8.93
CA VAL E 454 1.20 28.43 -9.66
C VAL E 454 0.25 27.29 -9.26
N ASN E 455 -0.51 26.81 -10.24
CA ASN E 455 -1.56 25.79 -10.02
C ASN E 455 -2.61 26.20 -9.01
N CYS E 456 -2.80 27.50 -8.84
CA CYS E 456 -3.90 28.01 -8.07
C CYS E 456 -4.19 29.42 -8.61
N TYR E 457 -5.15 30.11 -8.01
CA TYR E 457 -5.44 31.49 -8.38
C TYR E 457 -6.14 32.18 -7.23
N GLY E 458 -5.82 33.44 -7.01
CA GLY E 458 -6.55 34.29 -6.06
C GLY E 458 -6.26 34.00 -4.60
N VAL E 459 -5.10 33.41 -4.34
CA VAL E 459 -4.70 33.03 -2.98
C VAL E 459 -3.97 34.22 -2.37
N VAL E 460 -4.67 34.92 -1.50
CA VAL E 460 -4.16 36.15 -0.92
C VAL E 460 -4.13 35.95 0.58
N SER E 461 -3.07 36.42 1.23
CA SER E 461 -2.91 36.28 2.67
C SER E 461 -2.18 37.47 3.26
N ALA E 462 -2.39 37.71 4.54
CA ALA E 462 -1.84 38.89 5.19
C ALA E 462 -0.31 38.80 5.31
N GLN E 463 0.18 37.55 5.27
CA GLN E 463 1.61 37.27 5.37
C GLN E 463 2.41 37.67 4.13
N CYS E 464 1.76 37.83 2.97
CA CYS E 464 2.49 38.13 1.74
C CYS E 464 2.22 39.50 1.20
N PRO E 465 3.25 40.15 0.70
CA PRO E 465 3.01 41.40 0.04
C PRO E 465 2.16 41.23 -1.22
N PHE E 466 1.37 42.25 -1.48
CA PHE E 466 0.48 42.28 -2.61
C PHE E 466 0.49 43.66 -3.26
N GLY E 467 0.49 43.68 -4.59
CA GLY E 467 0.45 44.93 -5.33
C GLY E 467 0.84 44.74 -6.77
N GLY E 468 0.76 45.83 -7.55
CA GLY E 468 0.93 45.73 -8.99
C GLY E 468 2.27 46.13 -9.56
N PHE E 469 2.62 45.49 -10.68
CA PHE E 469 3.63 46.02 -11.58
C PHE E 469 2.94 47.08 -12.45
N LYS E 470 3.76 47.95 -13.05
CA LYS E 470 3.32 48.86 -14.07
C LYS E 470 2.12 49.68 -13.61
N MET E 471 1.08 49.80 -14.44
CA MET E 471 -0.04 50.71 -14.09
C MET E 471 -1.09 50.04 -13.20
N SER E 472 -0.80 48.83 -12.71
CA SER E 472 -1.69 48.20 -11.73
C SER E 472 -1.37 48.65 -10.30
N GLY E 473 -0.31 49.42 -10.11
CA GLY E 473 -0.03 49.91 -8.77
C GLY E 473 1.32 50.51 -8.52
N ASN E 474 1.43 51.17 -7.38
CA ASN E 474 2.68 51.69 -6.81
C ASN E 474 2.70 51.13 -5.39
N GLY E 475 3.76 50.41 -5.04
CA GLY E 475 3.98 49.95 -3.69
C GLY E 475 3.31 48.62 -3.44
N ARG E 476 3.48 48.15 -2.22
CA ARG E 476 2.94 46.87 -1.80
C ARG E 476 2.18 47.01 -0.49
N GLU E 477 1.16 46.19 -0.35
CA GLU E 477 0.40 46.11 0.86
C GLU E 477 0.64 44.75 1.52
N LEU E 478 0.73 44.81 2.84
CA LEU E 478 0.80 43.64 3.72
C LEU E 478 2.12 42.89 3.66
N GLY E 479 2.22 41.81 4.43
CA GLY E 479 3.47 41.14 4.60
C GLY E 479 4.44 42.06 5.33
N GLU E 480 5.66 41.59 5.52
CA GLU E 480 6.73 42.43 6.05
C GLU E 480 6.95 43.67 5.19
N TYR E 481 6.97 43.47 3.88
CA TYR E 481 7.38 44.50 2.94
C TYR E 481 6.42 45.65 2.92
N GLY E 482 5.13 45.34 3.03
CA GLY E 482 4.07 46.33 3.01
C GLY E 482 4.13 47.30 4.16
N PHE E 483 4.66 46.85 5.29
CA PHE E 483 4.84 47.73 6.43
C PHE E 483 5.78 48.91 6.15
N HIS E 484 6.75 48.75 5.25
CA HIS E 484 7.70 49.80 4.91
C HIS E 484 7.03 51.06 4.44
N GLU E 485 5.94 50.88 3.73
CA GLU E 485 5.25 52.00 3.13
C GLU E 485 4.47 52.85 4.13
N TYR E 486 4.39 52.40 5.38
CA TYR E 486 3.76 53.19 6.44
C TYR E 486 4.75 53.73 7.47
N THR E 487 6.03 53.68 7.11
CA THR E 487 7.07 54.25 7.93
C THR E 487 7.88 55.26 7.11
N GLU E 488 8.44 56.22 7.83
CA GLU E 488 9.34 57.22 7.31
C GLU E 488 10.67 57.01 8.04
N VAL E 489 11.74 56.82 7.28
CA VAL E 489 13.04 56.54 7.87
C VAL E 489 13.80 57.82 8.24
N LYS E 490 14.25 57.87 9.48
CA LYS E 490 15.10 58.96 9.99
C LYS E 490 16.45 58.40 10.36
N THR E 491 17.51 58.99 9.83
CA THR E 491 18.86 58.62 10.14
C THR E 491 19.35 59.61 11.20
N VAL E 492 19.90 59.07 12.30
CA VAL E 492 20.50 59.89 13.35
C VAL E 492 21.97 59.53 13.42
N THR E 493 22.82 60.54 13.23
CA THR E 493 24.26 60.36 13.21
C THR E 493 24.90 61.26 14.26
N VAL E 494 25.58 60.62 15.20
CA VAL E 494 26.07 61.23 16.43
C VAL E 494 27.59 61.21 16.40
N LYS E 495 28.20 62.38 16.56
CA LYS E 495 29.66 62.45 16.64
C LYS E 495 30.15 61.85 17.95
N ILE E 496 31.15 61.00 17.87
CA ILE E 496 31.78 60.39 19.04
C ILE E 496 33.28 60.50 18.97
N SER E 497 33.94 60.42 20.13
CA SER E 497 35.39 60.65 20.19
C SER E 497 36.14 59.51 19.51
N GLN E 498 35.69 58.29 19.70
CA GLN E 498 36.30 57.17 18.96
C GLN E 498 35.38 55.97 18.91
N LYS E 499 35.28 55.32 17.75
CA LYS E 499 34.40 54.17 17.62
C LYS E 499 35.21 52.90 17.73
N ASN E 500 34.52 51.85 18.15
CA ASN E 500 35.03 50.50 18.07
C ASN E 500 34.00 49.56 17.45
N SER E 501 34.48 48.59 16.68
CA SER E 501 33.60 47.63 16.03
C SER E 501 32.77 46.87 17.05
N LEU F 9 48.17 67.01 -2.33
CA LEU F 9 47.10 67.24 -3.36
C LEU F 9 47.81 67.09 -4.68
N PRO F 10 47.82 65.88 -5.22
CA PRO F 10 48.34 65.80 -6.57
C PRO F 10 47.45 66.56 -7.54
N VAL F 11 48.05 67.01 -8.62
CA VAL F 11 47.35 67.73 -9.65
C VAL F 11 47.61 67.07 -10.99
N LEU F 12 46.79 67.44 -11.96
CA LEU F 12 46.96 66.97 -13.33
C LEU F 12 48.15 67.71 -13.93
N LEU F 13 49.13 66.96 -14.44
CA LEU F 13 50.40 67.53 -14.91
C LEU F 13 50.26 68.07 -16.34
N THR F 14 49.26 67.57 -17.06
CA THR F 14 48.96 68.06 -18.41
C THR F 14 47.68 68.85 -18.41
N ASP F 15 47.47 69.62 -19.47
CA ASP F 15 46.23 70.36 -19.64
C ASP F 15 45.06 69.41 -19.91
N LEU F 16 43.95 69.65 -19.24
CA LEU F 16 42.75 68.85 -19.44
C LEU F 16 42.25 68.99 -20.88
N LYS F 17 42.15 67.88 -21.60
CA LYS F 17 41.53 67.91 -22.93
C LYS F 17 40.14 67.28 -22.86
N ILE F 18 39.13 68.02 -23.26
CA ILE F 18 37.78 67.51 -23.28
C ILE F 18 37.61 66.66 -24.52
N GLN F 19 37.27 65.41 -24.29
CA GLN F 19 37.11 64.41 -25.34
C GLN F 19 35.64 63.95 -25.55
N TYR F 20 34.89 63.75 -24.47
CA TYR F 20 33.53 63.17 -24.57
C TYR F 20 32.47 64.25 -24.45
N THR F 21 31.75 64.46 -25.55
CA THR F 21 30.76 65.50 -25.65
C THR F 21 29.45 65.05 -26.31
N LYS F 22 29.30 63.77 -26.55
CA LYS F 22 28.14 63.27 -27.24
C LYS F 22 27.18 62.46 -26.36
N ILE F 23 26.05 62.11 -26.94
CA ILE F 23 25.03 61.31 -26.29
C ILE F 23 25.51 59.86 -26.30
N PHE F 24 25.36 59.18 -25.15
CA PHE F 24 25.92 57.82 -24.97
C PHE F 24 24.75 56.85 -24.87
N ILE F 25 24.59 56.06 -25.91
CA ILE F 25 23.53 55.06 -26.00
C ILE F 25 24.10 53.79 -26.60
N ASN F 26 23.78 52.65 -25.98
CA ASN F 26 24.29 51.35 -26.44
C ASN F 26 25.81 51.32 -26.57
N ASN F 27 26.47 51.94 -25.61
CA ASN F 27 27.93 52.01 -25.57
C ASN F 27 28.52 52.64 -26.84
N GLU F 28 27.75 53.50 -27.49
CA GLU F 28 28.21 54.25 -28.66
C GLU F 28 27.93 55.71 -28.45
N TRP F 29 28.69 56.53 -29.14
CA TRP F 29 28.53 57.98 -29.10
C TRP F 29 27.68 58.48 -30.25
N HIS F 30 26.65 59.25 -29.94
CA HIS F 30 25.65 59.66 -30.90
C HIS F 30 25.58 61.18 -30.94
N ASP F 31 25.41 61.72 -32.14
CA ASP F 31 25.00 63.11 -32.25
C ASP F 31 23.54 63.23 -31.87
N SER F 32 23.12 64.43 -31.49
CA SER F 32 21.72 64.69 -31.22
C SER F 32 20.93 64.47 -32.48
N VAL F 33 19.68 64.03 -32.33
CA VAL F 33 18.81 63.84 -33.50
C VAL F 33 18.61 65.15 -34.28
N SER F 34 18.42 66.25 -33.55
CA SER F 34 18.22 67.57 -34.15
C SER F 34 19.51 68.14 -34.77
N GLY F 35 20.67 67.69 -34.31
CA GLY F 35 21.95 68.26 -34.73
C GLY F 35 22.39 69.39 -33.81
N LYS F 36 21.50 69.87 -32.95
CA LYS F 36 21.81 70.98 -32.07
C LYS F 36 22.80 70.59 -30.97
N LYS F 37 23.59 71.58 -30.57
CA LYS F 37 24.57 71.45 -29.48
C LYS F 37 24.38 72.62 -28.52
N PHE F 38 24.88 72.50 -27.29
CA PHE F 38 24.84 73.59 -26.33
C PHE F 38 26.16 73.81 -25.67
N PRO F 39 26.45 75.06 -25.32
CA PRO F 39 27.74 75.37 -24.73
C PRO F 39 27.77 75.04 -23.26
N VAL F 40 28.96 74.69 -22.78
CA VAL F 40 29.22 74.40 -21.38
C VAL F 40 30.36 75.30 -20.92
N PHE F 41 30.22 75.89 -19.73
CA PHE F 41 31.10 77.00 -19.30
C PHE F 41 31.86 76.69 -18.03
N ASN F 42 32.95 77.41 -17.84
CA ASN F 42 33.65 77.52 -16.57
C ASN F 42 33.06 78.69 -15.77
N PRO F 43 32.37 78.42 -14.65
CA PRO F 43 31.69 79.52 -13.94
C PRO F 43 32.63 80.52 -13.26
N ALA F 44 33.89 80.17 -13.10
CA ALA F 44 34.86 81.07 -12.47
C ALA F 44 35.39 82.12 -13.46
N THR F 45 35.45 81.75 -14.73
CA THR F 45 36.02 82.60 -15.77
C THR F 45 35.03 83.01 -16.86
N GLU F 46 33.88 82.36 -16.92
CA GLU F 46 32.88 82.56 -17.97
C GLU F 46 33.34 82.08 -19.34
N GLU F 47 34.46 81.39 -19.43
CA GLU F 47 34.91 80.84 -20.68
C GLU F 47 34.12 79.61 -21.09
N GLU F 48 33.93 79.45 -22.41
CA GLU F 48 33.24 78.28 -22.96
C GLU F 48 34.23 77.14 -23.07
N LEU F 49 33.89 76.01 -22.45
CA LEU F 49 34.81 74.87 -22.41
C LEU F 49 34.66 73.99 -23.66
N CYS F 50 33.43 73.84 -24.11
CA CYS F 50 33.14 73.02 -25.28
C CYS F 50 31.66 73.13 -25.59
N GLN F 51 31.26 72.43 -26.64
CA GLN F 51 29.86 72.30 -27.02
C GLN F 51 29.49 70.82 -26.84
N VAL F 52 28.30 70.56 -26.34
CA VAL F 52 27.82 69.22 -26.05
C VAL F 52 26.55 68.98 -26.85
N GLU F 53 26.36 67.75 -27.31
CA GLU F 53 25.15 67.41 -28.05
C GLU F 53 23.92 67.68 -27.20
N GLU F 54 22.92 68.34 -27.79
CA GLU F 54 21.74 68.71 -27.05
C GLU F 54 20.65 67.68 -27.22
N GLY F 55 20.56 66.79 -26.24
CA GLY F 55 19.52 65.76 -26.23
C GLY F 55 18.15 66.34 -25.93
N ASP F 56 17.16 65.80 -26.60
CA ASP F 56 15.77 66.21 -26.45
C ASP F 56 14.92 64.91 -26.47
N LYS F 57 13.62 65.05 -26.63
CA LYS F 57 12.71 63.93 -26.57
C LYS F 57 13.15 62.73 -27.45
N GLU F 58 13.57 63.04 -28.68
CA GLU F 58 13.87 61.99 -29.64
C GLU F 58 15.10 61.18 -29.18
N ASP F 59 16.03 61.85 -28.53
CA ASP F 59 17.24 61.22 -28.03
C ASP F 59 16.92 60.38 -26.79
N VAL F 60 16.08 60.93 -25.94
CA VAL F 60 15.54 60.17 -24.79
C VAL F 60 14.87 58.87 -25.29
N ASP F 61 14.05 58.99 -26.32
CA ASP F 61 13.35 57.80 -26.88
C ASP F 61 14.34 56.70 -27.31
N LYS F 62 15.42 57.10 -27.96
CA LYS F 62 16.44 56.14 -28.40
C LYS F 62 17.10 55.48 -27.20
N ALA F 63 17.39 56.29 -26.20
CA ALA F 63 18.03 55.79 -24.98
C ALA F 63 17.12 54.80 -24.25
N VAL F 64 15.82 55.12 -24.18
CA VAL F 64 14.87 54.23 -23.51
C VAL F 64 14.75 52.90 -24.23
N LYS F 65 14.69 52.94 -25.56
CA LYS F 65 14.64 51.70 -26.32
C LYS F 65 15.86 50.82 -26.06
N ALA F 66 17.03 51.46 -25.98
CA ALA F 66 18.25 50.73 -25.69
C ALA F 66 18.20 50.12 -24.28
N ALA F 67 17.72 50.90 -23.32
CA ALA F 67 17.64 50.45 -21.94
C ALA F 67 16.61 49.29 -21.78
N ARG F 68 15.49 49.42 -22.51
CA ARG F 68 14.46 48.38 -22.53
C ARG F 68 14.97 47.05 -23.13
N GLN F 69 15.69 47.14 -24.23
CA GLN F 69 16.26 45.97 -24.89
C GLN F 69 17.29 45.27 -23.95
N ALA F 70 18.11 46.06 -23.28
CA ALA F 70 19.14 45.49 -22.39
C ALA F 70 18.50 44.82 -21.15
N PHE F 71 17.29 45.23 -20.81
CA PHE F 71 16.54 44.69 -19.68
C PHE F 71 15.69 43.44 -20.01
N GLN F 72 15.64 43.04 -21.27
CA GLN F 72 14.81 41.91 -21.67
C GLN F 72 15.23 40.62 -20.99
N ILE F 73 14.24 39.87 -20.60
CA ILE F 73 14.44 38.54 -20.10
C ILE F 73 15.39 37.82 -21.05
N GLY F 74 16.37 37.14 -20.51
CA GLY F 74 17.34 36.39 -21.34
C GLY F 74 18.54 37.18 -21.81
N SER F 75 18.54 38.49 -21.57
CA SER F 75 19.66 39.32 -21.97
C SER F 75 20.85 39.10 -21.05
N PRO F 76 22.07 39.48 -21.49
CA PRO F 76 23.23 39.37 -20.62
C PRO F 76 23.05 40.05 -19.26
N TRP F 77 22.50 41.25 -19.25
CA TRP F 77 22.33 41.96 -17.97
C TRP F 77 21.33 41.28 -17.00
N ARG F 78 20.27 40.69 -17.53
CA ARG F 78 19.31 39.98 -16.70
C ARG F 78 19.79 38.61 -16.23
N THR F 79 20.64 37.95 -17.03
CA THR F 79 21.02 36.57 -16.77
C THR F 79 22.33 36.44 -16.04
N MET F 80 23.16 37.47 -16.07
CA MET F 80 24.45 37.36 -15.42
C MET F 80 24.27 37.22 -13.90
N ASP F 81 25.25 36.62 -13.25
CA ASP F 81 25.25 36.47 -11.81
C ASP F 81 25.16 37.83 -11.15
N ALA F 82 24.40 37.92 -10.07
CA ALA F 82 24.32 39.14 -9.30
C ALA F 82 25.74 39.58 -8.85
N SER F 83 26.58 38.62 -8.47
CA SER F 83 27.97 38.89 -8.11
C SER F 83 28.77 39.53 -9.25
N GLU F 84 28.42 39.23 -10.50
CA GLU F 84 29.08 39.80 -11.65
C GLU F 84 28.65 41.26 -11.89
N ARG F 85 27.39 41.59 -11.60
CA ARG F 85 26.97 42.99 -11.61
C ARG F 85 27.86 43.75 -10.62
N GLY F 86 28.04 43.15 -9.45
CA GLY F 86 28.85 43.71 -8.41
C GLY F 86 30.29 43.93 -8.84
N ARG F 87 30.86 42.90 -9.46
CA ARG F 87 32.20 42.98 -10.06
C ARG F 87 32.36 44.11 -11.08
N LEU F 88 31.38 44.29 -11.94
CA LEU F 88 31.39 45.39 -12.92
C LEU F 88 31.40 46.76 -12.23
N LEU F 89 30.60 46.90 -11.18
CA LEU F 89 30.60 48.13 -10.37
C LEU F 89 31.93 48.36 -9.66
N TYR F 90 32.52 47.31 -9.07
CA TYR F 90 33.87 47.42 -8.47
CA TYR F 90 33.85 47.36 -8.45
C TYR F 90 34.92 47.82 -9.50
N LYS F 91 34.85 47.23 -10.67
CA LYS F 91 35.75 47.59 -11.77
C LYS F 91 35.59 49.07 -12.16
N LEU F 92 34.35 49.54 -12.25
CA LEU F 92 34.07 50.92 -12.56
C LEU F 92 34.69 51.82 -11.50
N ALA F 93 34.58 51.44 -10.23
CA ALA F 93 35.20 52.23 -9.16
C ALA F 93 36.73 52.33 -9.34
N ASP F 94 37.37 51.22 -9.70
CA ASP F 94 38.82 51.19 -9.97
C ASP F 94 39.21 52.11 -11.13
N LEU F 95 38.38 52.16 -12.16
CA LEU F 95 38.64 53.02 -13.31
C LEU F 95 38.53 54.49 -12.93
N ILE F 96 37.54 54.81 -12.10
CA ILE F 96 37.35 56.20 -11.66
C ILE F 96 38.54 56.60 -10.79
N GLU F 97 38.99 55.67 -9.94
CA GLU F 97 40.20 55.87 -9.15
C GLU F 97 41.41 56.12 -10.06
N ARG F 98 41.60 55.28 -11.08
CA ARG F 98 42.66 55.52 -12.08
C ARG F 98 42.59 56.94 -12.68
N ASP F 99 41.39 57.41 -13.00
CA ASP F 99 41.20 58.71 -13.65
C ASP F 99 40.83 59.82 -12.68
N ARG F 100 41.27 59.68 -11.45
CA ARG F 100 40.85 60.58 -10.39
C ARG F 100 41.28 62.03 -10.63
N LEU F 101 42.52 62.22 -11.11
CA LEU F 101 43.07 63.58 -11.32
C LEU F 101 42.30 64.28 -12.39
N LEU F 102 42.10 63.57 -13.49
CA LEU F 102 41.36 64.05 -14.64
C LEU F 102 39.93 64.44 -14.26
N LEU F 103 39.26 63.53 -13.59
CA LEU F 103 37.88 63.77 -13.16
C LEU F 103 37.74 64.91 -12.16
N ALA F 104 38.62 64.95 -11.16
CA ALA F 104 38.59 66.03 -10.18
C ALA F 104 38.83 67.39 -10.83
N THR F 105 39.75 67.40 -11.78
CA THR F 105 40.10 68.64 -12.52
C THR F 105 38.89 69.11 -13.34
N MET F 106 38.32 68.16 -14.07
CA MET F 106 37.15 68.43 -14.91
C MET F 106 35.97 68.88 -14.05
N GLU F 107 35.76 68.22 -12.92
CA GLU F 107 34.66 68.57 -12.03
C GLU F 107 34.84 69.98 -11.49
N SER F 108 36.08 70.31 -11.14
CA SER F 108 36.40 71.64 -10.61
C SER F 108 36.18 72.76 -11.64
N MET F 109 36.68 72.52 -12.84
CA MET F 109 36.63 73.47 -13.94
C MET F 109 35.22 73.76 -14.41
N ASN F 110 34.46 72.69 -14.60
CA ASN F 110 33.05 72.78 -15.06
C ASN F 110 32.06 73.19 -13.96
N GLY F 111 32.30 72.70 -12.75
CA GLY F 111 31.34 72.90 -11.66
C GLY F 111 31.60 74.07 -10.70
N GLY F 112 32.71 74.78 -10.89
CA GLY F 112 33.08 75.89 -9.99
C GLY F 112 33.41 75.37 -8.60
N LYS F 113 33.98 74.17 -8.55
CA LYS F 113 34.15 73.43 -7.31
C LYS F 113 35.61 73.44 -6.93
N LEU F 114 35.88 73.81 -5.68
CA LEU F 114 37.27 73.84 -5.17
C LEU F 114 37.96 72.53 -5.48
N TYR F 115 39.13 72.61 -6.08
CA TYR F 115 39.83 71.43 -6.53
C TYR F 115 40.08 70.46 -5.38
N SER F 116 40.52 70.98 -4.24
CA SER F 116 40.86 70.10 -3.10
C SER F 116 39.66 69.29 -2.65
N ASN F 117 38.51 69.94 -2.60
CA ASN F 117 37.27 69.27 -2.29
C ASN F 117 36.87 68.28 -3.40
N ALA F 118 37.01 68.67 -4.66
CA ALA F 118 36.75 67.75 -5.79
C ALA F 118 37.57 66.48 -5.69
N TYR F 119 38.87 66.65 -5.44
CA TYR F 119 39.77 65.52 -5.40
C TYR F 119 39.59 64.67 -4.12
N LEU F 120 39.54 65.34 -2.96
CA LEU F 120 39.55 64.64 -1.67
C LEU F 120 38.16 64.17 -1.23
N ASN F 121 37.13 64.94 -1.57
CA ASN F 121 35.79 64.61 -1.10
C ASN F 121 34.94 63.97 -2.20
N ASP F 122 34.69 64.70 -3.29
CA ASP F 122 33.79 64.22 -4.33
C ASP F 122 34.28 62.93 -4.93
N LEU F 123 35.53 62.89 -5.37
CA LEU F 123 36.04 61.70 -6.04
C LEU F 123 36.08 60.51 -5.07
N ALA F 124 36.54 60.76 -3.85
CA ALA F 124 36.58 59.71 -2.84
C ALA F 124 35.18 59.17 -2.56
N GLY F 125 34.22 60.09 -2.44
CA GLY F 125 32.82 59.73 -2.19
C GLY F 125 32.24 58.86 -3.30
N CYS F 126 32.57 59.23 -4.53
CA CYS F 126 32.20 58.46 -5.69
C CYS F 126 32.72 57.05 -5.64
N ILE F 127 34.02 56.94 -5.41
CA ILE F 127 34.69 55.64 -5.43
C ILE F 127 34.13 54.74 -4.30
N LYS F 128 34.06 55.29 -3.10
CA LYS F 128 33.54 54.54 -1.95
C LYS F 128 32.07 54.13 -2.12
N THR F 129 31.25 55.04 -2.64
CA THR F 129 29.85 54.75 -2.86
C THR F 129 29.67 53.61 -3.84
N LEU F 130 30.42 53.66 -4.94
CA LEU F 130 30.37 52.59 -5.93
C LEU F 130 30.77 51.25 -5.33
N ARG F 131 31.85 51.24 -4.55
CA ARG F 131 32.30 50.00 -3.91
C ARG F 131 31.29 49.46 -2.90
N TYR F 132 30.67 50.35 -2.15
CA TYR F 132 29.57 49.97 -1.29
C TYR F 132 28.45 49.30 -2.07
N CYS F 133 28.00 49.93 -3.15
CA CYS F 133 26.90 49.42 -3.96
C CYS F 133 27.22 48.09 -4.60
N ALA F 134 28.47 47.96 -5.04
CA ALA F 134 28.92 46.71 -5.62
C ALA F 134 28.70 45.53 -4.67
N GLY F 135 29.00 45.76 -3.41
CA GLY F 135 28.86 44.74 -2.37
C GLY F 135 27.43 44.28 -2.14
N TRP F 136 26.45 45.14 -2.42
CA TRP F 136 25.04 44.73 -2.24
C TRP F 136 24.50 43.79 -3.31
N ALA F 137 25.12 43.77 -4.49
CA ALA F 137 24.47 43.17 -5.66
C ALA F 137 23.99 41.73 -5.41
N ASP F 138 24.84 40.92 -4.81
CA ASP F 138 24.49 39.52 -4.53
C ASP F 138 23.97 39.27 -3.11
N LYS F 139 23.60 40.34 -2.42
CA LYS F 139 23.04 40.29 -1.08
C LYS F 139 21.62 40.83 -1.02
N ILE F 140 21.07 41.17 -2.18
CA ILE F 140 19.66 41.55 -2.28
C ILE F 140 18.86 40.25 -2.24
N GLN F 141 17.97 40.08 -1.26
CA GLN F 141 17.26 38.83 -1.07
C GLN F 141 15.78 39.00 -0.84
N GLY F 142 14.99 38.06 -1.35
CA GLY F 142 13.57 38.02 -1.01
C GLY F 142 13.34 37.17 0.23
N ARG F 143 12.12 36.68 0.35
CA ARG F 143 11.66 35.96 1.54
C ARG F 143 10.96 34.66 1.17
N THR F 144 11.00 33.71 2.10
CA THR F 144 10.06 32.57 2.08
C THR F 144 9.10 32.81 3.26
N ILE F 145 7.81 32.60 3.00
CA ILE F 145 6.75 33.12 3.84
C ILE F 145 5.78 32.01 4.27
N PRO F 146 5.57 31.84 5.59
CA PRO F 146 4.68 30.79 6.09
C PRO F 146 3.18 31.17 6.02
N ILE F 147 2.72 31.37 4.79
CA ILE F 147 1.33 31.72 4.45
C ILE F 147 0.35 30.66 5.00
N ASP F 148 -0.85 31.11 5.36
CA ASP F 148 -1.94 30.21 5.71
C ASP F 148 -2.23 29.29 4.51
N GLY F 149 -2.63 28.05 4.78
CA GLY F 149 -3.04 27.11 3.74
C GLY F 149 -1.85 26.30 3.18
N ASN F 150 -2.20 25.34 2.31
CA ASN F 150 -1.23 24.43 1.74
C ASN F 150 -0.58 25.05 0.51
N PHE F 151 0.33 25.97 0.79
CA PHE F 151 1.02 26.74 -0.25
C PHE F 151 2.47 26.91 0.13
N PHE F 152 3.31 27.00 -0.90
CA PHE F 152 4.69 27.49 -0.78
C PHE F 152 4.75 28.89 -1.39
N THR F 153 5.08 29.88 -0.57
CA THR F 153 5.15 31.27 -1.00
C THR F 153 6.54 31.83 -0.82
N TYR F 154 7.04 32.45 -1.89
CA TYR F 154 8.30 33.18 -1.85
C TYR F 154 8.17 34.50 -2.60
N THR F 155 9.10 35.40 -2.31
CA THR F 155 9.18 36.65 -3.03
C THR F 155 10.52 36.79 -3.74
N ARG F 156 10.45 37.50 -4.86
CA ARG F 156 11.61 37.91 -5.63
C ARG F 156 11.69 39.39 -5.59
N HIS F 157 12.87 39.90 -5.29
CA HIS F 157 13.11 41.35 -5.29
C HIS F 157 13.79 41.67 -6.59
N GLU F 158 12.97 41.83 -7.63
CA GLU F 158 13.44 42.00 -9.00
C GLU F 158 13.84 43.43 -9.23
N PRO F 159 14.71 43.68 -10.22
CA PRO F 159 14.88 45.06 -10.63
C PRO F 159 13.57 45.58 -11.20
N ILE F 160 13.38 46.90 -11.15
CA ILE F 160 12.14 47.51 -11.64
C ILE F 160 12.13 47.53 -13.16
N GLY F 161 13.26 47.92 -13.75
CA GLY F 161 13.34 48.02 -15.18
C GLY F 161 14.12 49.24 -15.59
N VAL F 162 13.51 50.06 -16.45
CA VAL F 162 14.19 51.22 -17.00
C VAL F 162 13.97 52.42 -16.07
N CYS F 163 15.07 52.91 -15.53
CA CYS F 163 15.05 53.99 -14.57
C CYS F 163 15.65 55.25 -15.19
N GLY F 164 14.84 56.29 -15.24
CA GLY F 164 15.26 57.60 -15.69
C GLY F 164 15.78 58.37 -14.50
N GLN F 165 16.97 58.93 -14.64
CA GLN F 165 17.68 59.50 -13.50
C GLN F 165 18.19 60.90 -13.85
N ILE F 166 17.68 61.89 -13.13
CA ILE F 166 17.96 63.30 -13.43
C ILE F 166 18.80 63.87 -12.32
N ILE F 167 19.98 64.36 -12.70
CA ILE F 167 21.10 64.64 -11.80
C ILE F 167 21.31 66.15 -11.71
N PRO F 168 21.59 66.70 -10.52
CA PRO F 168 21.84 68.14 -10.40
C PRO F 168 23.30 68.56 -10.70
N TRP F 169 23.52 69.88 -10.70
CA TRP F 169 24.82 70.50 -11.07
C TRP F 169 25.74 70.71 -9.90
N ASN F 170 25.24 70.60 -8.68
CA ASN F 170 26.07 70.88 -7.49
C ASN F 170 27.08 69.79 -7.12
N PHE F 171 26.68 68.53 -7.27
CA PHE F 171 27.60 67.40 -7.07
C PHE F 171 27.43 66.42 -8.24
N PRO F 172 27.90 66.80 -9.43
CA PRO F 172 27.56 66.06 -10.64
C PRO F 172 28.02 64.60 -10.63
N LEU F 173 29.25 64.38 -10.20
CA LEU F 173 29.81 63.04 -10.16
C LEU F 173 29.25 62.20 -9.01
N VAL F 174 29.25 62.75 -7.80
CA VAL F 174 28.72 62.05 -6.63
C VAL F 174 27.26 61.66 -6.85
N MET F 175 26.47 62.61 -7.36
CA MET F 175 25.04 62.35 -7.60
C MET F 175 24.81 61.35 -8.71
N LEU F 176 25.66 61.38 -9.71
CA LEU F 176 25.63 60.36 -10.76
C LEU F 176 25.76 58.96 -10.14
N ILE F 177 26.78 58.79 -9.30
CA ILE F 177 27.06 57.52 -8.65
C ILE F 177 25.95 57.13 -7.64
N TRP F 178 25.48 58.10 -6.87
CA TRP F 178 24.37 57.90 -5.95
C TRP F 178 23.13 57.31 -6.60
N LYS F 179 22.94 57.64 -7.87
CA LYS F 179 21.83 57.14 -8.70
C LYS F 179 22.15 55.80 -9.37
N ILE F 180 23.24 55.76 -10.14
CA ILE F 180 23.47 54.56 -10.94
C ILE F 180 23.97 53.39 -10.11
N GLY F 181 24.68 53.69 -9.02
CA GLY F 181 25.23 52.62 -8.17
C GLY F 181 24.16 51.65 -7.69
N PRO F 182 23.16 52.15 -6.96
CA PRO F 182 22.10 51.27 -6.45
C PRO F 182 21.23 50.71 -7.56
N ALA F 183 20.91 51.54 -8.56
CA ALA F 183 20.07 51.09 -9.69
C ALA F 183 20.68 49.86 -10.38
N LEU F 184 21.96 49.95 -10.69
CA LEU F 184 22.66 48.90 -11.38
C LEU F 184 22.92 47.71 -10.48
N SER F 185 23.23 47.97 -9.22
CA SER F 185 23.49 46.88 -8.29
C SER F 185 22.24 45.96 -8.19
N CYS F 186 21.07 46.58 -8.25
CA CYS F 186 19.78 45.88 -8.23
C CYS F 186 19.39 45.25 -9.56
N GLY F 187 20.11 45.55 -10.61
CA GLY F 187 19.85 44.93 -11.92
C GLY F 187 18.97 45.74 -12.90
N ASN F 188 18.74 47.01 -12.59
CA ASN F 188 18.02 47.89 -13.47
C ASN F 188 18.92 48.36 -14.64
N THR F 189 18.28 48.93 -15.65
CA THR F 189 19.00 49.68 -16.67
C THR F 189 18.60 51.14 -16.52
N VAL F 190 19.45 52.06 -16.98
CA VAL F 190 19.24 53.46 -16.70
C VAL F 190 19.37 54.38 -17.91
N VAL F 191 18.59 55.46 -17.86
CA VAL F 191 18.72 56.59 -18.78
C VAL F 191 19.00 57.81 -17.89
N VAL F 192 20.21 58.35 -18.00
CA VAL F 192 20.69 59.45 -17.14
C VAL F 192 20.70 60.80 -17.86
N LYS F 193 20.12 61.82 -17.23
CA LYS F 193 20.12 63.16 -17.77
C LYS F 193 20.88 64.08 -16.79
N PRO F 194 22.17 64.32 -17.08
CA PRO F 194 22.94 65.20 -16.23
C PRO F 194 22.47 66.64 -16.37
N ALA F 195 22.85 67.47 -15.41
CA ALA F 195 22.46 68.86 -15.45
C ALA F 195 23.08 69.52 -16.70
N GLU F 196 22.32 70.45 -17.29
CA GLU F 196 22.79 71.25 -18.46
C GLU F 196 24.13 71.94 -18.18
N GLN F 197 24.29 72.43 -16.95
CA GLN F 197 25.52 73.14 -16.57
C GLN F 197 26.75 72.23 -16.52
N THR F 198 26.55 70.96 -16.16
CA THR F 198 27.65 70.06 -15.80
C THR F 198 27.57 68.63 -16.38
N PRO F 199 27.55 68.48 -17.71
CA PRO F 199 27.46 67.12 -18.30
C PRO F 199 28.76 66.40 -18.46
N LEU F 200 29.89 67.10 -18.32
CA LEU F 200 31.17 66.56 -18.81
C LEU F 200 31.73 65.37 -18.02
N THR F 201 31.70 65.45 -16.69
CA THR F 201 32.21 64.34 -15.92
C THR F 201 31.37 63.05 -16.12
N ALA F 202 30.06 63.21 -16.28
CA ALA F 202 29.17 62.06 -16.54
C ALA F 202 29.54 61.38 -17.86
N LEU F 203 29.85 62.19 -18.88
CA LEU F 203 30.23 61.61 -20.18
C LEU F 203 31.57 60.92 -20.10
N HIS F 204 32.50 61.44 -19.31
CA HIS F 204 33.74 60.69 -19.09
C HIS F 204 33.47 59.35 -18.39
N VAL F 205 32.63 59.37 -17.37
CA VAL F 205 32.25 58.13 -16.69
C VAL F 205 31.63 57.13 -17.66
N ALA F 206 30.83 57.63 -18.60
CA ALA F 206 30.25 56.73 -19.62
C ALA F 206 31.33 55.99 -20.38
N SER F 207 32.42 56.68 -20.73
CA SER F 207 33.55 56.02 -21.41
C SER F 207 34.11 54.90 -20.54
N LEU F 208 34.10 55.11 -19.22
CA LEU F 208 34.61 54.09 -18.28
C LEU F 208 33.63 52.93 -18.08
N ILE F 209 32.35 53.23 -18.22
CA ILE F 209 31.31 52.20 -18.17
C ILE F 209 31.52 51.23 -19.32
N LYS F 210 31.76 51.77 -20.51
CA LYS F 210 32.08 50.92 -21.64
C LYS F 210 33.38 50.11 -21.35
N GLU F 211 34.42 50.81 -20.94
CA GLU F 211 35.69 50.15 -20.68
C GLU F 211 35.54 49.04 -19.64
N ALA F 212 34.75 49.27 -18.59
CA ALA F 212 34.52 48.25 -17.56
C ALA F 212 33.86 46.98 -18.05
N GLY F 213 33.11 47.09 -19.14
CA GLY F 213 32.50 45.91 -19.77
C GLY F 213 30.99 45.79 -19.51
N PHE F 214 30.32 46.86 -19.08
CA PHE F 214 28.86 46.80 -18.95
C PHE F 214 28.21 46.54 -20.31
N PRO F 215 27.19 45.68 -20.34
CA PRO F 215 26.58 45.43 -21.64
C PRO F 215 25.94 46.67 -22.23
N PRO F 216 25.86 46.74 -23.58
CA PRO F 216 25.27 47.94 -24.21
C PRO F 216 23.82 48.15 -23.81
N GLY F 217 23.47 49.40 -23.55
CA GLY F 217 22.11 49.75 -23.19
C GLY F 217 21.84 49.74 -21.67
N VAL F 218 22.76 49.19 -20.88
CA VAL F 218 22.58 49.15 -19.43
C VAL F 218 22.68 50.56 -18.82
N VAL F 219 23.62 51.35 -19.31
CA VAL F 219 23.70 52.75 -19.00
C VAL F 219 23.68 53.60 -20.24
N ASN F 220 22.77 54.55 -20.29
CA ASN F 220 22.69 55.53 -21.38
C ASN F 220 22.68 56.92 -20.77
N ILE F 221 23.40 57.86 -21.40
CA ILE F 221 23.49 59.23 -20.89
C ILE F 221 23.10 60.27 -21.96
N VAL F 222 22.12 61.10 -21.62
CA VAL F 222 21.55 62.06 -22.54
C VAL F 222 21.66 63.46 -21.94
N PRO F 223 22.74 64.18 -22.27
CA PRO F 223 22.80 65.59 -21.91
C PRO F 223 21.67 66.39 -22.55
N GLY F 224 21.31 67.47 -21.90
CA GLY F 224 20.30 68.38 -22.41
C GLY F 224 19.66 69.19 -21.31
N TYR F 225 18.65 69.95 -21.68
CA TYR F 225 17.95 70.83 -20.74
C TYR F 225 16.84 70.10 -19.97
N GLY F 226 16.42 70.72 -18.88
CA GLY F 226 15.37 70.18 -18.02
C GLY F 226 14.01 70.06 -18.71
N PRO F 227 13.48 71.18 -19.23
CA PRO F 227 12.12 71.19 -19.79
C PRO F 227 11.97 70.39 -21.07
N THR F 228 13.09 69.95 -21.63
CA THR F 228 13.08 69.17 -22.85
C THR F 228 13.42 67.71 -22.53
N ALA F 229 14.70 67.41 -22.35
CA ALA F 229 15.14 66.05 -22.05
C ALA F 229 14.59 65.53 -20.70
N GLY F 230 14.60 66.37 -19.67
CA GLY F 230 14.12 65.96 -18.33
C GLY F 230 12.64 65.68 -18.35
N ALA F 231 11.88 66.58 -18.98
CA ALA F 231 10.42 66.41 -19.11
C ALA F 231 10.08 65.17 -19.96
N ALA F 232 10.87 64.92 -20.99
CA ALA F 232 10.67 63.69 -21.80
C ALA F 232 10.83 62.39 -20.97
N ILE F 233 11.80 62.38 -20.06
CA ILE F 233 12.01 61.26 -19.16
C ILE F 233 10.82 61.08 -18.24
N SER F 234 10.37 62.18 -17.65
CA SER F 234 9.35 62.10 -16.63
C SER F 234 7.98 61.71 -17.19
N SER F 235 7.73 62.01 -18.45
CA SER F 235 6.45 61.64 -19.07
C SER F 235 6.53 60.43 -20.02
N HIS F 236 7.68 59.76 -20.08
CA HIS F 236 7.87 58.66 -21.01
C HIS F 236 7.02 57.47 -20.62
N MET F 237 6.36 56.85 -21.60
CA MET F 237 5.43 55.75 -21.34
C MET F 237 6.13 54.41 -21.08
N ASP F 238 7.42 54.32 -21.38
CA ASP F 238 8.19 53.06 -21.20
C ASP F 238 9.36 53.16 -20.20
N ILE F 239 9.37 54.24 -19.43
CA ILE F 239 10.27 54.35 -18.28
C ILE F 239 9.50 53.95 -17.02
N ASP F 240 10.08 53.02 -16.27
CA ASP F 240 9.36 52.40 -15.11
C ASP F 240 9.49 53.20 -13.85
N LYS F 241 10.56 53.95 -13.78
CA LYS F 241 10.85 54.73 -12.57
C LYS F 241 11.65 55.98 -12.94
N VAL F 242 11.35 57.08 -12.26
CA VAL F 242 12.14 58.29 -12.34
C VAL F 242 12.69 58.67 -10.96
N ALA F 243 13.98 59.03 -10.94
CA ALA F 243 14.63 59.58 -9.75
C ALA F 243 15.16 60.94 -10.08
N PHE F 244 14.90 61.89 -9.22
CA PHE F 244 15.25 63.29 -9.47
C PHE F 244 15.78 63.90 -8.19
N THR F 245 16.88 64.62 -8.34
CA THR F 245 17.40 65.50 -7.31
C THR F 245 17.47 66.90 -7.87
N GLY F 246 16.89 67.84 -7.13
CA GLY F 246 16.84 69.23 -7.55
C GLY F 246 15.82 70.01 -6.75
N SER F 247 15.23 71.03 -7.36
CA SER F 247 14.33 71.93 -6.63
C SER F 247 12.97 71.31 -6.36
N THR F 248 12.37 71.69 -5.24
CA THR F 248 11.06 71.20 -4.86
C THR F 248 10.06 71.51 -5.97
N GLU F 249 10.17 72.70 -6.57
CA GLU F 249 9.25 73.12 -7.65
C GLU F 249 9.27 72.16 -8.84
N VAL F 250 10.46 71.73 -9.24
CA VAL F 250 10.56 70.79 -10.37
C VAL F 250 10.14 69.37 -9.95
N GLY F 251 10.48 69.01 -8.72
CA GLY F 251 10.00 67.78 -8.10
C GLY F 251 8.50 67.57 -8.23
N LYS F 252 7.75 68.63 -7.92
CA LYS F 252 6.29 68.60 -8.07
C LYS F 252 5.85 68.30 -9.50
N LEU F 253 6.52 68.92 -10.45
CA LEU F 253 6.19 68.70 -11.85
C LEU F 253 6.52 67.27 -12.30
N ILE F 254 7.59 66.70 -11.76
CA ILE F 254 7.97 65.33 -12.12
C ILE F 254 6.90 64.38 -11.64
N LYS F 255 6.49 64.58 -10.40
CA LYS F 255 5.53 63.68 -9.76
C LYS F 255 4.19 63.78 -10.49
N GLU F 256 3.80 65.00 -10.82
CA GLU F 256 2.59 65.23 -11.63
C GLU F 256 2.66 64.53 -13.02
N ALA F 257 3.77 64.67 -13.72
CA ALA F 257 3.96 64.03 -15.05
C ALA F 257 3.99 62.49 -14.94
N ALA F 258 4.57 61.97 -13.86
CA ALA F 258 4.56 60.53 -13.58
C ALA F 258 3.12 60.02 -13.45
N GLY F 259 2.30 60.74 -12.69
CA GLY F 259 0.89 60.41 -12.54
C GLY F 259 0.11 60.47 -13.86
N LYS F 260 0.37 61.51 -14.65
CA LYS F 260 -0.36 61.73 -15.89
C LYS F 260 0.00 60.75 -17.00
N SER F 261 1.21 60.19 -16.93
CA SER F 261 1.72 59.37 -18.05
C SER F 261 1.44 57.89 -17.79
N ASN F 262 2.36 57.21 -17.10
CA ASN F 262 2.26 55.77 -16.91
C ASN F 262 2.40 55.30 -15.45
N LEU F 263 2.20 56.21 -14.51
CA LEU F 263 2.26 55.91 -13.07
C LEU F 263 3.62 55.35 -12.68
N LYS F 264 4.65 55.78 -13.40
CA LYS F 264 5.99 55.37 -13.06
C LYS F 264 6.29 55.67 -11.57
N ARG F 265 7.15 54.85 -10.97
CA ARG F 265 7.57 55.04 -9.63
C ARG F 265 8.44 56.29 -9.58
N VAL F 266 8.44 56.96 -8.43
CA VAL F 266 9.12 58.24 -8.29
C VAL F 266 9.93 58.30 -7.02
N THR F 267 11.20 58.67 -7.11
CA THR F 267 11.92 59.10 -5.92
C THR F 267 12.44 60.50 -6.14
N LEU F 268 12.37 61.32 -5.09
CA LEU F 268 12.68 62.73 -5.15
C LEU F 268 13.53 63.14 -3.96
N GLU F 269 14.58 63.90 -4.23
CA GLU F 269 15.44 64.47 -3.20
C GLU F 269 15.50 65.95 -3.55
N LEU F 270 14.88 66.76 -2.71
CA LEU F 270 14.55 68.11 -3.12
C LEU F 270 15.22 69.12 -2.22
N GLY F 271 14.68 70.33 -2.15
CA GLY F 271 15.30 71.35 -1.32
C GLY F 271 15.14 71.13 0.18
N GLY F 272 15.76 72.03 0.90
CA GLY F 272 15.56 72.13 2.33
C GLY F 272 15.70 73.54 2.85
N LYS F 273 15.33 73.66 4.11
CA LYS F 273 15.61 74.83 4.90
C LYS F 273 15.96 74.29 6.29
N SER F 274 17.07 73.56 6.32
CA SER F 274 17.40 72.72 7.45
C SER F 274 17.84 73.53 8.69
N PRO F 275 17.26 73.23 9.85
CA PRO F 275 17.58 73.96 11.07
C PRO F 275 18.61 73.27 11.92
N CYS F 276 19.36 74.08 12.66
CA CYS F 276 20.21 73.60 13.74
C CYS F 276 19.70 74.20 15.02
N ILE F 277 19.75 73.41 16.09
CA ILE F 277 19.37 73.84 17.41
C ILE F 277 20.58 73.68 18.30
N VAL F 278 21.09 74.80 18.79
CA VAL F 278 22.33 74.83 19.58
C VAL F 278 21.96 75.17 21.01
N LEU F 279 22.07 74.18 21.90
CA LEU F 279 21.76 74.35 23.33
C LEU F 279 22.91 75.02 24.08
N ALA F 280 22.60 75.60 25.24
CA ALA F 280 23.59 76.32 26.08
C ALA F 280 24.74 75.44 26.55
N ASP F 281 24.48 74.15 26.74
CA ASP F 281 25.56 73.23 27.14
C ASP F 281 26.45 72.72 25.99
N ALA F 282 26.22 73.17 24.77
CA ALA F 282 26.98 72.63 23.62
C ALA F 282 28.43 73.00 23.70
N ASP F 283 29.28 72.13 23.15
CA ASP F 283 30.65 72.50 22.79
C ASP F 283 30.56 73.60 21.72
N LEU F 284 30.84 74.83 22.14
CA LEU F 284 30.50 75.99 21.32
C LEU F 284 31.32 76.06 20.03
N ASP F 285 32.62 75.84 20.14
CA ASP F 285 33.48 75.86 18.95
C ASP F 285 33.09 74.78 17.94
N ASN F 286 32.77 73.59 18.44
CA ASN F 286 32.35 72.49 17.57
C ASN F 286 31.05 72.85 16.85
N ALA F 287 30.11 73.45 17.57
CA ALA F 287 28.84 73.87 16.99
C ALA F 287 29.04 74.96 15.93
N VAL F 288 29.86 75.96 16.26
CA VAL F 288 30.15 77.06 15.33
C VAL F 288 30.77 76.52 14.04
N GLU F 289 31.73 75.63 14.21
CA GLU F 289 32.45 75.09 13.09
C GLU F 289 31.57 74.21 12.18
N PHE F 290 30.75 73.35 12.77
CA PHE F 290 29.88 72.48 11.95
C PHE F 290 28.73 73.25 11.32
N ALA F 291 28.15 74.21 12.03
CA ALA F 291 27.09 75.02 11.46
C ALA F 291 27.64 75.84 10.28
N HIS F 292 28.86 76.35 10.46
CA HIS F 292 29.51 77.13 9.43
C HIS F 292 29.74 76.27 8.16
N HIS F 293 30.41 75.14 8.33
CA HIS F 293 30.61 74.16 7.27
C HIS F 293 29.26 73.81 6.63
N GLY F 294 28.25 73.61 7.47
CA GLY F 294 26.93 73.23 7.04
C GLY F 294 26.29 74.22 6.09
N VAL F 295 26.55 75.50 6.29
CA VAL F 295 25.95 76.51 5.40
C VAL F 295 26.88 76.89 4.23
N PHE F 296 28.19 76.95 4.46
CA PHE F 296 29.12 77.49 3.46
C PHE F 296 29.81 76.48 2.53
N TYR F 297 29.75 75.19 2.86
CA TYR F 297 30.36 74.18 1.99
C TYR F 297 29.87 74.32 0.52
N HIS F 298 30.82 74.23 -0.41
CA HIS F 298 30.54 74.41 -1.84
C HIS F 298 29.68 75.64 -2.15
N GLN F 299 30.09 76.78 -1.58
CA GLN F 299 29.43 78.07 -1.81
C GLN F 299 27.94 78.04 -1.49
N GLY F 300 27.58 77.24 -0.47
CA GLY F 300 26.20 77.14 -0.02
C GLY F 300 25.29 76.35 -0.92
N GLN F 301 25.86 75.63 -1.88
CA GLN F 301 25.08 74.98 -2.94
C GLN F 301 24.79 73.52 -2.58
N CYS F 302 24.21 73.30 -1.41
CA CYS F 302 23.88 71.97 -0.89
C CYS F 302 22.44 72.01 -0.46
N CYS F 303 21.69 70.99 -0.87
CA CYS F 303 20.29 70.81 -0.47
CA CYS F 303 20.29 70.84 -0.48
C CYS F 303 20.17 70.79 1.07
N ILE F 304 21.17 70.23 1.74
CA ILE F 304 21.18 70.13 3.22
C ILE F 304 21.73 71.36 3.96
N ALA F 305 21.98 72.46 3.25
CA ALA F 305 22.55 73.66 3.86
C ALA F 305 21.87 74.03 5.19
N ALA F 306 22.69 74.28 6.21
CA ALA F 306 22.22 74.57 7.57
C ALA F 306 21.77 76.04 7.63
N SER F 307 20.61 76.29 7.04
CA SER F 307 20.19 77.64 6.71
C SER F 307 19.32 78.34 7.76
N ARG F 308 19.06 77.68 8.89
CA ARG F 308 18.43 78.33 10.04
C ARG F 308 19.11 77.82 11.30
N ILE F 309 19.90 78.66 11.92
CA ILE F 309 20.64 78.25 13.11
C ILE F 309 20.02 78.92 14.33
N PHE F 310 19.34 78.11 15.15
CA PHE F 310 18.69 78.58 16.33
C PHE F 310 19.63 78.36 17.51
N VAL F 311 19.96 79.44 18.22
CA VAL F 311 20.92 79.39 19.32
C VAL F 311 20.28 79.86 20.63
N GLU F 312 20.46 79.09 21.70
CA GLU F 312 19.93 79.45 23.02
C GLU F 312 20.48 80.86 23.43
N GLU F 313 19.57 81.67 23.95
CA GLU F 313 19.82 83.08 24.27
C GLU F 313 21.14 83.38 24.95
N SER F 314 21.46 82.61 25.98
CA SER F 314 22.63 82.85 26.80
C SER F 314 23.96 82.71 26.05
N ILE F 315 23.96 82.01 24.92
CA ILE F 315 25.20 81.83 24.14
C ILE F 315 25.10 82.44 22.75
N TYR F 316 23.97 83.06 22.45
CA TYR F 316 23.67 83.61 21.13
C TYR F 316 24.70 84.64 20.64
N ASP F 317 24.97 85.66 21.46
CA ASP F 317 25.90 86.72 21.04
C ASP F 317 27.27 86.16 20.73
N GLU F 318 27.77 85.30 21.61
CA GLU F 318 29.08 84.68 21.39
C GLU F 318 29.07 83.78 20.15
N PHE F 319 27.99 83.02 19.96
CA PHE F 319 27.86 82.19 18.75
C PHE F 319 27.95 83.06 17.48
N VAL F 320 27.22 84.17 17.47
CA VAL F 320 27.24 85.08 16.31
C VAL F 320 28.64 85.61 16.07
N ARG F 321 29.27 86.08 17.13
CA ARG F 321 30.61 86.64 17.05
C ARG F 321 31.58 85.65 16.43
N ARG F 322 31.61 84.43 16.94
CA ARG F 322 32.55 83.44 16.43
C ARG F 322 32.21 83.04 14.98
N SER F 323 30.92 83.01 14.67
CA SER F 323 30.48 82.69 13.29
C SER F 323 30.94 83.76 12.29
N VAL F 324 30.85 85.03 12.70
CA VAL F 324 31.31 86.14 11.87
C VAL F 324 32.83 86.06 11.65
N GLU F 325 33.62 85.84 12.73
CA GLU F 325 35.14 85.68 12.66
C GLU F 325 35.39 84.61 11.58
N ARG F 326 34.67 83.49 11.68
CA ARG F 326 34.91 82.33 10.81
C ARG F 326 34.56 82.65 9.33
N ALA F 327 33.49 83.39 9.10
CA ALA F 327 33.04 83.75 7.75
C ALA F 327 33.93 84.78 7.02
N LYS F 328 34.74 85.55 7.77
CA LYS F 328 35.57 86.59 7.15
C LYS F 328 36.93 86.11 6.66
N LYS F 329 37.21 84.81 6.78
CA LYS F 329 38.53 84.29 6.43
C LYS F 329 38.67 83.71 5.01
N TYR F 330 37.70 83.93 4.14
CA TYR F 330 37.75 83.28 2.85
C TYR F 330 38.54 84.04 1.80
N ILE F 331 39.06 83.31 0.83
CA ILE F 331 39.70 83.89 -0.36
C ILE F 331 38.94 83.43 -1.60
N LEU F 332 38.33 84.39 -2.28
CA LEU F 332 37.48 84.10 -3.43
C LEU F 332 38.30 84.09 -4.72
N GLY F 333 38.04 83.12 -5.57
CA GLY F 333 38.72 83.06 -6.86
C GLY F 333 38.53 81.75 -7.61
N ASN F 334 39.43 81.51 -8.54
CA ASN F 334 39.37 80.35 -9.39
C ASN F 334 39.61 79.11 -8.55
N PRO F 335 38.68 78.14 -8.61
CA PRO F 335 38.80 76.98 -7.73
C PRO F 335 39.95 76.03 -8.07
N LEU F 336 40.59 76.22 -9.21
CA LEU F 336 41.82 75.50 -9.52
C LEU F 336 43.07 76.18 -8.96
N THR F 337 42.93 77.40 -8.42
CA THR F 337 44.09 78.15 -7.93
C THR F 337 44.42 77.78 -6.48
N PRO F 338 45.63 77.26 -6.22
CA PRO F 338 46.01 76.98 -4.83
C PRO F 338 45.88 78.21 -3.95
N GLY F 339 45.31 78.05 -2.76
CA GLY F 339 45.09 79.17 -1.86
C GLY F 339 43.67 79.72 -1.88
N VAL F 340 42.94 79.47 -2.97
CA VAL F 340 41.53 79.90 -3.03
C VAL F 340 40.69 78.98 -2.15
N THR F 341 39.79 79.58 -1.36
CA THR F 341 38.96 78.80 -0.42
C THR F 341 37.46 79.00 -0.62
N GLN F 342 37.10 79.82 -1.59
CA GLN F 342 35.71 79.93 -2.02
C GLN F 342 35.65 80.16 -3.53
N GLY F 343 34.94 79.29 -4.22
CA GLY F 343 34.71 79.39 -5.67
C GLY F 343 33.47 80.19 -6.00
N PRO F 344 33.09 80.18 -7.29
CA PRO F 344 31.91 80.89 -7.76
C PRO F 344 30.64 80.08 -7.57
N GLN F 345 29.52 80.78 -7.68
CA GLN F 345 28.21 80.14 -7.86
C GLN F 345 28.15 79.59 -9.30
N ILE F 346 27.25 78.65 -9.52
CA ILE F 346 27.28 77.85 -10.74
C ILE F 346 26.98 78.67 -12.01
N ASP F 347 26.08 79.63 -11.88
CA ASP F 347 25.67 80.42 -13.04
C ASP F 347 25.01 81.69 -12.63
N LYS F 348 24.68 82.51 -13.63
CA LYS F 348 24.11 83.84 -13.39
C LYS F 348 22.73 83.79 -12.74
N GLU F 349 21.90 82.81 -13.12
CA GLU F 349 20.57 82.69 -12.54
C GLU F 349 20.61 82.48 -11.02
N GLN F 350 21.50 81.60 -10.57
CA GLN F 350 21.68 81.34 -9.12
C GLN F 350 22.24 82.57 -8.42
N TYR F 351 23.28 83.13 -9.01
CA TYR F 351 23.91 84.34 -8.52
C TYR F 351 22.87 85.45 -8.29
N ASP F 352 22.05 85.70 -9.30
CA ASP F 352 20.99 86.73 -9.21
C ASP F 352 19.99 86.43 -8.09
N LYS F 353 19.52 85.19 -8.03
CA LYS F 353 18.59 84.77 -6.98
C LYS F 353 19.18 84.98 -5.58
N ILE F 354 20.44 84.62 -5.39
CA ILE F 354 21.09 84.77 -4.09
C ILE F 354 21.16 86.25 -3.69
N LEU F 355 21.63 87.08 -4.62
CA LEU F 355 21.74 88.53 -4.35
C LEU F 355 20.39 89.13 -4.02
N ASP F 356 19.38 88.72 -4.75
CA ASP F 356 18.03 89.15 -4.44
C ASP F 356 17.56 88.78 -3.01
N LEU F 357 17.87 87.57 -2.57
CA LEU F 357 17.49 87.16 -1.21
C LEU F 357 18.29 87.91 -0.16
N ILE F 358 19.57 88.15 -0.42
CA ILE F 358 20.39 88.99 0.44
C ILE F 358 19.75 90.40 0.58
N GLU F 359 19.30 90.96 -0.53
CA GLU F 359 18.60 92.27 -0.50
C GLU F 359 17.34 92.23 0.35
N SER F 360 16.56 91.16 0.20
CA SER F 360 15.35 91.01 1.03
C SER F 360 15.70 91.00 2.53
N GLY F 361 16.82 90.38 2.87
CA GLY F 361 17.25 90.31 4.26
C GLY F 361 17.52 91.69 4.83
N LYS F 362 18.28 92.47 4.08
CA LYS F 362 18.52 93.86 4.46
C LYS F 362 17.21 94.62 4.60
N LYS F 363 16.35 94.52 3.58
CA LYS F 363 15.08 95.24 3.56
C LYS F 363 14.14 94.87 4.69
N GLU F 364 14.12 93.59 5.07
CA GLU F 364 13.22 93.14 6.10
C GLU F 364 13.78 93.29 7.52
N GLY F 365 14.98 93.81 7.66
CA GLY F 365 15.51 94.18 8.97
C GLY F 365 16.37 93.16 9.66
N ALA F 366 16.83 92.14 8.94
CA ALA F 366 17.84 91.23 9.50
C ALA F 366 19.10 92.05 9.70
N LYS F 367 19.93 91.68 10.67
CA LYS F 367 21.17 92.38 10.87
C LYS F 367 22.30 91.79 10.04
N LEU F 368 22.81 92.58 9.10
CA LEU F 368 23.92 92.15 8.26
C LEU F 368 25.22 92.24 9.03
N GLU F 369 25.85 91.10 9.29
CA GLU F 369 27.07 91.03 10.09
C GLU F 369 28.33 91.09 9.25
N CYS F 370 28.25 90.57 8.02
CA CYS F 370 29.36 90.63 7.10
C CYS F 370 28.89 90.23 5.71
N GLY F 371 29.72 90.55 4.72
CA GLY F 371 29.42 90.30 3.31
C GLY F 371 28.25 91.12 2.80
N GLY F 372 27.40 90.49 2.01
CA GLY F 372 26.14 91.13 1.59
C GLY F 372 26.15 91.68 0.18
N GLY F 373 27.15 91.29 -0.60
CA GLY F 373 27.18 91.69 -1.99
C GLY F 373 28.08 90.84 -2.84
N PRO F 374 28.16 91.18 -4.14
CA PRO F 374 29.00 90.44 -5.08
C PRO F 374 30.47 90.75 -4.91
N TRP F 375 31.30 89.99 -5.61
CA TRP F 375 32.75 90.15 -5.57
C TRP F 375 33.34 89.93 -6.98
N GLY F 376 34.28 90.78 -7.38
CA GLY F 376 35.10 90.55 -8.57
C GLY F 376 34.48 90.94 -9.90
N ASN F 377 35.27 90.82 -10.95
CA ASN F 377 34.93 91.32 -12.30
C ASN F 377 34.51 90.21 -13.25
N LYS F 378 34.79 88.98 -12.88
CA LYS F 378 34.63 87.84 -13.77
C LYS F 378 34.02 86.69 -12.96
N GLY F 379 33.07 85.95 -13.53
CA GLY F 379 32.48 84.82 -12.85
C GLY F 379 31.44 85.26 -11.83
N TYR F 380 30.83 84.30 -11.15
CA TYR F 380 29.66 84.56 -10.28
C TYR F 380 29.99 84.41 -8.81
N PHE F 381 30.65 85.41 -8.25
CA PHE F 381 31.13 85.33 -6.88
C PHE F 381 30.26 86.17 -5.96
N VAL F 382 29.91 85.57 -4.83
CA VAL F 382 29.13 86.24 -3.80
C VAL F 382 29.94 86.21 -2.51
N GLN F 383 30.06 87.37 -1.87
CA GLN F 383 30.75 87.42 -0.58
C GLN F 383 30.06 86.53 0.44
N PRO F 384 30.84 85.77 1.24
CA PRO F 384 30.21 85.04 2.33
C PRO F 384 29.48 86.01 3.29
N THR F 385 28.22 85.70 3.54
CA THR F 385 27.30 86.63 4.17
C THR F 385 26.67 86.00 5.40
N VAL F 386 26.67 86.75 6.51
CA VAL F 386 26.04 86.32 7.75
C VAL F 386 24.98 87.35 8.15
N PHE F 387 23.77 86.86 8.39
CA PHE F 387 22.70 87.65 8.97
C PHE F 387 22.40 87.14 10.39
N SER F 388 22.28 88.07 11.34
CA SER F 388 21.79 87.76 12.68
C SER F 388 20.45 88.43 12.93
N ASN F 389 19.86 88.14 14.08
CA ASN F 389 18.55 88.64 14.45
C ASN F 389 17.50 88.34 13.37
N VAL F 390 17.59 87.13 12.80
CA VAL F 390 16.67 86.73 11.77
C VAL F 390 15.39 86.28 12.47
N THR F 391 14.25 86.60 11.89
CA THR F 391 12.96 86.15 12.43
C THR F 391 12.25 85.25 11.42
N ASP F 392 11.33 84.43 11.92
CA ASP F 392 10.77 83.31 11.16
C ASP F 392 9.98 83.73 9.91
N GLU F 393 9.45 84.94 9.90
CA GLU F 393 8.63 85.41 8.77
C GLU F 393 9.45 86.06 7.63
N MET F 394 10.75 86.29 7.83
CA MET F 394 11.61 86.83 6.77
C MET F 394 11.81 85.83 5.62
N ARG F 395 11.92 86.36 4.41
CA ARG F 395 12.19 85.54 3.22
C ARG F 395 13.44 84.68 3.40
N ILE F 396 14.50 85.26 3.94
CA ILE F 396 15.75 84.52 4.16
C ILE F 396 15.61 83.38 5.20
N ALA F 397 14.57 83.44 6.01
CA ALA F 397 14.25 82.36 6.96
C ALA F 397 13.33 81.28 6.36
N LYS F 398 12.70 81.57 5.23
CA LYS F 398 11.71 80.67 4.64
C LYS F 398 12.17 80.02 3.36
N GLU F 399 12.84 80.78 2.52
CA GLU F 399 13.19 80.32 1.20
C GLU F 399 14.61 79.76 1.13
N GLU F 400 14.73 78.69 0.35
CA GLU F 400 16.04 78.09 0.12
C GLU F 400 16.89 79.05 -0.71
N ILE F 401 18.06 79.41 -0.19
CA ILE F 401 18.91 80.41 -0.83
C ILE F 401 19.90 79.78 -1.83
N PHE F 402 20.54 78.70 -1.42
CA PHE F 402 21.53 77.98 -2.24
C PHE F 402 22.76 78.85 -2.54
N GLY F 403 23.14 79.64 -1.55
CA GLY F 403 24.33 80.49 -1.62
C GLY F 403 24.98 80.61 -0.26
N PRO F 404 26.14 81.27 -0.21
CA PRO F 404 26.89 81.41 1.04
C PRO F 404 26.28 82.49 1.94
N VAL F 405 25.11 82.17 2.48
CA VAL F 405 24.32 83.09 3.29
C VAL F 405 23.81 82.33 4.54
N GLN F 406 24.31 82.74 5.71
CA GLN F 406 24.01 82.12 7.01
C GLN F 406 23.01 82.95 7.80
N GLN F 407 21.98 82.28 8.32
CA GLN F 407 20.96 82.91 9.15
C GLN F 407 21.11 82.43 10.58
N ILE F 408 21.23 83.37 11.52
CA ILE F 408 21.34 83.04 12.94
C ILE F 408 20.23 83.71 13.73
N MET F 409 19.59 82.91 14.58
CA MET F 409 18.39 83.28 15.34
C MET F 409 18.54 82.82 16.76
N LYS F 410 17.78 83.43 17.66
CA LYS F 410 17.83 83.07 19.08
C LYS F 410 16.57 82.38 19.52
N PHE F 411 16.68 81.59 20.59
CA PHE F 411 15.48 81.03 21.25
C PHE F 411 15.75 80.99 22.74
N LYS F 412 14.69 80.91 23.51
CA LYS F 412 14.80 80.64 24.95
C LYS F 412 14.07 79.36 25.31
N SER F 413 12.91 79.13 24.70
CA SER F 413 12.12 77.93 25.00
C SER F 413 12.42 76.78 24.04
N LEU F 414 12.91 75.66 24.57
CA LEU F 414 13.19 74.49 23.76
C LEU F 414 11.95 73.96 23.06
N ASP F 415 10.85 73.86 23.79
CA ASP F 415 9.59 73.39 23.18
C ASP F 415 9.22 74.29 21.99
N ASP F 416 9.34 75.60 22.18
CA ASP F 416 8.96 76.51 21.12
C ASP F 416 9.89 76.43 19.92
N VAL F 417 11.19 76.24 20.16
CA VAL F 417 12.14 76.25 19.07
C VAL F 417 12.03 74.97 18.20
N ILE F 418 11.65 73.86 18.82
CA ILE F 418 11.33 72.65 18.07
C ILE F 418 10.15 72.91 17.13
N LYS F 419 9.10 73.54 17.63
CA LYS F 419 7.97 73.93 16.76
C LYS F 419 8.40 74.84 15.62
N ARG F 420 9.25 75.82 15.93
CA ARG F 420 9.76 76.72 14.89
C ARG F 420 10.61 75.97 13.85
N ALA F 421 11.48 75.09 14.34
CA ALA F 421 12.30 74.26 13.47
C ALA F 421 11.43 73.41 12.52
N ASN F 422 10.31 72.89 13.05
CA ASN F 422 9.41 72.03 12.29
C ASN F 422 8.38 72.79 11.44
N ASN F 423 8.28 74.10 11.66
CA ASN F 423 7.27 74.88 10.98
C ASN F 423 7.72 75.31 9.58
N THR F 424 7.72 74.35 8.68
CA THR F 424 8.21 74.52 7.31
C THR F 424 7.68 73.33 6.52
N PHE F 425 7.54 73.51 5.22
CA PHE F 425 7.13 72.38 4.36
C PHE F 425 8.34 71.50 4.04
N TYR F 426 9.52 72.01 4.34
CA TYR F 426 10.76 71.28 4.10
C TYR F 426 11.04 70.33 5.27
N GLY F 427 12.01 69.46 5.10
CA GLY F 427 12.34 68.46 6.12
C GLY F 427 13.48 67.52 5.73
N LEU F 428 14.52 68.08 5.13
CA LEU F 428 15.61 67.25 4.64
C LEU F 428 16.54 66.79 5.74
N SER F 429 16.95 67.74 6.57
CA SER F 429 17.91 67.46 7.61
C SER F 429 17.82 68.47 8.72
N ALA F 430 18.58 68.21 9.77
CA ALA F 430 18.66 69.10 10.92
C ALA F 430 19.82 68.72 11.76
N GLY F 431 20.20 69.64 12.63
CA GLY F 431 21.35 69.45 13.50
C GLY F 431 20.96 69.80 14.93
N VAL F 432 21.52 69.06 15.86
CA VAL F 432 21.29 69.25 17.28
C VAL F 432 22.65 69.27 17.95
N PHE F 433 22.91 70.32 18.72
CA PHE F 433 24.18 70.48 19.43
C PHE F 433 23.96 70.59 20.93
N THR F 434 24.41 69.56 21.64
CA THR F 434 24.23 69.44 23.10
C THR F 434 25.15 68.34 23.57
N LYS F 435 25.55 68.39 24.84
CA LYS F 435 26.31 67.30 25.47
C LYS F 435 25.39 66.30 26.20
N ASP F 436 24.13 66.67 26.38
CA ASP F 436 23.17 65.92 27.18
C ASP F 436 22.47 64.79 26.39
N ILE F 437 22.55 63.59 26.95
CA ILE F 437 22.03 62.38 26.36
C ILE F 437 20.54 62.49 26.08
N ASP F 438 19.79 62.88 27.10
CA ASP F 438 18.36 62.92 27.00
C ASP F 438 17.90 63.94 25.96
N LYS F 439 18.50 65.11 25.99
CA LYS F 439 18.19 66.15 25.00
C LYS F 439 18.50 65.68 23.57
N ALA F 440 19.66 65.05 23.38
CA ALA F 440 20.08 64.59 22.07
C ALA F 440 19.05 63.60 21.48
N ILE F 441 18.61 62.67 22.31
CA ILE F 441 17.66 61.66 21.86
C ILE F 441 16.27 62.23 21.64
N THR F 442 15.76 62.98 22.60
CA THR F 442 14.38 63.44 22.50
C THR F 442 14.22 64.54 21.42
N ILE F 443 15.22 65.41 21.29
CA ILE F 443 15.13 66.45 20.26
C ILE F 443 15.21 65.81 18.87
N SER F 444 16.19 64.94 18.67
CA SER F 444 16.34 64.28 17.37
C SER F 444 15.07 63.49 16.98
N SER F 445 14.40 62.90 17.97
CA SER F 445 13.13 62.20 17.75
C SER F 445 11.99 63.12 17.33
N ALA F 446 11.99 64.32 17.88
CA ALA F 446 10.92 65.29 17.64
C ALA F 446 11.06 66.09 16.35
N LEU F 447 12.27 66.16 15.81
CA LEU F 447 12.50 66.94 14.59
C LEU F 447 11.99 66.20 13.35
N GLN F 448 11.24 66.92 12.50
CA GLN F 448 10.68 66.32 11.28
C GLN F 448 11.67 66.47 10.13
N ALA F 449 12.74 65.68 10.21
CA ALA F 449 13.82 65.74 9.26
C ALA F 449 14.36 64.35 8.99
N GLY F 450 14.75 64.12 7.74
CA GLY F 450 15.23 62.78 7.30
C GLY F 450 16.55 62.35 7.88
N THR F 451 17.48 63.28 8.00
CA THR F 451 18.72 63.03 8.75
C THR F 451 18.85 64.07 9.85
N VAL F 452 19.09 63.61 11.08
CA VAL F 452 19.41 64.49 12.20
C VAL F 452 20.81 64.18 12.66
N TRP F 453 21.68 65.18 12.56
CA TRP F 453 23.04 65.11 13.06
C TRP F 453 23.12 65.62 14.49
N VAL F 454 23.88 64.93 15.32
CA VAL F 454 24.08 65.33 16.71
C VAL F 454 25.55 65.69 16.90
N ASN F 455 25.81 66.93 17.27
CA ASN F 455 27.16 67.47 17.45
C ASN F 455 28.03 67.40 16.20
N CYS F 456 27.37 67.36 15.06
CA CYS F 456 28.08 67.43 13.79
C CYS F 456 27.07 67.95 12.79
N TYR F 457 27.47 68.04 11.54
CA TYR F 457 26.56 68.43 10.47
C TYR F 457 27.12 67.97 9.12
N GLY F 458 26.24 67.57 8.24
CA GLY F 458 26.62 67.24 6.86
C GLY F 458 27.42 65.96 6.70
N VAL F 459 27.27 65.03 7.66
CA VAL F 459 27.98 63.77 7.63
C VAL F 459 27.13 62.80 6.84
N VAL F 460 27.55 62.54 5.62
CA VAL F 460 26.79 61.70 4.69
C VAL F 460 27.68 60.56 4.29
N SER F 461 27.14 59.35 4.21
CA SER F 461 27.92 58.18 3.77
C SER F 461 26.99 57.20 3.09
N ALA F 462 27.63 56.33 2.32
CA ALA F 462 26.91 55.39 1.49
C ALA F 462 26.19 54.33 2.32
N GLN F 463 26.69 54.12 3.53
CA GLN F 463 26.10 53.17 4.48
C GLN F 463 24.75 53.60 5.06
N CYS F 464 24.41 54.88 5.04
CA CYS F 464 23.16 55.35 5.67
C CYS F 464 22.15 55.86 4.68
N PRO F 465 20.87 55.57 4.94
CA PRO F 465 19.85 56.11 4.07
C PRO F 465 19.77 57.63 4.22
N PHE F 466 19.45 58.25 3.11
CA PHE F 466 19.37 59.71 3.05
C PHE F 466 18.14 60.13 2.24
N GLY F 467 17.44 61.13 2.73
CA GLY F 467 16.27 61.65 2.05
C GLY F 467 15.40 62.49 2.94
N GLY F 468 14.34 63.07 2.36
CA GLY F 468 13.58 64.10 3.06
C GLY F 468 12.28 63.66 3.68
N PHE F 469 11.92 64.32 4.78
CA PHE F 469 10.53 64.35 5.22
C PHE F 469 9.78 65.41 4.41
N LYS F 470 8.47 65.30 4.40
CA LYS F 470 7.58 66.32 3.84
C LYS F 470 7.98 66.68 2.40
N MET F 471 8.05 67.98 2.07
CA MET F 471 8.31 68.39 0.69
C MET F 471 9.77 68.44 0.34
N SER F 472 10.64 67.95 1.22
CA SER F 472 12.05 67.76 0.87
C SER F 472 12.34 66.45 0.14
N GLY F 473 11.35 65.56 0.02
CA GLY F 473 11.57 64.34 -0.71
C GLY F 473 10.55 63.25 -0.58
N ASN F 474 10.69 62.25 -1.46
CA ASN F 474 9.92 61.01 -1.43
C ASN F 474 10.98 59.92 -1.53
N GLY F 475 10.99 58.99 -0.57
CA GLY F 475 11.89 57.88 -0.61
C GLY F 475 13.27 58.20 -0.03
N ARG F 476 14.12 57.18 -0.03
CA ARG F 476 15.45 57.26 0.52
C ARG F 476 16.47 56.74 -0.45
N GLU F 477 17.67 57.30 -0.38
CA GLU F 477 18.77 56.87 -1.19
C GLU F 477 19.87 56.31 -0.31
N LEU F 478 20.48 55.25 -0.82
CA LEU F 478 21.63 54.58 -0.20
C LEU F 478 21.32 53.84 1.09
N GLY F 479 22.35 53.24 1.68
CA GLY F 479 22.15 52.34 2.81
C GLY F 479 21.42 51.10 2.34
N GLU F 480 21.15 50.19 3.26
CA GLU F 480 20.28 49.06 2.97
C GLU F 480 18.88 49.51 2.48
N TYR F 481 18.31 50.50 3.14
CA TYR F 481 16.93 50.91 2.89
C TYR F 481 16.71 51.50 1.51
N GLY F 482 17.68 52.28 1.05
CA GLY F 482 17.66 52.90 -0.27
C GLY F 482 17.62 51.91 -1.42
N PHE F 483 18.17 50.74 -1.22
CA PHE F 483 18.12 49.70 -2.23
C PHE F 483 16.69 49.24 -2.55
N HIS F 484 15.78 49.31 -1.57
CA HIS F 484 14.40 48.89 -1.77
C HIS F 484 13.72 49.61 -2.91
N GLU F 485 14.08 50.87 -3.09
CA GLU F 485 13.44 51.71 -4.07
C GLU F 485 13.86 51.39 -5.49
N TYR F 486 14.85 50.50 -5.64
CA TYR F 486 15.25 50.06 -6.98
C TYR F 486 14.87 48.62 -7.27
N THR F 487 13.98 48.07 -6.44
CA THR F 487 13.44 46.74 -6.64
C THR F 487 11.94 46.79 -6.70
N GLU F 488 11.38 45.82 -7.39
CA GLU F 488 9.96 45.61 -7.50
C GLU F 488 9.71 44.19 -6.93
N VAL F 489 8.83 44.10 -5.94
CA VAL F 489 8.57 42.84 -5.26
C VAL F 489 7.52 41.99 -5.98
N LYS F 490 7.92 40.76 -6.28
CA LYS F 490 6.99 39.76 -6.86
C LYS F 490 6.78 38.61 -5.85
N THR F 491 5.52 38.33 -5.57
CA THR F 491 5.13 37.22 -4.71
C THR F 491 4.78 36.05 -5.61
N VAL F 492 5.38 34.91 -5.33
CA VAL F 492 5.03 33.66 -6.03
C VAL F 492 4.47 32.66 -5.04
N THR F 493 3.26 32.19 -5.31
CA THR F 493 2.53 31.34 -4.40
C THR F 493 2.10 30.06 -5.14
N VAL F 494 2.63 28.95 -4.65
CA VAL F 494 2.59 27.68 -5.31
C VAL F 494 1.70 26.74 -4.50
N LYS F 495 0.69 26.16 -5.15
CA LYS F 495 -0.13 25.16 -4.47
C LYS F 495 0.66 23.88 -4.24
N ILE F 496 0.59 23.36 -3.03
CA ILE F 496 1.23 22.08 -2.69
C ILE F 496 0.22 21.16 -1.99
N SER F 497 0.52 19.88 -1.97
CA SER F 497 -0.39 18.90 -1.41
C SER F 497 -0.48 19.02 0.11
N GLN F 498 0.64 19.23 0.77
CA GLN F 498 0.63 19.46 2.18
C GLN F 498 1.89 20.16 2.64
N LYS F 499 1.77 21.16 3.51
CA LYS F 499 2.93 21.87 4.01
C LYS F 499 3.32 21.34 5.38
N ASN F 500 4.59 21.50 5.70
CA ASN F 500 5.09 21.30 7.04
C ASN F 500 5.95 22.48 7.47
N SER F 501 5.89 22.82 8.77
CA SER F 501 6.66 23.93 9.29
C SER F 501 8.17 23.70 9.05
N ASP G 8 -2.96 49.02 41.78
CA ASP G 8 -4.11 48.23 42.31
C ASP G 8 -3.68 46.79 42.55
N LEU G 9 -3.99 46.27 43.75
CA LEU G 9 -3.56 44.90 44.12
C LEU G 9 -4.64 43.94 44.61
N PRO G 10 -5.34 43.34 43.65
CA PRO G 10 -6.25 42.28 44.04
C PRO G 10 -5.52 41.06 44.59
N VAL G 11 -6.23 40.34 45.44
CA VAL G 11 -5.72 39.14 46.05
C VAL G 11 -6.70 38.02 45.79
N LEU G 12 -6.22 36.80 46.02
CA LEU G 12 -7.04 35.62 45.92
C LEU G 12 -7.95 35.58 47.14
N LEU G 13 -9.25 35.49 46.90
CA LEU G 13 -10.25 35.59 47.97
C LEU G 13 -10.44 34.27 48.70
N THR G 14 -10.07 33.18 48.04
CA THR G 14 -10.12 31.85 48.58
C THR G 14 -8.72 31.30 48.85
N ASP G 15 -8.61 30.29 49.71
CA ASP G 15 -7.31 29.66 49.97
C ASP G 15 -6.84 28.91 48.72
N LEU G 16 -5.56 29.07 48.40
CA LEU G 16 -4.97 28.36 47.27
C LEU G 16 -5.03 26.86 47.51
N LYS G 17 -5.66 26.13 46.62
CA LYS G 17 -5.62 24.67 46.68
C LYS G 17 -4.69 24.15 45.57
N ILE G 18 -3.68 23.40 45.96
CA ILE G 18 -2.76 22.80 45.01
C ILE G 18 -3.40 21.58 44.37
N GLN G 19 -3.55 21.64 43.05
CA GLN G 19 -4.21 20.60 42.28
C GLN G 19 -3.28 19.80 41.37
N TYR G 20 -2.32 20.46 40.72
CA TYR G 20 -1.48 19.80 39.72
C TYR G 20 -0.11 19.48 40.29
N THR G 21 0.19 18.18 40.41
CA THR G 21 1.42 17.70 41.02
C THR G 21 2.09 16.56 40.25
N LYS G 22 1.58 16.24 39.08
CA LYS G 22 2.09 15.11 38.31
C LYS G 22 2.89 15.51 37.07
N ILE G 23 3.49 14.50 36.44
CA ILE G 23 4.21 14.66 35.22
C ILE G 23 3.22 14.81 34.07
N PHE G 24 3.47 15.76 33.19
CA PHE G 24 2.54 16.13 32.11
C PHE G 24 3.11 15.72 30.77
N ILE G 25 2.53 14.69 30.19
CA ILE G 25 3.00 14.12 28.91
C ILE G 25 1.77 13.80 28.07
N ASN G 26 1.81 14.21 26.80
CA ASN G 26 0.68 13.97 25.87
C ASN G 26 -0.66 14.50 26.40
N ASN G 27 -0.60 15.68 27.00
CA ASN G 27 -1.74 16.32 27.61
C ASN G 27 -2.45 15.45 28.68
N GLU G 28 -1.70 14.56 29.32
CA GLU G 28 -2.25 13.73 30.38
C GLU G 28 -1.32 13.80 31.56
N TRP G 29 -1.86 13.45 32.72
CA TRP G 29 -1.10 13.44 33.96
C TRP G 29 -0.59 12.03 34.29
N HIS G 30 0.68 11.93 34.61
CA HIS G 30 1.34 10.66 34.83
C HIS G 30 2.02 10.62 36.18
N ASP G 31 1.95 9.46 36.84
CA ASP G 31 2.80 9.23 38.01
C ASP G 31 4.21 8.99 37.50
N SER G 32 5.18 9.19 38.37
CA SER G 32 6.56 8.87 38.03
C SER G 32 6.65 7.37 37.79
N VAL G 33 7.54 6.97 36.89
CA VAL G 33 7.75 5.55 36.63
C VAL G 33 8.15 4.81 37.91
N SER G 34 9.03 5.41 38.70
CA SER G 34 9.51 4.78 39.96
C SER G 34 8.46 4.77 41.08
N GLY G 35 7.47 5.66 41.01
CA GLY G 35 6.48 5.82 42.07
C GLY G 35 6.92 6.86 43.08
N LYS G 36 8.18 7.28 43.00
CA LYS G 36 8.70 8.25 43.96
C LYS G 36 8.09 9.66 43.78
N LYS G 37 8.02 10.39 44.90
CA LYS G 37 7.60 11.79 44.91
C LYS G 37 8.58 12.60 45.69
N PHE G 38 8.58 13.92 45.51
CA PHE G 38 9.44 14.78 46.31
C PHE G 38 8.65 15.94 46.91
N PRO G 39 9.07 16.41 48.08
CA PRO G 39 8.36 17.50 48.72
C PRO G 39 8.74 18.86 48.14
N VAL G 40 7.78 19.77 48.17
CA VAL G 40 7.97 21.14 47.76
C VAL G 40 7.59 22.02 48.95
N PHE G 41 8.41 23.04 49.21
CA PHE G 41 8.31 23.85 50.43
C PHE G 41 7.98 25.32 50.18
N ASN G 42 7.40 25.94 51.20
CA ASN G 42 7.31 27.40 51.31
C ASN G 42 8.56 27.91 52.01
N PRO G 43 9.42 28.65 51.30
CA PRO G 43 10.66 29.10 51.92
C PRO G 43 10.52 30.12 53.03
N ALA G 44 9.36 30.74 53.15
CA ALA G 44 9.13 31.75 54.21
C ALA G 44 8.82 31.07 55.56
N THR G 45 8.21 29.89 55.49
CA THR G 45 7.75 29.21 56.66
C THR G 45 8.41 27.85 56.90
N GLU G 46 9.10 27.32 55.88
CA GLU G 46 9.67 25.97 55.88
C GLU G 46 8.63 24.86 55.86
N GLU G 47 7.36 25.18 55.70
CA GLU G 47 6.37 24.11 55.65
C GLU G 47 6.33 23.45 54.28
N GLU G 48 5.96 22.19 54.30
CA GLU G 48 5.75 21.41 53.09
C GLU G 48 4.40 21.76 52.46
N LEU G 49 4.39 22.16 51.20
CA LEU G 49 3.16 22.51 50.50
C LEU G 49 2.45 21.27 49.91
N CYS G 50 3.25 20.33 49.40
CA CYS G 50 2.70 19.17 48.74
C CYS G 50 3.85 18.28 48.33
N GLN G 51 3.50 17.15 47.73
CA GLN G 51 4.45 16.23 47.15
C GLN G 51 4.21 16.21 45.63
N VAL G 52 5.28 16.19 44.86
CA VAL G 52 5.22 16.23 43.40
C VAL G 52 5.89 14.96 42.87
N GLU G 53 5.36 14.42 41.77
CA GLU G 53 5.94 13.22 41.15
C GLU G 53 7.40 13.50 40.78
N GLU G 54 8.27 12.58 41.14
CA GLU G 54 9.70 12.77 40.93
C GLU G 54 10.12 12.14 39.60
N GLY G 55 10.20 12.97 38.57
CA GLY G 55 10.65 12.52 37.28
C GLY G 55 12.14 12.24 37.26
N ASP G 56 12.50 11.21 36.50
CA ASP G 56 13.90 10.81 36.35
C ASP G 56 14.06 10.41 34.88
N LYS G 57 15.15 9.72 34.57
CA LYS G 57 15.48 9.37 33.20
C LYS G 57 14.33 8.72 32.45
N GLU G 58 13.63 7.80 33.10
CA GLU G 58 12.59 7.02 32.44
C GLU G 58 11.41 7.91 32.06
N ASP G 59 11.13 8.89 32.90
CA ASP G 59 10.04 9.85 32.65
C ASP G 59 10.42 10.80 31.53
N VAL G 60 11.66 11.27 31.57
CA VAL G 60 12.21 12.07 30.49
C VAL G 60 12.08 11.33 29.14
N ASP G 61 12.44 10.04 29.13
CA ASP G 61 12.35 9.22 27.91
C ASP G 61 10.94 9.15 27.37
N LYS G 62 9.96 9.02 28.25
CA LYS G 62 8.55 9.03 27.82
C LYS G 62 8.21 10.38 27.19
N ALA G 63 8.66 11.45 27.85
CA ALA G 63 8.33 12.82 27.41
C ALA G 63 8.94 13.08 26.03
N VAL G 64 10.16 12.61 25.84
CA VAL G 64 10.87 12.84 24.59
C VAL G 64 10.17 12.09 23.44
N LYS G 65 9.76 10.85 23.70
CA LYS G 65 9.00 10.09 22.71
C LYS G 65 7.72 10.79 22.32
N ALA G 66 7.04 11.36 23.31
CA ALA G 66 5.81 12.11 23.02
C ALA G 66 6.11 13.37 22.16
N ALA G 67 7.16 14.08 22.53
CA ALA G 67 7.56 15.31 21.82
C ALA G 67 8.01 14.98 20.39
N ARG G 68 8.75 13.89 20.22
CA ARG G 68 9.18 13.43 18.91
C ARG G 68 8.00 13.07 18.02
N GLN G 69 7.06 12.31 18.56
CA GLN G 69 5.88 11.92 17.80
C GLN G 69 5.07 13.19 17.35
N ALA G 70 4.94 14.17 18.25
CA ALA G 70 4.18 15.39 17.92
C ALA G 70 4.89 16.28 16.86
N PHE G 71 6.20 16.10 16.73
CA PHE G 71 7.00 16.80 15.74
C PHE G 71 7.08 16.12 14.37
N GLN G 72 6.52 14.92 14.23
CA GLN G 72 6.61 14.19 12.96
C GLN G 72 5.96 14.94 11.80
N ILE G 73 6.64 14.86 10.66
CA ILE G 73 6.13 15.41 9.40
C ILE G 73 4.70 14.89 9.23
N GLY G 74 3.78 15.76 8.86
CA GLY G 74 2.38 15.36 8.73
C GLY G 74 1.54 15.43 10.00
N SER G 75 2.16 15.68 11.16
CA SER G 75 1.41 15.82 12.41
C SER G 75 0.65 17.17 12.46
N PRO G 76 -0.37 17.27 13.34
CA PRO G 76 -1.10 18.54 13.48
C PRO G 76 -0.19 19.72 13.76
N TRP G 77 0.77 19.56 14.66
CA TRP G 77 1.66 20.66 15.02
C TRP G 77 2.55 21.12 13.88
N ARG G 78 3.00 20.19 13.04
CA ARG G 78 3.82 20.52 11.87
C ARG G 78 3.02 21.05 10.67
N THR G 79 1.76 20.69 10.56
CA THR G 79 0.95 21.07 9.38
C THR G 79 0.00 22.23 9.61
N MET G 80 -0.22 22.62 10.86
CA MET G 80 -1.09 23.74 11.10
C MET G 80 -0.42 25.02 10.61
N ASP G 81 -1.26 26.00 10.30
CA ASP G 81 -0.78 27.30 9.91
C ASP G 81 0.10 27.88 11.01
N ALA G 82 1.17 28.55 10.62
CA ALA G 82 1.99 29.26 11.57
C ALA G 82 1.10 30.21 12.39
N SER G 83 0.17 30.91 11.72
CA SER G 83 -0.73 31.86 12.40
C SER G 83 -1.57 31.18 13.50
N GLU G 84 -1.86 29.90 13.31
CA GLU G 84 -2.56 29.13 14.31
C GLU G 84 -1.67 28.77 15.54
N ARG G 85 -0.37 28.53 15.32
CA ARG G 85 0.55 28.37 16.44
C ARG G 85 0.50 29.64 17.27
N GLY G 86 0.51 30.78 16.57
CA GLY G 86 0.42 32.07 17.20
C GLY G 86 -0.87 32.24 18.01
N ARG G 87 -1.98 31.88 17.41
CA ARG G 87 -3.32 31.90 18.05
C ARG G 87 -3.36 31.10 19.33
N LEU G 88 -2.77 29.90 19.30
CA LEU G 88 -2.67 29.04 20.49
C LEU G 88 -1.89 29.73 21.59
N LEU G 89 -0.79 30.37 21.22
CA LEU G 89 0.03 31.12 22.20
C LEU G 89 -0.72 32.31 22.77
N TYR G 90 -1.42 33.05 21.91
CA TYR G 90 -2.27 34.17 22.40
C TYR G 90 -3.36 33.67 23.36
N LYS G 91 -3.97 32.55 23.01
CA LYS G 91 -5.00 31.94 23.86
C LYS G 91 -4.42 31.55 25.23
N LEU G 92 -3.23 30.97 25.21
CA LEU G 92 -2.54 30.63 26.45
C LEU G 92 -2.31 31.87 27.28
N ALA G 93 -1.90 32.96 26.64
CA ALA G 93 -1.69 34.23 27.38
C ALA G 93 -2.98 34.70 28.04
N ASP G 94 -4.10 34.60 27.33
CA ASP G 94 -5.43 34.93 27.89
C ASP G 94 -5.81 34.08 29.10
N LEU G 95 -5.45 32.80 29.06
CA LEU G 95 -5.75 31.88 30.15
C LEU G 95 -4.91 32.18 31.38
N ILE G 96 -3.65 32.54 31.17
CA ILE G 96 -2.77 32.93 32.27
C ILE G 96 -3.27 34.22 32.91
N GLU G 97 -3.73 35.13 32.07
CA GLU G 97 -4.38 36.36 32.54
C GLU G 97 -5.62 36.01 33.38
N ARG G 98 -6.49 35.13 32.88
CA ARG G 98 -7.66 34.67 33.66
C ARG G 98 -7.27 34.11 35.01
N ASP G 99 -6.19 33.33 35.05
CA ASP G 99 -5.71 32.73 36.30
C ASP G 99 -4.60 33.50 37.00
N ARG G 100 -4.57 34.81 36.79
CA ARG G 100 -3.48 35.63 37.28
C ARG G 100 -3.35 35.63 38.81
N LEU G 101 -4.48 35.71 39.53
CA LEU G 101 -4.47 35.75 41.01
C LEU G 101 -3.90 34.47 41.60
N LEU G 102 -4.41 33.37 41.08
CA LEU G 102 -4.03 32.03 41.46
C LEU G 102 -2.54 31.83 41.24
N LEU G 103 -2.10 32.15 40.02
CA LEU G 103 -0.68 31.97 39.64
C LEU G 103 0.26 32.86 40.44
N ALA G 104 -0.10 34.13 40.63
CA ALA G 104 0.73 35.05 41.43
C ALA G 104 0.84 34.59 42.88
N THR G 105 -0.29 34.11 43.42
CA THR G 105 -0.31 33.58 44.79
C THR G 105 0.59 32.35 44.92
N MET G 106 0.42 31.42 43.98
CA MET G 106 1.19 30.17 43.99
C MET G 106 2.69 30.49 43.81
N GLU G 107 2.99 31.41 42.90
CA GLU G 107 4.38 31.78 42.62
C GLU G 107 5.00 32.39 43.89
N SER G 108 4.22 33.21 44.58
CA SER G 108 4.67 33.85 45.83
C SER G 108 4.93 32.84 46.96
N MET G 109 3.97 31.96 47.16
CA MET G 109 4.05 30.94 48.20
C MET G 109 5.21 29.96 48.03
N ASN G 110 5.37 29.48 46.80
CA ASN G 110 6.37 28.47 46.48
C ASN G 110 7.75 29.06 46.27
N GLY G 111 7.78 30.25 45.70
CA GLY G 111 9.05 30.89 45.34
C GLY G 111 9.66 31.88 46.31
N GLY G 112 8.95 32.15 47.42
CA GLY G 112 9.40 33.18 48.36
C GLY G 112 9.43 34.57 47.74
N LYS G 113 8.48 34.81 46.84
CA LYS G 113 8.49 36.00 46.01
C LYS G 113 7.40 36.96 46.45
N LEU G 114 7.77 38.21 46.70
CA LEU G 114 6.79 39.23 47.13
C LEU G 114 5.58 39.20 46.25
N TYR G 115 4.41 39.12 46.87
CA TYR G 115 3.17 38.97 46.12
C TYR G 115 2.95 40.10 45.11
N SER G 116 3.18 41.34 45.53
CA SER G 116 2.96 42.50 44.65
C SER G 116 3.82 42.38 43.40
N ASN G 117 5.08 41.98 43.57
CA ASN G 117 5.97 41.75 42.43
C ASN G 117 5.51 40.57 41.58
N ALA G 118 5.11 39.47 42.22
CA ALA G 118 4.57 38.32 41.49
C ALA G 118 3.39 38.71 40.62
N TYR G 119 2.47 39.49 41.20
CA TYR G 119 1.25 39.88 40.48
C TYR G 119 1.52 40.95 39.40
N LEU G 120 2.25 42.00 39.78
CA LEU G 120 2.43 43.15 38.91
C LEU G 120 3.56 43.00 37.91
N ASN G 121 4.61 42.31 38.29
CA ASN G 121 5.79 42.14 37.41
C ASN G 121 5.89 40.80 36.72
N ASP G 122 5.98 39.73 37.50
CA ASP G 122 6.13 38.39 36.93
C ASP G 122 4.96 38.01 36.03
N LEU G 123 3.74 38.11 36.53
CA LEU G 123 2.59 37.66 35.76
C LEU G 123 2.42 38.53 34.51
N ALA G 124 2.59 39.84 34.67
CA ALA G 124 2.49 40.75 33.53
C ALA G 124 3.58 40.45 32.49
N GLY G 125 4.80 40.19 32.95
CA GLY G 125 5.91 39.82 32.08
C GLY G 125 5.65 38.55 31.29
N CYS G 126 5.05 37.59 31.98
CA CYS G 126 4.62 36.33 31.37
CA CYS G 126 4.67 36.35 31.40
C CYS G 126 3.63 36.50 30.26
N ILE G 127 2.57 37.23 30.57
CA ILE G 127 1.51 37.50 29.63
C ILE G 127 2.05 38.26 28.41
N LYS G 128 2.78 39.33 28.65
CA LYS G 128 3.31 40.16 27.56
C LYS G 128 4.31 39.42 26.70
N THR G 129 5.14 38.60 27.33
CA THR G 129 6.14 37.84 26.58
C THR G 129 5.48 36.84 25.67
N LEU G 130 4.47 36.15 26.17
CA LEU G 130 3.72 35.20 25.37
C LEU G 130 3.07 35.89 24.20
N ARG G 131 2.46 37.04 24.45
CA ARG G 131 1.80 37.76 23.36
C ARG G 131 2.79 38.26 22.31
N TYR G 132 3.96 38.67 22.75
CA TYR G 132 5.05 39.03 21.85
C TYR G 132 5.45 37.85 20.96
N CYS G 133 5.68 36.69 21.58
CA CYS G 133 6.06 35.49 20.87
C CYS G 133 4.99 35.02 19.90
N ALA G 134 3.75 35.11 20.31
CA ALA G 134 2.64 34.72 19.44
C ALA G 134 2.72 35.46 18.10
N GLY G 135 3.00 36.76 18.20
CA GLY G 135 3.07 37.62 17.03
C GLY G 135 4.16 37.24 16.06
N TRP G 136 5.22 36.58 16.53
CA TRP G 136 6.29 36.17 15.62
C TRP G 136 6.00 34.93 14.77
N ALA G 137 5.03 34.10 15.19
CA ALA G 137 4.87 32.78 14.60
C ALA G 137 4.79 32.79 13.08
N ASP G 138 3.96 33.67 12.52
CA ASP G 138 3.77 33.71 11.08
C ASP G 138 4.60 34.81 10.40
N LYS G 139 5.60 35.31 11.13
CA LYS G 139 6.52 36.30 10.61
C LYS G 139 7.98 35.80 10.63
N ILE G 140 8.18 34.53 10.97
CA ILE G 140 9.47 33.85 10.81
C ILE G 140 9.64 33.53 9.34
N GLN G 141 10.66 34.09 8.69
CA GLN G 141 10.80 33.96 7.25
C GLN G 141 12.21 33.55 6.83
N GLY G 142 12.32 32.76 5.79
CA GLY G 142 13.58 32.53 5.16
C GLY G 142 13.88 33.57 4.07
N ARG G 143 14.74 33.17 3.15
CA ARG G 143 15.26 34.06 2.13
C ARG G 143 15.19 33.41 0.74
N THR G 144 15.14 34.26 -0.28
CA THR G 144 15.43 33.84 -1.65
C THR G 144 16.74 34.53 -2.01
N ILE G 145 17.63 33.77 -2.64
CA ILE G 145 19.04 34.14 -2.71
C ILE G 145 19.56 34.08 -4.15
N PRO G 146 20.15 35.19 -4.64
CA PRO G 146 20.63 35.28 -6.04
C PRO G 146 22.01 34.61 -6.19
N ILE G 147 22.04 33.34 -5.89
CA ILE G 147 23.22 32.47 -6.03
C ILE G 147 23.84 32.57 -7.44
N ASP G 148 25.15 32.42 -7.51
CA ASP G 148 25.82 32.21 -8.81
C ASP G 148 25.27 30.98 -9.54
N GLY G 149 25.21 31.04 -10.85
CA GLY G 149 24.76 29.91 -11.68
C GLY G 149 23.25 29.85 -11.90
N ASN G 150 22.83 28.91 -12.73
CA ASN G 150 21.43 28.74 -13.08
C ASN G 150 20.67 27.88 -12.07
N PHE G 151 20.36 28.53 -10.95
CA PHE G 151 19.73 27.91 -9.83
C PHE G 151 18.71 28.86 -9.20
N PHE G 152 17.69 28.27 -8.61
CA PHE G 152 16.77 28.96 -7.68
C PHE G 152 17.07 28.46 -6.28
N THR G 153 17.49 29.36 -5.41
CA THR G 153 17.85 29.02 -4.03
C THR G 153 16.93 29.78 -3.09
N TYR G 154 16.33 29.00 -2.16
CA TYR G 154 15.65 29.56 -1.04
C TYR G 154 16.06 28.86 0.26
N THR G 155 15.76 29.52 1.37
CA THR G 155 15.94 28.91 2.68
C THR G 155 14.62 28.79 3.43
N ARG G 156 14.56 27.74 4.24
CA ARG G 156 13.47 27.49 5.18
C ARG G 156 14.04 27.59 6.58
N HIS G 157 13.38 28.37 7.41
CA HIS G 157 13.77 28.49 8.80
C HIS G 157 12.84 27.57 9.58
N GLU G 158 13.22 26.30 9.62
CA GLU G 158 12.42 25.24 10.21
C GLU G 158 12.57 25.26 11.71
N PRO G 159 11.58 24.75 12.43
CA PRO G 159 11.85 24.43 13.81
C PRO G 159 12.96 23.40 13.90
N ILE G 160 13.66 23.40 15.00
CA ILE G 160 14.75 22.43 15.21
C ILE G 160 14.23 21.03 15.52
N GLY G 161 13.25 20.95 16.39
CA GLY G 161 12.70 19.65 16.77
C GLY G 161 12.34 19.62 18.26
N VAL G 162 12.86 18.61 18.95
CA VAL G 162 12.59 18.41 20.36
C VAL G 162 13.60 19.21 21.18
N CYS G 163 13.08 20.16 21.94
CA CYS G 163 13.88 21.06 22.74
C CYS G 163 13.68 20.77 24.23
N GLY G 164 14.76 20.44 24.92
CA GLY G 164 14.77 20.21 26.34
C GLY G 164 15.07 21.52 27.01
N GLN G 165 14.23 21.91 27.95
CA GLN G 165 14.31 23.23 28.54
C GLN G 165 14.34 23.12 30.07
N ILE G 166 15.43 23.60 30.65
CA ILE G 166 15.65 23.51 32.07
C ILE G 166 15.57 24.91 32.68
N ILE G 167 14.62 25.06 33.61
CA ILE G 167 14.12 26.36 34.13
C ILE G 167 14.58 26.57 35.57
N PRO G 168 15.00 27.80 35.94
CA PRO G 168 15.48 28.03 37.32
C PRO G 168 14.35 28.40 38.29
N TRP G 169 14.71 28.54 39.55
CA TRP G 169 13.74 28.73 40.66
C TRP G 169 13.47 30.20 40.99
N ASN G 170 14.28 31.11 40.45
CA ASN G 170 14.17 32.52 40.79
C ASN G 170 13.00 33.25 40.11
N PHE G 171 12.76 32.91 38.83
CA PHE G 171 11.60 33.43 38.09
C PHE G 171 10.90 32.29 37.37
N PRO G 172 10.23 31.41 38.12
CA PRO G 172 9.79 30.13 37.53
C PRO G 172 8.80 30.28 36.37
N LEU G 173 7.81 31.14 36.55
CA LEU G 173 6.85 31.39 35.52
C LEU G 173 7.37 32.21 34.33
N VAL G 174 8.06 33.32 34.60
CA VAL G 174 8.65 34.14 33.57
C VAL G 174 9.63 33.30 32.72
N MET G 175 10.49 32.55 33.38
CA MET G 175 11.51 31.75 32.68
C MET G 175 10.88 30.62 31.89
N LEU G 176 9.81 30.04 32.43
CA LEU G 176 9.05 29.06 31.68
C LEU G 176 8.62 29.64 30.32
N ILE G 177 8.01 30.83 30.38
CA ILE G 177 7.49 31.48 29.17
C ILE G 177 8.61 31.91 28.25
N TRP G 178 9.67 32.46 28.83
CA TRP G 178 10.86 32.87 28.06
C TRP G 178 11.40 31.75 27.20
N LYS G 179 11.26 30.52 27.68
CA LYS G 179 11.66 29.30 26.97
C LYS G 179 10.60 28.78 25.98
N ILE G 180 9.41 28.48 26.50
CA ILE G 180 8.41 27.83 25.65
C ILE G 180 7.84 28.77 24.59
N GLY G 181 7.75 30.04 24.89
CA GLY G 181 7.16 31.03 23.98
C GLY G 181 7.85 31.04 22.61
N PRO G 182 9.16 31.31 22.60
CA PRO G 182 9.88 31.29 21.31
C PRO G 182 9.98 29.90 20.70
N ALA G 183 10.18 28.89 21.52
CA ALA G 183 10.27 27.53 21.02
C ALA G 183 9.02 27.08 20.24
N LEU G 184 7.87 27.32 20.84
CA LEU G 184 6.60 26.96 20.27
C LEU G 184 6.22 27.86 19.11
N SER G 185 6.54 29.15 19.22
CA SER G 185 6.24 30.10 18.14
C SER G 185 6.94 29.68 16.83
N CYS G 186 8.17 29.16 16.99
CA CYS G 186 8.97 28.60 15.88
C CYS G 186 8.54 27.22 15.40
N GLY G 187 7.69 26.52 16.15
CA GLY G 187 7.17 25.23 15.73
C GLY G 187 7.85 23.99 16.32
N ASN G 188 8.66 24.20 17.34
CA ASN G 188 9.32 23.12 18.07
C ASN G 188 8.34 22.42 19.00
N THR G 189 8.75 21.26 19.49
CA THR G 189 8.05 20.64 20.63
C THR G 189 9.03 20.66 21.80
N VAL G 190 8.52 20.62 23.03
CA VAL G 190 9.39 20.81 24.19
C VAL G 190 9.21 19.77 25.28
N VAL G 191 10.30 19.54 25.99
CA VAL G 191 10.30 18.80 27.25
C VAL G 191 10.90 19.74 28.29
N VAL G 192 10.09 20.14 29.26
CA VAL G 192 10.46 21.14 30.24
C VAL G 192 10.75 20.51 31.57
N LYS G 193 11.86 20.90 32.18
CA LYS G 193 12.19 20.45 33.51
C LYS G 193 12.28 21.68 34.45
N PRO G 194 11.19 21.96 35.19
CA PRO G 194 11.24 23.07 36.13
C PRO G 194 12.14 22.78 37.30
N ALA G 195 12.52 23.84 38.00
CA ALA G 195 13.43 23.69 39.14
C ALA G 195 12.75 22.82 40.20
N GLU G 196 13.54 22.00 40.90
CA GLU G 196 13.05 21.15 42.00
C GLU G 196 12.33 21.96 43.07
N GLN G 197 12.85 23.15 43.36
CA GLN G 197 12.25 24.02 44.37
C GLN G 197 10.85 24.52 43.97
N THR G 198 10.62 24.74 42.68
CA THR G 198 9.46 25.51 42.20
C THR G 198 8.76 24.92 40.97
N PRO G 199 8.22 23.69 41.05
CA PRO G 199 7.52 23.09 39.91
C PRO G 199 6.05 23.47 39.77
N LEU G 200 5.46 24.06 40.80
CA LEU G 200 3.99 24.14 40.86
C LEU G 200 3.35 25.05 39.81
N THR G 201 3.91 26.25 39.58
CA THR G 201 3.29 27.14 38.63
C THR G 201 3.38 26.59 37.20
N ALA G 202 4.49 25.95 36.89
CA ALA G 202 4.65 25.31 35.58
C ALA G 202 3.57 24.24 35.36
N LEU G 203 3.27 23.45 36.38
CA LEU G 203 2.26 22.39 36.24
C LEU G 203 0.88 23.00 36.08
N HIS G 204 0.61 24.11 36.74
CA HIS G 204 -0.67 24.80 36.46
C HIS G 204 -0.73 25.30 35.01
N VAL G 205 0.38 25.85 34.52
CA VAL G 205 0.41 26.30 33.13
C VAL G 205 0.19 25.12 32.17
N ALA G 206 0.68 23.95 32.53
CA ALA G 206 0.44 22.78 31.69
C ALA G 206 -1.07 22.50 31.53
N SER G 207 -1.82 22.65 32.62
CA SER G 207 -3.28 22.47 32.56
C SER G 207 -3.87 23.46 31.56
N LEU G 208 -3.29 24.67 31.48
CA LEU G 208 -3.78 25.71 30.58
C LEU G 208 -3.38 25.45 29.14
N ILE G 209 -2.25 24.79 28.97
CA ILE G 209 -1.77 24.38 27.64
C ILE G 209 -2.76 23.38 27.04
N LYS G 210 -3.19 22.43 27.85
CA LYS G 210 -4.24 21.51 27.43
C LYS G 210 -5.56 22.25 27.13
N GLU G 211 -6.00 23.08 28.06
CA GLU G 211 -7.23 23.86 27.85
C GLU G 211 -7.18 24.72 26.57
N ALA G 212 -6.03 25.35 26.29
CA ALA G 212 -5.88 26.19 25.09
C ALA G 212 -6.04 25.43 23.78
N GLY G 213 -5.78 24.13 23.82
CA GLY G 213 -5.93 23.28 22.63
C GLY G 213 -4.64 22.88 21.92
N PHE G 214 -3.50 23.01 22.57
CA PHE G 214 -2.24 22.54 21.95
C PHE G 214 -2.31 21.04 21.71
N PRO G 215 -1.81 20.57 20.57
CA PRO G 215 -1.84 19.11 20.36
C PRO G 215 -1.02 18.34 21.39
N PRO G 216 -1.43 17.09 21.72
CA PRO G 216 -0.68 16.32 22.70
C PRO G 216 0.77 16.11 22.29
N GLY G 217 1.67 16.25 23.26
CA GLY G 217 3.09 15.99 23.02
C GLY G 217 3.87 17.24 22.64
N VAL G 218 3.16 18.32 22.34
CA VAL G 218 3.83 19.58 21.95
C VAL G 218 4.54 20.21 23.15
N VAL G 219 3.89 20.16 24.31
CA VAL G 219 4.52 20.55 25.58
C VAL G 219 4.41 19.43 26.60
N ASN G 220 5.56 19.04 27.14
CA ASN G 220 5.63 18.02 28.19
C ASN G 220 6.42 18.58 29.34
N ILE G 221 5.96 18.32 30.58
CA ILE G 221 6.64 18.86 31.77
C ILE G 221 6.99 17.76 32.74
N VAL G 222 8.26 17.67 33.07
CA VAL G 222 8.80 16.64 33.93
C VAL G 222 9.50 17.26 35.14
N PRO G 223 8.79 17.39 36.25
CA PRO G 223 9.45 17.82 37.49
C PRO G 223 10.46 16.77 37.97
N GLY G 224 11.46 17.25 38.70
CA GLY G 224 12.47 16.40 39.25
C GLY G 224 13.74 17.19 39.55
N TYR G 225 14.77 16.45 39.94
CA TYR G 225 16.05 17.04 40.31
C TYR G 225 16.95 17.27 39.11
N GLY G 226 17.96 18.11 39.32
CA GLY G 226 18.95 18.44 38.29
C GLY G 226 19.79 17.25 37.80
N PRO G 227 20.48 16.57 38.73
CA PRO G 227 21.41 15.51 38.36
C PRO G 227 20.75 14.26 37.81
N THR G 228 19.43 14.18 37.95
CA THR G 228 18.67 13.06 37.45
C THR G 228 17.91 13.45 36.17
N ALA G 229 16.79 14.17 36.32
CA ALA G 229 15.98 14.57 35.17
C ALA G 229 16.74 15.54 34.24
N GLY G 230 17.42 16.52 34.83
CA GLY G 230 18.14 17.53 34.04
C GLY G 230 19.27 16.90 33.24
N ALA G 231 20.04 16.05 33.90
CA ALA G 231 21.12 15.33 33.24
C ALA G 231 20.61 14.39 32.18
N ALA G 232 19.46 13.76 32.42
CA ALA G 232 18.87 12.91 31.39
C ALA G 232 18.53 13.71 30.11
N ILE G 233 18.05 14.94 30.29
CA ILE G 233 17.71 15.83 29.15
C ILE G 233 18.99 16.18 28.38
N SER G 234 20.02 16.56 29.11
CA SER G 234 21.22 17.07 28.48
C SER G 234 22.01 15.96 27.73
N SER G 235 21.87 14.71 28.16
CA SER G 235 22.56 13.62 27.47
C SER G 235 21.66 12.80 26.54
N HIS G 236 20.40 13.21 26.36
CA HIS G 236 19.42 12.37 25.62
C HIS G 236 19.76 12.36 24.12
N MET G 237 19.71 11.18 23.51
CA MET G 237 20.15 11.01 22.11
C MET G 237 19.12 11.49 21.08
N ASP G 238 17.89 11.74 21.53
CA ASP G 238 16.82 12.18 20.63
C ASP G 238 16.27 13.60 20.93
N ILE G 239 16.99 14.33 21.75
CA ILE G 239 16.69 15.73 22.01
C ILE G 239 17.61 16.54 21.10
N ASP G 240 17.02 17.42 20.32
CA ASP G 240 17.81 18.20 19.32
C ASP G 240 18.51 19.42 19.91
N LYS G 241 17.94 19.95 20.96
CA LYS G 241 18.44 21.17 21.56
C LYS G 241 18.14 21.21 23.03
N VAL G 242 19.09 21.73 23.80
CA VAL G 242 18.90 22.01 25.20
C VAL G 242 19.08 23.51 25.50
N ALA G 243 18.16 24.06 26.29
CA ALA G 243 18.27 25.43 26.81
C ALA G 243 18.27 25.38 28.32
N PHE G 244 19.21 26.08 28.92
CA PHE G 244 19.39 26.02 30.37
C PHE G 244 19.69 27.41 30.90
N THR G 245 19.00 27.75 31.98
CA THR G 245 19.30 28.95 32.74
C THR G 245 19.60 28.49 34.16
N GLY G 246 20.73 28.96 34.67
CA GLY G 246 21.20 28.57 35.99
C GLY G 246 22.66 28.91 36.19
N SER G 247 23.33 28.15 37.03
CA SER G 247 24.69 28.48 37.39
C SER G 247 25.68 28.16 36.26
N THR G 248 26.75 28.93 36.21
CA THR G 248 27.81 28.72 35.22
C THR G 248 28.39 27.33 35.33
N GLU G 249 28.60 26.87 36.55
CA GLU G 249 29.10 25.51 36.80
C GLU G 249 28.26 24.41 36.13
N VAL G 250 26.93 24.52 36.23
CA VAL G 250 26.06 23.48 35.66
C VAL G 250 25.99 23.66 34.14
N GLY G 251 26.02 24.92 33.71
CA GLY G 251 26.13 25.26 32.31
C GLY G 251 27.26 24.50 31.61
N LYS G 252 28.43 24.47 32.24
CA LYS G 252 29.58 23.77 31.71
C LYS G 252 29.31 22.28 31.55
N LEU G 253 28.65 21.70 32.54
CA LEU G 253 28.31 20.28 32.48
C LEU G 253 27.27 19.96 31.40
N ILE G 254 26.32 20.87 31.18
CA ILE G 254 25.30 20.66 30.15
C ILE G 254 26.00 20.65 28.76
N LYS G 255 26.87 21.62 28.55
CA LYS G 255 27.55 21.78 27.26
C LYS G 255 28.44 20.56 27.00
N GLU G 256 29.14 20.12 28.03
CA GLU G 256 29.93 18.91 27.96
C GLU G 256 29.12 17.66 27.61
N ALA G 257 27.98 17.47 28.28
CA ALA G 257 27.09 16.35 28.00
C ALA G 257 26.50 16.41 26.58
N ALA G 258 26.21 17.63 26.10
CA ALA G 258 25.72 17.83 24.73
C ALA G 258 26.75 17.34 23.72
N GLY G 259 28.00 17.72 23.92
CA GLY G 259 29.08 17.27 23.09
C GLY G 259 29.29 15.75 23.10
N LYS G 260 29.24 15.16 24.29
CA LYS G 260 29.47 13.74 24.46
C LYS G 260 28.35 12.85 23.89
N SER G 261 27.13 13.38 23.84
CA SER G 261 25.98 12.57 23.48
C SER G 261 25.69 12.67 21.99
N ASN G 262 24.89 13.65 21.57
CA ASN G 262 24.44 13.76 20.19
C ASN G 262 24.67 15.12 19.54
N LEU G 263 25.58 15.90 20.09
CA LEU G 263 25.91 17.24 19.59
C LEU G 263 24.71 18.16 19.53
N LYS G 264 23.76 17.94 20.41
CA LYS G 264 22.56 18.80 20.48
C LYS G 264 22.96 20.27 20.61
N ARG G 265 22.13 21.14 20.04
CA ARG G 265 22.38 22.56 20.10
C ARG G 265 22.18 22.99 21.54
N VAL G 266 22.89 24.03 21.93
CA VAL G 266 22.93 24.47 23.34
C VAL G 266 22.74 25.95 23.44
N THR G 267 21.78 26.39 24.27
CA THR G 267 21.79 27.79 24.68
C THR G 267 21.86 27.83 26.20
N LEU G 268 22.64 28.77 26.70
CA LEU G 268 22.91 28.89 28.12
C LEU G 268 22.79 30.32 28.56
N GLU G 269 22.13 30.53 29.68
CA GLU G 269 22.03 31.83 30.35
C GLU G 269 22.46 31.60 31.79
N LEU G 270 23.60 32.15 32.15
CA LEU G 270 24.28 31.69 33.34
C LEU G 270 24.46 32.82 34.36
N GLY G 271 25.41 32.70 35.25
CA GLY G 271 25.62 33.72 36.26
C GLY G 271 26.23 35.00 35.73
N GLY G 272 26.35 35.94 36.65
CA GLY G 272 27.05 37.16 36.40
C GLY G 272 27.68 37.74 37.62
N LYS G 273 28.49 38.74 37.36
CA LYS G 273 29.01 39.61 38.41
C LYS G 273 29.01 41.00 37.79
N SER G 274 27.79 41.46 37.51
CA SER G 274 27.59 42.63 36.64
C SER G 274 27.99 43.95 37.32
N PRO G 275 28.81 44.76 36.63
CA PRO G 275 29.26 46.01 37.19
C PRO G 275 28.41 47.20 36.77
N CYS G 276 28.35 48.18 37.65
CA CYS G 276 27.87 49.52 37.31
C CYS G 276 29.01 50.49 37.44
N ILE G 277 29.03 51.46 36.54
CA ILE G 277 29.99 52.52 36.55
C ILE G 277 29.21 53.80 36.69
N VAL G 278 29.45 54.52 37.79
CA VAL G 278 28.75 55.75 38.08
C VAL G 278 29.73 56.91 38.02
N LEU G 279 29.56 57.75 37.00
CA LEU G 279 30.42 58.92 36.78
C LEU G 279 29.99 60.09 37.65
N ALA G 280 30.92 61.02 37.86
CA ALA G 280 30.70 62.20 38.72
C ALA G 280 29.56 63.08 38.22
N ASP G 281 29.34 63.12 36.91
CA ASP G 281 28.24 63.91 36.38
C ASP G 281 26.87 63.23 36.41
N ALA G 282 26.77 62.02 36.97
CA ALA G 282 25.50 61.30 36.97
C ALA G 282 24.45 61.99 37.81
N ASP G 283 23.19 61.83 37.41
CA ASP G 283 22.06 62.08 38.30
C ASP G 283 22.18 61.09 39.48
N LEU G 284 22.58 61.60 40.63
CA LEU G 284 23.02 60.77 41.74
C LEU G 284 21.88 59.95 42.36
N ASP G 285 20.76 60.58 42.61
CA ASP G 285 19.58 59.86 43.11
C ASP G 285 19.11 58.75 42.17
N ASN G 286 19.12 59.03 40.87
CA ASN G 286 18.70 58.03 39.89
C ASN G 286 19.67 56.84 39.92
N ALA G 287 20.96 57.13 40.00
CA ALA G 287 21.95 56.09 40.02
C ALA G 287 21.83 55.24 41.29
N VAL G 288 21.65 55.90 42.43
CA VAL G 288 21.49 55.21 43.71
C VAL G 288 20.28 54.28 43.69
N GLU G 289 19.18 54.80 43.17
CA GLU G 289 17.92 54.06 43.13
C GLU G 289 18.02 52.85 42.19
N PHE G 290 18.58 53.02 41.00
CA PHE G 290 18.69 51.90 40.06
C PHE G 290 19.71 50.86 40.47
N ALA G 291 20.84 51.30 41.01
CA ALA G 291 21.85 50.36 41.48
C ALA G 291 21.30 49.55 42.65
N HIS G 292 20.53 50.22 43.49
CA HIS G 292 19.88 49.57 44.64
C HIS G 292 18.89 48.50 44.19
N HIS G 293 17.95 48.89 43.35
CA HIS G 293 17.01 47.96 42.69
C HIS G 293 17.78 46.81 42.03
N GLY G 294 18.86 47.17 41.35
CA GLY G 294 19.65 46.23 40.59
C GLY G 294 20.24 45.13 41.43
N VAL G 295 20.58 45.44 42.69
CA VAL G 295 21.17 44.43 43.55
C VAL G 295 20.11 43.76 44.47
N PHE G 296 19.13 44.51 44.94
CA PHE G 296 18.19 43.98 45.92
C PHE G 296 16.88 43.35 45.40
N TYR G 297 16.53 43.58 44.15
CA TYR G 297 15.31 43.01 43.61
C TYR G 297 15.25 41.49 43.85
N HIS G 298 14.08 41.02 44.28
CA HIS G 298 13.86 39.61 44.58
C HIS G 298 14.97 39.00 45.45
N GLN G 299 15.28 39.72 46.52
CA GLN G 299 16.27 39.26 47.53
C GLN G 299 17.61 38.95 46.90
N GLY G 300 17.96 39.70 45.86
CA GLY G 300 19.26 39.58 45.22
C GLY G 300 19.38 38.37 44.29
N GLN G 301 18.25 37.70 44.02
CA GLN G 301 18.28 36.39 43.35
C GLN G 301 18.06 36.55 41.84
N CYS G 302 18.89 37.37 41.22
CA CYS G 302 18.82 37.68 39.78
C CYS G 302 20.22 37.49 39.23
N CYS G 303 20.29 36.77 38.11
CA CYS G 303 21.54 36.56 37.37
CA CYS G 303 21.57 36.57 37.43
C CYS G 303 22.20 37.91 37.05
N ILE G 304 21.38 38.92 36.76
CA ILE G 304 21.86 40.25 36.39
C ILE G 304 22.17 41.19 37.59
N ALA G 305 22.13 40.66 38.82
CA ALA G 305 22.32 41.51 40.00
C ALA G 305 23.52 42.47 39.81
N ALA G 306 23.30 43.73 40.16
CA ALA G 306 24.32 44.79 40.03
C ALA G 306 25.32 44.71 41.19
N SER G 307 26.18 43.69 41.12
CA SER G 307 26.95 43.25 42.26
C SER G 307 28.34 43.83 42.38
N ARG G 308 28.72 44.72 41.48
CA ARG G 308 29.91 45.55 41.68
C ARG G 308 29.54 46.95 41.23
N ILE G 309 29.43 47.86 42.18
CA ILE G 309 29.10 49.26 41.84
C ILE G 309 30.37 50.12 42.00
N PHE G 310 30.90 50.57 40.87
CA PHE G 310 32.08 51.39 40.85
C PHE G 310 31.64 52.85 40.77
N VAL G 311 32.03 53.65 41.77
CA VAL G 311 31.59 55.05 41.86
C VAL G 311 32.82 56.00 41.83
N GLU G 312 32.75 57.02 40.98
CA GLU G 312 33.85 57.98 40.87
C GLU G 312 34.10 58.57 42.27
N GLU G 313 35.37 58.68 42.61
CA GLU G 313 35.84 59.17 43.91
C GLU G 313 35.10 60.34 44.51
N SER G 314 34.92 61.40 43.73
CA SER G 314 34.36 62.65 44.23
C SER G 314 32.91 62.52 44.72
N ILE G 315 32.19 61.49 44.27
CA ILE G 315 30.81 61.30 44.70
C ILE G 315 30.61 60.03 45.52
N TYR G 316 31.69 59.31 45.75
CA TYR G 316 31.66 57.99 46.37
C TYR G 316 31.02 58.02 47.75
N ASP G 317 31.47 58.93 48.62
CA ASP G 317 30.96 58.96 49.99
C ASP G 317 29.48 59.23 50.05
N GLU G 318 29.04 60.21 49.27
CA GLU G 318 27.62 60.52 49.20
C GLU G 318 26.82 59.35 48.61
N PHE G 319 27.36 58.69 47.59
CA PHE G 319 26.70 57.52 47.01
C PHE G 319 26.46 56.47 48.09
N VAL G 320 27.50 56.19 48.85
CA VAL G 320 27.41 55.16 49.87
C VAL G 320 26.35 55.54 50.90
N ARG G 321 26.40 56.77 51.35
CA ARG G 321 25.45 57.25 52.35
C ARG G 321 24.01 57.08 51.91
N ARG G 322 23.72 57.52 50.71
CA ARG G 322 22.35 57.39 50.20
C ARG G 322 21.95 55.92 49.99
N SER G 323 22.91 55.11 49.57
CA SER G 323 22.65 53.67 49.39
C SER G 323 22.30 52.98 50.72
N VAL G 324 23.03 53.34 51.76
CA VAL G 324 22.80 52.77 53.08
C VAL G 324 21.42 53.16 53.57
N GLU G 325 21.07 54.43 53.44
CA GLU G 325 19.74 54.91 53.85
C GLU G 325 18.65 54.11 53.15
N ARG G 326 18.84 53.87 51.87
CA ARG G 326 17.85 53.15 51.07
C ARG G 326 17.73 51.68 51.54
N ALA G 327 18.87 51.06 51.89
CA ALA G 327 18.89 49.66 52.30
C ALA G 327 18.28 49.37 53.68
N LYS G 328 18.15 50.39 54.54
CA LYS G 328 17.65 50.20 55.91
C LYS G 328 16.13 50.31 56.03
N LYS G 329 15.43 50.50 54.92
CA LYS G 329 14.00 50.68 54.96
C LYS G 329 13.13 49.40 54.79
N TYR G 330 13.73 48.23 54.81
CA TYR G 330 12.98 47.03 54.45
C TYR G 330 12.27 46.39 55.62
N ILE G 331 11.20 45.69 55.32
CA ILE G 331 10.46 44.87 56.31
C ILE G 331 10.47 43.43 55.85
N LEU G 332 11.14 42.58 56.62
CA LEU G 332 11.32 41.18 56.25
C LEU G 332 10.18 40.31 56.78
N GLY G 333 9.69 39.39 55.95
CA GLY G 333 8.68 38.47 56.40
C GLY G 333 8.08 37.65 55.28
N ASN G 334 6.90 37.11 55.56
CA ASN G 334 6.20 36.29 54.62
C ASN G 334 5.77 37.16 53.41
N PRO G 335 6.13 36.73 52.18
CA PRO G 335 5.85 37.54 50.98
C PRO G 335 4.42 37.63 50.58
N LEU G 336 3.55 36.83 51.21
CA LEU G 336 2.10 37.05 51.10
C LEU G 336 1.51 38.05 52.11
N THR G 337 2.31 38.50 53.07
CA THR G 337 1.80 39.37 54.14
C THR G 337 1.85 40.84 53.69
N PRO G 338 0.68 41.50 53.64
CA PRO G 338 0.68 42.92 53.34
C PRO G 338 1.60 43.71 54.25
N GLY G 339 2.39 44.61 53.67
CA GLY G 339 3.37 45.37 54.45
C GLY G 339 4.80 44.85 54.39
N VAL G 340 4.96 43.57 54.08
CA VAL G 340 6.32 43.01 53.87
C VAL G 340 6.96 43.54 52.58
N THR G 341 8.23 43.94 52.63
CA THR G 341 8.94 44.41 51.43
C THR G 341 10.20 43.61 51.08
N GLN G 342 10.50 42.59 51.85
CA GLN G 342 11.60 41.66 51.54
C GLN G 342 11.23 40.26 52.01
N GLY G 343 11.23 39.31 51.06
CA GLY G 343 10.97 37.90 51.36
C GLY G 343 12.22 37.11 51.72
N PRO G 344 12.08 35.80 51.78
CA PRO G 344 13.19 34.92 52.09
C PRO G 344 14.00 34.54 50.87
N GLN G 345 15.18 34.01 51.13
CA GLN G 345 15.96 33.30 50.11
C GLN G 345 15.27 31.95 49.85
N ILE G 346 15.57 31.36 48.70
CA ILE G 346 14.80 30.21 48.20
C ILE G 346 14.94 28.95 49.10
N ASP G 347 16.12 28.74 49.63
CA ASP G 347 16.37 27.52 50.41
C ASP G 347 17.58 27.68 51.29
N LYS G 348 17.82 26.66 52.09
CA LYS G 348 18.90 26.70 53.05
C LYS G 348 20.28 26.75 52.39
N GLU G 349 20.45 26.05 51.28
CA GLU G 349 21.75 26.02 50.60
C GLU G 349 22.18 27.43 50.16
N GLN G 350 21.23 28.17 49.56
CA GLN G 350 21.49 29.57 49.14
C GLN G 350 21.78 30.45 50.35
N TYR G 351 20.91 30.33 51.35
CA TYR G 351 21.04 31.07 52.61
C TYR G 351 22.43 30.93 53.23
N ASP G 352 22.87 29.68 53.34
CA ASP G 352 24.20 29.37 53.89
C ASP G 352 25.30 29.99 53.06
N LYS G 353 25.21 29.85 51.74
CA LYS G 353 26.22 30.39 50.85
C LYS G 353 26.31 31.91 50.97
N ILE G 354 25.18 32.57 51.08
CA ILE G 354 25.15 34.02 51.20
C ILE G 354 25.81 34.47 52.50
N LEU G 355 25.40 33.84 53.60
CA LEU G 355 25.98 34.17 54.92
C LEU G 355 27.50 33.93 54.94
N ASP G 356 27.95 32.84 54.33
CA ASP G 356 29.37 32.58 54.15
C ASP G 356 30.12 33.69 53.40
N LEU G 357 29.52 34.19 52.32
CA LEU G 357 30.13 35.26 51.57
C LEU G 357 30.13 36.60 52.35
N ILE G 358 29.06 36.87 53.08
CA ILE G 358 29.02 38.02 53.97
C ILE G 358 30.15 37.94 55.03
N GLU G 359 30.34 36.75 55.60
CA GLU G 359 31.46 36.54 56.56
C GLU G 359 32.80 36.84 55.88
N SER G 360 33.00 36.37 54.64
CA SER G 360 34.27 36.57 53.95
C SER G 360 34.51 38.07 53.77
N GLY G 361 33.45 38.82 53.50
CA GLY G 361 33.56 40.27 53.36
C GLY G 361 34.08 40.95 54.63
N LYS G 362 33.49 40.59 55.75
CA LYS G 362 33.96 41.10 57.05
C LYS G 362 35.42 40.71 57.27
N LYS G 363 35.74 39.42 57.07
CA LYS G 363 37.09 38.90 57.27
C LYS G 363 38.14 39.57 56.40
N GLU G 364 37.78 39.85 55.15
CA GLU G 364 38.74 40.41 54.22
C GLU G 364 38.84 41.94 54.26
N GLY G 365 38.10 42.57 55.15
CA GLY G 365 38.29 43.99 55.43
C GLY G 365 37.36 44.95 54.69
N ALA G 366 36.30 44.44 54.06
CA ALA G 366 35.31 45.32 53.46
C ALA G 366 34.63 46.03 54.61
N LYS G 367 34.16 47.24 54.38
CA LYS G 367 33.46 47.96 55.44
C LYS G 367 31.95 47.66 55.45
N LEU G 368 31.48 47.04 56.53
CA LEU G 368 30.08 46.69 56.67
C LEU G 368 29.28 47.92 57.06
N GLU G 369 28.39 48.37 56.17
CA GLU G 369 27.64 49.60 56.39
C GLU G 369 26.29 49.36 57.01
N CYS G 370 25.69 48.21 56.72
CA CYS G 370 24.43 47.79 57.35
C CYS G 370 24.17 46.32 57.06
N GLY G 371 23.26 45.73 57.84
CA GLY G 371 22.95 44.33 57.80
C GLY G 371 24.09 43.42 58.21
N GLY G 372 24.29 42.34 57.48
CA GLY G 372 25.42 41.46 57.71
C GLY G 372 25.12 40.19 58.51
N GLY G 373 23.85 39.86 58.66
CA GLY G 373 23.49 38.60 59.30
C GLY G 373 22.09 38.16 58.97
N PRO G 374 21.68 37.00 59.54
CA PRO G 374 20.37 36.46 59.33
C PRO G 374 19.32 37.22 60.11
N TRP G 375 18.08 36.87 59.83
CA TRP G 375 16.94 37.49 60.49
C TRP G 375 15.90 36.42 60.77
N GLY G 376 15.32 36.46 61.96
CA GLY G 376 14.12 35.67 62.29
C GLY G 376 14.37 34.23 62.66
N ASN G 377 13.28 33.56 63.05
CA ASN G 377 13.32 32.20 63.60
C ASN G 377 12.88 31.13 62.61
N LYS G 378 12.24 31.55 61.53
CA LYS G 378 11.61 30.66 60.60
C LYS G 378 11.90 31.16 59.18
N GLY G 379 12.21 30.26 58.27
CA GLY G 379 12.50 30.64 56.88
C GLY G 379 13.90 31.21 56.73
N TYR G 380 14.27 31.51 55.50
CA TYR G 380 15.66 31.82 55.15
C TYR G 380 15.83 33.29 54.84
N PHE G 381 15.86 34.11 55.89
CA PHE G 381 15.93 35.51 55.74
C PHE G 381 17.33 36.01 56.00
N VAL G 382 17.80 36.90 55.13
CA VAL G 382 19.07 37.58 55.28
C VAL G 382 18.83 39.07 55.30
N GLN G 383 19.39 39.75 56.28
CA GLN G 383 19.28 41.21 56.34
C GLN G 383 19.89 41.82 55.07
N PRO G 384 19.23 42.86 54.51
CA PRO G 384 19.85 43.58 53.44
C PRO G 384 21.17 44.19 53.90
N THR G 385 22.20 43.90 53.12
CA THR G 385 23.57 44.16 53.53
C THR G 385 24.28 45.02 52.51
N VAL G 386 24.96 46.06 52.98
CA VAL G 386 25.79 46.92 52.13
C VAL G 386 27.24 46.90 52.62
N PHE G 387 28.16 46.62 51.71
CA PHE G 387 29.59 46.73 51.96
C PHE G 387 30.15 47.85 51.15
N SER G 388 30.94 48.70 51.80
CA SER G 388 31.74 49.70 51.09
C SER G 388 33.23 49.40 51.20
N ASN G 389 34.03 50.19 50.49
CA ASN G 389 35.49 49.98 50.39
C ASN G 389 35.83 48.57 49.97
N VAL G 390 35.07 48.05 49.01
CA VAL G 390 35.31 46.72 48.49
C VAL G 390 36.46 46.81 47.47
N THR G 391 37.34 45.82 47.46
CA THR G 391 38.46 45.78 46.50
C THR G 391 38.34 44.56 45.62
N ASP G 392 38.98 44.62 44.45
CA ASP G 392 38.76 43.64 43.38
C ASP G 392 39.12 42.22 43.74
N GLU G 393 40.03 42.03 44.69
CA GLU G 393 40.49 40.68 45.05
C GLU G 393 39.65 39.99 46.13
N MET G 394 38.75 40.73 46.76
CA MET G 394 37.84 40.12 47.73
C MET G 394 36.88 39.12 47.10
N ARG G 395 36.57 38.07 47.85
CA ARG G 395 35.58 37.08 47.40
C ARG G 395 34.25 37.74 47.00
N ILE G 396 33.78 38.68 47.81
CA ILE G 396 32.49 39.36 47.51
C ILE G 396 32.53 40.20 46.23
N ALA G 397 33.72 40.54 45.78
CA ALA G 397 33.90 41.22 44.50
C ALA G 397 34.03 40.27 43.31
N LYS G 398 34.27 38.99 43.57
CA LYS G 398 34.53 38.03 42.49
C LYS G 398 33.40 37.03 42.29
N GLU G 399 32.83 36.56 43.39
CA GLU G 399 31.88 35.45 43.35
C GLU G 399 30.44 35.93 43.36
N GLU G 400 29.62 35.23 42.58
CA GLU G 400 28.21 35.56 42.48
C GLU G 400 27.58 35.20 43.81
N ILE G 401 26.93 36.17 44.45
CA ILE G 401 26.39 35.97 45.80
C ILE G 401 24.94 35.46 45.76
N PHE G 402 24.12 36.07 44.91
CA PHE G 402 22.69 35.70 44.74
C PHE G 402 21.87 35.97 46.00
N GLY G 403 22.24 37.04 46.68
CA GLY G 403 21.58 37.45 47.92
C GLY G 403 21.59 38.96 48.03
N PRO G 404 20.92 39.51 49.05
CA PRO G 404 20.77 40.94 49.16
C PRO G 404 22.01 41.56 49.78
N VAL G 405 23.06 41.58 48.97
CA VAL G 405 24.37 42.03 49.39
C VAL G 405 24.97 42.92 48.29
N GLN G 406 25.12 44.19 48.62
CA GLN G 406 25.58 45.22 47.72
C GLN G 406 27.04 45.56 47.99
N GLN G 407 27.83 45.61 46.91
CA GLN G 407 29.25 45.97 46.97
C GLN G 407 29.45 47.31 46.31
N ILE G 408 30.05 48.24 47.05
CA ILE G 408 30.34 49.55 46.51
C ILE G 408 31.86 49.79 46.57
N MET G 409 32.39 50.25 45.43
CA MET G 409 33.81 50.48 45.19
C MET G 409 34.05 51.81 44.56
N LYS G 410 35.27 52.31 44.69
CA LYS G 410 35.59 53.64 44.14
C LYS G 410 36.54 53.49 42.96
N PHE G 411 36.54 54.48 42.08
CA PHE G 411 37.56 54.57 41.05
C PHE G 411 37.87 56.02 40.83
N LYS G 412 39.02 56.27 40.22
CA LYS G 412 39.35 57.63 39.76
C LYS G 412 39.56 57.63 38.25
N SER G 413 40.21 56.60 37.71
CA SER G 413 40.51 56.54 36.29
C SER G 413 39.47 55.76 35.50
N LEU G 414 38.83 56.42 34.57
CA LEU G 414 37.82 55.78 33.72
C LEU G 414 38.38 54.61 32.91
N ASP G 415 39.55 54.79 32.32
CA ASP G 415 40.20 53.71 31.57
C ASP G 415 40.45 52.51 32.47
N ASP G 416 40.94 52.76 33.67
CA ASP G 416 41.22 51.67 34.57
C ASP G 416 39.94 50.96 35.04
N VAL G 417 38.86 51.70 35.26
CA VAL G 417 37.65 51.09 35.83
C VAL G 417 36.92 50.22 34.78
N ILE G 418 37.03 50.60 33.52
CA ILE G 418 36.56 49.76 32.43
C ILE G 418 37.31 48.44 32.40
N LYS G 419 38.63 48.47 32.54
CA LYS G 419 39.41 47.24 32.69
C LYS G 419 38.97 46.39 33.87
N ARG G 420 38.75 47.04 35.00
CA ARG G 420 38.31 46.33 36.22
C ARG G 420 36.92 45.71 36.01
N ALA G 421 36.02 46.48 35.39
CA ALA G 421 34.68 46.00 35.10
C ALA G 421 34.72 44.77 34.20
N ASN G 422 35.64 44.78 33.23
CA ASN G 422 35.79 43.70 32.27
C ASN G 422 36.62 42.52 32.75
N ASN G 423 37.29 42.69 33.89
CA ASN G 423 38.24 41.67 34.38
C ASN G 423 37.54 40.58 35.18
N THR G 424 36.84 39.74 34.45
CA THR G 424 35.98 38.71 35.04
C THR G 424 35.66 37.74 33.90
N PHE G 425 35.36 36.52 34.25
CA PHE G 425 34.92 35.55 33.23
C PHE G 425 33.45 35.76 32.91
N TYR G 426 32.78 36.55 33.73
CA TYR G 426 31.37 36.78 33.55
C TYR G 426 31.18 37.92 32.53
N GLY G 427 29.94 38.13 32.11
CA GLY G 427 29.65 39.19 31.16
C GLY G 427 28.18 39.27 30.78
N LEU G 428 27.31 39.17 31.77
CA LEU G 428 25.89 39.15 31.50
C LEU G 428 25.33 40.54 31.20
N SER G 429 25.66 41.49 32.06
CA SER G 429 25.14 42.83 31.95
C SER G 429 26.04 43.85 32.64
N ALA G 430 25.69 45.12 32.49
CA ALA G 430 26.37 46.19 33.11
C ALA G 430 25.51 47.43 33.06
N GLY G 431 25.89 48.42 33.88
CA GLY G 431 25.21 49.69 33.92
C GLY G 431 26.19 50.84 33.85
N VAL G 432 25.77 51.90 33.19
CA VAL G 432 26.58 53.09 33.02
C VAL G 432 25.72 54.28 33.38
N PHE G 433 26.21 55.11 34.30
CA PHE G 433 25.44 56.26 34.79
C PHE G 433 26.24 57.55 34.52
N THR G 434 25.71 58.37 33.62
CA THR G 434 26.36 59.59 33.18
C THR G 434 25.32 60.40 32.39
N LYS G 435 25.50 61.71 32.34
CA LYS G 435 24.65 62.55 31.48
C LYS G 435 25.29 62.83 30.12
N ASP G 436 26.57 62.48 29.99
CA ASP G 436 27.35 62.81 28.82
C ASP G 436 27.21 61.79 27.67
N ILE G 437 26.87 62.30 26.50
CA ILE G 437 26.60 61.50 25.31
C ILE G 437 27.77 60.64 24.93
N ASP G 438 28.91 61.27 24.82
CA ASP G 438 30.09 60.59 24.37
C ASP G 438 30.50 59.45 25.34
N LYS G 439 30.47 59.75 26.63
CA LYS G 439 30.79 58.76 27.66
C LYS G 439 29.82 57.58 27.61
N ALA G 440 28.53 57.88 27.48
CA ALA G 440 27.51 56.83 27.45
C ALA G 440 27.78 55.85 26.29
N ILE G 441 28.06 56.39 25.11
CA ILE G 441 28.28 55.58 23.92
C ILE G 441 29.60 54.83 23.97
N THR G 442 30.69 55.53 24.32
CA THR G 442 32.00 54.88 24.28
C THR G 442 32.20 53.86 25.44
N ILE G 443 31.64 54.16 26.61
CA ILE G 443 31.73 53.19 27.71
C ILE G 443 30.88 51.94 27.42
N SER G 444 29.66 52.13 26.97
CA SER G 444 28.79 50.99 26.65
C SER G 444 29.36 50.11 25.55
N SER G 445 30.08 50.71 24.59
CA SER G 445 30.78 49.98 23.55
C SER G 445 31.94 49.16 24.06
N ALA G 446 32.62 49.67 25.09
CA ALA G 446 33.84 49.03 25.65
C ALA G 446 33.56 47.95 26.67
N LEU G 447 32.38 47.96 27.24
CA LEU G 447 32.02 46.96 28.25
C LEU G 447 31.73 45.60 27.60
N GLN G 448 32.30 44.53 28.16
CA GLN G 448 32.09 43.18 27.67
C GLN G 448 30.89 42.53 28.36
N ALA G 449 29.71 43.00 27.97
CA ALA G 449 28.46 42.59 28.61
C ALA G 449 27.34 42.57 27.59
N GLY G 450 26.46 41.59 27.74
CA GLY G 450 25.39 41.34 26.79
C GLY G 450 24.37 42.43 26.74
N THR G 451 24.01 42.95 27.91
CA THR G 451 23.12 44.09 27.98
C THR G 451 23.82 45.17 28.77
N VAL G 452 23.87 46.38 28.20
CA VAL G 452 24.39 47.55 28.92
C VAL G 452 23.26 48.56 29.06
N TRP G 453 22.93 48.86 30.32
CA TRP G 453 21.90 49.88 30.65
C TRP G 453 22.57 51.23 30.88
N VAL G 454 21.96 52.28 30.35
CA VAL G 454 22.47 53.63 30.52
C VAL G 454 21.46 54.44 31.33
N ASN G 455 21.88 54.90 32.51
CA ASN G 455 21.02 55.63 33.44
C ASN G 455 19.80 54.84 33.91
N CYS G 456 19.90 53.53 33.85
CA CYS G 456 18.88 52.66 34.40
C CYS G 456 19.57 51.33 34.67
N TYR G 457 18.79 50.36 35.13
CA TYR G 457 19.32 49.05 35.40
C TYR G 457 18.17 48.04 35.45
N GLY G 458 18.43 46.84 34.93
CA GLY G 458 17.47 45.74 35.03
C GLY G 458 16.24 45.88 34.15
N VAL G 459 16.36 46.67 33.10
CA VAL G 459 15.24 46.90 32.18
C VAL G 459 15.29 45.81 31.13
N VAL G 460 14.38 44.87 31.26
CA VAL G 460 14.32 43.71 30.39
C VAL G 460 12.95 43.68 29.74
N SER G 461 12.92 43.37 28.46
CA SER G 461 11.69 43.32 27.71
C SER G 461 11.74 42.27 26.61
N ALA G 462 10.58 41.80 26.22
CA ALA G 462 10.49 40.67 25.29
C ALA G 462 10.97 41.09 23.90
N GLN G 463 10.91 42.38 23.63
CA GLN G 463 11.36 42.96 22.37
C GLN G 463 12.87 42.97 22.19
N CYS G 464 13.66 42.83 23.25
CA CYS G 464 15.13 42.89 23.10
C CYS G 464 15.80 41.58 23.36
N PRO G 465 16.85 41.28 22.59
CA PRO G 465 17.63 40.10 22.92
C PRO G 465 18.37 40.25 24.26
N PHE G 466 18.49 39.12 24.94
CA PHE G 466 19.11 39.07 26.26
C PHE G 466 20.02 37.85 26.35
N GLY G 467 21.22 38.05 26.87
CA GLY G 467 22.15 36.94 27.09
C GLY G 467 23.53 37.42 27.40
N GLY G 468 24.42 36.48 27.64
CA GLY G 468 25.74 36.83 28.17
C GLY G 468 26.89 36.83 27.18
N PHE G 469 27.86 37.68 27.45
CA PHE G 469 29.21 37.53 26.90
C PHE G 469 29.96 36.51 27.77
N LYS G 470 31.04 35.97 27.21
CA LYS G 470 31.97 35.11 27.92
C LYS G 470 31.25 33.96 28.65
N MET G 471 31.57 33.72 29.93
CA MET G 471 31.02 32.59 30.63
C MET G 471 29.65 32.86 31.26
N SER G 472 29.06 34.01 30.96
CA SER G 472 27.68 34.29 31.39
C SER G 472 26.64 33.72 30.41
N GLY G 473 27.07 33.15 29.30
CA GLY G 473 26.11 32.53 28.38
C GLY G 473 26.59 32.20 26.99
N ASN G 474 25.76 31.44 26.30
CA ASN G 474 25.90 31.12 24.86
C ASN G 474 24.56 31.42 24.23
N GLY G 475 24.54 32.30 23.25
CA GLY G 475 23.28 32.62 22.57
C GLY G 475 22.48 33.73 23.23
N ARG G 476 21.35 34.05 22.62
CA ARG G 476 20.49 35.10 23.08
C ARG G 476 19.06 34.61 23.14
N GLU G 477 18.32 35.16 24.09
CA GLU G 477 16.90 34.88 24.22
C GLU G 477 16.08 36.12 23.93
N LEU G 478 14.96 35.89 23.28
CA LEU G 478 13.94 36.92 22.98
C LEU G 478 14.38 37.94 21.95
N GLY G 479 13.51 38.89 21.66
CA GLY G 479 13.70 39.82 20.55
C GLY G 479 13.68 39.03 19.24
N GLU G 480 13.91 39.72 18.14
CA GLU G 480 14.05 39.08 16.84
C GLU G 480 15.19 38.08 16.85
N TYR G 481 16.31 38.49 17.43
CA TYR G 481 17.54 37.70 17.36
C TYR G 481 17.44 36.36 18.07
N GLY G 482 16.76 36.36 19.20
CA GLY G 482 16.55 35.17 20.02
C GLY G 482 15.77 34.08 19.34
N PHE G 483 14.87 34.47 18.45
CA PHE G 483 14.14 33.49 17.64
C PHE G 483 15.01 32.61 16.77
N HIS G 484 16.17 33.13 16.33
CA HIS G 484 17.08 32.37 15.47
C HIS G 484 17.53 31.09 16.10
N GLU G 485 17.69 31.12 17.40
CA GLU G 485 18.19 29.96 18.11
C GLU G 485 17.16 28.83 18.24
N TYR G 486 15.92 29.07 17.84
CA TYR G 486 14.91 28.00 17.85
C TYR G 486 14.52 27.57 16.43
N THR G 487 15.35 27.96 15.46
CA THR G 487 15.18 27.52 14.08
C THR G 487 16.45 26.86 13.57
N GLU G 488 16.26 25.97 12.62
CA GLU G 488 17.32 25.26 11.94
C GLU G 488 17.16 25.62 10.45
N VAL G 489 18.21 26.21 9.87
CA VAL G 489 18.16 26.70 8.51
C VAL G 489 18.42 25.60 7.49
N LYS G 490 17.50 25.45 6.53
CA LYS G 490 17.66 24.54 5.41
C LYS G 490 17.73 25.33 4.11
N THR G 491 18.78 25.08 3.34
CA THR G 491 18.96 25.71 2.06
C THR G 491 18.45 24.73 1.02
N VAL G 492 17.59 25.21 0.14
CA VAL G 492 17.11 24.42 -0.96
C VAL G 492 17.54 25.10 -2.28
N THR G 493 18.25 24.34 -3.10
CA THR G 493 18.82 24.82 -4.31
C THR G 493 18.37 23.96 -5.47
N VAL G 494 17.66 24.60 -6.38
CA VAL G 494 16.94 23.96 -7.45
C VAL G 494 17.59 24.33 -8.80
N LYS G 495 17.95 23.31 -9.58
CA LYS G 495 18.49 23.56 -10.90
C LYS G 495 17.38 24.10 -11.79
N ILE G 496 17.70 25.16 -12.52
CA ILE G 496 16.77 25.69 -13.53
C ILE G 496 17.49 25.92 -14.85
N SER G 497 16.71 26.00 -15.91
CA SER G 497 17.28 26.12 -17.27
C SER G 497 17.94 27.48 -17.47
N GLN G 498 17.31 28.55 -16.98
CA GLN G 498 17.95 29.86 -17.00
C GLN G 498 17.35 30.77 -15.96
N LYS G 499 18.20 31.52 -15.25
CA LYS G 499 17.72 32.47 -14.28
C LYS G 499 17.70 33.88 -14.85
N ASN G 500 16.82 34.68 -14.30
CA ASN G 500 16.80 36.11 -14.55
C ASN G 500 16.68 36.84 -13.22
N SER G 501 17.35 37.97 -13.15
CA SER G 501 17.29 38.83 -11.96
C SER G 501 15.85 39.18 -11.60
N LEU H 9 44.40 24.46 -19.94
CA LEU H 9 44.53 25.52 -18.81
C LEU H 9 45.92 26.14 -18.53
N PRO H 10 46.06 27.40 -17.99
CA PRO H 10 47.46 27.80 -17.78
C PRO H 10 48.13 27.01 -16.64
N VAL H 11 49.45 26.90 -16.75
CA VAL H 11 50.24 26.23 -15.74
C VAL H 11 51.37 27.13 -15.32
N LEU H 12 51.98 26.75 -14.22
CA LEU H 12 53.12 27.45 -13.68
C LEU H 12 54.32 27.10 -14.56
N LEU H 13 54.99 28.12 -15.08
CA LEU H 13 56.06 27.95 -16.06
C LEU H 13 57.38 27.63 -15.40
N THR H 14 57.49 27.98 -14.14
CA THR H 14 58.67 27.71 -13.32
C THR H 14 58.35 26.63 -12.28
N ASP H 15 59.37 25.99 -11.75
CA ASP H 15 59.17 24.97 -10.72
C ASP H 15 58.72 25.62 -9.42
N LEU H 16 57.73 25.01 -8.78
CA LEU H 16 57.21 25.53 -7.52
C LEU H 16 58.30 25.49 -6.46
N LYS H 17 58.61 26.63 -5.88
CA LYS H 17 59.55 26.67 -4.77
C LYS H 17 58.79 26.95 -3.50
N ILE H 18 58.94 26.08 -2.52
CA ILE H 18 58.27 26.27 -1.25
C ILE H 18 59.10 27.22 -0.42
N GLN H 19 58.47 28.34 -0.06
CA GLN H 19 59.13 29.40 0.68
C GLN H 19 58.62 29.55 2.12
N TYR H 20 57.31 29.40 2.35
CA TYR H 20 56.74 29.66 3.68
C TYR H 20 56.42 28.38 4.43
N THR H 21 57.14 28.18 5.53
CA THR H 21 57.08 26.95 6.29
C THR H 21 57.05 27.18 7.82
N LYS H 22 56.94 28.42 8.24
CA LYS H 22 56.98 28.74 9.65
C LYS H 22 55.63 29.15 10.22
N ILE H 23 55.61 29.32 11.52
CA ILE H 23 54.44 29.78 12.24
C ILE H 23 54.33 31.30 12.00
N PHE H 24 53.10 31.76 11.74
CA PHE H 24 52.85 33.16 11.39
C PHE H 24 52.08 33.84 12.53
N ILE H 25 52.77 34.72 13.22
CA ILE H 25 52.20 35.44 14.38
C ILE H 25 52.67 36.87 14.32
N ASN H 26 51.73 37.80 14.47
CA ASN H 26 52.06 39.24 14.43
C ASN H 26 52.76 39.65 13.15
N ASN H 27 52.30 39.08 12.05
CA ASN H 27 52.86 39.32 10.73
C ASN H 27 54.37 39.00 10.65
N GLU H 28 54.83 38.10 11.48
CA GLU H 28 56.22 37.65 11.43
C GLU H 28 56.27 36.15 11.43
N TRP H 29 57.38 35.63 10.96
CA TRP H 29 57.62 34.21 10.89
C TRP H 29 58.39 33.69 12.10
N HIS H 30 57.90 32.63 12.72
CA HIS H 30 58.44 32.15 13.96
C HIS H 30 58.78 30.68 13.81
N ASP H 31 59.90 30.28 14.40
CA ASP H 31 60.14 28.85 14.63
C ASP H 31 59.21 28.35 15.73
N SER H 32 58.97 27.04 15.76
CA SER H 32 58.24 26.45 16.87
C SER H 32 59.01 26.64 18.16
N VAL H 33 58.31 26.75 19.27
CA VAL H 33 58.95 26.92 20.58
C VAL H 33 59.86 25.73 20.89
N SER H 34 59.39 24.53 20.57
CA SER H 34 60.17 23.30 20.81
C SER H 34 61.36 23.12 19.87
N GLY H 35 61.31 23.77 18.72
CA GLY H 35 62.31 23.58 17.66
C GLY H 35 61.91 22.47 16.70
N LYS H 36 60.90 21.68 17.06
CA LYS H 36 60.49 20.55 16.23
C LYS H 36 59.83 20.99 14.91
N LYS H 37 60.01 20.16 13.89
CA LYS H 37 59.39 20.35 12.57
C LYS H 37 58.74 19.06 12.17
N PHE H 38 57.80 19.12 11.22
CA PHE H 38 57.17 17.91 10.68
C PHE H 38 57.18 17.91 9.16
N PRO H 39 57.29 16.72 8.58
CA PRO H 39 57.35 16.63 7.13
C PRO H 39 55.97 16.75 6.51
N VAL H 40 55.94 17.32 5.31
CA VAL H 40 54.73 17.41 4.50
C VAL H 40 54.98 16.69 3.18
N PHE H 41 54.00 15.92 2.71
CA PHE H 41 54.18 15.01 1.58
C PHE H 41 53.28 15.30 0.39
N ASN H 42 53.74 14.84 -0.77
CA ASN H 42 52.89 14.72 -1.96
C ASN H 42 52.21 13.36 -1.92
N PRO H 43 50.87 13.31 -1.73
CA PRO H 43 50.20 12.03 -1.66
C PRO H 43 50.18 11.18 -2.93
N ALA H 44 50.49 11.78 -4.06
CA ALA H 44 50.52 11.04 -5.33
C ALA H 44 51.84 10.25 -5.48
N THR H 45 52.89 10.78 -4.88
CA THR H 45 54.24 10.24 -5.09
C THR H 45 54.93 9.78 -3.81
N GLU H 46 54.39 10.19 -2.67
CA GLU H 46 54.96 9.93 -1.34
C GLU H 46 56.27 10.67 -1.11
N GLU H 47 56.66 11.56 -1.99
CA GLU H 47 57.83 12.39 -1.78
C GLU H 47 57.58 13.46 -0.71
N GLU H 48 58.63 13.77 0.05
CA GLU H 48 58.57 14.81 1.02
C GLU H 48 58.76 16.12 0.31
N LEU H 49 57.84 17.06 0.52
CA LEU H 49 57.93 18.36 -0.10
C LEU H 49 58.78 19.35 0.71
N CYS H 50 58.66 19.30 2.03
CA CYS H 50 59.42 20.19 2.91
C CYS H 50 59.14 19.82 4.35
N GLN H 51 59.75 20.56 5.25
CA GLN H 51 59.50 20.42 6.69
C GLN H 51 58.85 21.72 7.16
N VAL H 52 57.85 21.60 8.01
CA VAL H 52 57.11 22.75 8.51
C VAL H 52 57.28 22.82 10.04
N GLU H 53 57.35 24.01 10.58
CA GLU H 53 57.45 24.18 12.04
C GLU H 53 56.25 23.53 12.73
N GLU H 54 56.52 22.74 13.75
CA GLU H 54 55.48 21.99 14.45
C GLU H 54 54.96 22.78 15.63
N GLY H 55 53.85 23.49 15.41
CA GLY H 55 53.20 24.21 16.48
C GLY H 55 52.52 23.30 17.47
N ASP H 56 52.59 23.69 18.74
CA ASP H 56 51.97 22.96 19.83
C ASP H 56 51.35 24.01 20.76
N LYS H 57 50.99 23.58 21.97
CA LYS H 57 50.33 24.45 22.94
C LYS H 57 51.01 25.80 23.14
N GLU H 58 52.33 25.78 23.25
CA GLU H 58 53.09 27.02 23.53
C GLU H 58 53.01 28.03 22.37
N ASP H 59 52.99 27.50 21.15
CA ASP H 59 52.87 28.32 19.96
C ASP H 59 51.43 28.88 19.81
N VAL H 60 50.44 28.03 20.07
CA VAL H 60 49.05 28.49 20.17
C VAL H 60 48.93 29.65 21.18
N ASP H 61 49.56 29.50 22.35
CA ASP H 61 49.48 30.54 23.40
C ASP H 61 50.04 31.87 22.91
N LYS H 62 51.14 31.83 22.16
CA LYS H 62 51.69 33.05 21.58
C LYS H 62 50.73 33.68 20.58
N ALA H 63 50.12 32.83 19.75
CA ALA H 63 49.20 33.29 18.71
C ALA H 63 47.95 33.92 19.33
N VAL H 64 47.44 33.30 20.38
CA VAL H 64 46.28 33.84 21.08
C VAL H 64 46.58 35.20 21.70
N LYS H 65 47.75 35.32 22.35
CA LYS H 65 48.13 36.62 22.93
C LYS H 65 48.21 37.71 21.87
N ALA H 66 48.75 37.35 20.70
CA ALA H 66 48.82 38.31 19.59
C ALA H 66 47.42 38.69 19.10
N ALA H 67 46.56 37.71 18.96
CA ALA H 67 45.16 37.94 18.50
C ALA H 67 44.37 38.76 19.50
N ARG H 68 44.60 38.49 20.78
CA ARG H 68 43.93 39.25 21.85
C ARG H 68 44.35 40.70 21.82
N GLN H 69 45.65 40.92 21.68
CA GLN H 69 46.19 42.28 21.68
C GLN H 69 45.63 43.06 20.49
N ALA H 70 45.56 42.41 19.34
CA ALA H 70 45.05 43.08 18.13
C ALA H 70 43.53 43.41 18.24
N PHE H 71 42.83 42.67 19.09
CA PHE H 71 41.39 42.87 19.33
C PHE H 71 41.06 43.92 20.42
N GLN H 72 42.08 44.46 21.08
CA GLN H 72 41.85 45.42 22.16
C GLN H 72 41.14 46.67 21.70
N ILE H 73 40.21 47.13 22.54
CA ILE H 73 39.51 48.40 22.33
C ILE H 73 40.56 49.46 22.06
N GLY H 74 40.34 50.28 21.05
CA GLY H 74 41.32 51.28 20.64
C GLY H 74 42.42 50.85 19.67
N SER H 75 42.50 49.55 19.35
CA SER H 75 43.49 49.05 18.40
C SER H 75 43.09 49.42 16.95
N PRO H 76 44.06 49.39 16.02
CA PRO H 76 43.76 49.67 14.61
C PRO H 76 42.65 48.79 14.04
N TRP H 77 42.68 47.50 14.35
CA TRP H 77 41.64 46.60 13.85
C TRP H 77 40.25 46.89 14.39
N ARG H 78 40.16 47.32 15.64
CA ARG H 78 38.87 47.68 16.25
C ARG H 78 38.34 49.05 15.86
N THR H 79 39.25 49.98 15.58
CA THR H 79 38.86 51.37 15.31
C THR H 79 38.75 51.71 13.82
N MET H 80 39.33 50.89 12.94
CA MET H 80 39.23 51.18 11.51
C MET H 80 37.78 51.07 11.04
N ASP H 81 37.49 51.80 9.98
CA ASP H 81 36.18 51.72 9.35
C ASP H 81 35.87 50.27 8.95
N ALA H 82 34.62 49.87 9.11
CA ALA H 82 34.18 48.57 8.64
C ALA H 82 34.49 48.40 7.14
N SER H 83 34.24 49.47 6.37
CA SER H 83 34.54 49.49 4.92
C SER H 83 36.01 49.21 4.63
N GLU H 84 36.90 49.59 5.55
CA GLU H 84 38.32 49.34 5.40
C GLU H 84 38.69 47.88 5.69
N ARG H 85 37.98 47.23 6.61
CA ARG H 85 38.15 45.78 6.79
C ARG H 85 37.78 45.12 5.46
N GLY H 86 36.68 45.57 4.88
CA GLY H 86 36.21 45.08 3.60
C GLY H 86 37.26 45.25 2.48
N ARG H 87 37.82 46.44 2.41
CA ARG H 87 38.89 46.75 1.46
C ARG H 87 40.11 45.84 1.59
N LEU H 88 40.51 45.57 2.83
CA LEU H 88 41.62 44.65 3.08
C LEU H 88 41.31 43.25 2.54
N LEU H 89 40.09 42.78 2.78
CA LEU H 89 39.67 41.49 2.28
C LEU H 89 39.63 41.46 0.76
N TYR H 90 39.10 42.51 0.14
CA TYR H 90 39.12 42.62 -1.33
C TYR H 90 40.55 42.60 -1.86
N LYS H 91 41.44 43.32 -1.19
CA LYS H 91 42.85 43.35 -1.59
C LYS H 91 43.46 41.97 -1.49
N LEU H 92 43.13 41.25 -0.41
CA LEU H 92 43.61 39.89 -0.24
C LEU H 92 43.11 39.01 -1.38
N ALA H 93 41.85 39.17 -1.78
CA ALA H 93 41.32 38.41 -2.92
C ALA H 93 42.13 38.69 -4.19
N ASP H 94 42.44 39.95 -4.42
CA ASP H 94 43.26 40.34 -5.60
C ASP H 94 44.64 39.67 -5.58
N LEU H 95 45.23 39.56 -4.40
CA LEU H 95 46.55 38.98 -4.26
C LEU H 95 46.54 37.49 -4.48
N ILE H 96 45.48 36.83 -4.00
CA ILE H 96 45.30 35.42 -4.28
C ILE H 96 45.09 35.18 -5.81
N GLU H 97 44.31 36.05 -6.43
CA GLU H 97 44.13 36.02 -7.89
C GLU H 97 45.47 36.19 -8.61
N ARG H 98 46.26 37.17 -8.21
CA ARG H 98 47.62 37.34 -8.76
C ARG H 98 48.43 36.03 -8.65
N ASP H 99 48.33 35.35 -7.51
CA ASP H 99 49.12 34.15 -7.25
C ASP H 99 48.39 32.86 -7.51
N ARG H 100 47.43 32.93 -8.43
CA ARG H 100 46.55 31.82 -8.68
C ARG H 100 47.25 30.55 -9.18
N LEU H 101 48.23 30.72 -10.09
CA LEU H 101 48.96 29.58 -10.66
C LEU H 101 49.76 28.85 -9.61
N LEU H 102 50.47 29.66 -8.83
CA LEU H 102 51.30 29.19 -7.74
C LEU H 102 50.47 28.42 -6.70
N LEU H 103 49.39 29.06 -6.27
CA LEU H 103 48.49 28.45 -5.26
C LEU H 103 47.79 27.19 -5.76
N ALA H 104 47.30 27.21 -7.01
CA ALA H 104 46.66 26.02 -7.57
C ALA H 104 47.66 24.83 -7.66
N THR H 105 48.88 25.16 -8.08
CA THR H 105 49.92 24.15 -8.24
C THR H 105 50.27 23.56 -6.86
N MET H 106 50.46 24.44 -5.89
CA MET H 106 50.79 24.03 -4.52
C MET H 106 49.67 23.21 -3.92
N GLU H 107 48.44 23.65 -4.15
CA GLU H 107 47.28 22.94 -3.62
C GLU H 107 47.19 21.55 -4.23
N SER H 108 47.46 21.46 -5.52
CA SER H 108 47.40 20.18 -6.24
C SER H 108 48.47 19.21 -5.75
N MET H 109 49.69 19.72 -5.63
CA MET H 109 50.85 18.93 -5.22
C MET H 109 50.74 18.39 -3.79
N ASN H 110 50.35 19.28 -2.87
CA ASN H 110 50.25 18.96 -1.45
C ASN H 110 48.95 18.21 -1.11
N GLY H 111 47.87 18.54 -1.82
CA GLY H 111 46.55 18.00 -1.48
C GLY H 111 46.06 16.83 -2.30
N GLY H 112 46.84 16.42 -3.31
CA GLY H 112 46.44 15.30 -4.18
C GLY H 112 45.23 15.66 -5.00
N LYS H 113 45.14 16.92 -5.36
CA LYS H 113 43.94 17.49 -5.98
C LYS H 113 44.19 17.77 -7.44
N LEU H 114 43.29 17.28 -8.30
CA LEU H 114 43.43 17.49 -9.74
C LEU H 114 43.69 18.96 -10.03
N TYR H 115 44.73 19.24 -10.82
CA TYR H 115 45.12 20.59 -11.05
C TYR H 115 43.99 21.45 -11.66
N SER H 116 43.29 20.90 -12.66
CA SER H 116 42.22 21.67 -13.31
C SER H 116 41.14 22.10 -12.30
N ASN H 117 40.77 21.19 -11.40
CA ASN H 117 39.86 21.51 -10.32
C ASN H 117 40.46 22.53 -9.34
N ALA H 118 41.74 22.37 -8.99
CA ALA H 118 42.38 23.35 -8.13
C ALA H 118 42.33 24.73 -8.72
N TYR H 119 42.65 24.82 -10.01
CA TYR H 119 42.75 26.11 -10.66
C TYR H 119 41.36 26.72 -10.93
N LEU H 120 40.45 25.92 -11.47
CA LEU H 120 39.15 26.40 -11.94
C LEU H 120 38.08 26.44 -10.83
N ASN H 121 38.13 25.53 -9.88
CA ASN H 121 37.14 25.48 -8.82
C ASN H 121 37.62 26.03 -7.50
N ASP H 122 38.65 25.44 -6.92
CA ASP H 122 39.13 25.86 -5.59
C ASP H 122 39.58 27.31 -5.59
N LEU H 123 40.47 27.69 -6.50
CA LEU H 123 40.99 29.05 -6.48
C LEU H 123 39.88 30.10 -6.78
N ALA H 124 39.03 29.80 -7.74
CA ALA H 124 37.90 30.66 -8.05
C ALA H 124 36.96 30.79 -6.87
N GLY H 125 36.67 29.67 -6.21
CA GLY H 125 35.82 29.64 -5.01
C GLY H 125 36.37 30.50 -3.87
N CYS H 126 37.68 30.38 -3.69
CA CYS H 126 38.42 31.22 -2.73
CA CYS H 126 38.41 31.15 -2.73
C CYS H 126 38.28 32.68 -2.98
N ILE H 127 38.57 33.08 -4.21
CA ILE H 127 38.55 34.47 -4.60
C ILE H 127 37.11 35.03 -4.45
N LYS H 128 36.14 34.31 -5.00
CA LYS H 128 34.76 34.77 -4.95
C LYS H 128 34.23 34.86 -3.54
N THR H 129 34.58 33.89 -2.71
CA THR H 129 34.10 33.86 -1.32
C THR H 129 34.66 35.02 -0.52
N LEU H 130 35.94 35.30 -0.70
CA LEU H 130 36.57 36.48 -0.10
C LEU H 130 35.91 37.77 -0.54
N ARG H 131 35.67 37.92 -1.84
CA ARG H 131 35.02 39.11 -2.33
C ARG H 131 33.59 39.26 -1.77
N TYR H 132 32.87 38.17 -1.68
CA TYR H 132 31.54 38.18 -1.07
C TYR H 132 31.61 38.68 0.37
N CYS H 133 32.52 38.09 1.16
CA CYS H 133 32.72 38.48 2.56
C CYS H 133 33.14 39.92 2.73
N ALA H 134 34.01 40.40 1.85
CA ALA H 134 34.44 41.78 1.88
C ALA H 134 33.25 42.73 1.83
N GLY H 135 32.32 42.42 0.94
CA GLY H 135 31.11 43.21 0.75
C GLY H 135 30.23 43.31 1.97
N TRP H 136 30.26 42.30 2.85
CA TRP H 136 29.43 42.34 4.07
C TRP H 136 29.95 43.25 5.18
N ALA H 137 31.25 43.56 5.18
CA ALA H 137 31.90 44.18 6.33
C ALA H 137 31.15 45.43 6.83
N ASP H 138 30.79 46.33 5.92
CA ASP H 138 30.08 47.58 6.31
C ASP H 138 28.57 47.52 6.14
N LYS H 139 28.07 46.29 6.01
CA LYS H 139 26.62 46.03 5.91
C LYS H 139 26.11 45.13 7.04
N ILE H 140 26.98 44.84 8.01
CA ILE H 140 26.57 44.16 9.26
C ILE H 140 25.93 45.23 10.14
N GLN H 141 24.68 45.03 10.50
CA GLN H 141 23.92 46.06 11.21
C GLN H 141 23.16 45.49 12.41
N GLY H 142 23.05 46.27 13.46
CA GLY H 142 22.14 45.94 14.53
C GLY H 142 20.77 46.54 14.31
N ARG H 143 20.04 46.71 15.40
CA ARG H 143 18.65 47.15 15.35
C ARG H 143 18.41 48.30 16.30
N THR H 144 17.38 49.07 16.02
CA THR H 144 16.75 49.95 17.00
C THR H 144 15.38 49.33 17.29
N ILE H 145 15.05 49.25 18.58
CA ILE H 145 13.97 48.40 19.06
C ILE H 145 12.93 49.20 19.90
N PRO H 146 11.64 49.09 19.56
CA PRO H 146 10.59 49.84 20.29
C PRO H 146 10.13 49.14 21.57
N ILE H 147 11.09 48.98 22.45
CA ILE H 147 10.88 48.42 23.80
C ILE H 147 9.74 49.11 24.58
N ASP H 148 9.06 48.35 25.42
CA ASP H 148 8.12 48.92 26.40
C ASP H 148 8.85 49.92 27.31
N GLY H 149 8.15 50.98 27.72
CA GLY H 149 8.70 51.95 28.64
C GLY H 149 9.47 53.09 27.96
N ASN H 150 9.89 54.06 28.78
CA ASN H 150 10.57 55.24 28.28
C ASN H 150 12.06 54.98 28.18
N PHE H 151 12.41 54.26 27.12
CA PHE H 151 13.76 53.84 26.85
C PHE H 151 14.07 53.96 25.36
N PHE H 152 15.32 54.24 25.05
CA PHE H 152 15.88 54.05 23.73
C PHE H 152 16.77 52.81 23.73
N THR H 153 16.43 51.81 22.92
CA THR H 153 17.14 50.55 22.88
C THR H 153 17.69 50.30 21.50
N TYR H 154 18.97 50.00 21.45
CA TYR H 154 19.61 49.56 20.21
C TYR H 154 20.50 48.38 20.48
N THR H 155 20.85 47.69 19.41
CA THR H 155 21.81 46.59 19.49
C THR H 155 23.03 46.85 18.63
N ARG H 156 24.16 46.34 19.10
CA ARG H 156 25.41 46.30 18.36
C ARG H 156 25.72 44.85 18.06
N HIS H 157 26.05 44.57 16.80
CA HIS H 157 26.49 43.25 16.40
C HIS H 157 28.00 43.29 16.33
N GLU H 158 28.60 43.11 17.50
CA GLU H 158 30.06 43.27 17.68
C GLU H 158 30.75 42.01 17.20
N PRO H 159 32.03 42.10 16.85
CA PRO H 159 32.78 40.88 16.71
C PRO H 159 32.86 40.16 18.05
N ILE H 160 33.01 38.85 18.02
CA ILE H 160 33.10 38.05 19.23
C ILE H 160 34.46 38.23 19.90
N GLY H 161 35.52 38.18 19.13
CA GLY H 161 36.87 38.33 19.68
C GLY H 161 37.84 37.42 18.99
N VAL H 162 38.54 36.61 19.80
CA VAL H 162 39.56 35.70 19.29
C VAL H 162 38.90 34.38 18.89
N CYS H 163 39.00 34.06 17.61
CA CYS H 163 38.38 32.89 17.02
C CYS H 163 39.45 31.89 16.57
N GLY H 164 39.40 30.70 17.14
CA GLY H 164 40.29 29.59 16.81
C GLY H 164 39.61 28.79 15.72
N GLN H 165 40.33 28.57 14.63
CA GLN H 165 39.74 28.01 13.42
C GLN H 165 40.57 26.83 12.93
N ILE H 166 39.95 25.68 12.93
CA ILE H 166 40.63 24.44 12.61
C ILE H 166 40.10 23.93 11.27
N ILE H 167 41.01 23.79 10.32
CA ILE H 167 40.74 23.65 8.88
C ILE H 167 41.10 22.23 8.42
N PRO H 168 40.26 21.61 7.56
CA PRO H 168 40.56 20.27 7.11
C PRO H 168 41.50 20.23 5.89
N TRP H 169 41.85 19.01 5.47
CA TRP H 169 42.84 18.78 4.42
C TRP H 169 42.22 18.62 3.01
N ASN H 170 40.89 18.46 2.92
CA ASN H 170 40.25 18.16 1.65
C ASN H 170 40.08 19.37 0.74
N PHE H 171 39.77 20.51 1.34
CA PHE H 171 39.73 21.77 0.61
C PHE H 171 40.49 22.85 1.41
N PRO H 172 41.84 22.77 1.41
CA PRO H 172 42.60 23.57 2.41
C PRO H 172 42.45 25.05 2.22
N LEU H 173 42.57 25.49 0.98
CA LEU H 173 42.44 26.89 0.66
C LEU H 173 40.99 27.43 0.78
N VAL H 174 40.05 26.73 0.16
CA VAL H 174 38.63 27.11 0.23
C VAL H 174 38.16 27.19 1.68
N MET H 175 38.52 26.19 2.48
CA MET H 175 38.09 26.13 3.88
C MET H 175 38.75 27.20 4.71
N LEU H 176 40.01 27.48 4.41
CA LEU H 176 40.69 28.60 5.03
C LEU H 176 39.89 29.90 4.86
N ILE H 177 39.52 30.18 3.63
CA ILE H 177 38.76 31.38 3.30
C ILE H 177 37.33 31.36 3.88
N TRP H 178 36.66 30.22 3.81
CA TRP H 178 35.34 30.04 4.42
C TRP H 178 35.30 30.44 5.88
N LYS H 179 36.42 30.23 6.57
CA LYS H 179 36.60 30.57 8.00
C LYS H 179 37.03 32.02 8.21
N ILE H 180 38.15 32.41 7.60
CA ILE H 180 38.69 33.73 7.91
C ILE H 180 37.87 34.85 7.29
N GLY H 181 37.26 34.58 6.14
CA GLY H 181 36.52 35.62 5.41
C GLY H 181 35.43 36.22 6.27
N PRO H 182 34.47 35.40 6.72
CA PRO H 182 33.43 35.95 7.59
C PRO H 182 33.95 36.45 8.93
N ALA H 183 34.89 35.75 9.53
CA ALA H 183 35.44 36.13 10.83
C ALA H 183 36.02 37.55 10.78
N LEU H 184 36.85 37.78 9.78
CA LEU H 184 37.53 39.08 9.62
C LEU H 184 36.55 40.17 9.16
N SER H 185 35.62 39.81 8.28
CA SER H 185 34.63 40.79 7.81
C SER H 185 33.85 41.38 9.00
N CYS H 186 33.55 40.50 9.98
CA CYS H 186 32.84 40.86 11.19
C CYS H 186 33.71 41.57 12.22
N GLY H 187 35.03 41.57 12.04
CA GLY H 187 35.92 42.31 12.92
C GLY H 187 36.65 41.50 13.98
N ASN H 188 36.59 40.18 13.86
CA ASN H 188 37.25 39.27 14.78
C ASN H 188 38.74 39.18 14.45
N THR H 189 39.51 38.62 15.38
CA THR H 189 40.88 38.23 15.07
C THR H 189 40.90 36.72 15.14
N VAL H 190 41.86 36.11 14.47
CA VAL H 190 41.85 34.66 14.34
C VAL H 190 43.17 33.98 14.64
N VAL H 191 43.05 32.76 15.14
CA VAL H 191 44.17 31.82 15.25
C VAL H 191 43.78 30.56 14.45
N VAL H 192 44.51 30.31 13.38
CA VAL H 192 44.17 29.28 12.43
C VAL H 192 45.11 28.07 12.56
N LYS H 193 44.54 26.88 12.61
CA LYS H 193 45.31 25.67 12.61
C LYS H 193 44.95 24.85 11.37
N PRO H 194 45.80 24.93 10.33
CA PRO H 194 45.54 24.13 9.13
C PRO H 194 45.78 22.68 9.40
N ALA H 195 45.27 21.85 8.52
CA ALA H 195 45.46 20.42 8.68
C ALA H 195 46.97 20.10 8.60
N GLU H 196 47.39 19.12 9.39
CA GLU H 196 48.80 18.62 9.36
C GLU H 196 49.23 18.26 7.93
N GLN H 197 48.31 17.63 7.18
CA GLN H 197 48.63 17.15 5.83
C GLN H 197 48.92 18.29 4.85
N THR H 198 48.24 19.42 5.06
CA THR H 198 48.16 20.48 4.06
C THR H 198 48.30 21.91 4.57
N PRO H 199 49.45 22.26 5.16
CA PRO H 199 49.59 23.59 5.73
C PRO H 199 50.10 24.61 4.74
N LEU H 200 50.62 24.16 3.60
CA LEU H 200 51.45 25.04 2.77
C LEU H 200 50.69 26.20 2.12
N THR H 201 49.50 25.94 1.58
CA THR H 201 48.78 27.02 0.92
C THR H 201 48.35 28.08 1.90
N ALA H 202 47.98 27.66 3.12
CA ALA H 202 47.62 28.59 4.17
C ALA H 202 48.78 29.52 4.55
N LEU H 203 49.99 28.96 4.63
CA LEU H 203 51.18 29.78 4.94
C LEU H 203 51.50 30.74 3.81
N HIS H 204 51.30 30.33 2.55
CA HIS H 204 51.43 31.30 1.48
C HIS H 204 50.41 32.43 1.65
N VAL H 205 49.16 32.07 1.96
CA VAL H 205 48.12 33.11 2.13
C VAL H 205 48.50 34.08 3.26
N ALA H 206 49.15 33.55 4.29
CA ALA H 206 49.62 34.43 5.37
C ALA H 206 50.57 35.50 4.87
N SER H 207 51.46 35.14 3.96
CA SER H 207 52.37 36.13 3.34
C SER H 207 51.59 37.20 2.62
N LEU H 208 50.45 36.81 2.03
CA LEU H 208 49.60 37.78 1.33
C LEU H 208 48.81 38.66 2.28
N ILE H 209 48.46 38.09 3.44
CA ILE H 209 47.78 38.85 4.48
C ILE H 209 48.68 40.01 4.92
N LYS H 210 49.95 39.70 5.13
CA LYS H 210 50.91 40.74 5.46
C LYS H 210 51.04 41.76 4.33
N GLU H 211 51.25 41.26 3.12
CA GLU H 211 51.33 42.15 1.96
C GLU H 211 50.09 43.07 1.80
N ALA H 212 48.89 42.53 2.02
CA ALA H 212 47.65 43.31 1.90
C ALA H 212 47.57 44.47 2.90
N GLY H 213 48.26 44.33 4.03
CA GLY H 213 48.27 45.38 5.04
C GLY H 213 47.43 45.14 6.29
N PHE H 214 47.00 43.91 6.55
CA PHE H 214 46.26 43.63 7.78
C PHE H 214 47.12 43.94 9.00
N PRO H 215 46.55 44.53 10.06
CA PRO H 215 47.37 44.81 11.23
C PRO H 215 47.92 43.53 11.87
N PRO H 216 49.11 43.61 12.48
CA PRO H 216 49.70 42.43 13.08
C PRO H 216 48.80 41.83 14.17
N GLY H 217 48.72 40.51 14.18
CA GLY H 217 47.94 39.82 15.18
C GLY H 217 46.49 39.54 14.78
N VAL H 218 46.05 40.12 13.67
CA VAL H 218 44.65 39.94 13.23
C VAL H 218 44.47 38.55 12.67
N VAL H 219 45.44 38.09 11.93
CA VAL H 219 45.52 36.69 11.50
C VAL H 219 46.82 36.05 11.93
N ASN H 220 46.70 34.94 12.63
CA ASN H 220 47.83 34.12 13.03
C ASN H 220 47.61 32.67 12.58
N ILE H 221 48.66 32.03 12.07
CA ILE H 221 48.57 30.66 11.58
C ILE H 221 49.58 29.74 12.25
N VAL H 222 49.07 28.68 12.86
CA VAL H 222 49.88 27.74 13.62
C VAL H 222 49.72 26.32 13.05
N PRO H 223 50.62 25.91 12.12
CA PRO H 223 50.64 24.53 11.69
C PRO H 223 50.96 23.58 12.85
N GLY H 224 50.45 22.36 12.74
CA GLY H 224 50.69 21.33 13.73
C GLY H 224 49.63 20.25 13.71
N TYR H 225 49.73 19.35 14.67
CA TYR H 225 48.83 18.21 14.73
C TYR H 225 47.53 18.53 15.48
N GLY H 226 46.52 17.69 15.28
CA GLY H 226 45.20 17.83 15.90
C GLY H 226 45.19 17.73 17.42
N PRO H 227 45.66 16.59 17.95
CA PRO H 227 45.67 16.37 19.39
C PRO H 227 46.58 17.29 20.21
N THR H 228 47.46 18.03 19.53
CA THR H 228 48.35 18.97 20.18
C THR H 228 47.85 20.40 19.95
N ALA H 229 48.12 20.96 18.78
CA ALA H 229 47.75 22.34 18.48
C ALA H 229 46.22 22.54 18.44
N GLY H 230 45.50 21.61 17.83
CA GLY H 230 44.04 21.68 17.74
C GLY H 230 43.38 21.61 19.12
N ALA H 231 43.83 20.66 19.94
CA ALA H 231 43.32 20.53 21.31
C ALA H 231 43.64 21.74 22.14
N ALA H 232 44.81 22.33 21.93
CA ALA H 232 45.18 23.53 22.67
C ALA H 232 44.21 24.68 22.36
N ILE H 233 43.80 24.78 21.10
CA ILE H 233 42.85 25.81 20.69
C ILE H 233 41.51 25.58 21.39
N SER H 234 41.04 24.35 21.35
CA SER H 234 39.69 24.05 21.80
C SER H 234 39.56 24.20 23.34
N SER H 235 40.67 24.02 24.07
CA SER H 235 40.60 24.16 25.54
C SER H 235 41.16 25.48 26.05
N HIS H 236 41.53 26.39 25.14
CA HIS H 236 42.21 27.61 25.56
C HIS H 236 41.25 28.56 26.29
N MET H 237 41.72 29.18 27.38
CA MET H 237 40.86 29.96 28.26
C MET H 237 40.61 31.38 27.73
N ASP H 238 41.40 31.81 26.74
CA ASP H 238 41.25 33.14 26.17
C ASP H 238 40.84 33.17 24.67
N ILE H 239 40.39 32.03 24.17
CA ILE H 239 39.79 31.96 22.84
C ILE H 239 38.26 32.00 23.02
N ASP H 240 37.64 32.96 22.34
CA ASP H 240 36.19 33.22 22.52
C ASP H 240 35.30 32.28 21.73
N LYS H 241 35.86 31.76 20.65
CA LYS H 241 35.09 30.92 19.75
C LYS H 241 35.99 29.97 19.02
N VAL H 242 35.51 28.75 18.84
CA VAL H 242 36.19 27.76 17.99
C VAL H 242 35.27 27.29 16.84
N ALA H 243 35.83 27.26 15.63
CA ALA H 243 35.17 26.74 14.45
C ALA H 243 35.99 25.58 13.93
N PHE H 244 35.32 24.49 13.65
CA PHE H 244 35.99 23.27 13.23
C PHE H 244 35.20 22.64 12.09
N THR H 245 35.94 22.21 11.07
CA THR H 245 35.43 21.34 10.05
C THR H 245 36.27 20.07 10.05
N GLY H 246 35.58 18.93 10.11
CA GLY H 246 36.24 17.63 10.13
C GLY H 246 35.30 16.55 10.57
N SER H 247 35.84 15.53 11.20
CA SER H 247 35.03 14.36 11.53
C SER H 247 34.09 14.60 12.72
N THR H 248 32.93 13.93 12.69
CA THR H 248 31.96 14.04 13.77
C THR H 248 32.60 13.66 15.10
N GLU H 249 33.44 12.62 15.09
CA GLU H 249 34.14 12.17 16.31
C GLU H 249 35.00 13.24 16.96
N VAL H 250 35.75 14.00 16.15
CA VAL H 250 36.57 15.09 16.69
C VAL H 250 35.68 16.29 17.11
N GLY H 251 34.63 16.52 16.31
CA GLY H 251 33.62 17.55 16.62
C GLY H 251 33.08 17.42 18.04
N LYS H 252 32.77 16.18 18.43
CA LYS H 252 32.29 15.88 19.78
C LYS H 252 33.31 16.26 20.85
N LEU H 253 34.58 15.96 20.59
CA LEU H 253 35.64 16.29 21.54
C LEU H 253 35.88 17.80 21.64
N ILE H 254 35.73 18.51 20.54
CA ILE H 254 35.92 19.96 20.56
C ILE H 254 34.82 20.56 21.45
N LYS H 255 33.59 20.12 21.22
CA LYS H 255 32.42 20.71 21.93
C LYS H 255 32.54 20.42 23.42
N GLU H 256 32.96 19.20 23.74
CA GLU H 256 33.24 18.82 25.11
C GLU H 256 34.32 19.70 25.76
N ALA H 257 35.43 19.92 25.05
CA ALA H 257 36.53 20.76 25.58
C ALA H 257 36.12 22.22 25.75
N ALA H 258 35.29 22.71 24.84
CA ALA H 258 34.72 24.04 24.96
C ALA H 258 33.93 24.19 26.26
N GLY H 259 33.09 23.19 26.54
CA GLY H 259 32.29 23.19 27.75
C GLY H 259 33.13 23.11 29.04
N LYS H 260 34.17 22.28 29.01
CA LYS H 260 35.06 22.08 30.14
C LYS H 260 35.97 23.27 30.45
N SER H 261 36.27 24.07 29.43
CA SER H 261 37.26 25.13 29.59
C SER H 261 36.57 26.45 29.93
N ASN H 262 36.18 27.21 28.91
CA ASN H 262 35.67 28.56 29.13
C ASN H 262 34.32 28.85 28.45
N LEU H 263 33.62 27.79 28.07
CA LEU H 263 32.31 27.91 27.42
C LEU H 263 32.38 28.72 26.12
N LYS H 264 33.53 28.66 25.45
CA LYS H 264 33.68 29.29 24.16
C LYS H 264 32.55 28.86 23.21
N ARG H 265 32.19 29.77 22.31
CA ARG H 265 31.20 29.48 21.30
C ARG H 265 31.80 28.45 20.33
N VAL H 266 30.94 27.65 19.75
CA VAL H 266 31.36 26.53 18.91
C VAL H 266 30.56 26.50 17.61
N THR H 267 31.24 26.44 16.46
CA THR H 267 30.56 26.04 15.21
C THR H 267 31.29 24.85 14.64
N LEU H 268 30.50 23.89 14.19
CA LEU H 268 31.00 22.61 13.71
C LEU H 268 30.37 22.26 12.36
N GLU H 269 31.21 21.81 11.43
CA GLU H 269 30.77 21.29 10.15
C GLU H 269 31.43 19.91 10.03
N LEU H 270 30.60 18.87 10.09
CA LEU H 270 31.11 17.57 10.36
C LEU H 270 30.78 16.62 9.21
N GLY H 271 30.79 15.34 9.48
CA GLY H 271 30.56 14.38 8.42
C GLY H 271 29.13 14.35 7.91
N GLY H 272 28.95 13.50 6.91
CA GLY H 272 27.61 13.14 6.46
C GLY H 272 27.51 11.75 5.92
N LYS H 273 26.28 11.36 5.67
CA LYS H 273 25.95 10.19 4.89
C LYS H 273 24.75 10.57 4.05
N SER H 274 24.99 11.53 3.17
CA SER H 274 23.93 12.25 2.48
C SER H 274 23.20 11.39 1.45
N PRO H 275 21.87 11.35 1.49
CA PRO H 275 21.11 10.57 0.57
C PRO H 275 20.63 11.34 -0.65
N CYS H 276 20.46 10.62 -1.73
CA CYS H 276 19.73 11.11 -2.90
C CYS H 276 18.54 10.23 -3.10
N ILE H 277 17.43 10.83 -3.50
CA ILE H 277 16.21 10.14 -3.81
C ILE H 277 15.86 10.45 -5.27
N VAL H 278 15.86 9.41 -6.09
CA VAL H 278 15.65 9.56 -7.53
C VAL H 278 14.31 8.92 -7.88
N LEU H 279 13.34 9.77 -8.23
CA LEU H 279 11.99 9.33 -8.60
C LEU H 279 11.96 8.85 -10.07
N ALA H 280 10.93 8.07 -10.38
CA ALA H 280 10.76 7.45 -11.72
C ALA H 280 10.61 8.49 -12.81
N ASP H 281 10.05 9.66 -12.47
CA ASP H 281 9.88 10.71 -13.48
C ASP H 281 11.14 11.59 -13.68
N ALA H 282 12.23 11.27 -13.00
CA ALA H 282 13.44 12.13 -13.09
C ALA H 282 14.06 12.09 -14.48
N ASP H 283 14.67 13.21 -14.87
CA ASP H 283 15.64 13.22 -15.98
C ASP H 283 16.78 12.30 -15.55
N LEU H 284 16.81 11.11 -16.15
CA LEU H 284 17.68 10.05 -15.70
C LEU H 284 19.16 10.36 -15.86
N ASP H 285 19.54 10.83 -17.04
CA ASP H 285 20.93 11.21 -17.26
C ASP H 285 21.42 12.31 -16.33
N ASN H 286 20.58 13.29 -16.10
CA ASN H 286 20.93 14.37 -15.20
C ASN H 286 21.13 13.82 -13.79
N ALA H 287 20.23 12.94 -13.36
CA ALA H 287 20.34 12.34 -12.04
C ALA H 287 21.60 11.47 -11.88
N VAL H 288 21.87 10.66 -12.88
CA VAL H 288 23.07 9.83 -12.89
C VAL H 288 24.33 10.70 -12.78
N GLU H 289 24.35 11.74 -13.57
CA GLU H 289 25.53 12.57 -13.66
C GLU H 289 25.78 13.33 -12.36
N PHE H 290 24.74 13.90 -11.78
CA PHE H 290 24.93 14.65 -10.53
C PHE H 290 25.22 13.74 -9.35
N ALA H 291 24.55 12.59 -9.27
CA ALA H 291 24.82 11.64 -8.17
C ALA H 291 26.24 11.11 -8.28
N HIS H 292 26.67 10.88 -9.50
CA HIS H 292 28.07 10.48 -9.75
C HIS H 292 29.09 11.53 -9.27
N HIS H 293 28.95 12.74 -9.77
CA HIS H 293 29.74 13.88 -9.32
C HIS H 293 29.69 14.01 -7.78
N GLY H 294 28.49 13.84 -7.25
CA GLY H 294 28.23 13.99 -5.83
C GLY H 294 29.06 13.03 -4.98
N VAL H 295 29.33 11.84 -5.51
CA VAL H 295 30.07 10.87 -4.72
C VAL H 295 31.56 10.87 -5.10
N PHE H 296 31.89 11.08 -6.36
CA PHE H 296 33.29 10.93 -6.81
C PHE H 296 34.17 12.19 -6.84
N TYR H 297 33.56 13.36 -6.75
CA TYR H 297 34.36 14.58 -6.78
C TYR H 297 35.48 14.55 -5.74
N HIS H 298 36.65 15.00 -6.16
CA HIS H 298 37.86 14.99 -5.29
C HIS H 298 38.07 13.66 -4.57
N GLN H 299 37.98 12.59 -5.35
CA GLN H 299 38.22 11.22 -4.84
C GLN H 299 37.31 10.87 -3.66
N GLY H 300 36.09 11.39 -3.69
CA GLY H 300 35.11 11.10 -2.65
C GLY H 300 35.32 11.82 -1.34
N GLN H 301 36.23 12.77 -1.31
CA GLN H 301 36.73 13.35 -0.05
C GLN H 301 35.99 14.64 0.27
N CYS H 302 34.67 14.54 0.33
CA CYS H 302 33.78 15.67 0.55
C CYS H 302 32.80 15.24 1.62
N CYS H 303 32.63 16.11 2.61
CA CYS H 303 31.66 15.91 3.68
CA CYS H 303 31.67 15.93 3.68
C CYS H 303 30.24 15.67 3.11
N ILE H 304 29.92 16.33 2.02
CA ILE H 304 28.59 16.22 1.38
C ILE H 304 28.44 15.04 0.41
N ALA H 305 29.43 14.15 0.36
CA ALA H 305 29.39 13.06 -0.61
C ALA H 305 28.02 12.38 -0.65
N ALA H 306 27.52 12.16 -1.86
CA ALA H 306 26.21 11.55 -2.09
C ALA H 306 26.31 10.03 -1.94
N SER H 307 26.42 9.61 -0.69
CA SER H 307 26.86 8.26 -0.36
C SER H 307 25.75 7.26 -0.12
N ARG H 308 24.50 7.67 -0.29
CA ARG H 308 23.38 6.72 -0.39
C ARG H 308 22.46 7.21 -1.48
N ILE H 309 22.38 6.47 -2.59
CA ILE H 309 21.51 6.84 -3.69
C ILE H 309 20.32 5.87 -3.77
N PHE H 310 19.15 6.37 -3.45
CA PHE H 310 17.92 5.58 -3.46
C PHE H 310 17.18 5.81 -4.76
N VAL H 311 16.94 4.75 -5.51
CA VAL H 311 16.37 4.87 -6.84
C VAL H 311 15.07 4.06 -6.95
N GLU H 312 14.03 4.68 -7.48
CA GLU H 312 12.73 4.02 -7.62
C GLU H 312 12.91 2.74 -8.47
N GLU H 313 12.25 1.68 -8.04
CA GLU H 313 12.39 0.33 -8.63
C GLU H 313 12.38 0.25 -10.13
N SER H 314 11.44 0.94 -10.75
CA SER H 314 11.24 0.85 -12.21
C SER H 314 12.39 1.44 -13.04
N ILE H 315 13.22 2.28 -12.45
CA ILE H 315 14.39 2.83 -13.14
C ILE H 315 15.72 2.41 -12.53
N TYR H 316 15.66 1.58 -11.49
CA TYR H 316 16.83 1.18 -10.72
C TYR H 316 17.92 0.51 -11.54
N ASP H 317 17.55 -0.54 -12.28
CA ASP H 317 18.55 -1.28 -13.09
C ASP H 317 19.26 -0.37 -14.10
N GLU H 318 18.49 0.46 -14.79
CA GLU H 318 19.05 1.38 -15.77
C GLU H 318 19.95 2.42 -15.08
N PHE H 319 19.51 2.92 -13.93
CA PHE H 319 20.33 3.85 -13.16
C PHE H 319 21.68 3.24 -12.81
N VAL H 320 21.65 2.02 -12.31
CA VAL H 320 22.90 1.33 -11.94
C VAL H 320 23.81 1.18 -13.15
N ARG H 321 23.22 0.72 -14.25
CA ARG H 321 23.99 0.48 -15.48
C ARG H 321 24.70 1.74 -15.93
N ARG H 322 23.97 2.84 -16.01
CA ARG H 322 24.59 4.09 -16.44
C ARG H 322 25.62 4.59 -15.45
N SER H 323 25.38 4.38 -14.16
CA SER H 323 26.35 4.77 -13.13
C SER H 323 27.66 4.00 -13.23
N VAL H 324 27.55 2.71 -13.51
CA VAL H 324 28.74 1.86 -13.69
C VAL H 324 29.54 2.31 -14.90
N GLU H 325 28.86 2.55 -16.01
CA GLU H 325 29.53 3.06 -17.22
C GLU H 325 30.31 4.34 -16.92
N ARG H 326 29.69 5.23 -16.17
CA ARG H 326 30.28 6.51 -15.87
C ARG H 326 31.50 6.33 -14.97
N ALA H 327 31.42 5.39 -14.02
CA ALA H 327 32.52 5.15 -13.08
C ALA H 327 33.76 4.45 -13.67
N LYS H 328 33.61 3.79 -14.80
CA LYS H 328 34.75 3.04 -15.42
C LYS H 328 35.65 3.91 -16.31
N LYS H 329 35.35 5.19 -16.43
CA LYS H 329 36.09 6.04 -17.39
C LYS H 329 37.31 6.76 -16.82
N TYR H 330 37.71 6.46 -15.59
CA TYR H 330 38.70 7.29 -14.94
C TYR H 330 40.14 6.83 -15.19
N ILE H 331 41.05 7.80 -15.15
CA ILE H 331 42.47 7.53 -15.30
C ILE H 331 43.14 8.01 -14.02
N LEU H 332 43.72 7.07 -13.30
CA LEU H 332 44.33 7.35 -12.01
C LEU H 332 45.82 7.68 -12.11
N GLY H 333 46.26 8.71 -11.40
CA GLY H 333 47.67 9.11 -11.42
C GLY H 333 47.96 10.42 -10.74
N ASN H 334 49.11 11.00 -11.10
CA ASN H 334 49.55 12.26 -10.56
C ASN H 334 48.62 13.41 -11.01
N PRO H 335 48.07 14.18 -10.04
CA PRO H 335 47.04 15.16 -10.40
C PRO H 335 47.58 16.38 -11.14
N LEU H 336 48.90 16.50 -11.21
CA LEU H 336 49.51 17.51 -12.06
C LEU H 336 49.64 17.03 -13.51
N THR H 337 49.40 15.75 -13.78
CA THR H 337 49.66 15.16 -15.12
C THR H 337 48.44 15.33 -16.04
N PRO H 338 48.61 16.02 -17.18
CA PRO H 338 47.49 16.16 -18.13
C PRO H 338 46.98 14.79 -18.56
N GLY H 339 45.67 14.63 -18.58
CA GLY H 339 45.06 13.34 -18.89
C GLY H 339 44.60 12.55 -17.68
N VAL H 340 45.18 12.81 -16.50
CA VAL H 340 44.73 12.16 -15.25
C VAL H 340 43.39 12.75 -14.80
N THR H 341 42.45 11.89 -14.45
CA THR H 341 41.10 12.34 -14.04
C THR H 341 40.69 11.88 -12.65
N GLN H 342 41.59 11.16 -11.97
CA GLN H 342 41.41 10.83 -10.57
C GLN H 342 42.77 10.80 -9.88
N GLY H 343 42.89 11.62 -8.82
CA GLY H 343 44.09 11.66 -8.00
C GLY H 343 44.05 10.68 -6.84
N PRO H 344 45.03 10.81 -5.92
CA PRO H 344 45.13 9.92 -4.78
C PRO H 344 44.28 10.38 -3.61
N GLN H 345 44.09 9.46 -2.67
CA GLN H 345 43.55 9.82 -1.37
C GLN H 345 44.66 10.54 -0.62
N ILE H 346 44.28 11.28 0.41
CA ILE H 346 45.21 12.22 1.06
C ILE H 346 46.40 11.53 1.77
N ASP H 347 46.14 10.40 2.39
CA ASP H 347 47.19 9.71 3.16
C ASP H 347 46.82 8.28 3.40
N LYS H 348 47.76 7.57 4.01
CA LYS H 348 47.62 6.12 4.19
C LYS H 348 46.47 5.76 5.13
N GLU H 349 46.26 6.55 6.17
CA GLU H 349 45.16 6.28 7.12
C GLU H 349 43.79 6.29 6.45
N GLN H 350 43.55 7.29 5.59
CA GLN H 350 42.30 7.34 4.81
C GLN H 350 42.18 6.18 3.82
N TYR H 351 43.26 5.96 3.10
CA TYR H 351 43.37 4.87 2.14
C TYR H 351 43.00 3.54 2.76
N ASP H 352 43.64 3.24 3.89
CA ASP H 352 43.34 2.01 4.62
C ASP H 352 41.88 1.92 5.04
N LYS H 353 41.35 3.00 5.61
CA LYS H 353 39.94 3.03 6.06
C LYS H 353 38.97 2.76 4.90
N ILE H 354 39.23 3.39 3.77
CA ILE H 354 38.39 3.19 2.57
C ILE H 354 38.42 1.73 2.11
N LEU H 355 39.63 1.19 2.00
CA LEU H 355 39.78 -0.24 1.58
C LEU H 355 39.09 -1.20 2.53
N ASP H 356 39.19 -0.92 3.83
CA ASP H 356 38.46 -1.68 4.85
C ASP H 356 36.95 -1.66 4.65
N LEU H 357 36.40 -0.49 4.34
CA LEU H 357 34.96 -0.36 4.12
C LEU H 357 34.52 -1.03 2.84
N ILE H 358 35.33 -0.92 1.80
CA ILE H 358 35.09 -1.70 0.56
C ILE H 358 35.05 -3.21 0.84
N GLU H 359 35.98 -3.70 1.65
CA GLU H 359 35.97 -5.12 2.08
C GLU H 359 34.69 -5.50 2.83
N SER H 360 34.23 -4.62 3.72
CA SER H 360 32.99 -4.88 4.45
C SER H 360 31.81 -5.01 3.51
N GLY H 361 31.80 -4.21 2.45
CA GLY H 361 30.73 -4.25 1.47
C GLY H 361 30.66 -5.59 0.76
N LYS H 362 31.81 -6.05 0.31
CA LYS H 362 31.90 -7.40 -0.27
C LYS H 362 31.44 -8.46 0.72
N LYS H 363 31.99 -8.40 1.93
CA LYS H 363 31.65 -9.39 3.00
C LYS H 363 30.17 -9.43 3.36
N GLU H 364 29.54 -8.25 3.41
CA GLU H 364 28.13 -8.17 3.81
C GLU H 364 27.14 -8.41 2.67
N GLY H 365 27.64 -8.67 1.47
CA GLY H 365 26.77 -9.08 0.38
C GLY H 365 26.27 -7.98 -0.55
N ALA H 366 26.85 -6.79 -0.49
CA ALA H 366 26.54 -5.77 -1.48
C ALA H 366 27.06 -6.28 -2.80
N LYS H 367 26.44 -5.89 -3.90
CA LYS H 367 26.91 -6.32 -5.21
C LYS H 367 27.97 -5.37 -5.77
N LEU H 368 29.19 -5.86 -5.92
CA LEU H 368 30.29 -5.06 -6.47
C LEU H 368 30.13 -4.96 -7.97
N GLU H 369 29.89 -3.77 -8.47
CA GLU H 369 29.66 -3.53 -9.90
C GLU H 369 30.92 -3.15 -10.66
N CYS H 370 31.84 -2.47 -9.98
CA CYS H 370 33.15 -2.15 -10.55
C CYS H 370 34.10 -1.65 -9.47
N GLY H 371 35.39 -1.62 -9.81
CA GLY H 371 36.44 -1.30 -8.88
C GLY H 371 36.58 -2.28 -7.74
N GLY H 372 36.80 -1.77 -6.54
CA GLY H 372 36.84 -2.61 -5.35
C GLY H 372 38.24 -2.95 -4.85
N GLY H 373 39.25 -2.21 -5.28
CA GLY H 373 40.59 -2.40 -4.73
C GLY H 373 41.52 -1.28 -5.04
N PRO H 374 42.79 -1.41 -4.60
CA PRO H 374 43.78 -0.34 -4.81
C PRO H 374 44.27 -0.35 -6.22
N TRP H 375 45.03 0.66 -6.54
CA TRP H 375 45.60 0.79 -7.83
C TRP H 375 47.04 1.14 -7.54
N GLY H 376 47.91 0.17 -7.81
CA GLY H 376 49.34 0.36 -7.62
C GLY H 376 49.78 0.35 -6.16
N ASN H 377 51.02 0.73 -5.93
CA ASN H 377 51.35 1.14 -4.55
C ASN H 377 52.34 2.22 -4.33
N LYS H 378 52.39 3.05 -5.35
CA LYS H 378 53.00 4.33 -5.22
C LYS H 378 51.86 5.33 -4.99
N GLY H 379 51.84 5.98 -3.83
CA GLY H 379 50.76 6.93 -3.51
C GLY H 379 49.53 6.15 -3.14
N TYR H 380 48.45 6.84 -2.84
CA TYR H 380 47.28 6.21 -2.24
C TYR H 380 46.10 6.24 -3.17
N PHE H 381 46.11 5.33 -4.14
CA PHE H 381 45.08 5.31 -5.14
C PHE H 381 44.10 4.19 -4.92
N VAL H 382 42.81 4.54 -5.03
CA VAL H 382 41.71 3.57 -4.88
C VAL H 382 40.88 3.58 -6.14
N GLN H 383 40.63 2.40 -6.71
CA GLN H 383 39.77 2.31 -7.88
C GLN H 383 38.38 2.86 -7.58
N PRO H 384 37.81 3.62 -8.52
CA PRO H 384 36.43 4.05 -8.34
C PRO H 384 35.54 2.82 -8.25
N THR H 385 34.75 2.78 -7.19
CA THR H 385 34.01 1.60 -6.81
C THR H 385 32.53 1.88 -6.70
N VAL H 386 31.72 1.02 -7.29
CA VAL H 386 30.27 1.10 -7.24
C VAL H 386 29.72 -0.18 -6.65
N PHE H 387 28.87 -0.01 -5.62
CA PHE H 387 28.12 -1.12 -5.03
C PHE H 387 26.65 -0.93 -5.28
N SER H 388 25.97 -2.00 -5.73
CA SER H 388 24.51 -1.99 -5.87
C SER H 388 23.92 -2.99 -4.89
N ASN H 389 22.60 -3.02 -4.84
CA ASN H 389 21.85 -3.84 -3.89
C ASN H 389 22.29 -3.63 -2.45
N VAL H 390 22.58 -2.38 -2.11
CA VAL H 390 23.03 -2.04 -0.79
C VAL H 390 21.80 -1.98 0.11
N THR H 391 21.92 -2.48 1.34
CA THR H 391 20.81 -2.43 2.31
C THR H 391 21.22 -1.60 3.51
N ASP H 392 20.21 -1.10 4.22
CA ASP H 392 20.39 -0.02 5.21
C ASP H 392 21.30 -0.40 6.39
N GLU H 393 21.41 -1.70 6.66
CA GLU H 393 22.20 -2.15 7.83
C GLU H 393 23.67 -2.41 7.53
N MET H 394 24.04 -2.38 6.26
CA MET H 394 25.45 -2.56 5.88
C MET H 394 26.31 -1.41 6.35
N ARG H 395 27.55 -1.72 6.74
CA ARG H 395 28.51 -0.69 7.13
C ARG H 395 28.66 0.41 6.05
N ILE H 396 28.74 0.01 4.78
CA ILE H 396 28.87 0.99 3.67
C ILE H 396 27.64 1.90 3.50
N ALA H 397 26.50 1.48 4.04
CA ALA H 397 25.31 2.31 4.09
C ALA H 397 25.24 3.25 5.31
N LYS H 398 26.06 2.99 6.33
CA LYS H 398 25.95 3.71 7.60
C LYS H 398 27.12 4.63 7.85
N GLU H 399 28.32 4.15 7.54
CA GLU H 399 29.52 4.87 7.88
C GLU H 399 30.04 5.73 6.75
N GLU H 400 30.55 6.90 7.12
CA GLU H 400 31.12 7.83 6.15
C GLU H 400 32.42 7.21 5.63
N ILE H 401 32.51 7.08 4.30
CA ILE H 401 33.66 6.41 3.69
C ILE H 401 34.77 7.39 3.37
N PHE H 402 34.42 8.54 2.78
CA PHE H 402 35.38 9.57 2.35
C PHE H 402 36.33 9.06 1.25
N GLY H 403 35.77 8.23 0.37
CA GLY H 403 36.52 7.68 -0.76
C GLY H 403 35.62 7.53 -1.95
N PRO H 404 36.18 7.12 -3.09
CA PRO H 404 35.41 7.00 -4.30
C PRO H 404 34.62 5.69 -4.33
N VAL H 405 33.58 5.67 -3.52
CA VAL H 405 32.77 4.47 -3.31
C VAL H 405 31.29 4.90 -3.28
N GLN H 406 30.55 4.44 -4.28
CA GLN H 406 29.15 4.79 -4.51
C GLN H 406 28.24 3.63 -4.11
N GLN H 407 27.20 3.95 -3.34
CA GLN H 407 26.17 2.99 -2.91
C GLN H 407 24.87 3.27 -3.58
N ILE H 408 24.33 2.28 -4.25
CA ILE H 408 23.04 2.41 -4.91
C ILE H 408 22.05 1.39 -4.32
N MET H 409 20.86 1.90 -4.03
CA MET H 409 19.76 1.15 -3.37
C MET H 409 18.45 1.41 -4.06
N LYS H 410 17.49 0.52 -3.90
CA LYS H 410 16.19 0.65 -4.56
C LYS H 410 15.12 0.93 -3.53
N PHE H 411 14.03 1.54 -3.98
CA PHE H 411 12.84 1.72 -3.14
C PHE H 411 11.64 1.62 -4.01
N LYS H 412 10.50 1.37 -3.39
CA LYS H 412 9.21 1.45 -4.09
C LYS H 412 8.30 2.48 -3.43
N SER H 413 8.31 2.52 -2.11
CA SER H 413 7.45 3.44 -1.37
C SER H 413 8.20 4.76 -1.04
N LEU H 414 7.66 5.86 -1.54
CA LEU H 414 8.22 7.17 -1.26
C LEU H 414 8.22 7.51 0.24
N ASP H 415 7.11 7.22 0.92
CA ASP H 415 7.03 7.48 2.38
C ASP H 415 8.12 6.72 3.10
N ASP H 416 8.32 5.46 2.71
CA ASP H 416 9.30 4.67 3.39
C ASP H 416 10.71 5.17 3.11
N VAL H 417 10.97 5.62 1.88
CA VAL H 417 12.37 5.96 1.52
C VAL H 417 12.78 7.25 2.21
N ILE H 418 11.81 8.13 2.42
CA ILE H 418 12.06 9.36 3.19
C ILE H 418 12.49 8.98 4.61
N LYS H 419 11.79 8.04 5.22
CA LYS H 419 12.18 7.54 6.53
C LYS H 419 13.58 6.94 6.52
N ARG H 420 13.89 6.15 5.49
CA ARG H 420 15.21 5.53 5.38
C ARG H 420 16.30 6.60 5.18
N ALA H 421 16.01 7.60 4.34
CA ALA H 421 16.92 8.72 4.13
C ALA H 421 17.20 9.46 5.43
N ASN H 422 16.18 9.62 6.24
CA ASN H 422 16.30 10.37 7.52
C ASN H 422 16.82 9.54 8.67
N ASN H 423 16.90 8.22 8.48
CA ASN H 423 17.29 7.31 9.57
C ASN H 423 18.80 7.23 9.72
N THR H 424 19.37 8.28 10.27
CA THR H 424 20.79 8.43 10.43
C THR H 424 20.99 9.55 11.45
N PHE H 425 22.11 9.55 12.13
CA PHE H 425 22.47 10.68 13.00
C PHE H 425 23.04 11.83 12.21
N TYR H 426 23.36 11.57 10.95
CA TYR H 426 23.92 12.60 10.08
C TYR H 426 22.78 13.43 9.48
N GLY H 427 23.12 14.51 8.81
CA GLY H 427 22.12 15.39 8.19
C GLY H 427 22.70 16.59 7.50
N LEU H 428 23.82 16.39 6.79
CA LEU H 428 24.49 17.50 6.14
C LEU H 428 23.77 18.00 4.88
N SER H 429 23.38 17.05 4.03
CA SER H 429 22.78 17.39 2.76
C SER H 429 22.02 16.23 2.19
N ALA H 430 21.32 16.51 1.11
CA ALA H 430 20.56 15.50 0.39
C ALA H 430 20.23 16.02 -1.01
N GLY H 431 19.80 15.10 -1.85
CA GLY H 431 19.42 15.41 -3.21
C GLY H 431 18.08 14.78 -3.53
N VAL H 432 17.31 15.48 -4.34
CA VAL H 432 16.01 15.01 -4.77
C VAL H 432 15.95 15.21 -6.27
N PHE H 433 15.62 14.13 -6.98
CA PHE H 433 15.54 14.17 -8.45
C PHE H 433 14.14 13.80 -8.93
N THR H 434 13.47 14.78 -9.51
CA THR H 434 12.08 14.64 -9.98
C THR H 434 11.78 15.84 -10.87
N LYS H 435 10.82 15.69 -11.77
CA LYS H 435 10.31 16.82 -12.56
C LYS H 435 9.03 17.45 -11.96
N ASP H 436 8.46 16.76 -10.97
CA ASP H 436 7.20 17.16 -10.36
C ASP H 436 7.36 18.20 -9.26
N ILE H 437 6.62 19.29 -9.41
CA ILE H 437 6.67 20.44 -8.49
C ILE H 437 6.35 20.06 -7.06
N ASP H 438 5.23 19.34 -6.89
CA ASP H 438 4.76 19.00 -5.59
C ASP H 438 5.74 18.09 -4.85
N LYS H 439 6.23 17.08 -5.55
CA LYS H 439 7.21 16.17 -5.00
C LYS H 439 8.51 16.90 -4.59
N ALA H 440 9.00 17.79 -5.44
CA ALA H 440 10.23 18.51 -5.18
C ALA H 440 10.12 19.34 -3.88
N ILE H 441 8.98 20.03 -3.74
CA ILE H 441 8.76 20.87 -2.56
C ILE H 441 8.53 20.02 -1.29
N THR H 442 7.65 19.02 -1.38
CA THR H 442 7.30 18.26 -0.17
C THR H 442 8.42 17.33 0.31
N ILE H 443 9.14 16.72 -0.64
CA ILE H 443 10.26 15.84 -0.26
C ILE H 443 11.40 16.69 0.36
N SER H 444 11.76 17.79 -0.30
CA SER H 444 12.82 18.66 0.25
C SER H 444 12.46 19.18 1.65
N SER H 445 11.17 19.50 1.88
CA SER H 445 10.70 19.92 3.21
C SER H 445 10.81 18.82 4.26
N ALA H 446 10.62 17.58 3.84
CA ALA H 446 10.60 16.40 4.77
C ALA H 446 11.98 15.86 5.09
N LEU H 447 12.97 16.18 4.26
CA LEU H 447 14.32 15.66 4.50
C LEU H 447 15.01 16.42 5.62
N GLN H 448 15.64 15.69 6.54
CA GLN H 448 16.37 16.30 7.65
C GLN H 448 17.83 16.54 7.25
N ALA H 449 18.01 17.57 6.43
CA ALA H 449 19.31 17.91 5.89
C ALA H 449 19.45 19.40 5.72
N GLY H 450 20.66 19.89 5.96
CA GLY H 450 20.96 21.31 5.93
C GLY H 450 20.85 21.95 4.56
N THR H 451 21.31 21.23 3.54
CA THR H 451 21.12 21.66 2.17
C THR H 451 20.44 20.57 1.41
N VAL H 452 19.38 20.91 0.70
CA VAL H 452 18.71 19.95 -0.19
C VAL H 452 18.78 20.47 -1.59
N TRP H 453 19.39 19.68 -2.48
CA TRP H 453 19.49 20.00 -3.88
C TRP H 453 18.37 19.33 -4.64
N VAL H 454 17.77 20.07 -5.57
CA VAL H 454 16.71 19.53 -6.41
C VAL H 454 17.19 19.50 -7.88
N ASN H 455 17.26 18.28 -8.44
CA ASN H 455 17.81 18.07 -9.80
C ASN H 455 19.24 18.55 -10.01
N CYS H 456 19.99 18.61 -8.93
CA CYS H 456 21.41 18.86 -9.01
C CYS H 456 22.00 18.28 -7.75
N TYR H 457 23.29 18.49 -7.55
CA TYR H 457 23.98 18.05 -6.35
C TYR H 457 25.29 18.80 -6.20
N GLY H 458 25.64 19.11 -4.95
CA GLY H 458 26.94 19.70 -4.64
C GLY H 458 27.10 21.13 -5.09
N VAL H 459 26.00 21.84 -5.22
CA VAL H 459 26.01 23.24 -5.64
C VAL H 459 26.13 24.09 -4.39
N VAL H 460 27.33 24.63 -4.18
CA VAL H 460 27.65 25.40 -2.98
C VAL H 460 28.13 26.76 -3.43
N SER H 461 27.71 27.79 -2.71
CA SER H 461 28.06 29.16 -3.06
C SER H 461 28.17 30.02 -1.82
N ALA H 462 28.94 31.10 -1.92
CA ALA H 462 29.19 31.94 -0.77
C ALA H 462 27.91 32.68 -0.32
N GLN H 463 26.98 32.84 -1.26
CA GLN H 463 25.72 33.52 -1.02
C GLN H 463 24.74 32.72 -0.16
N CYS H 464 24.90 31.41 -0.05
CA CYS H 464 23.95 30.59 0.74
C CYS H 464 24.53 30.01 1.99
N PRO H 465 23.72 29.96 3.05
CA PRO H 465 24.19 29.31 4.25
C PRO H 465 24.35 27.81 4.05
N PHE H 466 25.35 27.27 4.74
CA PHE H 466 25.72 25.88 4.60
C PHE H 466 26.02 25.30 5.98
N GLY H 467 25.49 24.13 6.26
CA GLY H 467 25.77 23.43 7.51
C GLY H 467 24.80 22.30 7.75
N GLY H 468 25.01 21.59 8.84
CA GLY H 468 24.33 20.33 9.08
C GLY H 468 23.15 20.37 10.02
N PHE H 469 22.19 19.48 9.77
CA PHE H 469 21.24 19.06 10.80
C PHE H 469 21.91 17.98 11.67
N LYS H 470 21.34 17.79 12.85
CA LYS H 470 21.73 16.68 13.74
C LYS H 470 23.23 16.63 13.97
N MET H 471 23.86 15.46 13.86
CA MET H 471 25.30 15.34 14.19
C MET H 471 26.24 15.69 13.02
N SER H 472 25.70 16.25 11.95
CA SER H 472 26.53 16.77 10.87
C SER H 472 26.97 18.19 11.12
N GLY H 473 26.46 18.82 12.18
CA GLY H 473 26.95 20.16 12.48
C GLY H 473 26.19 20.96 13.52
N ASN H 474 26.80 22.04 13.94
CA ASN H 474 26.19 23.10 14.76
C ASN H 474 26.44 24.39 14.00
N GLY H 475 25.39 25.12 13.67
CA GLY H 475 25.55 26.46 13.07
C GLY H 475 25.64 26.40 11.56
N ARG H 476 25.76 27.57 10.97
CA ARG H 476 25.83 27.69 9.53
C ARG H 476 26.98 28.56 9.12
N GLU H 477 27.55 28.26 7.97
CA GLU H 477 28.62 29.07 7.41
C GLU H 477 28.12 29.73 6.14
N LEU H 478 28.59 30.97 5.98
CA LEU H 478 28.39 31.79 4.79
C LEU H 478 26.95 32.28 4.60
N GLY H 479 26.71 32.98 3.51
CA GLY H 479 25.41 33.65 3.30
C GLY H 479 25.25 34.71 4.37
N GLU H 480 24.11 35.38 4.36
CA GLU H 480 23.77 36.34 5.40
C GLU H 480 23.75 35.67 6.77
N TYR H 481 23.16 34.48 6.85
CA TYR H 481 22.89 33.81 8.11
C TYR H 481 24.17 33.39 8.81
N GLY H 482 25.14 32.94 8.04
CA GLY H 482 26.45 32.52 8.57
C GLY H 482 27.20 33.62 9.29
N PHE H 483 27.02 34.85 8.85
CA PHE H 483 27.67 35.97 9.49
C PHE H 483 27.28 36.16 10.95
N HIS H 484 26.07 35.75 11.31
CA HIS H 484 25.58 35.85 12.68
C HIS H 484 26.47 35.15 13.67
N GLU H 485 27.04 34.04 13.25
CA GLU H 485 27.86 33.24 14.14
C GLU H 485 29.25 33.83 14.42
N TYR H 486 29.60 34.91 13.75
CA TYR H 486 30.84 35.61 14.05
C TYR H 486 30.61 36.96 14.71
N THR H 487 29.39 37.17 15.20
CA THR H 487 29.04 38.36 15.94
C THR H 487 28.49 37.99 17.30
N GLU H 488 28.69 38.89 18.23
CA GLU H 488 28.14 38.81 19.59
C GLU H 488 27.22 40.01 19.76
N VAL H 489 25.97 39.75 20.10
CA VAL H 489 24.96 40.81 20.19
C VAL H 489 24.95 41.49 21.55
N LYS H 490 25.08 42.81 21.53
CA LYS H 490 25.01 43.65 22.72
C LYS H 490 23.79 44.54 22.63
N THR H 491 22.94 44.46 23.64
CA THR H 491 21.79 45.33 23.74
C THR H 491 22.14 46.54 24.65
N VAL H 492 21.86 47.74 24.15
CA VAL H 492 22.07 48.94 24.91
C VAL H 492 20.74 49.61 25.09
N THR H 493 20.39 49.83 26.35
CA THR H 493 19.11 50.38 26.72
C THR H 493 19.32 51.62 27.57
N VAL H 494 18.82 52.73 27.05
CA VAL H 494 19.10 54.06 27.58
C VAL H 494 17.81 54.65 28.11
N LYS H 495 17.85 55.10 29.35
CA LYS H 495 16.68 55.75 29.94
C LYS H 495 16.49 57.10 29.29
N ILE H 496 15.25 57.40 28.91
CA ILE H 496 14.93 58.71 28.40
C ILE H 496 13.71 59.27 29.11
N SER H 497 13.56 60.57 29.05
CA SER H 497 12.45 61.23 29.73
C SER H 497 11.09 60.90 29.10
N GLN H 498 11.00 60.89 27.78
CA GLN H 498 9.77 60.42 27.10
C GLN H 498 10.07 59.95 25.70
N LYS H 499 9.47 58.82 25.30
CA LYS H 499 9.69 58.31 23.95
C LYS H 499 8.52 58.72 23.08
N ASN H 500 8.81 58.78 21.79
CA ASN H 500 7.80 58.89 20.77
C ASN H 500 8.08 57.87 19.68
N SER H 501 7.03 57.28 19.15
CA SER H 501 7.15 56.33 18.03
C SER H 501 7.89 56.98 16.85
O17 6ZW I . -30.14 -10.52 -14.59
C8 6ZW I . -30.89 -10.37 -15.57
O7 6ZW I . -32.09 -9.79 -15.35
C2 6ZW I . -32.95 -9.58 -16.37
C9 6ZW I . -30.49 -10.80 -16.83
C10 6ZW I . -31.31 -10.65 -17.95
C16 6ZW I . -30.85 -11.10 -19.31
C3 6ZW I . -32.62 -9.99 -17.74
C4 6ZW I . -33.54 -9.75 -18.75
C5 6ZW I . -34.74 -9.12 -18.44
C6 6ZW I . -35.08 -8.74 -17.13
C1 6ZW I . -34.16 -8.97 -16.11
N11 6ZW I . -36.33 -8.16 -16.81
C14 6ZW I . -37.37 -8.01 -17.86
C15 6ZW I . -37.89 -9.33 -18.44
C12 6ZW I . -36.63 -7.65 -15.46
C13 6ZW I . -37.19 -8.70 -14.52
YB YB J . -44.27 4.11 -0.49
CL CL K . -13.15 -37.61 -16.47
O17 6ZW L . -31.46 -29.75 -36.80
C8 6ZW L . -31.61 -28.53 -36.95
O7 6ZW L . -31.16 -28.01 -38.14
C2 6ZW L . -31.28 -26.69 -38.41
C9 6ZW L . -32.21 -27.76 -35.95
C10 6ZW L . -32.38 -26.38 -36.11
C16 6ZW L . -33.04 -25.55 -35.04
C3 6ZW L . -31.91 -25.80 -37.38
C4 6ZW L . -32.06 -24.47 -37.68
C5 6ZW L . -31.58 -23.97 -38.89
C6 6ZW L . -30.98 -24.77 -39.87
C1 6ZW L . -30.82 -26.15 -39.61
N11 6ZW L . -30.54 -24.13 -41.06
C14 6ZW L . -31.42 -23.20 -41.78
C15 6ZW L . -31.25 -21.76 -41.30
C12 6ZW L . -29.21 -24.37 -41.57
C13 6ZW L . -29.04 -25.76 -42.15
YB YB M . -16.34 -18.72 -56.07
CL CL N . -24.84 -37.28 -6.33
O17 6ZW O . 4.80 -52.46 17.78
C8 6ZW O . 5.21 -53.63 17.81
O7 6ZW O . 6.57 -53.78 17.93
C2 6ZW O . 7.13 -55.01 18.02
C9 6ZW O . 4.35 -54.72 17.71
C10 6ZW O . 4.82 -56.01 17.79
C16 6ZW O . 3.87 -57.18 17.68
C3 6ZW O . 6.28 -56.20 17.93
C4 6ZW O . 6.87 -57.42 18.03
C5 6ZW O . 8.23 -57.52 18.18
C6 6ZW O . 9.07 -56.40 18.24
C1 6ZW O . 8.50 -55.12 18.15
N11 6ZW O . 10.47 -56.57 18.35
C14 6ZW O . 11.07 -57.90 18.44
C15 6ZW O . 10.95 -58.46 19.84
C12 6ZW O . 11.38 -55.42 18.38
C13 6ZW O . 11.55 -54.78 17.03
CL CL P . -20.01 -48.64 -2.02
O17 6ZW Q . -7.73 -73.86 2.41
C8 6ZW Q . -7.18 -74.01 3.52
O7 6ZW Q . -7.74 -74.95 4.34
C2 6ZW Q . -7.26 -75.26 5.56
C9 6ZW Q . -6.08 -73.28 3.90
C10 6ZW Q . -5.49 -73.52 5.13
C16 6ZW Q . -4.30 -72.68 5.52
C3 6ZW Q . -6.08 -74.56 6.03
C4 6ZW Q . -5.64 -74.91 7.30
C5 6ZW Q . -6.27 -75.88 8.08
C6 6ZW Q . -7.41 -76.57 7.62
C1 6ZW Q . -7.89 -76.23 6.34
N11 6ZW Q . -8.07 -77.58 8.43
C14 6ZW Q . -9.16 -78.45 7.89
C15 6ZW Q . -10.50 -77.76 7.81
C12 6ZW Q . -7.66 -77.78 9.81
C13 6ZW Q . -8.07 -76.64 10.73
YB YB R . -24.40 -97.27 2.27
CL CL S . -6.44 -43.15 -6.72
O17 6ZW T . -11.48 59.22 -4.17
C8 6ZW T . -11.34 59.89 -5.20
O7 6ZW T . -12.24 59.66 -6.21
C2 6ZW T . -12.21 60.34 -7.39
C9 6ZW T . -10.32 60.84 -5.34
C10 6ZW T . -10.21 61.60 -6.50
C16 6ZW T . -9.11 62.62 -6.63
C3 6ZW T . -11.18 61.37 -7.61
C4 6ZW T . -11.20 62.05 -8.82
C5 6ZW T . -12.17 61.74 -9.78
C6 6ZW T . -13.17 60.76 -9.59
C1 6ZW T . -13.17 60.07 -8.37
N11 6ZW T . -14.13 60.45 -10.61
C14 6ZW T . -14.94 59.22 -10.53
C15 6ZW T . -16.11 59.31 -9.57
C12 6ZW T . -14.18 61.22 -11.86
C13 6ZW T . -14.80 62.60 -11.67
YB YB U . -24.31 50.04 -26.17
YB YB V . -38.50 37.79 8.49
CL CL W . 17.20 51.64 7.96
O17 6ZW X . 14.36 67.67 -15.41
C8 6ZW X . 13.35 68.37 -15.50
O7 6ZW X . 13.50 69.73 -15.43
C2 6ZW X . 12.43 70.57 -15.57
C9 6ZW X . 12.12 67.77 -15.70
C10 6ZW X . 10.97 68.51 -15.84
C16 6ZW X . 9.65 67.82 -16.03
C3 6ZW X . 11.09 69.99 -15.77
C4 6ZW X . 10.02 70.85 -15.89
C5 6ZW X . 10.23 72.23 -15.80
C6 6ZW X . 11.51 72.77 -15.61
C1 6ZW X . 12.61 71.93 -15.48
N11 6ZW X . 11.70 74.16 -15.50
C14 6ZW X . 10.83 75.08 -16.23
C15 6ZW X . 9.70 75.49 -15.30
C12 6ZW X . 12.74 74.71 -14.62
C13 6ZW X . 14.06 74.87 -15.34
YB YB Y . 33.07 79.96 -29.07
CL CL Z . 9.42 40.38 0.59
O17 6ZW AA . 19.61 20.45 35.10
C8 6ZW AA . 20.72 19.98 35.39
O7 6ZW AA . 21.15 20.14 36.67
C2 6ZW AA . 22.34 19.63 37.08
C9 6ZW AA . 21.45 19.29 34.44
C10 6ZW AA . 22.69 18.74 34.73
C16 6ZW AA . 23.48 18.03 33.66
C3 6ZW AA . 23.18 18.91 36.12
C4 6ZW AA . 24.39 18.40 36.57
C5 6ZW AA . 24.76 18.58 37.89
C6 6ZW AA . 23.97 19.28 38.82
C1 6ZW AA . 22.74 19.81 38.38
N11 6ZW AA . 24.45 19.47 40.15
C14 6ZW AA . 24.01 20.65 40.93
C15 6ZW AA . 22.68 20.38 41.58
C12 6ZW AA . 25.52 18.66 40.80
C13 6ZW AA . 25.51 17.15 40.53
YB YB BA . 31.46 30.19 57.71
CL CL CA . 18.62 32.36 5.45
O17 6ZW DA . 41.89 19.75 15.83
C8 6ZW DA . 41.70 18.89 16.72
O7 6ZW DA . 42.02 17.64 16.35
C2 6ZW DA . 41.87 16.60 17.22
C9 6ZW DA . 41.18 19.21 17.99
C10 6ZW DA . 40.96 18.22 18.96
C16 6ZW DA . 40.41 18.54 20.33
C3 6ZW DA . 41.33 16.83 18.57
C4 6ZW DA . 41.21 15.74 19.40
C5 6ZW DA . 41.57 14.47 18.96
C6 6ZW DA . 42.08 14.23 17.68
C1 6ZW DA . 42.22 15.32 16.81
N11 6ZW DA . 42.39 12.91 17.23
C14 6ZW DA . 41.82 11.74 17.91
C15 6ZW DA . 42.63 11.43 19.16
C12 6ZW DA . 43.21 12.67 16.04
C13 6ZW DA . 42.35 12.77 14.79
YB YB EA . 55.15 4.23 1.78
CL CL FA . 19.49 42.52 17.11
#